data_8D0B
#
_entry.id   8D0B
#
_cell.length_a   1.00
_cell.length_b   1.00
_cell.length_c   1.00
_cell.angle_alpha   90.00
_cell.angle_beta   90.00
_cell.angle_gamma   90.00
#
_symmetry.space_group_name_H-M   'P 1'
#
loop_
_entity.id
_entity.type
_entity.pdbx_description
1 polymer 'CST complex subunit CTC1'
2 polymer 'CST complex subunit STN1'
3 polymer 'CST complex subunit TEN1'
4 polymer 'DNA primase small subunit'
5 polymer 'DNA primase large subunit'
6 polymer 'DNA polymerase alpha catalytic subunit'
7 polymer 'DNA polymerase alpha subunit B'
8 polymer "DNA (5'-D(P*TP*AP*GP*GP*GP*TP*TP*AP*GP*GP*GP*TP*TP*AP*G)-3')"
#
loop_
_entity_poly.entity_id
_entity_poly.type
_entity_poly.pdbx_seq_one_letter_code
_entity_poly.pdbx_strand_id
1 'polypeptide(L)'
;PSSEQAWLEDAQVFIQKTLCPAVKEPNVQLTPLVIDCVKTVWLSQGRNQGSTLPLSYSFVSVQDLKTHQRLPCCSHLSWS
SSAYQAWAQEAGPNGNPLPREQLLLLGTLTDLSADLEQECRNGSLYVRDNTGVLSCELIDLDLSWLGHLFLFPRWSYLPP
ARWNSSGEGHLELWDAPVPVFPLTISPGPVTPIPVLYPESASCLLRLRNKLRGVQRNLAGSLVRLSALVKSKQKAYFILS
LGRSHPAVTHVSIIVQVPAQLVWHRALRPGTAYVLTELRVSKIRGQRQHVWMTSQSSRLLLLKPECVQELELELEGPLLE
ADPKPLPMPSNSEDKKDPESLVRYSRLLSYSGAVTGVLNEPAGLYELDGQLGLCLAYQQFRGLRRVMRPGVCLQLQDVHL
LQSVGGGTRRPVLAPCLRGAVLLQSFSRQKPGAHSSRQAYGASLYEQLVWERQLGLPLYLWATKALEELACKLCPHVLRH
HQFLQHSSPGSPSLGLQLLAPTLDLLAPPGSPVRNAHNEILEEPHHCPLQKYTRLQTPSSFPTLATLKEEGQRKAWASFD
PKALLPLPEASYLPSCQLNRRLAWSWLCLLPSAFCPAQVLLGVLVASSHKGCLQLRDQSGSLPCLLLAKHSQPLSDPRLI
GCLVRAERFQLIVERDVRSSFPSWKELSMPGFIQKQQARVYVQFFLADALILPVPRPCLHSATPSTPQTDPTGPEGPHLG
QSRLFLLCHKEALMKRNFCVPPGASPEVPKPALSFYVLGSWLGGTQRKEGTGWGLPEPQGNDDNDQKVHLIFFGSSVRWF
EFLHPGQVYRLVAPGPATPMLFEKDGSSCISRRPLELAGCASCLTVQDNWTLELESSQDIQDVLDANKSLPESSLTDLLS
DNFTDSLVSFSAEILSRTLCEPLVASLWMKLGNTGAMRRCVKLTVALETAECEFPPHLDVYIEDPHLPPSLGLLPGARVH
FSQLEKRVSRSHNVYCCFRSSTYVQVLSFPPETTISVPLPHIYLAELLQGGQSPFQATASCHIVSVFSLQLFWVCAYCTS
ICRQGKCTRLGSTCPTQTAISQAIIRLLVEDGTAEAVVTCRNHHVAAALGLCPREWASLLDFVQVPGRVVLQFAGPGAQL
ESSARVDEPMTMFLWTLCTSPSVLRPIVLSFELERKPSKIVPLEPPRLQRFQCGELPFLTHVNPRLRLSCLSIRESEYSS
SLGILASSC
;
A
2 'polypeptide(L)'
;RCEEETPSLLWGLDPVFLAFAKLYIRDILDMKESRQVPGVFLYNGHPIKQVDVLGTVIGVRERDAFYSYGVDDSTGVINC
ICWKKLNTESVSAAPSAARELSLTSQLKKLQETIEQKTKIEIGDTIRVRGSIRTYREEREIHATTYYKVDDPVWNIQIAR
MLELPTIYRKVYDQPFHSSALEKEEALSNPGALDLPSLTSLLSEKAKEFLMENRVQSFYQQELEMVESLLSLANQPVIHS
ASSDQVNFKKDTTSKAIHSIFKNAIQLLQEKGLVFQKDDGFDNLYYVTREDKDLHRKIHRIIQQDCQKPNHMEKGCHFLH
ILACARLSIRPGLSEAVLQQVLELLEDQSDIVSTMEHYYTAF
;
B
3 'polypeptide(L)'
;LPKPGTYYLPWEVSAGQVPDGSTLRTFGRLCLYDMIQSRVTLMAQHGSDQHQVLVCTKLVEPFHAQVGSLYIVLGELQHQ
QDRGSVVKARVLTCVEGMNLPLLEQAIREQRLYKQERGGSQ
;
C
4 'polypeptide(L)'
;ETFDPTELPELLKLYYRRLFPYSQYYRWLNYGGVIKNYFQHREFSFTLKDDIYIRYQSFNNQSDLEKEMQKMNPYKIDIG
AVYSHRPNQHNTVKLGAFQAQEKELVFDIDMTDYDDVRRCCSSADICPKCWTLMTMAIRIIDRALKEDFGFKHRLWVYSG
RRGVHCWVCDESVRKLSSAVRSGIVEYLSLVKGGQDVKKKVHLSEKIHPFIRKSINIIKKYFEEYALVNQDILENKESWD
KILALVPETIHDELQQSFQKSHNSLQRWEHLKKVASRYQNNIKNDKYGPWLEWEIMLQYCFPRLDINVSKGINHLLKSPF
SVHPKTGRISVPIDLQKVDQFDPFTVPTISFICRELDAISTNEEEKEENEAESDVKHRTRDYKKTSLAPYVKVFEHFLEN
LDKSRKGELLKKSDLQKDF
;
D
5 'polypeptide(L)'
;DQRNASYPHCLQFYLQPPSENISLIEFENLAIDRVKLLKSVENLGVSYVKGTEQYQSKLESELRKLKFSYRENLEDEYEP
RRRDHISHFILRLAYCQSEELRRWFIQQEMDLLRFRFSILPKDKIQDFLKDSQLQFEAISDEEKTLREQEIVASSPSLSG
LKLGFESIYKIPFADALDLFRGRKVYLEDGFAYVPLKDIVAIILNEFRAKLSKALALTARSLPAVQSDERLQPLLNHLSH
S
;
E
6 'polypeptide(L)'
;VDSSHLPLVKGADEEQVFHFYWLDAYEDQYNQPGVVFLFGKVWIESAETHVSCCVMVKNIERTLYFLPREMKIDLNTGKE
TGTPISMKDVYEEFDEKIATKYKIMKFKSKPVEKNYAFEIPDVPEKSEYLEVKYSAEMPQLPQDLKGETFSHVFGTNTSS
LELFLMNRKIKGPCWLEVKSPQLLNQPVSWCKVEAMALKPDLVNVIKDVSPPPLVVMAFSMKTMQNAKNHQNEIIAMAAL
VHHSFALDKAAPKPPFQSHFCVVSKPKDCIFPYAFKEVIEKKNVKVEVAATERTLLGFFLAKVHKIDPDIIVGHNIYGFE
LEVLLQRINVCKAPHWSKIGRLKRSNMPKLGGRSGFGERNATCGRMICDVEISAKELIRCKSYHLSELVQQILKTERVVI
PMENIQNMYSESSQLLYLLEHTWKDAKFILQIMCELNVLPLALQITNIAGNIMSRTLMGGRSERNEFLLLHAFYENNYIV
PDKQIFRKPQQKLGDEDEEIDGDTNKYKKGRKKAAYAGGLVLDPKVGFYDKFILLLDFNSLYPSIIQEFNICFTTVQRVA
SEAQKVTEDGEQEQIPELPDPSLEMGILPREIRKLVERRKQVKQLMKQQDLNPDLILQYDIRQKALKLTANSMYGCLGFS
YSRFYAKPLAALVTYKGREILMHTKEMVQKMNLEVIYGDTDSIMINTNSTNLEEVFKLGNKVKSEVNKLYKLLEIDIDGV
FKSLLLLKKKKYAALVVEPTSDGNYVTKQELKGLDIVRRDWCDLAKDTGNFVIGQILSDQSRDTIVENIQKRLIEIGENV
LNGSVPVSQFEINKALTKDPQDYPDKKSLPHVHVALWINSQGGRKVKAGDTVSYVICQDGSNLTASQRAYAPEQLQKQDN
LTIDTQYYLAQQIHPVVARICEPIDGIDAVLIATWLGLDPTQFRVHHYHKDEENDALLGGPAQLTDEEKYRDCERFKCPC
PTCGTENIYDNVFDGSGTDMEPSLYRCSNIDCKASPLTFTVQLSNKLIMDIRRFIKKYYDGWLICEEPTCRNRTRHLPLQ
FSRTGPLCPACMKATLQPEYSDKSLYTQLCFYRYIFDAECALEKLTTDHEKDKLKKQFFTPKVLQDYRKLKNTAEQFLSR
SGYSEVNLSKLFAGCAVKS
;
F
7 'polypeptide(L)'
;HQLLSPSSFSPSATPSQKYNSRSNRGEVVTSFGLAQGVSWSGRGGAGNISLKVLGCPEALTGSYKSMFQKLPDIREVLTC
KIEELGSELKEHYKIEAFTPLLAPAQEPVTLLGQIGCDSNGKLNNKSVILEGDREHSSGAQIPVDLSELKEYSLFPGQVV
IMEGINTTGRKLVATKLYEGVPLPFYQPTEEDADFEQSMVLVACGPYTTSDSITYDPLLDLIAVINHDRPDVCILFGPFL
DAKHEQVENCLLTSPFEDIFKQCLRTIIEGTRSSGSHLVFVPSLRDVHHEPVYPQPPFSYSDLSREDKKQVQFVSEPCSL
SINGVIFGLTSTDLLFHLGAEEISSSSGTSDRFSRILKHILTQRSYYPLYPPQEDMAIDYESFYVYAQLPVTPDVLIIPS
ELRYFVKDVLGCVCVNPGRLTKGQVGGTFARLYLRRPAADGAERQSPCIAVQVVRI
;
G
8 'polydeoxyribonucleotide' (DT)(DA)(DG)(DG)(DG)(DT)(DT)(DA)(DG)(DG)(DG)(DT)(DT)(DA)(DG) H
#
loop_
_chem_comp.id
_chem_comp.type
_chem_comp.name
_chem_comp.formula
DA DNA linking 2'-DEOXYADENOSINE-5'-MONOPHOSPHATE 'C10 H14 N5 O6 P'
DG DNA linking 2'-DEOXYGUANOSINE-5'-MONOPHOSPHATE 'C10 H14 N5 O7 P'
DT DNA linking THYMIDINE-5'-MONOPHOSPHATE 'C10 H15 N2 O8 P'
#
# COMPACT_ATOMS: atom_id res chain seq x y z
N PRO A 1 46.15 66.83 -92.77
CA PRO A 1 44.87 66.10 -92.75
C PRO A 1 43.67 67.03 -92.67
N SER A 2 42.83 67.02 -93.72
CA SER A 2 41.66 67.88 -93.74
C SER A 2 40.64 67.52 -92.67
N SER A 3 40.75 66.33 -92.07
CA SER A 3 39.86 65.96 -90.99
C SER A 3 40.01 66.88 -89.79
N GLU A 4 41.25 67.27 -89.49
CA GLU A 4 41.50 68.19 -88.38
C GLU A 4 40.83 69.54 -88.63
N GLN A 5 40.95 70.07 -89.84
CA GLN A 5 40.32 71.34 -90.17
C GLN A 5 38.80 71.22 -90.13
N ALA A 6 38.26 70.09 -90.62
CA ALA A 6 36.81 69.89 -90.57
C ALA A 6 36.32 69.83 -89.13
N TRP A 7 37.04 69.14 -88.26
CA TRP A 7 36.67 69.08 -86.85
C TRP A 7 36.76 70.45 -86.19
N LEU A 8 37.79 71.23 -86.55
CA LEU A 8 37.91 72.58 -86.01
C LEU A 8 36.74 73.46 -86.46
N GLU A 9 36.34 73.33 -87.73
CA GLU A 9 35.19 74.08 -88.22
C GLU A 9 33.91 73.65 -87.52
N ASP A 10 33.75 72.35 -87.27
CA ASP A 10 32.60 71.86 -86.54
C ASP A 10 32.57 72.42 -85.12
N ALA A 11 33.74 72.48 -84.47
CA ALA A 11 33.82 73.09 -83.14
C ALA A 11 33.47 74.57 -83.19
N GLN A 12 33.92 75.27 -84.22
CA GLN A 12 33.57 76.68 -84.38
C GLN A 12 32.06 76.86 -84.52
N VAL A 13 31.43 76.02 -85.33
CA VAL A 13 29.98 76.11 -85.51
C VAL A 13 29.25 75.75 -84.23
N PHE A 14 29.76 74.78 -83.48
CA PHE A 14 29.17 74.42 -82.20
C PHE A 14 29.24 75.59 -81.22
N ILE A 15 30.39 76.27 -81.17
CA ILE A 15 30.54 77.43 -80.31
C ILE A 15 29.58 78.54 -80.74
N GLN A 16 29.44 78.75 -82.05
CA GLN A 16 28.52 79.77 -82.54
C GLN A 16 27.08 79.44 -82.17
N LYS A 17 26.70 78.16 -82.23
CA LYS A 17 25.31 77.78 -82.04
C LYS A 17 24.94 77.73 -80.56
N THR A 18 25.60 76.87 -79.79
CA THR A 18 25.14 76.56 -78.44
C THR A 18 26.10 77.05 -77.35
N LEU A 19 26.99 77.98 -77.66
CA LEU A 19 27.87 78.57 -76.67
C LEU A 19 27.93 80.09 -76.71
N CYS A 20 27.48 80.71 -77.78
CA CYS A 20 27.50 82.18 -77.84
C CYS A 20 26.38 82.75 -76.96
N PRO A 21 26.70 83.66 -76.05
CA PRO A 21 25.65 84.25 -75.21
C PRO A 21 24.64 85.03 -76.05
N ALA A 22 23.38 84.97 -75.61
CA ALA A 22 22.30 85.65 -76.30
C ALA A 22 22.05 87.07 -75.80
N VAL A 23 22.79 87.51 -74.78
CA VAL A 23 22.62 88.85 -74.25
C VAL A 23 23.51 89.85 -74.99
N LYS A 24 24.78 89.53 -75.15
CA LYS A 24 25.74 90.37 -75.86
C LYS A 24 25.91 89.88 -77.29
N GLU A 25 26.38 90.77 -78.15
CA GLU A 25 26.75 90.37 -79.50
C GLU A 25 27.92 89.39 -79.44
N PRO A 26 27.89 88.31 -80.22
CA PRO A 26 28.98 87.32 -80.15
C PRO A 26 30.32 87.88 -80.58
N ASN A 27 31.24 88.03 -79.62
CA ASN A 27 32.59 88.48 -79.94
C ASN A 27 33.34 87.35 -80.63
N VAL A 28 33.81 87.60 -81.85
CA VAL A 28 34.38 86.53 -82.69
C VAL A 28 35.61 85.92 -82.02
N GLN A 29 36.24 86.63 -81.10
CA GLN A 29 37.46 86.14 -80.47
C GLN A 29 37.22 85.02 -79.46
N LEU A 30 35.97 84.58 -79.26
CA LEU A 30 35.74 83.52 -78.27
C LEU A 30 36.26 82.18 -78.79
N THR A 31 36.08 81.90 -80.07
CA THR A 31 36.53 80.63 -80.62
C THR A 31 38.04 80.46 -80.59
N PRO A 32 38.86 81.44 -81.02
CA PRO A 32 40.31 81.26 -80.85
C PRO A 32 40.74 81.11 -79.40
N LEU A 33 40.08 81.81 -78.47
CA LEU A 33 40.41 81.65 -77.06
C LEU A 33 40.10 80.23 -76.58
N VAL A 34 38.94 79.70 -76.97
CA VAL A 34 38.57 78.34 -76.57
C VAL A 34 39.54 77.33 -77.18
N ILE A 35 39.89 77.51 -78.44
CA ILE A 35 40.80 76.58 -79.11
C ILE A 35 42.18 76.63 -78.45
N ASP A 36 42.66 77.84 -78.13
CA ASP A 36 43.96 77.96 -77.48
C ASP A 36 43.94 77.34 -76.09
N CYS A 37 42.86 77.53 -75.34
CA CYS A 37 42.76 76.91 -74.02
C CYS A 37 42.74 75.39 -74.13
N VAL A 38 42.00 74.86 -75.10
CA VAL A 38 41.94 73.42 -75.31
C VAL A 38 43.33 72.89 -75.66
N LYS A 39 44.04 73.57 -76.55
CA LYS A 39 45.37 73.13 -76.95
C LYS A 39 46.34 73.19 -75.78
N THR A 40 46.26 74.24 -74.96
CA THR A 40 47.15 74.35 -73.82
C THR A 40 46.90 73.24 -72.81
N VAL A 41 45.63 72.93 -72.54
CA VAL A 41 45.32 71.82 -71.63
C VAL A 41 45.78 70.51 -72.24
N TRP A 42 45.64 70.36 -73.56
CA TRP A 42 46.04 69.14 -74.24
C TRP A 42 47.55 68.93 -74.16
N LEU A 43 48.33 70.01 -74.29
CA LEU A 43 49.78 69.94 -74.31
C LEU A 43 50.43 70.01 -72.94
N SER A 44 49.69 70.44 -71.92
CA SER A 44 50.29 70.58 -70.59
C SER A 44 50.77 69.25 -70.05
N GLN A 45 49.99 68.18 -70.25
CA GLN A 45 50.38 66.86 -69.77
C GLN A 45 51.62 66.33 -70.48
N GLY A 46 51.90 66.82 -71.68
CA GLY A 46 53.06 66.33 -72.42
C GLY A 46 52.96 64.88 -72.82
N ARG A 47 51.76 64.44 -73.21
CA ARG A 47 51.53 63.05 -73.61
C ARG A 47 50.69 63.00 -74.88
N ASN A 48 50.94 63.92 -75.80
CA ASN A 48 50.21 63.98 -77.06
C ASN A 48 50.87 63.07 -78.08
N GLN A 49 50.04 62.40 -78.89
CA GLN A 49 50.54 61.44 -79.86
C GLN A 49 50.96 62.13 -81.16
N GLY A 50 51.81 63.15 -81.05
CA GLY A 50 52.34 63.82 -82.22
C GLY A 50 51.41 64.81 -82.87
N SER A 51 50.21 65.01 -82.33
CA SER A 51 49.23 65.95 -82.88
C SER A 51 48.98 67.05 -81.86
N THR A 52 49.07 68.30 -82.32
CA THR A 52 48.85 69.44 -81.44
C THR A 52 47.40 69.57 -80.99
N LEU A 53 46.47 68.82 -81.59
CA LEU A 53 45.07 68.90 -81.24
C LEU A 53 44.51 67.52 -80.98
N PRO A 54 43.57 67.39 -80.04
CA PRO A 54 42.98 66.07 -79.74
C PRO A 54 41.94 65.64 -80.75
N LEU A 55 42.39 65.02 -81.86
CA LEU A 55 41.47 64.61 -82.91
C LEU A 55 40.39 63.67 -82.41
N SER A 56 40.67 62.91 -81.35
CA SER A 56 39.72 61.89 -80.90
C SER A 56 38.54 62.48 -80.12
N TYR A 57 38.62 63.75 -79.70
CA TYR A 57 37.58 64.36 -78.90
C TYR A 57 36.64 65.19 -79.76
N SER A 58 35.34 65.06 -79.50
CA SER A 58 34.31 65.77 -80.25
C SER A 58 33.38 66.48 -79.27
N PHE A 59 32.96 67.68 -79.64
CA PHE A 59 32.07 68.46 -78.78
C PHE A 59 30.67 67.85 -78.76
N VAL A 60 30.07 67.82 -77.57
CA VAL A 60 28.70 67.35 -77.38
C VAL A 60 28.02 68.28 -76.39
N SER A 61 26.78 68.66 -76.68
CA SER A 61 26.03 69.55 -75.80
C SER A 61 25.40 68.77 -74.66
N VAL A 62 24.95 69.52 -73.64
CA VAL A 62 24.34 68.90 -72.47
C VAL A 62 23.06 68.17 -72.87
N GLN A 63 22.23 68.80 -73.69
CA GLN A 63 21.01 68.16 -74.15
C GLN A 63 21.31 66.94 -75.01
N ASP A 64 22.34 67.04 -75.86
CA ASP A 64 22.72 65.89 -76.66
C ASP A 64 23.20 64.74 -75.78
N LEU A 65 23.97 65.05 -74.73
CA LEU A 65 24.42 64.01 -73.81
C LEU A 65 23.24 63.37 -73.09
N LYS A 66 22.26 64.18 -72.68
CA LYS A 66 21.08 63.64 -72.01
C LYS A 66 20.27 62.74 -72.94
N THR A 67 20.09 63.16 -74.19
CA THR A 67 19.22 62.45 -75.11
C THR A 67 19.88 61.24 -75.76
N HIS A 68 21.20 61.23 -75.87
CA HIS A 68 21.90 60.17 -76.58
C HIS A 68 22.50 59.11 -75.64
N GLN A 69 23.21 59.55 -74.61
CA GLN A 69 23.86 58.60 -73.70
C GLN A 69 22.82 57.84 -72.89
N ARG A 70 22.96 56.52 -72.84
CA ARG A 70 22.06 55.67 -72.09
C ARG A 70 22.77 54.80 -71.06
N LEU A 71 24.09 54.89 -70.98
CA LEU A 71 24.88 54.09 -70.06
C LEU A 71 25.85 54.99 -69.30
N PRO A 72 26.25 54.60 -68.10
CA PRO A 72 27.26 55.39 -67.37
C PRO A 72 28.56 55.46 -68.15
N CYS A 73 29.18 56.63 -68.11
CA CYS A 73 30.40 56.86 -68.89
C CYS A 73 31.19 57.98 -68.24
N CYS A 74 32.53 57.85 -68.30
CA CYS A 74 33.44 58.87 -67.78
C CYS A 74 34.42 59.23 -68.89
N SER A 75 34.49 60.52 -69.21
CA SER A 75 35.37 61.02 -70.26
C SER A 75 36.38 61.97 -69.66
N HIS A 76 37.65 61.79 -70.01
CA HIS A 76 38.74 62.61 -69.50
C HIS A 76 39.67 63.00 -70.65
N LEU A 77 40.30 64.16 -70.49
CA LEU A 77 41.23 64.64 -71.51
C LEU A 77 42.61 64.04 -71.29
N SER A 78 43.27 63.70 -72.41
CA SER A 78 44.63 63.15 -72.39
C SER A 78 44.71 61.87 -71.55
N TRP A 79 43.81 60.94 -71.83
CA TRP A 79 43.79 59.64 -71.18
C TRP A 79 44.04 58.58 -72.24
N SER A 80 45.30 58.19 -72.41
CA SER A 80 45.67 57.14 -73.34
C SER A 80 45.43 55.78 -72.69
N SER A 81 45.92 54.71 -73.32
CA SER A 81 45.75 53.38 -72.77
C SER A 81 46.43 53.24 -71.41
N SER A 82 47.64 53.80 -71.27
CA SER A 82 48.38 53.65 -70.02
C SER A 82 47.66 54.35 -68.86
N ALA A 83 47.22 55.58 -69.06
CA ALA A 83 46.54 56.31 -68.00
C ALA A 83 45.21 55.65 -67.65
N TYR A 84 44.46 55.20 -68.66
CA TYR A 84 43.20 54.53 -68.39
C TYR A 84 43.41 53.23 -67.63
N GLN A 85 44.43 52.46 -67.99
CA GLN A 85 44.71 51.22 -67.26
C GLN A 85 45.16 51.51 -65.84
N ALA A 86 45.96 52.55 -65.63
CA ALA A 86 46.35 52.93 -64.27
C ALA A 86 45.14 53.33 -63.45
N TRP A 87 44.22 54.10 -64.03
CA TRP A 87 43.01 54.49 -63.32
C TRP A 87 42.17 53.27 -62.99
N ALA A 88 42.05 52.33 -63.93
CA ALA A 88 41.27 51.12 -63.68
C ALA A 88 41.89 50.29 -62.56
N GLN A 89 43.22 50.15 -62.57
CA GLN A 89 43.89 49.42 -61.49
C GLN A 89 43.72 50.12 -60.15
N GLU A 90 43.71 51.45 -60.15
CA GLU A 90 43.41 52.18 -58.93
C GLU A 90 41.98 51.94 -58.47
N ALA A 91 41.06 51.77 -59.42
CA ALA A 91 39.66 51.51 -59.07
C ALA A 91 39.46 50.14 -58.44
N GLY A 92 40.43 49.25 -58.55
CA GLY A 92 40.30 47.90 -58.04
C GLY A 92 40.07 46.91 -59.15
N PRO A 93 40.96 45.92 -59.29
CA PRO A 93 40.81 44.93 -60.36
C PRO A 93 39.53 44.14 -60.27
N ASN A 94 39.01 43.91 -59.06
CA ASN A 94 37.76 43.17 -58.92
C ASN A 94 36.61 43.89 -59.59
N GLY A 95 36.51 45.20 -59.40
CA GLY A 95 35.44 45.97 -60.00
C GLY A 95 35.70 46.32 -61.45
N ASN A 96 34.61 46.54 -62.18
CA ASN A 96 34.69 46.92 -63.59
C ASN A 96 34.66 48.44 -63.71
N PRO A 97 35.72 49.07 -64.20
CA PRO A 97 35.71 50.53 -64.33
C PRO A 97 34.73 51.00 -65.39
N LEU A 98 34.27 52.24 -65.23
CA LEU A 98 33.33 52.82 -66.17
C LEU A 98 34.00 52.97 -67.54
N PRO A 99 33.23 52.82 -68.62
CA PRO A 99 33.81 52.94 -69.96
C PRO A 99 34.32 54.34 -70.24
N ARG A 100 35.37 54.42 -71.06
CA ARG A 100 36.00 55.68 -71.38
C ARG A 100 35.35 56.31 -72.60
N GLU A 101 35.19 57.62 -72.56
CA GLU A 101 34.66 58.40 -73.67
C GLU A 101 35.63 59.53 -74.01
N GLN A 102 35.47 60.09 -75.20
CA GLN A 102 36.30 61.19 -75.68
C GLN A 102 35.37 62.29 -76.18
N LEU A 103 34.94 63.16 -75.27
CA LEU A 103 34.00 64.22 -75.59
C LEU A 103 34.41 65.49 -74.85
N LEU A 104 33.85 66.61 -75.30
CA LEU A 104 34.15 67.93 -74.73
C LEU A 104 32.87 68.60 -74.26
N LEU A 105 32.92 69.21 -73.09
CA LEU A 105 31.79 69.92 -72.51
C LEU A 105 32.21 71.31 -72.09
N LEU A 106 31.28 72.27 -72.23
CA LEU A 106 31.48 73.63 -71.78
C LEU A 106 30.20 74.10 -71.09
N GLY A 107 30.34 74.73 -69.93
CA GLY A 107 29.19 75.18 -69.19
C GLY A 107 29.57 76.16 -68.12
N THR A 108 28.57 76.61 -67.37
CA THR A 108 28.74 77.57 -66.29
C THR A 108 28.40 76.91 -64.96
N LEU A 109 29.27 77.08 -63.98
CA LEU A 109 29.03 76.57 -62.63
C LEU A 109 28.12 77.55 -61.91
N THR A 110 26.87 77.15 -61.70
CA THR A 110 25.89 78.02 -61.06
C THR A 110 25.14 77.25 -59.99
N ASP A 111 24.75 77.96 -58.94
CA ASP A 111 23.92 77.40 -57.88
C ASP A 111 22.43 77.50 -58.20
N LEU A 112 22.07 78.20 -59.27
CA LEU A 112 20.67 78.33 -59.64
C LEU A 112 20.12 76.99 -60.12
N SER A 113 18.86 76.71 -59.74
CA SER A 113 18.26 75.43 -60.06
C SER A 113 17.85 75.34 -61.53
N ALA A 114 16.95 76.21 -61.96
CA ALA A 114 16.40 76.18 -63.30
C ALA A 114 15.86 77.57 -63.63
N ASP A 115 15.02 77.66 -64.67
CA ASP A 115 14.35 78.93 -64.98
C ASP A 115 13.61 79.47 -63.76
N LEU A 116 13.05 78.57 -62.94
CA LEU A 116 12.53 78.94 -61.63
C LEU A 116 13.72 79.09 -60.69
N GLU A 117 14.34 80.26 -60.76
CA GLU A 117 15.64 80.47 -60.12
C GLU A 117 15.53 80.37 -58.60
N GLN A 118 14.60 81.11 -58.00
CA GLN A 118 14.48 81.16 -56.54
C GLN A 118 13.49 80.16 -55.99
N GLU A 119 12.75 79.44 -56.84
CA GLU A 119 11.74 78.51 -56.36
C GLU A 119 12.33 77.22 -55.82
N CYS A 120 13.57 76.89 -56.17
CA CYS A 120 14.23 75.65 -55.75
C CYS A 120 15.64 75.94 -55.27
N ARG A 121 15.79 76.97 -54.43
CA ARG A 121 17.09 77.32 -53.86
C ARG A 121 17.45 76.32 -52.77
N ASN A 122 18.01 75.19 -53.21
CA ASN A 122 18.43 74.13 -52.30
C ASN A 122 19.94 74.08 -52.08
N GLY A 123 20.70 74.92 -52.78
CA GLY A 123 22.14 74.94 -52.61
C GLY A 123 22.90 73.95 -53.45
N SER A 124 22.25 73.26 -54.38
CA SER A 124 22.93 72.29 -55.21
C SER A 124 23.82 72.98 -56.24
N LEU A 125 24.83 72.25 -56.70
CA LEU A 125 25.73 72.73 -57.74
C LEU A 125 25.22 72.29 -59.10
N TYR A 126 25.05 73.24 -60.01
CA TYR A 126 24.42 73.00 -61.29
C TYR A 126 25.29 73.52 -62.42
N VAL A 127 25.38 72.75 -63.50
CA VAL A 127 26.07 73.14 -64.72
C VAL A 127 25.02 73.50 -65.76
N ARG A 128 25.00 74.77 -66.16
CA ARG A 128 23.98 75.28 -67.07
C ARG A 128 24.63 75.87 -68.31
N ASP A 129 24.04 75.57 -69.46
CA ASP A 129 24.42 76.17 -70.73
C ASP A 129 23.13 76.50 -71.48
N ASN A 130 23.26 76.82 -72.77
CA ASN A 130 22.09 77.16 -73.57
C ASN A 130 21.13 76.00 -73.68
N THR A 131 21.65 74.77 -73.82
CA THR A 131 20.79 73.60 -74.00
C THR A 131 19.96 73.30 -72.75
N GLY A 132 20.55 73.42 -71.57
CA GLY A 132 19.84 73.09 -70.35
C GLY A 132 20.76 73.15 -69.15
N VAL A 133 20.31 72.51 -68.07
CA VAL A 133 21.03 72.50 -66.80
C VAL A 133 21.16 71.05 -66.33
N LEU A 134 22.37 70.67 -65.91
CA LEU A 134 22.63 69.33 -65.40
C LEU A 134 23.46 69.45 -64.13
N SER A 135 23.15 68.60 -63.15
CA SER A 135 23.76 68.71 -61.83
C SER A 135 25.21 68.24 -61.85
N CYS A 136 25.97 68.72 -60.86
CA CYS A 136 27.37 68.35 -60.70
C CYS A 136 27.71 68.37 -59.21
N GLU A 137 28.77 67.65 -58.86
CA GLU A 137 29.24 67.57 -57.49
C GLU A 137 30.74 67.81 -57.46
N LEU A 138 31.17 68.71 -56.58
CA LEU A 138 32.57 69.08 -56.46
C LEU A 138 33.05 68.80 -55.04
N ILE A 139 34.30 68.34 -54.92
CA ILE A 139 34.89 68.12 -53.61
C ILE A 139 35.09 69.43 -52.88
N ASP A 140 35.64 70.43 -53.57
CA ASP A 140 35.87 71.75 -53.01
C ASP A 140 35.54 72.80 -54.08
N LEU A 141 35.23 74.01 -53.62
CA LEU A 141 34.85 75.09 -54.52
C LEU A 141 35.27 76.43 -53.92
N ASP A 142 35.34 77.44 -54.79
CA ASP A 142 35.61 78.81 -54.40
C ASP A 142 34.45 79.68 -54.88
N LEU A 143 34.05 80.64 -54.04
CA LEU A 143 32.88 81.45 -54.36
C LEU A 143 33.08 82.31 -55.61
N SER A 144 34.32 82.57 -56.00
CA SER A 144 34.58 83.36 -57.20
C SER A 144 34.33 82.59 -58.48
N TRP A 145 34.24 81.27 -58.42
CA TRP A 145 34.11 80.46 -59.63
C TRP A 145 32.70 80.47 -60.22
N LEU A 146 31.68 80.80 -59.43
CA LEU A 146 30.32 80.73 -59.92
C LEU A 146 30.04 81.86 -60.92
N GLY A 147 29.20 81.56 -61.90
CA GLY A 147 28.79 82.54 -62.88
C GLY A 147 29.74 82.77 -64.03
N HIS A 148 30.69 81.86 -64.25
CA HIS A 148 31.67 82.01 -65.32
C HIS A 148 31.82 80.70 -66.07
N LEU A 149 32.23 80.80 -67.32
CA LEU A 149 32.46 79.62 -68.15
C LEU A 149 33.69 78.86 -67.66
N PHE A 150 33.61 77.54 -67.65
CA PHE A 150 34.71 76.69 -67.23
C PHE A 150 34.82 75.48 -68.14
N LEU A 151 36.05 75.12 -68.48
CA LEU A 151 36.31 73.94 -69.30
C LEU A 151 36.54 72.74 -68.40
N PHE A 152 35.91 71.62 -68.74
CA PHE A 152 35.93 70.44 -67.89
C PHE A 152 36.88 69.40 -68.46
N PRO A 153 38.01 69.12 -67.82
CA PRO A 153 38.93 68.11 -68.36
C PRO A 153 38.56 66.69 -67.96
N ARG A 154 37.87 66.53 -66.83
CA ARG A 154 37.51 65.21 -66.32
C ARG A 154 36.08 65.26 -65.79
N TRP A 155 35.29 64.25 -66.16
CA TRP A 155 33.91 64.19 -65.70
C TRP A 155 33.39 62.76 -65.84
N SER A 156 32.32 62.46 -65.11
CA SER A 156 31.65 61.17 -65.18
C SER A 156 30.14 61.41 -65.14
N TYR A 157 29.43 60.79 -66.08
CA TYR A 157 27.98 60.93 -66.18
C TYR A 157 27.31 59.63 -65.81
N LEU A 158 26.29 59.69 -64.96
CA LEU A 158 25.55 58.52 -64.51
C LEU A 158 24.07 58.73 -64.79
N PRO A 159 23.47 57.95 -65.67
CA PRO A 159 22.03 58.07 -65.93
C PRO A 159 21.23 57.30 -64.89
N PRO A 160 19.93 57.57 -64.77
CA PRO A 160 19.11 56.83 -63.81
C PRO A 160 19.03 55.35 -64.17
N ALA A 161 18.86 54.51 -63.15
CA ALA A 161 18.88 53.07 -63.34
C ALA A 161 17.48 52.50 -63.61
N ARG A 162 16.56 52.70 -62.69
CA ARG A 162 15.21 52.15 -62.84
C ARG A 162 14.30 53.17 -63.51
N TRP A 163 13.40 52.67 -64.37
CA TRP A 163 12.49 53.52 -65.12
C TRP A 163 11.47 54.23 -64.24
N ASN A 164 11.32 53.82 -62.98
CA ASN A 164 10.40 54.47 -62.06
C ASN A 164 11.03 55.64 -61.31
N SER A 165 12.27 55.98 -61.62
CA SER A 165 12.96 57.10 -60.98
C SER A 165 12.83 58.33 -61.87
N SER A 166 12.44 59.46 -61.27
CA SER A 166 12.23 60.70 -62.01
C SER A 166 13.51 61.50 -62.19
N GLY A 167 14.60 61.12 -61.53
CA GLY A 167 15.87 61.82 -61.69
C GLY A 167 16.41 61.74 -63.10
N GLU A 168 16.78 62.90 -63.66
CA GLU A 168 17.30 62.91 -65.03
C GLU A 168 18.73 62.40 -65.09
N GLY A 169 19.51 62.66 -64.06
CA GLY A 169 20.90 62.24 -64.04
C GLY A 169 21.73 63.24 -63.27
N HIS A 170 23.04 62.96 -63.23
CA HIS A 170 23.98 63.82 -62.52
C HIS A 170 25.37 63.61 -63.09
N LEU A 171 26.25 64.56 -62.79
CA LEU A 171 27.64 64.53 -63.25
C LEU A 171 28.57 64.66 -62.05
N GLU A 172 29.75 64.07 -62.18
CA GLU A 172 30.79 64.13 -61.15
C GLU A 172 32.09 64.61 -61.78
N LEU A 173 32.72 65.58 -61.13
CA LEU A 173 33.98 66.15 -61.61
C LEU A 173 35.10 65.76 -60.66
N TRP A 174 36.23 65.33 -61.23
CA TRP A 174 37.37 64.88 -60.44
C TRP A 174 38.36 66.02 -60.16
N ASP A 175 38.89 66.62 -61.21
CA ASP A 175 39.91 67.65 -61.06
C ASP A 175 39.28 69.04 -61.06
N ALA A 176 40.12 70.05 -60.80
CA ALA A 176 39.64 71.42 -60.75
C ALA A 176 39.17 71.86 -62.14
N PRO A 177 38.14 72.69 -62.22
CA PRO A 177 37.66 73.15 -63.52
C PRO A 177 38.57 74.24 -64.09
N VAL A 178 39.07 73.99 -65.29
CA VAL A 178 40.01 74.92 -65.93
C VAL A 178 39.21 76.11 -66.48
N PRO A 179 39.58 77.34 -66.14
CA PRO A 179 38.86 78.50 -66.69
C PRO A 179 39.17 78.69 -68.17
N VAL A 180 38.12 78.90 -68.96
CA VAL A 180 38.29 79.07 -70.40
C VAL A 180 38.98 80.39 -70.71
N PHE A 181 38.55 81.47 -70.08
CA PHE A 181 39.11 82.79 -70.31
C PHE A 181 39.45 83.45 -68.99
N PRO A 182 40.43 84.37 -68.99
CA PRO A 182 40.78 85.07 -67.74
C PRO A 182 39.58 85.77 -67.10
N LEU A 183 39.20 85.30 -65.92
CA LEU A 183 38.08 85.89 -65.20
C LEU A 183 38.49 87.22 -64.57
N THR A 184 37.56 88.18 -64.55
CA THR A 184 37.81 89.48 -63.94
C THR A 184 37.78 89.30 -62.43
N ILE A 185 38.96 89.13 -61.82
CA ILE A 185 39.07 88.89 -60.39
C ILE A 185 39.13 90.25 -59.70
N SER A 186 38.12 90.53 -58.86
CA SER A 186 38.06 91.77 -58.12
C SER A 186 39.00 91.72 -56.92
N PRO A 187 39.65 92.83 -56.57
CA PRO A 187 40.51 92.84 -55.39
C PRO A 187 39.69 92.72 -54.11
N GLY A 188 40.34 92.18 -53.08
CA GLY A 188 39.70 92.00 -51.79
C GLY A 188 39.70 93.28 -50.98
N PRO A 189 39.20 93.21 -49.74
CA PRO A 189 39.18 94.40 -48.88
C PRO A 189 40.59 94.83 -48.51
N VAL A 190 40.97 96.02 -49.00
CA VAL A 190 42.32 96.52 -48.76
C VAL A 190 42.51 96.88 -47.29
N THR A 191 41.54 97.57 -46.70
CA THR A 191 41.65 98.00 -45.32
C THR A 191 41.62 96.80 -44.38
N PRO A 192 42.38 96.84 -43.29
CA PRO A 192 42.35 95.72 -42.34
C PRO A 192 40.97 95.56 -41.71
N ILE A 193 40.59 94.33 -41.44
CA ILE A 193 39.28 93.99 -40.89
C ILE A 193 39.50 93.36 -39.51
N PRO A 194 39.37 94.12 -38.42
CA PRO A 194 39.41 93.50 -37.09
C PRO A 194 38.22 92.57 -36.88
N VAL A 195 38.45 91.50 -36.14
CA VAL A 195 37.42 90.51 -35.85
C VAL A 195 37.42 90.23 -34.35
N LEU A 196 36.52 89.35 -33.94
CA LEU A 196 36.40 88.93 -32.55
C LEU A 196 36.71 87.44 -32.46
N TYR A 197 37.68 87.09 -31.62
CA TYR A 197 38.05 85.70 -31.43
C TYR A 197 36.97 84.98 -30.63
N PRO A 198 36.94 83.64 -30.68
CA PRO A 198 35.86 82.90 -30.00
C PRO A 198 35.74 83.20 -28.51
N GLU A 199 36.85 83.48 -27.83
CA GLU A 199 36.77 83.84 -26.41
C GLU A 199 36.00 85.15 -26.23
N SER A 200 36.30 86.15 -27.06
CA SER A 200 35.58 87.42 -26.98
C SER A 200 34.11 87.26 -27.35
N ALA A 201 33.82 86.43 -28.36
CA ALA A 201 32.44 86.19 -28.74
C ALA A 201 31.67 85.50 -27.62
N SER A 202 32.31 84.53 -26.95
CA SER A 202 31.67 83.87 -25.80
C SER A 202 31.45 84.85 -24.66
N CYS A 203 32.41 85.75 -24.43
CA CYS A 203 32.23 86.77 -23.39
C CYS A 203 31.06 87.69 -23.73
N LEU A 204 30.93 88.08 -24.99
CA LEU A 204 29.80 88.89 -25.40
C LEU A 204 28.49 88.14 -25.22
N LEU A 205 28.48 86.84 -25.56
CA LEU A 205 27.28 86.03 -25.34
C LEU A 205 26.95 85.93 -23.85
N ARG A 206 27.96 85.97 -22.99
CA ARG A 206 27.72 86.01 -21.55
C ARG A 206 27.02 87.28 -21.11
N LEU A 207 27.18 88.37 -21.87
CA LEU A 207 26.49 89.63 -21.60
C LEU A 207 25.16 89.60 -22.35
N ARG A 208 24.09 89.23 -21.64
CA ARG A 208 22.79 89.06 -22.29
C ARG A 208 22.15 90.40 -22.63
N ASN A 209 22.47 91.45 -21.88
CA ASN A 209 21.86 92.76 -22.07
C ASN A 209 22.64 93.65 -23.03
N LYS A 210 23.71 93.16 -23.61
CA LYS A 210 24.56 93.95 -24.50
C LYS A 210 24.60 93.33 -25.90
N LEU A 211 23.45 92.92 -26.41
CA LEU A 211 23.34 92.33 -27.75
C LEU A 211 22.13 92.87 -28.50
N ARG A 212 21.75 94.12 -28.24
CA ARG A 212 20.54 94.70 -28.80
C ARG A 212 20.86 95.35 -30.15
N GLY A 213 20.70 94.58 -31.22
CA GLY A 213 20.82 95.10 -32.56
C GLY A 213 22.19 95.65 -32.91
N VAL A 214 23.24 94.91 -32.56
CA VAL A 214 24.62 95.31 -32.84
C VAL A 214 25.15 94.42 -33.95
N GLN A 215 25.63 95.05 -35.03
CA GLN A 215 26.19 94.35 -36.18
C GLN A 215 27.71 94.33 -36.05
N ARG A 216 28.27 93.18 -35.72
CA ARG A 216 29.70 93.01 -35.49
C ARG A 216 30.24 91.94 -36.42
N ASN A 217 31.52 91.61 -36.22
CA ASN A 217 32.20 90.59 -37.01
C ASN A 217 32.84 89.58 -36.08
N LEU A 218 32.71 88.29 -36.43
CA LEU A 218 33.25 87.21 -35.63
C LEU A 218 34.08 86.29 -36.51
N ALA A 219 35.08 85.65 -35.90
CA ALA A 219 35.95 84.74 -36.63
C ALA A 219 36.45 83.67 -35.69
N GLY A 220 36.92 82.58 -36.27
CA GLY A 220 37.43 81.46 -35.50
C GLY A 220 37.62 80.24 -36.37
N SER A 221 38.02 79.16 -35.72
CA SER A 221 38.25 77.90 -36.40
C SER A 221 36.97 77.08 -36.46
N LEU A 222 36.70 76.51 -37.63
CA LEU A 222 35.51 75.67 -37.81
C LEU A 222 35.69 74.37 -37.05
N VAL A 223 34.81 74.12 -36.09
CA VAL A 223 34.90 72.94 -35.23
C VAL A 223 33.87 71.89 -35.61
N ARG A 224 32.61 72.29 -35.74
CA ARG A 224 31.53 71.35 -36.03
C ARG A 224 30.63 71.92 -37.13
N LEU A 225 30.18 71.04 -38.01
CA LEU A 225 29.26 71.39 -39.09
C LEU A 225 28.02 70.50 -38.99
N SER A 226 26.85 71.09 -39.14
CA SER A 226 25.59 70.39 -39.02
C SER A 226 25.07 69.99 -40.40
N ALA A 227 24.13 69.05 -40.40
CA ALA A 227 23.52 68.60 -41.64
C ALA A 227 22.60 69.69 -42.20
N LEU A 228 22.35 69.60 -43.50
CA LEU A 228 21.50 70.58 -44.19
C LEU A 228 20.05 70.21 -43.94
N VAL A 229 19.48 70.77 -42.88
CA VAL A 229 18.10 70.49 -42.52
C VAL A 229 17.16 71.10 -43.55
N LYS A 230 16.25 70.29 -44.08
CA LYS A 230 15.29 70.71 -45.09
C LYS A 230 13.91 70.77 -44.48
N SER A 231 13.23 71.90 -44.66
CA SER A 231 11.87 72.11 -44.20
C SER A 231 10.98 72.39 -45.41
N LYS A 232 9.74 72.81 -45.14
CA LYS A 232 8.78 73.02 -46.21
C LYS A 232 9.26 74.09 -47.19
N GLN A 233 9.76 75.21 -46.68
CA GLN A 233 10.25 76.28 -47.53
C GLN A 233 11.55 76.91 -47.06
N LYS A 234 12.10 76.49 -45.92
CA LYS A 234 13.29 77.09 -45.35
C LYS A 234 14.35 76.03 -45.11
N ALA A 235 15.59 76.34 -45.48
CA ALA A 235 16.72 75.46 -45.22
C ALA A 235 17.79 76.22 -44.45
N TYR A 236 18.27 75.61 -43.37
CA TYR A 236 19.27 76.25 -42.52
C TYR A 236 20.23 75.20 -41.99
N PHE A 237 21.51 75.53 -41.99
CA PHE A 237 22.55 74.70 -41.42
C PHE A 237 23.41 75.54 -40.49
N ILE A 238 23.95 74.90 -39.45
CA ILE A 238 24.65 75.58 -38.38
C ILE A 238 26.11 75.19 -38.42
N LEU A 239 26.99 76.19 -38.39
CA LEU A 239 28.43 75.98 -38.31
C LEU A 239 28.94 76.49 -36.97
N SER A 240 29.88 75.76 -36.38
CA SER A 240 30.42 76.09 -35.08
C SER A 240 31.81 76.69 -35.23
N LEU A 241 32.01 77.88 -34.68
CA LEU A 241 33.29 78.56 -34.70
C LEU A 241 33.85 78.59 -33.28
N GLY A 242 35.06 78.06 -33.12
CA GLY A 242 35.71 78.05 -31.83
C GLY A 242 37.19 77.81 -31.98
N ARG A 243 37.97 78.36 -31.07
CA ARG A 243 39.41 78.21 -31.12
C ARG A 243 39.81 76.80 -30.73
N SER A 244 40.55 76.14 -31.61
CA SER A 244 40.98 74.76 -31.38
C SER A 244 42.27 74.74 -30.57
N HIS A 245 42.55 73.58 -29.98
CA HIS A 245 43.73 73.33 -29.16
C HIS A 245 43.84 74.38 -28.04
N PRO A 246 42.97 74.32 -27.02
CA PRO A 246 41.90 73.35 -26.81
C PRO A 246 40.57 73.79 -27.42
N ALA A 247 39.91 72.90 -28.16
CA ALA A 247 38.61 73.21 -28.76
C ALA A 247 37.50 72.93 -27.76
N VAL A 248 37.52 73.73 -26.69
CA VAL A 248 36.55 73.59 -25.60
C VAL A 248 35.40 74.57 -25.75
N THR A 249 35.69 75.83 -26.04
CA THR A 249 34.68 76.87 -26.17
C THR A 249 34.47 77.18 -27.66
N HIS A 250 33.22 77.21 -28.09
CA HIS A 250 32.86 77.49 -29.47
C HIS A 250 31.59 78.33 -29.50
N VAL A 251 31.42 79.06 -30.60
CA VAL A 251 30.27 79.93 -30.79
C VAL A 251 29.51 79.47 -32.02
N SER A 252 28.19 79.31 -31.88
CA SER A 252 27.35 78.79 -32.93
C SER A 252 26.90 79.92 -33.86
N ILE A 253 26.83 79.61 -35.16
CA ILE A 253 26.35 80.55 -36.17
C ILE A 253 25.38 79.79 -37.08
N ILE A 254 24.20 80.37 -37.28
CA ILE A 254 23.17 79.77 -38.13
C ILE A 254 23.18 80.47 -39.47
N VAL A 255 23.29 79.69 -40.55
CA VAL A 255 23.23 80.20 -41.91
C VAL A 255 21.84 79.95 -42.45
N GLN A 256 21.14 81.02 -42.84
CA GLN A 256 19.80 80.92 -43.38
C GLN A 256 19.63 81.60 -44.73
N VAL A 257 20.62 82.36 -45.18
CA VAL A 257 20.48 83.08 -46.46
C VAL A 257 20.33 82.08 -47.59
N PRO A 258 19.32 82.21 -48.45
CA PRO A 258 19.16 81.23 -49.54
C PRO A 258 20.32 81.23 -50.52
N ALA A 259 20.73 82.40 -51.00
CA ALA A 259 21.80 82.47 -51.98
C ALA A 259 23.14 82.01 -51.42
N GLN A 260 23.33 82.08 -50.10
CA GLN A 260 24.57 81.65 -49.46
C GLN A 260 24.51 80.22 -48.95
N LEU A 261 23.44 79.49 -49.28
CA LEU A 261 23.36 78.09 -48.88
C LEU A 261 24.45 77.23 -49.53
N VAL A 262 25.03 77.70 -50.64
CA VAL A 262 26.12 76.98 -51.28
C VAL A 262 27.36 76.90 -50.40
N TRP A 263 27.43 77.68 -49.33
CA TRP A 263 28.54 77.61 -48.40
C TRP A 263 28.62 76.24 -47.72
N HIS A 264 27.52 75.48 -47.71
CA HIS A 264 27.55 74.13 -47.17
C HIS A 264 28.57 73.26 -47.88
N ARG A 265 28.77 73.48 -49.18
CA ARG A 265 29.74 72.74 -49.96
C ARG A 265 31.15 73.31 -49.87
N ALA A 266 31.31 74.51 -49.29
CA ALA A 266 32.60 75.20 -49.28
C ALA A 266 33.34 75.05 -47.96
N LEU A 267 32.67 75.22 -46.83
CA LEU A 267 33.34 75.18 -45.54
C LEU A 267 33.93 73.80 -45.28
N ARG A 268 35.11 73.78 -44.68
CA ARG A 268 35.81 72.55 -44.34
C ARG A 268 36.32 72.62 -42.91
N PRO A 269 36.35 71.48 -42.21
CA PRO A 269 36.75 71.50 -40.81
C PRO A 269 38.21 71.87 -40.62
N GLY A 270 38.52 72.44 -39.48
CA GLY A 270 39.89 72.79 -39.12
C GLY A 270 40.33 74.19 -39.53
N THR A 271 40.07 74.55 -40.79
CA THR A 271 40.45 75.87 -41.27
C THR A 271 39.67 76.95 -40.52
N ALA A 272 40.34 78.07 -40.27
CA ALA A 272 39.73 79.21 -39.59
C ALA A 272 39.31 80.25 -40.63
N TYR A 273 38.08 80.73 -40.51
CA TYR A 273 37.51 81.67 -41.46
C TYR A 273 37.13 82.97 -40.73
N VAL A 274 36.68 83.95 -41.51
CA VAL A 274 36.24 85.24 -40.99
C VAL A 274 34.84 85.52 -41.51
N LEU A 275 33.93 85.83 -40.59
CA LEU A 275 32.55 86.15 -40.94
C LEU A 275 32.24 87.57 -40.52
N THR A 276 31.67 88.35 -41.43
CA THR A 276 31.43 89.76 -41.21
C THR A 276 29.93 90.06 -41.26
N GLU A 277 29.53 91.13 -40.57
CA GLU A 277 28.15 91.60 -40.54
C GLU A 277 27.21 90.52 -40.02
N LEU A 278 27.43 90.14 -38.76
CA LEU A 278 26.62 89.13 -38.08
C LEU A 278 25.83 89.80 -36.96
N ARG A 279 24.52 89.59 -36.96
CA ARG A 279 23.62 90.18 -35.98
C ARG A 279 23.17 89.13 -34.98
N VAL A 280 22.30 89.53 -34.06
CA VAL A 280 21.81 88.67 -32.98
C VAL A 280 20.43 88.16 -33.35
N SER A 281 20.21 86.86 -33.16
CA SER A 281 18.93 86.23 -33.44
C SER A 281 18.46 85.45 -32.21
N LYS A 282 17.13 85.36 -32.08
CA LYS A 282 16.50 84.67 -30.96
C LYS A 282 15.72 83.47 -31.50
N ILE A 283 15.89 82.31 -30.85
CA ILE A 283 15.22 81.07 -31.24
C ILE A 283 14.19 80.74 -30.18
N ARG A 284 12.96 80.45 -30.61
CA ARG A 284 11.90 80.12 -29.69
C ARG A 284 12.21 78.81 -28.97
N GLY A 285 12.03 78.81 -27.66
CA GLY A 285 12.29 77.63 -26.85
C GLY A 285 13.73 77.45 -26.41
N GLN A 286 14.63 78.30 -26.85
CA GLN A 286 16.04 78.23 -26.47
C GLN A 286 16.43 79.55 -25.81
N ARG A 287 16.91 79.47 -24.57
CA ARG A 287 17.29 80.66 -23.84
C ARG A 287 18.48 81.36 -24.48
N GLN A 288 19.46 80.60 -24.96
CA GLN A 288 20.65 81.18 -25.56
C GLN A 288 20.31 81.88 -26.87
N HIS A 289 21.22 82.75 -27.30
CA HIS A 289 21.09 83.48 -28.56
C HIS A 289 22.20 83.06 -29.50
N VAL A 290 21.85 82.89 -30.77
CA VAL A 290 22.79 82.45 -31.80
C VAL A 290 22.89 83.54 -32.86
N TRP A 291 24.12 83.85 -33.27
CA TRP A 291 24.34 84.90 -34.25
C TRP A 291 23.69 84.56 -35.59
N MET A 292 23.19 85.58 -36.26
CA MET A 292 22.47 85.44 -37.52
C MET A 292 23.30 86.03 -38.66
N THR A 293 23.33 85.31 -39.78
CA THR A 293 23.97 85.82 -40.98
C THR A 293 23.08 86.83 -41.67
N SER A 294 23.66 87.99 -42.00
CA SER A 294 22.90 89.07 -42.62
C SER A 294 22.92 88.93 -44.14
N GLN A 295 22.02 89.68 -44.78
CA GLN A 295 21.94 89.65 -46.24
C GLN A 295 23.23 90.17 -46.87
N SER A 296 23.76 91.27 -46.35
CA SER A 296 25.02 91.83 -46.86
C SER A 296 26.21 91.31 -46.07
N SER A 297 26.31 89.99 -45.96
CA SER A 297 27.42 89.33 -45.26
C SER A 297 28.27 88.58 -46.27
N ARG A 298 29.58 88.57 -46.03
CA ARG A 298 30.53 87.91 -46.92
C ARG A 298 31.33 86.86 -46.16
N LEU A 299 31.67 85.79 -46.85
CA LEU A 299 32.49 84.71 -46.29
C LEU A 299 33.95 85.02 -46.57
N LEU A 300 34.75 85.06 -45.51
CA LEU A 300 36.17 85.38 -45.61
C LEU A 300 36.97 84.38 -44.78
N LEU A 301 38.25 84.25 -45.12
CA LEU A 301 39.15 83.36 -44.41
C LEU A 301 40.01 84.14 -43.43
N LEU A 302 40.61 83.41 -42.48
CA LEU A 302 41.50 84.06 -41.51
C LEU A 302 42.82 84.40 -42.17
N LYS A 303 42.95 85.63 -42.67
CA LYS A 303 44.18 86.06 -43.33
C LYS A 303 44.94 86.99 -42.39
N PRO A 304 46.07 86.53 -41.83
CA PRO A 304 46.80 87.34 -40.85
C PRO A 304 47.32 88.66 -41.42
N GLU A 305 47.37 88.76 -42.75
CA GLU A 305 47.88 89.94 -43.43
C GLU A 305 47.09 91.19 -43.05
N CYS A 306 45.79 91.04 -42.79
CA CYS A 306 44.96 92.19 -42.46
C CYS A 306 44.01 91.96 -41.29
N VAL A 307 43.99 90.78 -40.69
CA VAL A 307 43.05 90.48 -39.60
C VAL A 307 43.80 90.69 -38.28
N GLN A 308 43.59 91.85 -37.68
CA GLN A 308 44.11 92.14 -36.35
C GLN A 308 43.04 91.90 -35.30
N GLU A 309 43.49 91.74 -34.06
CA GLU A 309 42.57 91.48 -32.96
C GLU A 309 41.83 92.75 -32.53
N VAL A 342 20.37 49.08 -20.88
CA VAL A 342 20.60 50.39 -21.48
C VAL A 342 22.09 50.70 -21.51
N ARG A 343 22.60 51.08 -22.67
CA ARG A 343 24.01 51.43 -22.86
C ARG A 343 24.09 52.80 -23.52
N TYR A 344 25.31 53.22 -23.82
CA TYR A 344 25.56 54.53 -24.39
C TYR A 344 26.50 54.41 -25.59
N SER A 345 26.51 55.45 -26.42
CA SER A 345 27.34 55.49 -27.62
C SER A 345 28.49 56.46 -27.42
N ARG A 346 29.68 56.06 -27.86
CA ARG A 346 30.89 56.86 -27.73
C ARG A 346 31.05 57.70 -28.99
N LEU A 347 30.78 59.01 -28.89
CA LEU A 347 30.95 59.90 -30.02
C LEU A 347 32.41 59.96 -30.45
N LEU A 348 32.62 59.96 -31.77
CA LEU A 348 33.96 60.03 -32.34
C LEU A 348 33.83 60.42 -33.81
N SER A 349 34.97 60.59 -34.46
CA SER A 349 35.05 60.86 -35.89
C SER A 349 35.84 59.77 -36.57
N TYR A 350 35.38 59.34 -37.74
CA TYR A 350 35.99 58.24 -38.46
C TYR A 350 36.17 58.61 -39.92
N SER A 351 37.18 58.01 -40.55
CA SER A 351 37.43 58.15 -41.98
C SER A 351 37.63 56.77 -42.59
N GLY A 352 37.04 56.56 -43.76
CA GLY A 352 37.14 55.26 -44.40
C GLY A 352 36.60 55.30 -45.80
N ALA A 353 36.38 54.10 -46.35
CA ALA A 353 35.87 53.95 -47.71
C ALA A 353 34.72 52.96 -47.71
N VAL A 354 33.83 53.11 -48.69
CA VAL A 354 32.67 52.25 -48.84
C VAL A 354 33.02 51.09 -49.76
N THR A 355 32.79 49.87 -49.30
CA THR A 355 33.13 48.67 -50.06
C THR A 355 31.91 47.85 -50.45
N GLY A 356 30.97 47.62 -49.53
CA GLY A 356 29.82 46.81 -49.82
C GLY A 356 28.52 47.55 -49.54
N VAL A 357 27.48 47.14 -50.24
CA VAL A 357 26.15 47.72 -50.11
C VAL A 357 25.21 46.63 -49.60
N LEU A 358 24.60 46.87 -48.45
CA LEU A 358 23.67 45.90 -47.86
C LEU A 358 22.23 46.19 -48.28
N ASN A 359 21.74 47.38 -47.98
CA ASN A 359 20.37 47.77 -48.32
C ASN A 359 20.40 49.22 -48.80
N GLU A 360 20.35 49.40 -50.12
CA GLU A 360 20.39 50.74 -50.68
C GLU A 360 19.24 51.62 -50.24
N PRO A 361 17.97 51.20 -50.33
CA PRO A 361 16.88 52.12 -49.93
C PRO A 361 16.92 52.51 -48.46
N ALA A 362 17.36 51.62 -47.57
CA ALA A 362 17.35 51.89 -46.14
C ALA A 362 18.60 52.60 -45.66
N GLY A 363 19.54 52.91 -46.55
CA GLY A 363 20.76 53.58 -46.16
C GLY A 363 21.67 52.77 -45.27
N LEU A 364 21.82 51.48 -45.56
CA LEU A 364 22.72 50.60 -44.82
C LEU A 364 23.91 50.26 -45.71
N TYR A 365 25.12 50.54 -45.23
CA TYR A 365 26.32 50.32 -46.01
C TYR A 365 27.41 49.74 -45.10
N GLU A 366 28.38 49.08 -45.73
CA GLU A 366 29.48 48.44 -45.02
C GLU A 366 30.76 49.24 -45.25
N LEU A 367 31.47 49.52 -44.16
CA LEU A 367 32.69 50.31 -44.22
C LEU A 367 33.90 49.39 -44.16
N ASP A 368 34.71 49.39 -45.22
CA ASP A 368 35.92 48.58 -45.33
C ASP A 368 35.65 47.09 -45.15
N GLY A 369 34.40 46.66 -45.35
CA GLY A 369 34.05 45.28 -45.18
C GLY A 369 34.09 44.77 -43.75
N GLN A 370 34.18 45.66 -42.76
CA GLN A 370 34.30 45.26 -41.37
C GLN A 370 33.26 45.94 -40.51
N LEU A 371 32.86 47.16 -40.88
CA LEU A 371 31.95 47.96 -40.07
C LEU A 371 30.74 48.37 -40.89
N GLY A 372 29.59 48.45 -40.22
CA GLY A 372 28.36 48.89 -40.84
C GLY A 372 28.10 50.37 -40.62
N LEU A 373 27.41 50.98 -41.58
CA LEU A 373 27.08 52.41 -41.53
C LEU A 373 25.61 52.59 -41.83
N CYS A 374 24.92 53.36 -41.00
CA CYS A 374 23.49 53.62 -41.14
C CYS A 374 23.26 55.11 -41.30
N LEU A 375 22.76 55.52 -42.47
CA LEU A 375 22.45 56.91 -42.76
C LEU A 375 20.97 57.23 -42.60
N ALA A 376 20.21 56.34 -41.96
CA ALA A 376 18.75 56.48 -41.93
C ALA A 376 18.32 57.74 -41.19
N TYR A 377 18.99 58.08 -40.09
CA TYR A 377 18.53 59.16 -39.23
C TYR A 377 18.93 60.54 -39.72
N GLN A 378 19.68 60.64 -40.81
CA GLN A 378 19.90 61.90 -41.49
C GLN A 378 18.91 62.03 -42.64
N GLN A 379 19.09 63.05 -43.48
CA GLN A 379 18.30 63.25 -44.68
C GLN A 379 19.23 63.05 -45.87
N PHE A 380 19.34 61.79 -46.30
CA PHE A 380 20.28 61.41 -47.35
C PHE A 380 19.62 61.26 -48.72
N ARG A 381 18.61 62.09 -48.99
CA ARG A 381 17.94 62.04 -50.30
C ARG A 381 18.91 62.33 -51.44
N GLY A 382 19.93 63.14 -51.19
CA GLY A 382 20.88 63.49 -52.23
C GLY A 382 22.18 62.71 -52.17
N LEU A 383 22.27 61.76 -51.25
CA LEU A 383 23.49 60.97 -51.11
C LEU A 383 23.47 59.70 -51.96
N ARG A 384 22.29 59.19 -52.30
CA ARG A 384 22.21 57.94 -53.06
C ARG A 384 22.74 58.11 -54.48
N ARG A 385 22.55 59.29 -55.08
CA ARG A 385 22.94 59.48 -56.47
C ARG A 385 24.45 59.35 -56.66
N VAL A 386 25.22 59.90 -55.74
CA VAL A 386 26.68 59.99 -55.89
C VAL A 386 27.39 58.87 -55.15
N MET A 387 27.07 58.68 -53.88
CA MET A 387 27.83 57.73 -53.06
C MET A 387 27.45 56.30 -53.43
N ARG A 388 28.48 55.46 -53.60
CA ARG A 388 28.36 54.08 -54.05
C ARG A 388 29.66 53.37 -53.70
N PRO A 389 29.78 52.05 -53.90
CA PRO A 389 31.05 51.38 -53.59
C PRO A 389 32.20 51.99 -54.38
N GLY A 390 33.33 52.15 -53.70
CA GLY A 390 34.47 52.84 -54.26
C GLY A 390 34.61 54.30 -53.87
N VAL A 391 33.91 54.73 -52.82
CA VAL A 391 33.90 56.13 -52.39
C VAL A 391 34.46 56.21 -50.98
N CYS A 392 35.38 57.13 -50.75
CA CYS A 392 35.95 57.38 -49.43
C CYS A 392 35.19 58.54 -48.78
N LEU A 393 34.79 58.35 -47.53
CA LEU A 393 33.97 59.31 -46.81
C LEU A 393 34.68 59.78 -45.54
N GLN A 394 34.52 61.06 -45.22
CA GLN A 394 35.04 61.64 -43.98
C GLN A 394 33.84 62.04 -43.13
N LEU A 395 33.64 61.33 -42.02
CA LEU A 395 32.52 61.57 -41.13
C LEU A 395 32.96 62.37 -39.92
N GLN A 396 32.01 63.11 -39.35
CA GLN A 396 32.27 63.90 -38.16
C GLN A 396 31.12 63.75 -37.18
N ASP A 397 31.45 63.54 -35.90
CA ASP A 397 30.49 63.43 -34.82
C ASP A 397 29.48 62.30 -35.09
N VAL A 398 30.02 61.08 -35.17
CA VAL A 398 29.21 59.89 -35.36
C VAL A 398 29.19 59.10 -34.05
N HIS A 399 28.18 58.24 -33.93
CA HIS A 399 27.98 57.45 -32.73
C HIS A 399 28.34 56.00 -33.01
N LEU A 400 29.07 55.38 -32.09
CA LEU A 400 29.45 53.98 -32.19
C LEU A 400 28.59 53.16 -31.26
N LEU A 401 27.93 52.14 -31.81
CA LEU A 401 27.03 51.28 -31.05
C LEU A 401 27.51 49.84 -31.14
N GLN A 402 27.45 49.13 -30.02
CA GLN A 402 27.91 47.75 -29.94
C GLN A 402 26.86 46.89 -29.25
N SER A 403 26.88 45.60 -29.56
CA SER A 403 25.94 44.62 -29.00
C SER A 403 24.49 45.06 -29.26
N VAL A 404 24.21 45.45 -30.51
CA VAL A 404 22.87 45.88 -30.87
C VAL A 404 21.88 44.72 -30.72
N GLY A 405 22.27 43.54 -31.18
CA GLY A 405 21.40 42.38 -31.10
C GLY A 405 20.34 42.39 -32.17
N GLY A 406 19.40 41.46 -32.03
CA GLY A 406 18.33 41.33 -33.01
C GLY A 406 18.77 40.87 -34.37
N GLY A 407 19.67 39.88 -34.44
CA GLY A 407 20.09 39.30 -35.69
C GLY A 407 21.35 39.89 -36.29
N THR A 408 21.81 41.04 -35.79
CA THR A 408 23.04 41.65 -36.28
C THR A 408 24.08 41.67 -35.17
N ARG A 409 25.35 41.57 -35.57
CA ARG A 409 26.46 41.49 -34.62
C ARG A 409 27.52 42.56 -34.84
N ARG A 410 27.80 42.95 -36.08
CA ARG A 410 28.83 43.92 -36.34
C ARG A 410 28.41 45.30 -35.82
N PRO A 411 29.35 46.08 -35.29
CA PRO A 411 29.02 47.44 -34.84
C PRO A 411 28.63 48.32 -36.02
N VAL A 412 27.75 49.28 -35.75
CA VAL A 412 27.21 50.17 -36.77
C VAL A 412 27.40 51.61 -36.33
N LEU A 413 27.90 52.43 -37.25
CA LEU A 413 28.07 53.86 -37.01
C LEU A 413 26.88 54.60 -37.61
N ALA A 414 26.15 55.33 -36.76
CA ALA A 414 24.91 56.00 -37.16
C ALA A 414 25.03 57.49 -36.87
N PRO A 415 25.42 58.30 -37.85
CA PRO A 415 25.47 59.75 -37.64
C PRO A 415 24.08 60.32 -37.40
N CYS A 416 24.04 61.38 -36.60
CA CYS A 416 22.81 62.10 -36.28
C CYS A 416 22.82 63.46 -36.97
N LEU A 417 21.76 64.24 -36.72
CA LEU A 417 21.65 65.56 -37.31
C LEU A 417 22.75 66.51 -36.84
N ARG A 418 23.39 66.21 -35.71
CA ARG A 418 24.44 67.09 -35.21
C ARG A 418 25.62 67.15 -36.17
N GLY A 419 26.07 66.00 -36.66
CA GLY A 419 27.22 65.93 -37.53
C GLY A 419 26.85 66.06 -39.00
N ALA A 420 27.82 65.72 -39.85
CA ALA A 420 27.64 65.78 -41.29
C ALA A 420 28.57 64.78 -41.94
N VAL A 421 28.27 64.42 -43.19
CA VAL A 421 29.06 63.49 -43.97
C VAL A 421 29.69 64.26 -45.12
N LEU A 422 31.01 64.18 -45.23
CA LEU A 422 31.77 64.91 -46.24
C LEU A 422 32.37 63.91 -47.23
N LEU A 423 32.03 64.07 -48.50
CA LEU A 423 32.56 63.21 -49.55
C LEU A 423 34.00 63.60 -49.87
N GLN A 424 34.87 62.60 -50.00
CA GLN A 424 36.28 62.84 -50.28
C GLN A 424 36.64 62.50 -51.72
N SER A 425 36.36 61.28 -52.17
CA SER A 425 36.70 60.85 -53.52
C SER A 425 35.52 60.12 -54.14
N PHE A 426 35.31 60.33 -55.43
CA PHE A 426 34.26 59.67 -56.16
C PHE A 426 34.65 58.23 -56.49
N SER A 427 33.66 57.44 -56.90
CA SER A 427 33.87 56.04 -57.24
C SER A 427 34.09 55.89 -58.74
N ARG A 428 34.71 54.77 -59.11
CA ARG A 428 35.01 54.48 -60.50
C ARG A 428 34.39 53.19 -61.01
N GLN A 429 33.80 52.37 -60.14
CA GLN A 429 33.14 51.15 -60.57
C GLN A 429 31.71 51.46 -61.03
N LYS A 430 31.22 50.65 -61.96
CA LYS A 430 29.87 50.83 -62.47
C LYS A 430 28.84 50.51 -61.38
N PRO A 431 27.71 51.20 -61.38
CA PRO A 431 26.64 50.87 -60.44
C PRO A 431 26.02 49.52 -60.76
N GLY A 432 25.48 48.90 -59.72
CA GLY A 432 24.86 47.59 -59.90
C GLY A 432 23.61 47.66 -60.76
N ALA A 433 23.27 46.54 -61.37
CA ALA A 433 22.13 46.44 -62.28
C ALA A 433 20.92 45.78 -61.63
N HIS A 434 21.14 44.86 -60.68
CA HIS A 434 20.02 44.19 -60.03
C HIS A 434 19.17 45.17 -59.24
N SER A 435 19.75 46.28 -58.79
CA SER A 435 19.00 47.29 -58.05
C SER A 435 17.89 47.91 -58.87
N SER A 436 17.93 47.77 -60.19
CA SER A 436 16.85 48.27 -61.04
C SER A 436 15.58 47.43 -60.93
N ARG A 437 15.59 46.36 -60.15
CA ARG A 437 14.45 45.47 -60.03
C ARG A 437 13.93 45.32 -58.61
N GLN A 438 14.80 45.27 -57.61
CA GLN A 438 14.41 44.97 -56.23
C GLN A 438 15.07 45.94 -55.25
N ALA A 439 15.01 47.23 -55.54
CA ALA A 439 15.63 48.17 -54.61
C ALA A 439 14.73 49.31 -54.18
N TYR A 440 13.83 49.79 -55.04
CA TYR A 440 13.07 50.99 -54.75
C TYR A 440 11.97 50.68 -53.73
N GLY A 441 12.24 50.97 -52.47
CA GLY A 441 11.26 50.90 -51.41
C GLY A 441 11.45 52.02 -50.40
N ALA A 442 12.02 53.13 -50.88
CA ALA A 442 12.60 54.12 -49.97
C ALA A 442 11.55 54.77 -49.07
N SER A 443 10.37 55.08 -49.62
CA SER A 443 9.41 55.90 -48.88
C SER A 443 9.00 55.25 -47.57
N LEU A 444 8.80 53.92 -47.57
CA LEU A 444 8.38 53.25 -46.35
C LEU A 444 9.45 53.35 -45.26
N TYR A 445 10.72 53.21 -45.63
CA TYR A 445 11.79 53.26 -44.64
C TYR A 445 11.92 54.65 -44.01
N GLU A 446 11.88 55.71 -44.83
CA GLU A 446 11.96 57.05 -44.27
C GLU A 446 10.72 57.39 -43.45
N GLN A 447 9.55 56.90 -43.86
CA GLN A 447 8.36 57.08 -43.04
C GLN A 447 8.50 56.39 -41.69
N LEU A 448 9.08 55.19 -41.69
CA LEU A 448 9.34 54.50 -40.42
C LEU A 448 10.31 55.30 -39.56
N VAL A 449 11.35 55.86 -40.17
CA VAL A 449 12.36 56.60 -39.42
C VAL A 449 11.75 57.86 -38.79
N TRP A 450 11.00 58.62 -39.57
CA TRP A 450 10.56 59.95 -39.15
C TRP A 450 9.18 59.96 -38.50
N GLU A 451 8.20 59.26 -39.07
CA GLU A 451 6.84 59.33 -38.52
C GLU A 451 6.72 58.55 -37.23
N ARG A 452 7.01 57.24 -37.28
CA ARG A 452 6.88 56.41 -36.09
C ARG A 452 7.99 56.63 -35.07
N GLN A 453 9.12 57.21 -35.50
CA GLN A 453 10.24 57.50 -34.62
C GLN A 453 10.75 56.22 -33.93
N LEU A 454 11.22 55.29 -34.75
CA LEU A 454 11.68 53.99 -34.29
C LEU A 454 13.14 54.03 -33.88
N GLY A 455 13.50 53.15 -32.94
CA GLY A 455 14.89 52.99 -32.56
C GLY A 455 15.69 52.22 -33.60
N LEU A 456 17.01 52.31 -33.48
CA LEU A 456 17.89 51.68 -34.46
C LEU A 456 17.76 50.16 -34.50
N PRO A 457 17.80 49.42 -33.39
CA PRO A 457 17.61 47.97 -33.49
C PRO A 457 16.26 47.58 -34.07
N LEU A 458 15.20 48.31 -33.71
CA LEU A 458 13.90 48.06 -34.30
C LEU A 458 13.92 48.33 -35.80
N TYR A 459 14.62 49.37 -36.22
CA TYR A 459 14.74 49.66 -37.64
C TYR A 459 15.44 48.53 -38.39
N LEU A 460 16.54 48.01 -37.82
CA LEU A 460 17.26 46.93 -38.48
C LEU A 460 16.41 45.67 -38.54
N TRP A 461 15.73 45.33 -37.45
CA TRP A 461 14.86 44.16 -37.46
C TRP A 461 13.72 44.33 -38.46
N ALA A 462 13.18 45.55 -38.57
CA ALA A 462 12.12 45.80 -39.52
C ALA A 462 12.61 45.61 -40.95
N THR A 463 13.82 46.09 -41.25
CA THR A 463 14.36 45.88 -42.59
C THR A 463 14.54 44.39 -42.88
N LYS A 464 15.07 43.63 -41.91
CA LYS A 464 15.26 42.21 -42.12
C LYS A 464 13.93 41.49 -42.33
N ALA A 465 12.92 41.83 -41.52
CA ALA A 465 11.62 41.19 -41.66
C ALA A 465 10.96 41.57 -42.99
N LEU A 466 11.15 42.81 -43.44
CA LEU A 466 10.60 43.21 -44.72
C LEU A 466 11.26 42.45 -45.86
N GLU A 467 12.58 42.25 -45.79
CA GLU A 467 13.25 41.43 -46.80
C GLU A 467 12.72 40.01 -46.80
N GLU A 468 12.52 39.43 -45.61
CA GLU A 468 11.98 38.08 -45.53
C GLU A 468 10.59 37.99 -46.13
N LEU A 469 9.73 38.96 -45.80
CA LEU A 469 8.37 38.96 -46.34
C LEU A 469 8.37 39.13 -47.86
N ALA A 470 9.24 40.01 -48.38
CA ALA A 470 9.32 40.20 -49.82
C ALA A 470 9.77 38.92 -50.51
N CYS A 471 10.75 38.22 -49.93
CA CYS A 471 11.18 36.94 -50.50
C CYS A 471 10.07 35.90 -50.44
N LYS A 472 9.28 35.92 -49.36
CA LYS A 472 8.24 34.92 -49.18
C LYS A 472 7.08 35.12 -50.15
N LEU A 473 6.60 36.36 -50.28
CA LEU A 473 5.38 36.62 -51.05
C LEU A 473 5.67 37.03 -52.49
N CYS A 474 6.46 38.08 -52.69
CA CYS A 474 6.69 38.64 -54.01
C CYS A 474 7.45 37.64 -54.88
N PRO A 475 7.34 37.75 -56.22
CA PRO A 475 6.56 38.72 -56.99
C PRO A 475 5.22 38.20 -57.51
N HIS A 476 4.93 36.90 -57.40
CA HIS A 476 3.70 36.36 -57.95
C HIS A 476 2.48 36.87 -57.19
N VAL A 477 2.51 36.81 -55.86
CA VAL A 477 1.38 37.27 -55.07
C VAL A 477 1.24 38.79 -55.19
N LEU A 478 2.34 39.51 -55.06
CA LEU A 478 2.32 40.96 -55.14
C LEU A 478 3.61 41.44 -55.78
N ARG A 479 3.51 42.52 -56.57
CA ARG A 479 4.71 43.12 -57.15
C ARG A 479 5.54 43.79 -56.06
N HIS A 480 6.84 43.91 -56.34
CA HIS A 480 7.76 44.42 -55.33
C HIS A 480 7.43 45.86 -54.94
N HIS A 481 7.12 46.71 -55.92
CA HIS A 481 6.78 48.09 -55.61
C HIS A 481 5.44 48.19 -54.89
N GLN A 482 4.50 47.31 -55.22
CA GLN A 482 3.21 47.32 -54.53
C GLN A 482 3.36 46.97 -53.05
N PHE A 483 4.18 45.98 -52.74
CA PHE A 483 4.31 45.54 -51.36
C PHE A 483 4.90 46.61 -50.46
N LEU A 484 5.95 47.29 -50.93
CA LEU A 484 6.64 48.32 -50.16
C LEU A 484 6.22 49.73 -50.58
N GLN A 485 4.96 49.91 -50.94
CA GLN A 485 4.48 51.20 -51.39
C GLN A 485 4.40 52.19 -50.23
N HIS A 486 4.34 53.48 -50.58
CA HIS A 486 4.18 54.52 -49.58
C HIS A 486 2.84 54.36 -48.86
N SER A 487 2.85 54.64 -47.56
CA SER A 487 1.66 54.44 -46.72
C SER A 487 0.79 55.70 -46.71
N SER A 488 0.40 56.12 -47.91
CA SER A 488 -0.49 57.26 -48.04
C SER A 488 -1.91 56.89 -47.59
N PRO A 489 -2.69 57.87 -47.14
CA PRO A 489 -4.08 57.57 -46.78
C PRO A 489 -4.87 57.04 -47.97
N GLY A 490 -5.76 56.08 -47.69
CA GLY A 490 -6.55 55.45 -48.72
C GLY A 490 -5.91 54.26 -49.38
N SER A 491 -4.65 53.96 -49.08
CA SER A 491 -3.95 52.81 -49.64
C SER A 491 -2.75 52.46 -48.78
N PRO A 492 -2.96 51.91 -47.58
CA PRO A 492 -1.83 51.59 -46.71
C PRO A 492 -1.03 50.41 -47.25
N SER A 493 0.27 50.44 -46.98
CA SER A 493 1.16 49.36 -47.41
C SER A 493 0.89 48.10 -46.61
N LEU A 494 0.96 46.95 -47.29
CA LEU A 494 0.75 45.68 -46.61
C LEU A 494 1.88 45.34 -45.66
N GLY A 495 3.11 45.72 -46.00
CA GLY A 495 4.24 45.43 -45.13
C GLY A 495 4.12 46.08 -43.76
N LEU A 496 3.75 47.36 -43.74
CA LEU A 496 3.57 48.06 -42.47
C LEU A 496 2.43 47.43 -41.67
N GLN A 497 1.35 47.04 -42.34
CA GLN A 497 0.24 46.40 -41.65
C GLN A 497 0.67 45.08 -41.03
N LEU A 498 1.47 44.30 -41.77
CA LEU A 498 1.93 43.02 -41.23
C LEU A 498 2.92 43.22 -40.08
N LEU A 499 3.73 44.27 -40.14
CA LEU A 499 4.70 44.52 -39.09
C LEU A 499 4.11 45.22 -37.87
N ALA A 500 2.92 45.81 -38.01
CA ALA A 500 2.33 46.57 -36.90
C ALA A 500 2.14 45.77 -35.61
N PRO A 501 1.67 44.52 -35.61
CA PRO A 501 1.45 43.84 -34.33
C PRO A 501 2.68 43.75 -33.44
N THR A 502 3.87 43.60 -34.01
CA THR A 502 5.08 43.57 -33.20
C THR A 502 5.61 44.96 -32.89
N LEU A 503 5.53 45.88 -33.85
CA LEU A 503 6.05 47.23 -33.65
C LEU A 503 5.26 47.96 -32.57
N ASP A 504 3.94 47.80 -32.55
CA ASP A 504 3.13 48.43 -31.51
C ASP A 504 3.50 47.91 -30.13
N LEU A 505 3.69 46.59 -30.01
CA LEU A 505 4.08 46.02 -28.72
C LEU A 505 5.45 46.50 -28.29
N LEU A 506 6.40 46.58 -29.22
CA LEU A 506 7.77 46.94 -28.88
C LEU A 506 8.01 48.45 -28.90
N ALA A 507 7.05 49.24 -29.38
CA ALA A 507 7.22 50.69 -29.44
C ALA A 507 5.86 51.38 -29.53
N PRO A 508 5.16 51.54 -28.42
CA PRO A 508 3.86 52.21 -28.47
C PRO A 508 4.02 53.66 -28.85
N PRO A 509 3.05 54.24 -29.56
CA PRO A 509 3.14 55.67 -29.91
C PRO A 509 2.96 56.55 -28.69
N GLY A 510 3.51 57.76 -28.78
CA GLY A 510 3.40 58.72 -27.69
C GLY A 510 4.71 59.42 -27.38
N SER A 511 5.74 59.12 -28.17
CA SER A 511 7.04 59.75 -27.96
C SER A 511 6.97 61.23 -28.33
N PRO A 512 7.74 62.08 -27.65
CA PRO A 512 7.78 63.50 -28.01
C PRO A 512 8.35 63.69 -29.41
N VAL A 513 7.85 64.74 -30.08
CA VAL A 513 8.26 65.01 -31.46
C VAL A 513 9.72 65.41 -31.50
N ARG A 514 10.43 64.90 -32.51
CA ARG A 514 11.85 65.21 -32.66
C ARG A 514 12.04 66.69 -32.97
N ASN A 515 13.02 67.30 -32.30
CA ASN A 515 13.34 68.71 -32.48
C ASN A 515 14.76 68.83 -33.02
N ALA A 516 14.89 69.43 -34.20
CA ALA A 516 16.22 69.62 -34.78
C ALA A 516 17.04 70.61 -33.97
N HIS A 517 16.41 71.68 -33.48
CA HIS A 517 17.13 72.70 -32.72
C HIS A 517 17.73 72.11 -31.45
N ASN A 518 16.95 71.29 -30.72
CA ASN A 518 17.47 70.66 -29.52
C ASN A 518 18.60 69.70 -29.83
N GLU A 519 18.44 68.91 -30.90
CA GLU A 519 19.47 67.94 -31.26
C GLU A 519 20.76 68.62 -31.72
N ILE A 520 20.66 69.83 -32.24
CA ILE A 520 21.83 70.50 -32.81
C ILE A 520 22.53 71.39 -31.77
N LEU A 521 21.77 72.20 -31.03
CA LEU A 521 22.35 73.26 -30.22
C LEU A 521 22.50 72.89 -28.75
N GLU A 522 21.47 72.33 -28.14
CA GLU A 522 21.48 72.12 -26.69
C GLU A 522 22.56 71.12 -26.29
N GLU A 523 23.07 71.29 -25.08
CA GLU A 523 24.14 70.46 -24.54
C GLU A 523 23.66 69.79 -23.26
N PRO A 524 23.72 68.45 -23.16
CA PRO A 524 24.16 67.50 -24.19
C PRO A 524 23.10 67.31 -25.27
N HIS A 525 23.50 67.05 -26.51
CA HIS A 525 22.54 66.86 -27.58
C HIS A 525 21.78 65.56 -27.38
N HIS A 526 20.47 65.59 -27.65
CA HIS A 526 19.59 64.44 -27.47
C HIS A 526 19.18 63.93 -28.85
N CYS A 527 19.61 62.71 -29.18
CA CYS A 527 19.25 62.04 -30.41
C CYS A 527 18.79 60.63 -30.10
N PRO A 528 17.94 60.04 -30.94
CA PRO A 528 17.48 58.67 -30.68
C PRO A 528 18.59 57.65 -30.66
N LEU A 529 19.75 57.95 -31.25
CA LEU A 529 20.88 57.03 -31.26
C LEU A 529 21.79 57.18 -30.05
N GLN A 530 21.55 58.20 -29.20
CA GLN A 530 22.43 58.41 -28.06
C GLN A 530 22.27 57.31 -27.01
N LYS A 531 21.01 56.99 -26.66
CA LYS A 531 20.71 55.95 -25.68
C LYS A 531 20.05 54.79 -26.41
N TYR A 532 20.75 53.67 -26.51
CA TYR A 532 20.28 52.50 -27.21
C TYR A 532 20.20 51.32 -26.27
N THR A 533 19.13 50.53 -26.40
CA THR A 533 18.91 49.34 -25.58
C THR A 533 18.94 48.11 -26.46
N ARG A 534 19.67 47.09 -26.01
CA ARG A 534 19.73 45.83 -26.75
C ARG A 534 18.34 45.23 -26.86
N LEU A 535 18.01 44.71 -28.05
CA LEU A 535 16.70 44.17 -28.34
C LEU A 535 16.82 42.71 -28.74
N GLN A 536 16.04 41.85 -28.07
CA GLN A 536 15.94 40.46 -28.45
C GLN A 536 15.07 40.31 -29.69
N THR A 537 15.42 39.36 -30.55
CA THR A 537 14.68 39.11 -31.78
C THR A 537 13.25 38.73 -31.45
N PRO A 538 12.27 39.58 -31.76
CA PRO A 538 10.89 39.31 -31.35
C PRO A 538 10.26 38.13 -32.08
N SER A 539 10.33 38.12 -33.40
CA SER A 539 9.69 37.08 -34.19
C SER A 539 10.37 36.98 -35.55
N SER A 540 10.10 35.86 -36.23
CA SER A 540 10.65 35.62 -37.56
C SER A 540 9.56 35.00 -38.43
N PHE A 541 9.71 35.16 -39.74
CA PHE A 541 8.73 34.66 -40.70
C PHE A 541 9.36 33.58 -41.56
N PRO A 542 9.06 32.30 -41.31
CA PRO A 542 9.68 31.23 -42.09
C PRO A 542 8.85 30.83 -43.31
N THR A 543 9.54 30.33 -44.32
CA THR A 543 8.87 29.80 -45.49
C THR A 543 8.18 28.48 -45.15
N LEU A 544 7.06 28.22 -45.84
CA LEU A 544 6.23 27.06 -45.51
C LEU A 544 6.98 25.75 -45.73
N ALA A 545 7.75 25.65 -46.81
CA ALA A 545 8.49 24.42 -47.08
C ALA A 545 9.52 24.16 -45.98
N THR A 546 10.20 25.21 -45.52
CA THR A 546 11.14 25.05 -44.42
C THR A 546 10.43 24.59 -43.15
N LEU A 547 9.25 25.16 -42.88
CA LEU A 547 8.46 24.74 -41.71
C LEU A 547 8.12 23.26 -41.79
N LYS A 548 7.62 22.81 -42.94
CA LYS A 548 7.24 21.42 -43.09
C LYS A 548 8.44 20.49 -42.95
N GLU A 549 9.56 20.84 -43.59
CA GLU A 549 10.74 19.99 -43.52
C GLU A 549 11.29 19.92 -42.11
N GLU A 550 11.33 21.06 -41.41
CA GLU A 550 11.80 21.06 -40.04
C GLU A 550 10.89 20.24 -39.14
N GLY A 551 9.57 20.35 -39.32
CA GLY A 551 8.66 19.53 -38.55
C GLY A 551 8.87 18.06 -38.78
N GLN A 552 9.02 17.65 -40.05
CA GLN A 552 9.24 16.24 -40.36
C GLN A 552 10.54 15.74 -39.74
N ARG A 553 11.62 16.50 -39.87
CA ARG A 553 12.90 16.07 -39.32
C ARG A 553 12.85 15.98 -37.80
N LYS A 554 12.24 16.97 -37.15
CA LYS A 554 12.15 16.93 -35.68
C LYS A 554 11.28 15.77 -35.22
N ALA A 555 10.20 15.48 -35.93
CA ALA A 555 9.35 14.36 -35.56
C ALA A 555 10.09 13.03 -35.71
N TRP A 556 10.82 12.86 -36.81
CA TRP A 556 11.53 11.60 -37.02
C TRP A 556 12.79 11.49 -36.18
N ALA A 557 13.29 12.59 -35.63
CA ALA A 557 14.50 12.54 -34.81
C ALA A 557 14.23 12.07 -33.38
N SER A 558 12.98 11.99 -32.95
CA SER A 558 12.64 11.60 -31.59
C SER A 558 11.65 10.46 -31.58
N PHE A 559 11.87 9.45 -32.43
CA PHE A 559 11.02 8.27 -32.49
C PHE A 559 11.75 7.13 -31.79
N ASP A 560 11.51 7.00 -30.49
CA ASP A 560 12.15 5.96 -29.69
C ASP A 560 11.15 4.86 -29.38
N PRO A 561 11.32 3.66 -29.93
CA PRO A 561 10.41 2.55 -29.57
C PRO A 561 10.43 2.21 -28.10
N LYS A 562 11.58 2.40 -27.43
CA LYS A 562 11.64 2.10 -26.00
C LYS A 562 10.76 3.02 -25.18
N ALA A 563 10.58 4.27 -25.63
CA ALA A 563 9.76 5.21 -24.88
C ALA A 563 8.28 4.88 -24.99
N LEU A 564 7.84 4.37 -26.13
CA LEU A 564 6.43 4.07 -26.33
C LEU A 564 5.99 2.78 -25.63
N LEU A 565 6.91 1.90 -25.28
CA LEU A 565 6.60 0.62 -24.65
C LEU A 565 7.45 0.47 -23.40
N PRO A 566 7.11 1.17 -22.32
CA PRO A 566 7.92 1.10 -21.10
C PRO A 566 7.82 -0.26 -20.44
N LEU A 567 8.91 -0.66 -19.78
CA LEU A 567 8.95 -1.89 -19.01
C LEU A 567 8.22 -1.69 -17.68
N PRO A 568 7.72 -2.77 -17.07
CA PRO A 568 7.77 -4.17 -17.49
C PRO A 568 6.57 -4.58 -18.35
N GLU A 569 5.75 -3.62 -18.76
CA GLU A 569 4.56 -3.95 -19.56
C GLU A 569 4.94 -4.58 -20.89
N ALA A 570 6.00 -4.08 -21.53
CA ALA A 570 6.38 -4.56 -22.85
C ALA A 570 6.95 -5.97 -22.84
N SER A 571 7.24 -6.54 -21.68
CA SER A 571 7.85 -7.86 -21.60
C SER A 571 6.82 -8.99 -21.58
N TYR A 572 5.53 -8.69 -21.54
CA TYR A 572 4.48 -9.69 -21.49
C TYR A 572 3.58 -9.60 -22.72
N LEU A 573 4.16 -9.29 -23.87
CA LEU A 573 3.38 -9.11 -25.08
C LEU A 573 3.96 -9.95 -26.22
N PRO A 574 3.12 -10.53 -27.06
CA PRO A 574 3.59 -11.23 -28.26
C PRO A 574 4.04 -10.23 -29.31
N SER A 575 4.57 -10.76 -30.41
CA SER A 575 5.10 -9.90 -31.47
C SER A 575 4.00 -9.10 -32.15
N CYS A 576 2.87 -9.75 -32.45
CA CYS A 576 1.82 -9.08 -33.20
C CYS A 576 1.25 -7.88 -32.43
N GLN A 577 0.97 -8.07 -31.14
CA GLN A 577 0.42 -6.98 -30.35
C GLN A 577 1.42 -5.83 -30.20
N LEU A 578 2.70 -6.17 -30.01
CA LEU A 578 3.73 -5.14 -29.89
C LEU A 578 3.83 -4.31 -31.18
N ASN A 579 3.89 -4.99 -32.32
CA ASN A 579 3.97 -4.28 -33.59
C ASN A 579 2.73 -3.45 -33.83
N ARG A 580 1.55 -3.96 -33.42
CA ARG A 580 0.32 -3.21 -33.55
C ARG A 580 0.34 -1.95 -32.68
N ARG A 581 0.93 -2.06 -31.48
CA ARG A 581 1.00 -0.91 -30.59
C ARG A 581 2.01 0.13 -31.07
N LEU A 582 3.03 -0.30 -31.81
CA LEU A 582 4.01 0.62 -32.36
C LEU A 582 3.57 1.22 -33.70
N ALA A 583 2.37 0.89 -34.17
CA ALA A 583 1.96 1.29 -35.52
C ALA A 583 1.75 2.79 -35.64
N TRP A 584 1.07 3.39 -34.66
CA TRP A 584 0.60 4.76 -34.78
C TRP A 584 1.09 5.62 -33.63
N SER A 585 1.38 6.88 -33.92
CA SER A 585 1.80 7.86 -32.91
C SER A 585 1.57 9.25 -33.49
N TRP A 586 1.53 10.24 -32.58
CA TRP A 586 1.30 11.62 -32.98
C TRP A 586 2.19 12.55 -32.16
N LEU A 587 2.42 13.74 -32.71
CA LEU A 587 3.26 14.74 -32.06
C LEU A 587 2.63 16.11 -32.22
N CYS A 588 2.89 16.99 -31.25
CA CYS A 588 2.39 18.36 -31.27
C CYS A 588 3.54 19.32 -31.02
N LEU A 589 3.50 20.47 -31.68
CA LEU A 589 4.53 21.48 -31.57
C LEU A 589 3.89 22.86 -31.38
N LEU A 590 4.68 23.81 -30.90
CA LEU A 590 4.20 25.13 -30.58
C LEU A 590 5.12 26.19 -31.18
N PRO A 591 4.58 27.36 -31.54
CA PRO A 591 5.42 28.41 -32.13
C PRO A 591 6.37 29.04 -31.14
N SER A 592 5.84 29.47 -29.99
CA SER A 592 6.62 30.24 -29.03
C SER A 592 7.74 29.43 -28.40
N ALA A 593 7.66 28.09 -28.47
CA ALA A 593 8.71 27.26 -27.89
C ALA A 593 10.05 27.45 -28.58
N PHE A 594 10.05 27.77 -29.87
CA PHE A 594 11.27 27.95 -30.62
C PHE A 594 11.90 29.30 -30.32
N CYS A 595 13.23 29.37 -30.44
CA CYS A 595 13.97 30.61 -30.29
C CYS A 595 14.52 31.03 -31.64
N PRO A 596 14.03 32.13 -32.24
CA PRO A 596 12.99 33.05 -31.74
C PRO A 596 11.59 32.57 -32.09
N ALA A 597 10.57 33.32 -31.69
CA ALA A 597 9.19 32.97 -32.02
C ALA A 597 8.97 33.03 -33.52
N GLN A 598 8.03 32.21 -34.00
CA GLN A 598 7.71 32.12 -35.41
C GLN A 598 6.25 32.49 -35.63
N VAL A 599 5.97 33.05 -36.80
CA VAL A 599 4.64 33.51 -37.16
C VAL A 599 4.28 32.96 -38.53
N LEU A 600 3.09 32.38 -38.64
CA LEU A 600 2.65 31.76 -39.88
C LEU A 600 2.02 32.80 -40.80
N LEU A 601 2.34 32.70 -42.10
CA LEU A 601 1.79 33.60 -43.10
C LEU A 601 1.57 32.83 -44.39
N GLY A 602 0.45 33.10 -45.04
CA GLY A 602 0.14 32.41 -46.27
C GLY A 602 -1.14 32.93 -46.88
N VAL A 603 -1.58 32.26 -47.94
CA VAL A 603 -2.80 32.61 -48.66
C VAL A 603 -3.76 31.42 -48.57
N LEU A 604 -4.98 31.67 -48.13
CA LEU A 604 -5.98 30.61 -48.01
C LEU A 604 -6.49 30.25 -49.40
N VAL A 605 -6.22 29.03 -49.83
CA VAL A 605 -6.57 28.56 -51.18
C VAL A 605 -7.38 27.27 -51.04
N ALA A 606 -8.54 27.24 -51.67
CA ALA A 606 -9.39 26.05 -51.70
C ALA A 606 -9.13 25.30 -53.01
N SER A 607 -8.64 24.07 -52.90
CA SER A 607 -8.31 23.29 -54.08
C SER A 607 -9.57 22.95 -54.87
N SER A 608 -9.44 22.93 -56.19
CA SER A 608 -10.54 22.60 -57.08
C SER A 608 -10.47 21.16 -57.58
N HIS A 609 -9.70 20.30 -56.92
CA HIS A 609 -9.59 18.90 -57.29
C HIS A 609 -9.92 17.95 -56.14
N LYS A 610 -9.73 18.36 -54.89
CA LYS A 610 -10.02 17.52 -53.74
C LYS A 610 -10.83 18.20 -52.65
N GLY A 611 -11.08 19.51 -52.75
CA GLY A 611 -11.88 20.20 -51.76
C GLY A 611 -11.26 20.24 -50.38
N CYS A 612 -9.97 20.54 -50.30
CA CYS A 612 -9.26 20.63 -49.03
C CYS A 612 -8.63 22.02 -48.90
N LEU A 613 -8.85 22.65 -47.75
CA LEU A 613 -8.26 23.97 -47.52
C LEU A 613 -6.75 23.86 -47.39
N GLN A 614 -6.05 24.89 -47.88
CA GLN A 614 -4.60 24.92 -47.83
C GLN A 614 -4.14 26.35 -47.56
N LEU A 615 -2.92 26.45 -47.03
CA LEU A 615 -2.22 27.72 -46.92
C LEU A 615 -1.02 27.66 -47.85
N ARG A 616 -0.93 28.60 -48.78
CA ARG A 616 0.05 28.53 -49.86
C ARG A 616 0.81 29.83 -50.00
N ASP A 617 2.11 29.70 -50.27
CA ASP A 617 2.96 30.82 -50.65
C ASP A 617 3.82 30.36 -51.82
N GLN A 618 4.81 31.18 -52.19
CA GLN A 618 5.70 30.79 -53.27
C GLN A 618 6.57 29.58 -52.92
N SER A 619 6.81 29.33 -51.62
CA SER A 619 7.67 28.22 -51.23
C SER A 619 6.98 26.88 -51.46
N GLY A 620 5.71 26.77 -51.06
CA GLY A 620 5.00 25.52 -51.19
C GLY A 620 3.58 25.55 -50.68
N SER A 621 3.18 24.53 -49.94
CA SER A 621 1.82 24.43 -49.43
C SER A 621 1.82 23.65 -48.13
N LEU A 622 0.75 23.82 -47.35
CA LEU A 622 0.59 23.16 -46.07
C LEU A 622 -0.88 23.02 -45.72
N PRO A 623 -1.40 21.80 -45.59
CA PRO A 623 -2.82 21.64 -45.24
C PRO A 623 -3.11 22.26 -43.88
N CYS A 624 -4.32 22.80 -43.76
CA CYS A 624 -4.71 23.52 -42.57
C CYS A 624 -6.14 23.14 -42.16
N LEU A 625 -6.42 23.28 -40.88
CA LEU A 625 -7.76 23.07 -40.32
C LEU A 625 -8.12 24.31 -39.52
N LEU A 626 -9.10 25.08 -40.01
CA LEU A 626 -9.48 26.33 -39.41
C LEU A 626 -10.83 26.19 -38.69
N LEU A 627 -10.95 26.85 -37.55
CA LEU A 627 -12.18 26.89 -36.80
C LEU A 627 -12.50 28.32 -36.39
N ALA A 628 -13.79 28.62 -36.28
CA ALA A 628 -14.23 29.90 -35.76
C ALA A 628 -14.09 29.88 -34.24
N LYS A 629 -14.54 30.94 -33.58
CA LYS A 629 -14.38 31.04 -32.14
C LYS A 629 -15.22 29.99 -31.42
N HIS A 630 -14.62 29.35 -30.42
CA HIS A 630 -15.31 28.57 -29.40
C HIS A 630 -16.25 27.53 -30.00
N SER A 631 -15.63 26.56 -30.70
CA SER A 631 -16.33 25.35 -31.16
C SER A 631 -17.43 25.68 -32.16
N GLN A 632 -17.07 26.43 -33.20
CA GLN A 632 -17.98 26.68 -34.31
C GLN A 632 -17.25 26.48 -35.62
N PRO A 633 -17.89 25.85 -36.60
CA PRO A 633 -17.21 25.57 -37.87
C PRO A 633 -17.00 26.83 -38.70
N LEU A 634 -16.02 26.75 -39.59
CA LEU A 634 -15.76 27.83 -40.54
C LEU A 634 -16.81 27.80 -41.63
N SER A 635 -17.63 28.85 -41.70
CA SER A 635 -18.77 28.89 -42.59
C SER A 635 -18.69 29.94 -43.69
N ASP A 636 -18.04 31.07 -43.44
CA ASP A 636 -18.02 32.15 -44.43
C ASP A 636 -17.12 31.79 -45.59
N PRO A 637 -17.64 31.75 -46.82
CA PRO A 637 -16.79 31.47 -47.99
C PRO A 637 -16.13 32.69 -48.61
N ARG A 638 -16.12 33.84 -47.95
CA ARG A 638 -15.49 35.05 -48.46
C ARG A 638 -14.01 35.12 -48.14
N LEU A 639 -13.46 34.13 -47.44
CA LEU A 639 -12.06 34.12 -47.07
C LEU A 639 -11.16 33.52 -48.15
N ILE A 640 -11.74 33.03 -49.24
CA ILE A 640 -10.94 32.45 -50.32
C ILE A 640 -10.11 33.55 -50.97
N GLY A 641 -8.80 33.34 -51.02
CA GLY A 641 -7.88 34.30 -51.59
C GLY A 641 -7.35 35.34 -50.63
N CYS A 642 -7.81 35.34 -49.38
CA CYS A 642 -7.37 36.32 -48.40
C CYS A 642 -6.00 35.93 -47.84
N LEU A 643 -5.45 36.82 -47.02
CA LEU A 643 -4.17 36.60 -46.35
C LEU A 643 -4.43 36.34 -44.87
N VAL A 644 -3.89 35.24 -44.37
CA VAL A 644 -4.12 34.81 -42.99
C VAL A 644 -2.79 34.85 -42.25
N ARG A 645 -2.76 35.58 -41.14
CA ARG A 645 -1.59 35.67 -40.28
C ARG A 645 -1.96 35.15 -38.91
N ALA A 646 -1.18 34.19 -38.41
CA ALA A 646 -1.43 33.56 -37.12
C ALA A 646 -0.20 33.65 -36.25
N GLU A 647 -0.41 33.99 -34.98
CA GLU A 647 0.66 34.03 -33.99
C GLU A 647 0.65 32.84 -33.04
N ARG A 648 -0.52 32.24 -32.81
CA ARG A 648 -0.67 31.06 -31.96
C ARG A 648 -1.32 29.96 -32.79
N PHE A 649 -0.53 28.94 -33.12
CA PHE A 649 -1.02 27.83 -33.95
C PHE A 649 -0.31 26.56 -33.52
N GLN A 650 -0.89 25.43 -33.89
CA GLN A 650 -0.36 24.12 -33.54
C GLN A 650 0.13 23.41 -34.79
N LEU A 651 1.32 22.83 -34.69
CA LEU A 651 1.87 22.00 -35.76
C LEU A 651 1.71 20.54 -35.33
N ILE A 652 1.00 19.75 -36.14
CA ILE A 652 0.66 18.38 -35.81
C ILE A 652 1.31 17.46 -36.82
N VAL A 653 2.00 16.43 -36.32
CA VAL A 653 2.65 15.43 -37.15
C VAL A 653 2.14 14.06 -36.73
N GLU A 654 1.74 13.25 -37.71
CA GLU A 654 1.28 11.90 -37.48
C GLU A 654 2.28 10.92 -38.08
N ARG A 655 2.64 9.89 -37.31
CA ARG A 655 3.64 8.92 -37.72
C ARG A 655 2.99 7.56 -37.95
N ASP A 656 3.36 6.92 -39.05
CA ASP A 656 2.90 5.57 -39.39
C ASP A 656 4.12 4.71 -39.65
N VAL A 657 4.22 3.59 -38.92
CA VAL A 657 5.38 2.71 -39.00
C VAL A 657 4.88 1.28 -39.15
N ARG A 658 5.51 0.52 -40.05
CA ARG A 658 5.20 -0.88 -40.27
C ARG A 658 6.38 -1.70 -39.75
N SER A 659 6.33 -2.03 -38.46
CA SER A 659 7.43 -2.70 -37.78
C SER A 659 7.25 -4.22 -37.79
N SER A 660 8.35 -4.92 -37.55
CA SER A 660 8.36 -6.37 -37.46
C SER A 660 9.23 -6.82 -36.29
N PHE A 661 9.09 -6.17 -35.15
CA PHE A 661 9.94 -6.48 -34.00
C PHE A 661 9.62 -7.87 -33.47
N PRO A 662 10.62 -8.70 -33.19
CA PRO A 662 10.36 -10.05 -32.68
C PRO A 662 9.82 -10.04 -31.25
N SER A 663 10.45 -9.28 -30.36
CA SER A 663 10.07 -9.26 -28.96
C SER A 663 10.61 -7.99 -28.32
N TRP A 664 10.56 -7.94 -26.99
CA TRP A 664 10.99 -6.74 -26.27
C TRP A 664 12.50 -6.59 -26.27
N LYS A 665 13.25 -7.70 -26.39
CA LYS A 665 14.71 -7.63 -26.31
C LYS A 665 15.30 -6.82 -27.46
N GLU A 666 14.75 -6.97 -28.66
CA GLU A 666 15.30 -6.36 -29.86
C GLU A 666 14.61 -5.04 -30.21
N LEU A 667 14.16 -4.28 -29.21
CA LEU A 667 13.47 -3.03 -29.46
C LEU A 667 14.42 -1.99 -30.08
N SER A 668 15.66 -1.94 -29.62
CA SER A 668 16.61 -0.93 -30.05
C SER A 668 17.42 -1.33 -31.26
N MET A 669 17.18 -2.51 -31.83
CA MET A 669 17.89 -2.91 -33.04
C MET A 669 17.41 -2.05 -34.21
N PRO A 670 18.31 -1.76 -35.17
CA PRO A 670 17.97 -0.83 -36.25
C PRO A 670 17.41 -1.45 -37.53
N GLY A 671 17.39 -2.78 -37.64
CA GLY A 671 16.98 -3.41 -38.87
C GLY A 671 15.56 -3.94 -38.89
N PHE A 672 14.72 -3.47 -37.98
CA PHE A 672 13.36 -4.00 -37.83
C PHE A 672 12.28 -2.99 -38.20
N ILE A 673 12.64 -1.94 -38.93
CA ILE A 673 11.68 -0.94 -39.41
C ILE A 673 11.78 -0.90 -40.93
N GLN A 674 10.63 -0.99 -41.60
CA GLN A 674 10.57 -1.09 -43.04
C GLN A 674 9.99 0.15 -43.71
N LYS A 675 8.81 0.59 -43.30
CA LYS A 675 8.12 1.72 -43.92
C LYS A 675 7.89 2.82 -42.91
N GLN A 676 8.15 4.06 -43.32
CA GLN A 676 7.94 5.23 -42.48
C GLN A 676 7.26 6.32 -43.30
N GLN A 677 6.36 7.05 -42.67
CA GLN A 677 5.64 8.13 -43.34
C GLN A 677 5.27 9.20 -42.32
N ALA A 678 4.99 10.39 -42.81
CA ALA A 678 4.59 11.51 -41.98
C ALA A 678 3.45 12.26 -42.64
N ARG A 679 2.79 13.12 -41.86
CA ARG A 679 1.66 13.91 -42.35
C ARG A 679 1.54 15.14 -41.48
N VAL A 680 1.80 16.32 -42.05
CA VAL A 680 1.90 17.56 -41.31
C VAL A 680 0.77 18.49 -41.74
N TYR A 681 0.10 19.09 -40.75
CA TYR A 681 -0.91 20.11 -41.01
C TYR A 681 -0.93 21.06 -39.83
N VAL A 682 -1.77 22.10 -39.94
CA VAL A 682 -1.80 23.19 -38.97
C VAL A 682 -3.23 23.41 -38.50
N GLN A 683 -3.41 23.57 -37.19
CA GLN A 683 -4.70 23.87 -36.59
C GLN A 683 -4.58 25.14 -35.76
N PHE A 684 -5.52 26.06 -35.92
CA PHE A 684 -5.54 27.26 -35.10
C PHE A 684 -6.91 27.92 -35.20
N PHE A 685 -7.30 28.59 -34.13
CA PHE A 685 -8.55 29.33 -34.11
C PHE A 685 -8.46 30.56 -34.99
N LEU A 686 -9.60 30.98 -35.53
CA LEU A 686 -9.65 32.17 -36.38
C LEU A 686 -9.84 33.46 -35.59
N ALA A 687 -10.13 33.36 -34.30
CA ALA A 687 -10.24 34.57 -33.47
C ALA A 687 -8.87 35.15 -33.13
N ASP A 688 -7.87 34.30 -32.96
CA ASP A 688 -6.53 34.74 -32.62
C ASP A 688 -5.69 35.10 -33.84
N ALA A 689 -6.25 34.97 -35.04
CA ALA A 689 -5.55 35.29 -36.27
C ALA A 689 -6.04 36.61 -36.83
N LEU A 690 -5.35 37.09 -37.86
CA LEU A 690 -5.68 38.34 -38.52
C LEU A 690 -5.84 38.09 -40.02
N ILE A 691 -6.91 38.62 -40.60
CA ILE A 691 -7.22 38.44 -42.02
C ILE A 691 -7.09 39.79 -42.71
N LEU A 692 -6.28 39.83 -43.77
CA LEU A 692 -6.03 41.06 -44.52
C LEU A 692 -6.33 40.80 -45.99
N PRO A 693 -7.18 41.60 -46.62
CA PRO A 693 -7.46 41.41 -48.05
C PRO A 693 -6.24 41.73 -48.89
N VAL A 694 -6.15 41.07 -50.04
CA VAL A 694 -5.07 41.28 -51.00
C VAL A 694 -5.51 42.37 -51.97
N PRO A 695 -4.81 43.49 -52.05
CA PRO A 695 -5.20 44.59 -52.96
C PRO A 695 -4.85 44.30 -54.42
N ARG A 696 -5.75 43.59 -55.09
CA ARG A 696 -5.53 43.26 -56.49
C ARG A 696 -5.54 44.53 -57.33
N PRO A 697 -4.69 44.62 -58.36
CA PRO A 697 -4.62 45.81 -59.23
C PRO A 697 -5.63 45.75 -60.36
N GLY A 720 -28.83 39.03 -62.43
CA GLY A 720 -28.51 37.89 -61.61
C GLY A 720 -29.72 37.21 -61.01
N GLN A 721 -29.57 35.94 -60.63
CA GLN A 721 -30.63 35.17 -60.04
C GLN A 721 -30.13 34.49 -58.77
N SER A 722 -31.04 34.32 -57.81
CA SER A 722 -30.66 33.76 -56.52
C SER A 722 -31.84 33.06 -55.89
N ARG A 723 -31.54 32.18 -54.94
CA ARG A 723 -32.55 31.45 -54.18
C ARG A 723 -31.93 30.98 -52.87
N LEU A 724 -32.66 31.12 -51.78
CA LEU A 724 -32.19 30.76 -50.46
C LEU A 724 -32.59 29.32 -50.13
N PHE A 725 -31.71 28.60 -49.44
CA PHE A 725 -31.99 27.25 -48.99
C PHE A 725 -31.26 26.99 -47.67
N LEU A 726 -31.89 26.20 -46.82
CA LEU A 726 -31.35 25.86 -45.51
C LEU A 726 -30.78 24.45 -45.55
N LEU A 727 -29.53 24.30 -45.12
CA LEU A 727 -28.85 23.01 -45.19
C LEU A 727 -29.28 22.12 -44.04
N CYS A 728 -29.50 20.84 -44.35
CA CYS A 728 -29.94 19.86 -43.37
C CYS A 728 -28.89 18.78 -43.10
N HIS A 729 -28.40 18.11 -44.14
CA HIS A 729 -27.42 17.06 -43.97
C HIS A 729 -26.51 17.03 -45.19
N LYS A 730 -25.23 16.75 -44.96
CA LYS A 730 -24.22 16.71 -46.01
C LYS A 730 -23.60 15.32 -46.07
N GLU A 731 -23.57 14.73 -47.27
CA GLU A 731 -22.97 13.41 -47.45
C GLU A 731 -21.45 13.53 -47.54
N ALA A 732 -20.79 12.38 -47.48
CA ALA A 732 -19.34 12.35 -47.49
C ALA A 732 -18.80 12.58 -48.90
N LEU A 733 -17.51 12.89 -48.97
CA LEU A 733 -16.82 13.16 -50.22
C LEU A 733 -15.98 11.94 -50.60
N MET A 734 -16.42 11.24 -51.65
CA MET A 734 -15.74 10.03 -52.10
C MET A 734 -15.97 9.87 -53.60
N LYS A 735 -15.41 8.79 -54.15
CA LYS A 735 -15.51 8.51 -55.57
C LYS A 735 -16.81 7.78 -55.86
N ARG A 736 -17.58 8.30 -56.82
CA ARG A 736 -18.88 7.75 -57.17
C ARG A 736 -18.97 7.52 -58.67
N ASN A 737 -19.83 6.59 -59.05
CA ASN A 737 -20.13 6.31 -60.46
C ASN A 737 -21.48 6.94 -60.80
N PHE A 738 -21.46 7.92 -61.70
CA PHE A 738 -22.67 8.62 -62.07
C PHE A 738 -23.57 7.74 -62.93
N CYS A 739 -24.85 8.11 -62.99
CA CYS A 739 -25.79 7.44 -63.86
C CYS A 739 -25.61 7.90 -65.31
N VAL A 740 -26.17 7.12 -66.22
CA VAL A 740 -26.16 7.50 -67.64
C VAL A 740 -27.11 8.68 -67.84
N PRO A 741 -26.66 9.79 -68.41
CA PRO A 741 -27.57 10.93 -68.60
C PRO A 741 -28.70 10.57 -69.51
N PRO A 742 -29.87 11.15 -69.31
CA PRO A 742 -31.03 10.82 -70.16
C PRO A 742 -30.79 11.20 -71.61
N GLY A 743 -30.77 10.20 -72.48
CA GLY A 743 -30.55 10.40 -73.89
C GLY A 743 -29.10 10.49 -74.33
N ALA A 744 -28.16 10.33 -73.41
CA ALA A 744 -26.74 10.40 -73.75
C ALA A 744 -26.27 9.07 -74.33
N SER A 745 -24.99 9.03 -74.70
CA SER A 745 -24.41 7.81 -75.25
C SER A 745 -24.35 6.73 -74.19
N PRO A 746 -24.59 5.47 -74.55
CA PRO A 746 -24.55 4.36 -73.57
C PRO A 746 -23.13 3.94 -73.21
N GLU A 747 -22.37 4.88 -72.65
CA GLU A 747 -21.01 4.64 -72.20
C GLU A 747 -20.94 4.76 -70.69
N VAL A 748 -20.25 3.82 -70.05
CA VAL A 748 -20.15 3.78 -68.59
C VAL A 748 -19.28 4.95 -68.14
N PRO A 749 -19.81 5.85 -67.31
CA PRO A 749 -18.99 6.97 -66.83
C PRO A 749 -17.85 6.50 -65.94
N LYS A 750 -16.71 7.17 -66.08
CA LYS A 750 -15.58 6.88 -65.22
C LYS A 750 -15.87 7.40 -63.81
N PRO A 751 -15.31 6.75 -62.78
CA PRO A 751 -15.51 7.23 -61.41
C PRO A 751 -14.99 8.65 -61.25
N ALA A 752 -15.75 9.47 -60.51
CA ALA A 752 -15.40 10.86 -60.32
C ALA A 752 -15.69 11.25 -58.87
N LEU A 753 -14.96 12.26 -58.40
CA LEU A 753 -15.14 12.76 -57.04
C LEU A 753 -16.37 13.65 -56.98
N SER A 754 -17.32 13.30 -56.11
CA SER A 754 -18.57 14.04 -56.04
C SER A 754 -19.20 13.83 -54.67
N PHE A 755 -20.08 14.77 -54.32
CA PHE A 755 -20.88 14.68 -53.10
C PHE A 755 -22.11 15.56 -53.28
N TYR A 756 -23.11 15.32 -52.45
CA TYR A 756 -24.36 16.07 -52.54
C TYR A 756 -24.89 16.35 -51.14
N VAL A 757 -25.73 17.38 -51.04
CA VAL A 757 -26.35 17.77 -49.79
C VAL A 757 -27.85 17.82 -49.97
N LEU A 758 -28.57 17.74 -48.85
CA LEU A 758 -30.03 17.80 -48.82
C LEU A 758 -30.43 19.05 -48.07
N GLY A 759 -31.20 19.92 -48.73
CA GLY A 759 -31.57 21.19 -48.14
C GLY A 759 -32.99 21.57 -48.51
N SER A 760 -33.57 22.42 -47.66
CA SER A 760 -34.94 22.89 -47.81
C SER A 760 -34.94 24.35 -48.24
N TRP A 761 -35.72 24.65 -49.27
CA TRP A 761 -35.86 26.03 -49.73
C TRP A 761 -36.54 26.88 -48.67
N LEU A 762 -36.20 28.17 -48.65
CA LEU A 762 -36.77 29.10 -47.71
C LEU A 762 -37.69 30.13 -48.34
N GLY A 763 -37.85 30.11 -49.67
CA GLY A 763 -38.70 31.07 -50.32
C GLY A 763 -38.56 30.99 -51.83
N GLY A 764 -39.22 31.94 -52.50
CA GLY A 764 -39.20 31.99 -53.94
C GLY A 764 -37.92 32.59 -54.49
N THR A 765 -37.81 32.54 -55.82
CA THR A 765 -36.62 33.05 -56.49
C THR A 765 -36.52 34.57 -56.33
N GLN A 766 -35.31 35.05 -56.11
CA GLN A 766 -35.04 36.47 -55.91
C GLN A 766 -34.25 37.01 -57.10
N ARG A 767 -34.74 38.12 -57.66
CA ARG A 767 -34.10 38.74 -58.81
C ARG A 767 -33.13 39.82 -58.36
N LYS A 768 -32.00 39.92 -59.07
CA LYS A 768 -31.01 40.93 -58.75
C LYS A 768 -31.56 42.33 -59.02
N GLU A 769 -31.34 43.23 -58.06
CA GLU A 769 -31.79 44.63 -58.15
C GLU A 769 -30.59 45.51 -57.82
N GLY A 770 -29.79 45.81 -58.85
CA GLY A 770 -28.59 46.61 -58.63
C GLY A 770 -27.64 45.90 -57.68
N THR A 771 -27.17 46.63 -56.67
CA THR A 771 -26.28 46.04 -55.68
C THR A 771 -27.00 44.96 -54.88
N GLY A 772 -28.25 45.21 -54.49
CA GLY A 772 -29.01 44.28 -53.68
C GLY A 772 -29.84 43.33 -54.52
N TRP A 773 -30.77 42.66 -53.83
CA TRP A 773 -31.66 41.69 -54.46
C TRP A 773 -33.11 42.10 -54.23
N GLY A 774 -33.94 41.85 -55.23
CA GLY A 774 -35.33 42.21 -55.16
C GLY A 774 -36.12 41.33 -54.21
N LEU A 775 -37.37 41.73 -53.98
CA LEU A 775 -38.25 40.97 -53.10
C LEU A 775 -38.50 39.59 -53.70
N PRO A 776 -38.52 38.53 -52.89
CA PRO A 776 -38.68 37.18 -53.44
C PRO A 776 -40.00 37.02 -54.17
N GLU A 777 -39.97 36.24 -55.25
CA GLU A 777 -41.18 35.91 -55.96
C GLU A 777 -42.05 35.00 -55.07
N PRO A 778 -43.37 35.03 -55.26
CA PRO A 778 -44.24 34.20 -54.42
C PRO A 778 -43.90 32.72 -54.56
N GLN A 779 -43.95 32.01 -53.44
CA GLN A 779 -43.60 30.60 -53.43
C GLN A 779 -44.59 29.80 -54.28
N GLY A 780 -44.05 28.85 -55.05
CA GLY A 780 -44.89 28.02 -55.89
C GLY A 780 -45.91 27.23 -55.12
N ASN A 781 -47.17 27.29 -55.55
CA ASN A 781 -48.26 26.59 -54.87
C ASN A 781 -48.21 25.12 -55.23
N ASP A 782 -47.15 24.46 -54.75
CA ASP A 782 -46.90 23.05 -55.01
C ASP A 782 -47.02 22.27 -53.70
N ASP A 783 -47.81 21.20 -53.72
CA ASP A 783 -47.96 20.37 -52.54
C ASP A 783 -46.74 19.51 -52.27
N ASN A 784 -45.80 19.43 -53.20
CA ASN A 784 -44.56 18.70 -52.97
C ASN A 784 -43.73 19.37 -51.88
N ASP A 785 -43.05 18.54 -51.09
CA ASP A 785 -42.23 19.05 -50.01
C ASP A 785 -41.11 19.94 -50.55
N GLN A 786 -40.83 21.03 -49.84
CA GLN A 786 -39.79 21.97 -50.25
C GLN A 786 -38.41 21.38 -49.89
N LYS A 787 -38.02 20.38 -50.68
CA LYS A 787 -36.75 19.70 -50.51
C LYS A 787 -36.08 19.54 -51.86
N VAL A 788 -34.76 19.67 -51.88
CA VAL A 788 -33.99 19.65 -53.12
C VAL A 788 -32.67 18.93 -52.88
N HIS A 789 -32.19 18.25 -53.91
CA HIS A 789 -30.89 17.60 -53.90
C HIS A 789 -29.92 18.39 -54.76
N LEU A 790 -28.78 18.77 -54.18
CA LEU A 790 -27.78 19.56 -54.88
C LEU A 790 -26.54 18.69 -55.11
N ILE A 791 -26.45 18.09 -56.29
CA ILE A 791 -25.33 17.23 -56.63
C ILE A 791 -24.14 18.09 -57.02
N PHE A 792 -23.02 17.93 -56.33
CA PHE A 792 -21.80 18.68 -56.59
C PHE A 792 -20.77 17.74 -57.20
N PHE A 793 -20.12 18.21 -58.26
CA PHE A 793 -19.04 17.45 -58.89
C PHE A 793 -18.27 18.41 -59.80
N GLY A 794 -17.34 17.86 -60.57
CA GLY A 794 -16.53 18.69 -61.45
C GLY A 794 -15.65 19.63 -60.66
N SER A 795 -15.74 20.92 -60.96
CA SER A 795 -14.92 21.93 -60.30
C SER A 795 -15.61 22.57 -59.11
N SER A 796 -16.82 22.14 -58.77
CA SER A 796 -17.56 22.71 -57.65
C SER A 796 -17.26 22.00 -56.33
N VAL A 797 -16.34 21.05 -56.33
CA VAL A 797 -16.01 20.31 -55.11
C VAL A 797 -15.30 21.17 -54.08
N ARG A 798 -14.84 22.36 -54.47
CA ARG A 798 -14.10 23.23 -53.55
C ARG A 798 -14.98 23.82 -52.46
N TRP A 799 -16.30 23.66 -52.53
CA TRP A 799 -17.22 24.19 -51.54
C TRP A 799 -17.44 23.23 -50.36
N PHE A 800 -16.73 22.11 -50.32
CA PHE A 800 -17.04 21.07 -49.34
C PHE A 800 -16.83 21.55 -47.91
N GLU A 801 -15.72 22.23 -47.64
CA GLU A 801 -15.39 22.60 -46.27
C GLU A 801 -16.14 23.82 -45.77
N PHE A 802 -16.88 24.52 -46.64
CA PHE A 802 -17.63 25.71 -46.24
C PHE A 802 -19.11 25.42 -46.02
N LEU A 803 -19.52 24.15 -46.07
CA LEU A 803 -20.91 23.77 -45.87
C LEU A 803 -21.05 23.00 -44.56
N HIS A 804 -21.97 23.43 -43.72
CA HIS A 804 -22.23 22.78 -42.44
C HIS A 804 -23.71 22.81 -42.15
N PRO A 805 -24.23 21.80 -41.44
CA PRO A 805 -25.66 21.80 -41.11
C PRO A 805 -26.04 22.94 -40.17
N GLY A 806 -27.25 23.46 -40.38
CA GLY A 806 -27.81 24.49 -39.54
C GLY A 806 -27.70 25.90 -40.11
N GLN A 807 -26.80 26.13 -41.05
CA GLN A 807 -26.63 27.45 -41.63
C GLN A 807 -27.60 27.65 -42.78
N VAL A 808 -27.77 28.91 -43.17
CA VAL A 808 -28.62 29.29 -44.29
C VAL A 808 -27.71 29.84 -45.38
N TYR A 809 -27.67 29.16 -46.52
CA TYR A 809 -26.83 29.53 -47.64
C TYR A 809 -27.70 30.03 -48.79
N ARG A 810 -27.20 31.03 -49.51
CA ARG A 810 -27.89 31.61 -50.64
C ARG A 810 -27.11 31.29 -51.91
N LEU A 811 -27.76 30.66 -52.87
CA LEU A 811 -27.15 30.41 -54.17
C LEU A 811 -27.21 31.69 -54.99
N VAL A 812 -26.06 32.10 -55.55
CA VAL A 812 -25.95 33.40 -56.20
C VAL A 812 -25.53 33.18 -57.66
N ALA A 813 -26.01 32.08 -58.24
CA ALA A 813 -25.71 31.71 -59.61
C ALA A 813 -25.91 32.89 -60.56
N PRO A 814 -24.86 33.34 -61.24
CA PRO A 814 -24.99 34.47 -62.16
C PRO A 814 -25.48 34.03 -63.53
N GLY A 815 -25.91 35.02 -64.32
CA GLY A 815 -26.36 34.79 -65.67
C GLY A 815 -27.71 35.41 -65.93
N PRO A 816 -28.32 35.08 -67.07
CA PRO A 816 -29.64 35.60 -67.39
C PRO A 816 -30.71 35.03 -66.48
N ALA A 817 -31.78 35.79 -66.32
CA ALA A 817 -32.90 35.40 -65.44
C ALA A 817 -33.79 34.37 -66.14
N THR A 818 -33.21 33.22 -66.41
CA THR A 818 -33.96 32.13 -67.04
C THR A 818 -34.86 31.46 -66.02
N PRO A 819 -36.17 31.39 -66.27
CA PRO A 819 -37.07 30.73 -65.31
C PRO A 819 -36.82 29.23 -65.26
N MET A 820 -37.24 28.64 -64.13
CA MET A 820 -37.21 27.21 -63.86
C MET A 820 -35.80 26.72 -63.54
N LEU A 821 -34.77 27.56 -63.72
CA LEU A 821 -33.40 27.12 -63.53
C LEU A 821 -33.14 26.63 -62.11
N PHE A 822 -33.92 27.11 -61.13
CA PHE A 822 -33.78 26.69 -59.75
C PHE A 822 -34.91 25.77 -59.30
N GLU A 823 -35.59 25.11 -60.24
CA GLU A 823 -36.68 24.19 -59.93
C GLU A 823 -36.26 22.74 -60.12
N LYS A 824 -35.78 22.38 -61.30
CA LYS A 824 -35.37 21.01 -61.59
C LYS A 824 -34.27 21.03 -62.64
N ASP A 825 -33.53 19.92 -62.71
CA ASP A 825 -32.48 19.76 -63.69
C ASP A 825 -33.07 19.50 -65.08
N GLY A 826 -32.58 20.24 -66.07
CA GLY A 826 -33.03 20.04 -67.44
C GLY A 826 -32.62 18.68 -67.98
N SER A 827 -33.60 17.92 -68.48
CA SER A 827 -33.30 16.59 -69.01
C SER A 827 -32.41 16.68 -70.25
N SER A 828 -32.68 17.63 -71.13
CA SER A 828 -31.92 17.74 -72.37
C SER A 828 -30.58 18.43 -72.19
N CYS A 829 -30.38 19.15 -71.10
CA CYS A 829 -29.13 19.85 -70.84
C CYS A 829 -28.19 18.94 -70.05
N ILE A 830 -27.10 19.51 -69.55
CA ILE A 830 -26.13 18.75 -68.77
C ILE A 830 -26.77 18.44 -67.41
N SER A 831 -27.01 17.15 -67.15
CA SER A 831 -27.64 16.73 -65.90
C SER A 831 -27.24 15.28 -65.64
N ARG A 832 -26.41 15.06 -64.62
CA ARG A 832 -25.97 13.73 -64.24
C ARG A 832 -26.25 13.52 -62.76
N ARG A 833 -26.53 12.27 -62.39
CA ARG A 833 -26.83 11.92 -61.01
C ARG A 833 -25.98 10.73 -60.58
N PRO A 834 -25.63 10.66 -59.30
CA PRO A 834 -24.94 9.47 -58.79
C PRO A 834 -25.85 8.25 -58.82
N LEU A 835 -25.21 7.08 -58.79
CA LEU A 835 -25.96 5.82 -58.90
C LEU A 835 -26.97 5.67 -57.77
N GLU A 836 -26.74 6.31 -56.63
CA GLU A 836 -27.67 6.23 -55.52
C GLU A 836 -28.82 7.23 -55.63
N LEU A 837 -28.82 8.08 -56.65
CA LEU A 837 -29.84 9.08 -56.86
C LEU A 837 -30.36 9.02 -58.30
N ALA A 838 -30.61 7.80 -58.77
CA ALA A 838 -30.99 7.62 -60.18
C ALA A 838 -32.39 8.16 -60.46
N GLY A 839 -33.36 7.82 -59.61
CA GLY A 839 -34.74 8.20 -59.86
C GLY A 839 -35.30 9.20 -58.87
N CYS A 840 -34.50 10.17 -58.47
CA CYS A 840 -34.96 11.17 -57.52
C CYS A 840 -35.95 12.13 -58.18
N ALA A 841 -36.96 12.53 -57.42
CA ALA A 841 -37.94 13.47 -57.93
C ALA A 841 -37.39 14.90 -57.98
N SER A 842 -36.44 15.23 -57.13
CA SER A 842 -35.86 16.56 -57.05
C SER A 842 -34.35 16.48 -57.23
N CYS A 843 -33.85 17.06 -58.32
CA CYS A 843 -32.43 17.14 -58.58
C CYS A 843 -32.09 18.52 -59.09
N LEU A 844 -30.95 19.06 -58.64
CA LEU A 844 -30.52 20.38 -59.09
C LEU A 844 -28.98 20.38 -59.10
N THR A 845 -28.41 20.12 -60.28
CA THR A 845 -26.96 20.09 -60.41
C THR A 845 -26.40 21.50 -60.37
N VAL A 846 -25.39 21.71 -59.53
CA VAL A 846 -24.74 23.00 -59.43
C VAL A 846 -23.79 23.17 -60.60
N GLN A 847 -23.61 24.41 -61.05
CA GLN A 847 -22.75 24.72 -62.17
C GLN A 847 -21.44 25.34 -61.68
N ASP A 848 -20.43 25.27 -62.55
CA ASP A 848 -19.10 25.76 -62.18
C ASP A 848 -19.11 27.26 -61.90
N ASN A 849 -19.79 28.03 -62.76
CA ASN A 849 -19.83 29.48 -62.56
C ASN A 849 -20.66 29.87 -61.35
N TRP A 850 -21.49 28.97 -60.84
CA TRP A 850 -22.29 29.27 -59.66
C TRP A 850 -21.40 29.35 -58.42
N THR A 851 -21.80 30.21 -57.49
CA THR A 851 -21.07 30.40 -56.24
C THR A 851 -22.05 30.47 -55.08
N LEU A 852 -21.52 30.35 -53.86
CA LEU A 852 -22.31 30.33 -52.65
C LEU A 852 -21.92 31.50 -51.74
N GLU A 853 -22.87 31.94 -50.92
CA GLU A 853 -22.65 33.01 -49.98
C GLU A 853 -23.37 32.70 -48.67
N LEU A 854 -22.90 33.32 -47.60
CA LEU A 854 -23.47 33.14 -46.27
C LEU A 854 -24.22 34.40 -45.87
N GLU A 855 -25.44 34.24 -45.38
CA GLU A 855 -26.27 35.36 -44.96
C GLU A 855 -25.96 35.76 -43.52
N SER A 856 -26.52 36.90 -43.12
CA SER A 856 -26.33 37.38 -41.76
C SER A 856 -27.32 36.71 -40.80
N SER A 857 -27.02 36.82 -39.51
CA SER A 857 -27.86 36.18 -38.50
C SER A 857 -29.15 36.95 -38.24
N GLN A 858 -29.10 38.28 -38.29
CA GLN A 858 -30.27 39.07 -37.94
C GLN A 858 -31.39 38.93 -38.97
N ASP A 859 -31.04 38.80 -40.25
CA ASP A 859 -32.05 38.74 -41.30
C ASP A 859 -32.91 37.48 -41.16
N ILE A 860 -32.28 36.33 -40.87
CA ILE A 860 -32.99 35.06 -40.84
C ILE A 860 -32.96 34.49 -39.43
N GLN A 861 -33.02 35.38 -38.43
CA GLN A 861 -32.95 34.95 -37.04
C GLN A 861 -34.04 33.94 -36.70
N ASP A 862 -35.19 34.01 -37.36
CA ASP A 862 -36.26 33.06 -37.11
C ASP A 862 -35.83 31.64 -37.44
N VAL A 863 -35.32 31.42 -38.65
CA VAL A 863 -34.83 30.11 -39.03
C VAL A 863 -33.56 29.76 -38.25
N LEU A 864 -32.67 30.72 -38.08
CA LEU A 864 -31.41 30.49 -37.38
C LEU A 864 -31.60 30.31 -35.89
N ASP A 865 -32.81 30.57 -35.35
CA ASP A 865 -33.08 30.27 -33.95
C ASP A 865 -33.10 28.77 -33.67
N ALA A 866 -33.18 27.94 -34.70
CA ALA A 866 -33.14 26.49 -34.55
C ALA A 866 -31.73 25.94 -34.56
N ASN A 867 -30.71 26.80 -34.42
CA ASN A 867 -29.32 26.36 -34.37
C ASN A 867 -28.94 25.89 -32.96
N LYS A 868 -29.75 24.95 -32.46
CA LYS A 868 -29.49 24.32 -31.17
C LYS A 868 -28.44 23.23 -31.36
N SER A 869 -28.27 22.38 -30.35
CA SER A 869 -27.36 21.26 -30.48
C SER A 869 -27.80 20.34 -31.61
N LEU A 870 -26.83 19.81 -32.34
CA LEU A 870 -27.13 18.94 -33.46
C LEU A 870 -27.83 17.68 -32.96
N PRO A 871 -28.71 17.10 -33.77
CA PRO A 871 -29.54 15.99 -33.28
C PRO A 871 -28.69 14.82 -32.80
N GLU A 872 -29.13 14.21 -31.70
CA GLU A 872 -28.45 13.08 -31.09
C GLU A 872 -29.48 12.02 -30.73
N SER A 873 -29.22 10.77 -31.11
CA SER A 873 -30.12 9.69 -30.76
C SER A 873 -30.08 9.44 -29.26
N SER A 874 -31.22 9.02 -28.72
CA SER A 874 -31.30 8.73 -27.30
C SER A 874 -30.41 7.55 -26.93
N LEU A 875 -29.90 7.58 -25.70
CA LEU A 875 -29.01 6.51 -25.24
C LEU A 875 -29.73 5.15 -25.26
N THR A 876 -31.02 5.14 -24.93
CA THR A 876 -31.79 3.90 -25.00
C THR A 876 -31.83 3.38 -26.43
N ASP A 877 -32.05 4.27 -27.41
CA ASP A 877 -32.05 3.86 -28.80
C ASP A 877 -30.68 3.37 -29.23
N LEU A 878 -29.62 4.04 -28.78
CA LEU A 878 -28.27 3.68 -29.21
C LEU A 878 -27.81 2.35 -28.61
N LEU A 879 -28.25 2.03 -27.40
CA LEU A 879 -27.78 0.85 -26.70
C LEU A 879 -28.82 -0.27 -26.66
N SER A 880 -29.71 -0.32 -27.64
CA SER A 880 -30.72 -1.38 -27.74
C SER A 880 -30.50 -2.17 -29.02
N ASP A 881 -30.42 -3.49 -28.89
CA ASP A 881 -30.24 -4.34 -30.06
C ASP A 881 -31.50 -4.41 -30.91
N ASN A 882 -32.67 -4.33 -30.30
CA ASN A 882 -33.94 -4.38 -31.02
C ASN A 882 -34.15 -3.15 -31.91
N PHE A 883 -33.35 -2.11 -31.75
CA PHE A 883 -33.47 -0.91 -32.58
C PHE A 883 -33.09 -1.25 -34.00
N THR A 884 -34.10 -1.34 -34.88
CA THR A 884 -33.85 -1.77 -36.25
C THR A 884 -33.18 -0.69 -37.08
N ASP A 885 -33.43 0.58 -36.76
CA ASP A 885 -32.80 1.67 -37.50
C ASP A 885 -31.29 1.63 -37.33
N SER A 886 -30.56 1.76 -38.43
CA SER A 886 -29.11 1.65 -38.45
C SER A 886 -28.42 3.00 -38.60
N LEU A 887 -29.09 4.09 -38.23
CA LEU A 887 -28.50 5.42 -38.28
C LEU A 887 -28.55 6.04 -36.90
N VAL A 888 -27.39 6.44 -36.38
CA VAL A 888 -27.29 7.08 -35.08
C VAL A 888 -26.32 8.26 -35.19
N SER A 889 -26.44 9.18 -34.22
CA SER A 889 -25.59 10.35 -34.19
C SER A 889 -25.36 10.75 -32.74
N PHE A 890 -24.14 11.19 -32.43
CA PHE A 890 -23.78 11.55 -31.07
C PHE A 890 -22.55 12.44 -31.09
N SER A 891 -22.27 13.06 -29.94
CA SER A 891 -21.06 13.83 -29.72
C SER A 891 -20.24 13.14 -28.64
N ALA A 892 -18.94 12.98 -28.89
CA ALA A 892 -18.08 12.25 -27.97
C ALA A 892 -16.69 12.86 -27.99
N GLU A 893 -15.84 12.36 -27.09
CA GLU A 893 -14.45 12.78 -26.99
C GLU A 893 -13.56 11.58 -27.26
N ILE A 894 -12.60 11.75 -28.16
CA ILE A 894 -11.74 10.64 -28.57
C ILE A 894 -10.75 10.33 -27.45
N LEU A 895 -10.67 9.05 -27.08
CA LEU A 895 -9.76 8.60 -26.02
C LEU A 895 -8.45 8.06 -26.59
N SER A 896 -8.54 7.09 -27.50
CA SER A 896 -7.35 6.49 -28.07
C SER A 896 -7.65 6.05 -29.50
N ARG A 897 -6.65 6.19 -30.37
CA ARG A 897 -6.76 5.83 -31.78
C ARG A 897 -5.65 4.84 -32.12
N THR A 898 -6.01 3.74 -32.78
CA THR A 898 -5.07 2.69 -33.11
C THR A 898 -5.27 2.27 -34.55
N LEU A 899 -4.21 1.71 -35.14
CA LEU A 899 -4.22 1.25 -36.53
C LEU A 899 -4.28 -0.28 -36.55
N CYS A 900 -5.23 -0.82 -37.31
CA CYS A 900 -5.40 -2.26 -37.45
C CYS A 900 -4.96 -2.70 -38.83
N GLU A 901 -4.17 -3.76 -38.89
CA GLU A 901 -3.64 -4.29 -40.14
C GLU A 901 -3.82 -5.79 -40.19
N PRO A 902 -3.94 -6.38 -41.39
CA PRO A 902 -4.07 -7.83 -41.52
C PRO A 902 -2.78 -8.57 -41.16
N ARG A 918 -8.14 -5.66 -44.94
CA ARG A 918 -9.08 -5.02 -44.04
C ARG A 918 -8.39 -3.98 -43.16
N ARG A 919 -7.90 -2.91 -43.77
CA ARG A 919 -7.27 -1.84 -43.03
C ARG A 919 -8.33 -1.06 -42.26
N CYS A 920 -8.11 -0.89 -40.95
CA CYS A 920 -9.07 -0.20 -40.09
C CYS A 920 -8.33 0.70 -39.11
N VAL A 921 -8.99 1.78 -38.72
CA VAL A 921 -8.51 2.67 -37.68
C VAL A 921 -9.56 2.68 -36.58
N LYS A 922 -9.39 1.80 -35.59
CA LYS A 922 -10.34 1.69 -34.51
C LYS A 922 -10.23 2.89 -33.58
N LEU A 923 -11.37 3.55 -33.33
CA LEU A 923 -11.43 4.71 -32.46
C LEU A 923 -12.23 4.37 -31.23
N THR A 924 -11.73 4.77 -30.06
CA THR A 924 -12.43 4.59 -28.79
C THR A 924 -12.89 5.96 -28.32
N VAL A 925 -14.21 6.14 -28.25
CA VAL A 925 -14.81 7.42 -27.93
C VAL A 925 -15.64 7.29 -26.66
N ALA A 926 -15.50 8.27 -25.77
CA ALA A 926 -16.33 8.36 -24.57
C ALA A 926 -17.47 9.33 -24.84
N LEU A 927 -18.70 8.84 -24.72
CA LEU A 927 -19.86 9.65 -25.05
C LEU A 927 -19.97 10.85 -24.12
N GLU A 928 -20.78 11.83 -24.55
CA GLU A 928 -21.09 13.00 -23.75
C GLU A 928 -22.57 13.29 -23.90
N THR A 929 -23.32 13.19 -22.80
CA THR A 929 -24.75 13.39 -22.82
C THR A 929 -25.18 14.08 -21.53
N ALA A 930 -26.36 14.69 -21.57
CA ALA A 930 -26.96 15.34 -20.41
C ALA A 930 -27.97 14.46 -19.71
N GLU A 931 -28.14 13.21 -20.13
CA GLU A 931 -29.09 12.29 -19.52
C GLU A 931 -28.45 11.46 -18.42
N CYS A 932 -27.40 10.71 -18.77
CA CYS A 932 -26.66 9.89 -17.82
C CYS A 932 -25.35 10.57 -17.46
N GLU A 933 -25.04 10.64 -16.18
CA GLU A 933 -23.81 11.27 -15.71
C GLU A 933 -22.61 10.33 -15.78
N PHE A 934 -22.81 9.09 -16.20
CA PHE A 934 -21.73 8.13 -16.42
C PHE A 934 -21.87 7.56 -17.82
N PRO A 935 -21.47 8.33 -18.83
CA PRO A 935 -21.68 7.88 -20.21
C PRO A 935 -20.83 6.66 -20.52
N PRO A 936 -21.28 5.80 -21.42
CA PRO A 936 -20.52 4.59 -21.75
C PRO A 936 -19.49 4.86 -22.83
N HIS A 937 -18.62 3.88 -23.01
CA HIS A 937 -17.59 3.92 -24.04
C HIS A 937 -18.08 3.22 -25.31
N LEU A 938 -17.47 3.57 -26.44
CA LEU A 938 -17.92 3.06 -27.72
C LEU A 938 -16.74 2.99 -28.68
N ASP A 939 -16.89 2.17 -29.72
CA ASP A 939 -15.86 1.96 -30.72
C ASP A 939 -16.38 2.40 -32.08
N VAL A 940 -15.55 3.12 -32.83
CA VAL A 940 -15.88 3.58 -34.18
C VAL A 940 -14.81 3.03 -35.11
N TYR A 941 -15.24 2.34 -36.16
CA TYR A 941 -14.34 1.69 -37.10
C TYR A 941 -14.38 2.43 -38.43
N ILE A 942 -13.20 2.77 -38.96
CA ILE A 942 -13.07 3.44 -40.24
C ILE A 942 -12.39 2.47 -41.20
N GLU A 943 -13.08 2.11 -42.28
CA GLU A 943 -12.56 1.11 -43.21
C GLU A 943 -11.96 1.73 -44.46
N ASP A 944 -11.61 0.88 -45.42
CA ASP A 944 -10.82 1.21 -46.61
C ASP A 944 -11.41 2.29 -47.51
N PRO A 945 -12.73 2.29 -47.82
CA PRO A 945 -13.25 3.28 -48.79
C PRO A 945 -12.89 4.71 -48.43
N HIS A 946 -12.88 5.04 -47.15
CA HIS A 946 -12.47 6.37 -46.68
C HIS A 946 -11.30 6.18 -45.73
N LEU A 947 -10.09 6.10 -46.27
CA LEU A 947 -8.98 6.01 -45.32
C LEU A 947 -7.82 6.97 -45.61
N PRO A 948 -8.05 8.19 -46.06
CA PRO A 948 -7.27 9.33 -45.57
C PRO A 948 -8.02 10.04 -44.46
N PRO A 949 -8.06 9.46 -43.24
CA PRO A 949 -9.00 9.96 -42.22
C PRO A 949 -8.86 11.46 -41.97
N SER A 950 -10.00 12.12 -41.76
CA SER A 950 -10.05 13.57 -41.76
C SER A 950 -9.16 14.17 -40.68
N LEU A 951 -8.65 15.36 -40.95
CA LEU A 951 -7.73 16.02 -40.03
C LEU A 951 -8.44 16.37 -38.74
N GLY A 952 -7.70 16.29 -37.62
CA GLY A 952 -8.20 16.65 -36.33
C GLY A 952 -8.61 15.50 -35.44
N LEU A 953 -8.78 14.30 -36.02
CA LEU A 953 -9.21 13.13 -35.25
C LEU A 953 -8.02 12.65 -34.44
N LEU A 954 -7.80 13.28 -33.30
CA LEU A 954 -6.69 12.99 -32.41
C LEU A 954 -7.20 12.76 -31.00
N PRO A 955 -6.48 11.99 -30.19
CA PRO A 955 -6.89 11.78 -28.80
C PRO A 955 -6.96 13.09 -28.03
N GLY A 956 -7.98 13.21 -27.19
CA GLY A 956 -8.19 14.40 -26.39
C GLY A 956 -9.09 15.44 -27.02
N ALA A 957 -9.44 15.30 -28.29
CA ALA A 957 -10.30 16.26 -28.97
C ALA A 957 -11.77 15.87 -28.82
N ARG A 958 -12.65 16.82 -29.09
CA ARG A 958 -14.09 16.61 -29.06
C ARG A 958 -14.62 16.67 -30.48
N VAL A 959 -15.28 15.59 -30.91
CA VAL A 959 -15.74 15.45 -32.28
C VAL A 959 -17.22 15.08 -32.27
N HIS A 960 -17.96 15.59 -33.24
CA HIS A 960 -19.37 15.28 -33.40
C HIS A 960 -19.56 14.39 -34.62
N PHE A 961 -20.05 13.17 -34.40
CA PHE A 961 -20.33 12.22 -35.46
C PHE A 961 -21.82 12.23 -35.77
N SER A 962 -22.15 12.12 -37.05
CA SER A 962 -23.53 12.15 -37.49
C SER A 962 -23.79 11.03 -38.49
N GLN A 963 -24.92 10.34 -38.32
CA GLN A 963 -25.38 9.31 -39.26
C GLN A 963 -24.35 8.19 -39.42
N LEU A 964 -24.08 7.50 -38.31
CA LEU A 964 -23.22 6.33 -38.31
C LEU A 964 -24.05 5.06 -38.37
N GLU A 965 -23.48 4.02 -38.97
CA GLU A 965 -24.12 2.71 -39.00
C GLU A 965 -23.82 1.96 -37.72
N LYS A 966 -24.85 1.36 -37.12
CA LYS A 966 -24.74 0.64 -35.87
C LYS A 966 -25.03 -0.84 -36.10
N ARG A 967 -24.17 -1.70 -35.57
CA ARG A 967 -24.33 -3.14 -35.72
C ARG A 967 -24.00 -3.82 -34.39
N VAL A 968 -24.55 -5.01 -34.21
CA VAL A 968 -24.35 -5.82 -33.01
C VAL A 968 -23.47 -7.00 -33.38
N SER A 969 -22.42 -7.24 -32.60
CA SER A 969 -21.44 -8.25 -32.92
C SER A 969 -21.88 -9.62 -32.43
N ARG A 970 -20.99 -10.61 -32.58
CA ARG A 970 -21.28 -11.96 -32.11
C ARG A 970 -21.42 -11.99 -30.58
N SER A 971 -20.54 -11.28 -29.88
CA SER A 971 -20.55 -11.26 -28.43
C SER A 971 -21.52 -10.22 -27.86
N HIS A 972 -22.51 -9.80 -28.65
CA HIS A 972 -23.56 -8.86 -28.24
C HIS A 972 -23.01 -7.47 -27.91
N ASN A 973 -21.83 -7.15 -28.42
CA ASN A 973 -21.31 -5.80 -28.26
C ASN A 973 -21.99 -4.86 -29.27
N VAL A 974 -21.85 -3.56 -29.01
CA VAL A 974 -22.40 -2.53 -29.88
C VAL A 974 -21.26 -1.66 -30.36
N TYR A 975 -21.08 -1.61 -31.68
CA TYR A 975 -20.03 -0.80 -32.29
C TYR A 975 -20.58 -0.12 -33.53
N CYS A 976 -20.10 1.09 -33.79
CA CYS A 976 -20.59 1.90 -34.90
C CYS A 976 -19.57 1.91 -36.03
N CYS A 977 -20.03 1.58 -37.24
CA CYS A 977 -19.17 1.57 -38.41
C CYS A 977 -19.13 2.95 -39.05
N PHE A 978 -18.45 3.05 -40.19
CA PHE A 978 -18.29 4.29 -40.93
C PHE A 978 -18.79 4.07 -42.34
N ARG A 979 -19.89 4.70 -42.70
CA ARG A 979 -20.51 4.52 -44.01
C ARG A 979 -20.35 5.79 -44.85
N SER A 980 -20.79 5.69 -46.11
CA SER A 980 -20.66 6.79 -47.06
C SER A 980 -21.56 7.97 -46.74
N SER A 981 -22.51 7.82 -45.82
CA SER A 981 -23.42 8.89 -45.43
C SER A 981 -23.05 9.47 -44.08
N THR A 982 -21.77 9.56 -43.78
CA THR A 982 -21.29 10.01 -42.48
C THR A 982 -20.70 11.41 -42.58
N TYR A 983 -21.12 12.29 -41.69
CA TYR A 983 -20.60 13.66 -41.60
C TYR A 983 -19.91 13.83 -40.26
N VAL A 984 -18.65 14.26 -40.29
CA VAL A 984 -17.82 14.38 -39.10
C VAL A 984 -17.37 15.83 -38.97
N GLN A 985 -17.57 16.41 -37.79
CA GLN A 985 -17.19 17.79 -37.52
C GLN A 985 -16.36 17.83 -36.24
N VAL A 986 -15.23 18.54 -36.30
CA VAL A 986 -14.33 18.68 -35.16
C VAL A 986 -14.68 19.95 -34.41
N LEU A 987 -14.80 19.86 -33.09
CA LEU A 987 -15.25 20.97 -32.26
C LEU A 987 -14.11 21.67 -31.52
N SER A 988 -13.31 20.93 -30.78
CA SER A 988 -12.24 21.52 -29.98
C SER A 988 -10.94 20.76 -30.19
N PHE A 989 -9.84 21.48 -30.10
CA PHE A 989 -8.52 20.91 -30.27
C PHE A 989 -8.04 20.25 -28.98
N PRO A 990 -7.11 19.30 -29.07
CA PRO A 990 -6.59 18.65 -27.87
C PRO A 990 -5.91 19.67 -26.96
N PRO A 991 -6.06 19.51 -25.65
CA PRO A 991 -5.40 20.44 -24.72
C PRO A 991 -3.88 20.32 -24.79
N GLU A 992 -3.22 21.46 -24.54
CA GLU A 992 -1.76 21.48 -24.59
C GLU A 992 -1.16 20.60 -23.50
N THR A 993 -1.73 20.63 -22.30
CA THR A 993 -1.27 19.82 -21.19
C THR A 993 -2.35 18.82 -20.81
N THR A 994 -1.96 17.55 -20.67
CA THR A 994 -2.90 16.48 -20.31
C THR A 994 -3.01 16.42 -18.79
N ILE A 995 -4.02 17.09 -18.25
CA ILE A 995 -4.24 17.08 -16.82
C ILE A 995 -4.67 15.69 -16.37
N SER A 996 -4.40 15.38 -15.12
CA SER A 996 -4.74 14.08 -14.53
C SER A 996 -6.03 14.17 -13.74
N VAL A 997 -6.70 13.03 -13.61
CA VAL A 997 -7.94 12.94 -12.84
C VAL A 997 -7.94 11.67 -12.02
N PRO A 998 -8.23 11.79 -10.72
CA PRO A 998 -8.29 10.61 -9.86
C PRO A 998 -9.60 9.87 -9.99
N LEU A 999 -9.55 8.54 -9.90
CA LEU A 999 -10.77 7.74 -10.00
C LEU A 999 -11.62 7.92 -8.73
N PRO A 1000 -12.94 7.82 -8.87
CA PRO A 1000 -13.80 7.99 -7.70
C PRO A 1000 -13.61 6.86 -6.69
N HIS A 1001 -13.91 7.17 -5.43
CA HIS A 1001 -13.81 6.22 -4.33
C HIS A 1001 -15.22 5.82 -3.90
N ILE A 1002 -15.53 4.53 -4.00
CA ILE A 1002 -16.86 4.02 -3.73
C ILE A 1002 -16.76 2.79 -2.85
N TYR A 1003 -17.90 2.38 -2.30
CA TYR A 1003 -18.05 1.08 -1.68
C TYR A 1003 -18.55 0.09 -2.74
N LEU A 1004 -18.22 -1.19 -2.54
CA LEU A 1004 -18.60 -2.21 -3.50
C LEU A 1004 -20.09 -2.51 -3.49
N ALA A 1005 -20.83 -2.02 -2.50
CA ALA A 1005 -22.26 -2.26 -2.46
C ALA A 1005 -23.01 -1.36 -3.46
N GLU A 1006 -22.45 -0.21 -3.79
CA GLU A 1006 -23.12 0.72 -4.69
C GLU A 1006 -23.26 0.17 -6.10
N LEU A 1007 -22.39 -0.76 -6.51
CA LEU A 1007 -22.50 -1.34 -7.83
C LEU A 1007 -23.66 -2.33 -7.93
N LEU A 1008 -24.17 -2.83 -6.81
CA LEU A 1008 -25.30 -3.72 -6.81
C LEU A 1008 -26.64 -2.99 -6.78
N GLN A 1009 -26.63 -1.67 -6.67
CA GLN A 1009 -27.83 -0.86 -6.82
C GLN A 1009 -27.76 -0.16 -8.17
N GLY A 1010 -28.68 -0.51 -9.07
CA GLY A 1010 -28.57 -0.14 -10.47
C GLY A 1010 -28.84 1.31 -10.79
N GLY A 1011 -28.79 2.19 -9.79
CA GLY A 1011 -29.01 3.60 -10.06
C GLY A 1011 -27.73 4.39 -10.29
N GLN A 1012 -27.36 4.56 -11.56
CA GLN A 1012 -26.26 5.42 -11.97
C GLN A 1012 -24.96 5.10 -11.23
N SER A 1013 -24.48 3.88 -11.44
CA SER A 1013 -23.24 3.53 -10.76
C SER A 1013 -22.05 3.59 -11.72
N PRO A 1014 -20.90 4.07 -11.27
CA PRO A 1014 -19.73 4.11 -12.15
C PRO A 1014 -19.14 2.72 -12.36
N PHE A 1015 -18.38 2.59 -13.44
CA PHE A 1015 -17.75 1.32 -13.80
C PHE A 1015 -16.23 1.39 -13.76
N GLN A 1016 -15.66 2.47 -13.23
CA GLN A 1016 -14.21 2.61 -13.08
C GLN A 1016 -13.97 3.38 -11.79
N ALA A 1017 -13.67 2.66 -10.71
CA ALA A 1017 -13.49 3.28 -9.41
C ALA A 1017 -12.50 2.46 -8.61
N THR A 1018 -12.20 2.93 -7.40
CA THR A 1018 -11.28 2.26 -6.49
C THR A 1018 -12.00 1.95 -5.18
N ALA A 1019 -11.50 0.93 -4.47
CA ALA A 1019 -12.07 0.53 -3.20
C ALA A 1019 -10.99 -0.09 -2.33
N SER A 1020 -11.23 -0.11 -1.03
CA SER A 1020 -10.30 -0.67 -0.05
C SER A 1020 -10.81 -2.04 0.36
N CYS A 1021 -10.48 -3.05 -0.43
CA CYS A 1021 -10.93 -4.42 -0.19
C CYS A 1021 -9.89 -5.19 0.61
N HIS A 1022 -10.31 -6.37 1.07
CA HIS A 1022 -9.45 -7.29 1.81
C HIS A 1022 -9.53 -8.64 1.15
N ILE A 1023 -8.37 -9.19 0.77
CA ILE A 1023 -8.35 -10.50 0.12
C ILE A 1023 -8.86 -11.57 1.07
N VAL A 1024 -9.59 -12.54 0.51
CA VAL A 1024 -10.20 -13.61 1.30
C VAL A 1024 -9.63 -14.97 0.91
N SER A 1025 -9.62 -15.27 -0.39
CA SER A 1025 -9.14 -16.56 -0.86
C SER A 1025 -8.63 -16.43 -2.29
N VAL A 1026 -8.12 -17.54 -2.81
CA VAL A 1026 -7.59 -17.61 -4.17
C VAL A 1026 -8.21 -18.82 -4.86
N PHE A 1027 -8.67 -18.62 -6.10
CA PHE A 1027 -9.34 -19.68 -6.83
C PHE A 1027 -8.38 -20.50 -7.68
N SER A 1028 -7.58 -19.84 -8.54
CA SER A 1028 -6.67 -20.55 -9.41
C SER A 1028 -5.43 -19.71 -9.64
N LEU A 1029 -4.48 -20.28 -10.37
CA LEU A 1029 -3.23 -19.59 -10.70
C LEU A 1029 -2.55 -20.34 -11.83
N GLN A 1030 -2.17 -19.61 -12.88
CA GLN A 1030 -1.54 -20.20 -14.05
C GLN A 1030 -0.29 -19.39 -14.42
N LEU A 1031 0.77 -20.11 -14.79
CA LEU A 1031 2.01 -19.51 -15.28
C LEU A 1031 2.44 -20.25 -16.53
N PHE A 1032 2.81 -19.51 -17.57
CA PHE A 1032 3.15 -20.08 -18.86
C PHE A 1032 4.53 -19.62 -19.30
N TRP A 1033 4.97 -20.18 -20.42
CA TRP A 1033 6.13 -19.70 -21.18
C TRP A 1033 5.81 -19.99 -22.65
N VAL A 1034 5.21 -19.02 -23.32
CA VAL A 1034 4.63 -19.22 -24.64
C VAL A 1034 5.60 -18.75 -25.71
N CYS A 1035 5.35 -19.18 -26.94
CA CYS A 1035 6.14 -18.74 -28.08
C CYS A 1035 5.72 -17.35 -28.53
N ALA A 1036 6.68 -16.56 -28.97
CA ALA A 1036 6.42 -15.16 -29.29
C ALA A 1036 5.62 -14.98 -30.57
N TYR A 1037 5.60 -15.98 -31.45
CA TYR A 1037 4.90 -15.87 -32.73
C TYR A 1037 3.60 -16.66 -32.76
N CYS A 1038 3.66 -17.96 -32.49
CA CYS A 1038 2.50 -18.83 -32.60
C CYS A 1038 1.72 -18.96 -31.28
N THR A 1039 2.23 -18.38 -30.19
CA THR A 1039 1.57 -18.43 -28.89
C THR A 1039 1.29 -19.86 -28.44
N SER A 1040 2.31 -20.70 -28.52
CA SER A 1040 2.25 -22.07 -28.04
C SER A 1040 3.22 -22.26 -26.88
N ILE A 1041 2.88 -23.18 -25.99
CA ILE A 1041 3.68 -23.38 -24.79
C ILE A 1041 5.06 -23.91 -25.15
N CYS A 1042 6.09 -23.27 -24.62
CA CYS A 1042 7.47 -23.62 -24.92
C CYS A 1042 8.08 -24.43 -23.78
N ARG A 1043 9.20 -25.08 -24.09
CA ARG A 1043 9.96 -25.86 -23.12
C ARG A 1043 11.43 -25.54 -23.31
N GLN A 1044 12.04 -24.89 -22.32
CA GLN A 1044 13.44 -24.46 -22.39
C GLN A 1044 13.70 -23.59 -23.62
N GLY A 1045 12.77 -22.69 -23.92
CA GLY A 1045 12.90 -21.83 -25.08
C GLY A 1045 12.81 -22.56 -26.40
N LYS A 1046 11.91 -23.52 -26.53
CA LYS A 1046 11.70 -24.24 -27.78
C LYS A 1046 10.21 -24.36 -28.05
N CYS A 1047 9.79 -23.96 -29.24
CA CYS A 1047 8.39 -24.07 -29.63
C CYS A 1047 8.03 -25.52 -29.88
N THR A 1048 6.80 -25.89 -29.50
CA THR A 1048 6.33 -27.26 -29.74
C THR A 1048 6.20 -27.54 -31.24
N ARG A 1049 5.72 -26.55 -32.00
CA ARG A 1049 5.60 -26.67 -33.44
C ARG A 1049 6.72 -25.94 -34.18
N LEU A 1050 7.92 -25.92 -33.60
CA LEU A 1050 9.05 -25.23 -34.21
C LEU A 1050 9.40 -25.89 -35.55
N GLY A 1051 9.77 -25.06 -36.52
CA GLY A 1051 10.01 -25.53 -37.87
C GLY A 1051 8.77 -25.62 -38.73
N SER A 1052 7.59 -25.37 -38.16
CA SER A 1052 6.35 -25.36 -38.91
C SER A 1052 5.57 -24.06 -38.77
N THR A 1053 5.73 -23.34 -37.65
CA THR A 1053 5.02 -22.09 -37.43
C THR A 1053 5.89 -20.97 -36.89
N CYS A 1054 7.10 -21.25 -36.45
CA CYS A 1054 7.97 -20.22 -35.86
C CYS A 1054 9.35 -20.28 -36.48
N PRO A 1055 9.95 -19.12 -36.78
CA PRO A 1055 11.29 -19.09 -37.38
C PRO A 1055 12.44 -18.93 -36.40
N THR A 1056 12.18 -18.67 -35.13
CA THR A 1056 13.24 -18.42 -34.15
C THR A 1056 12.88 -19.10 -32.84
N GLN A 1057 13.63 -18.77 -31.79
CA GLN A 1057 13.41 -19.33 -30.45
C GLN A 1057 13.28 -18.15 -29.48
N THR A 1058 12.06 -17.65 -29.31
CA THR A 1058 11.79 -16.54 -28.42
C THR A 1058 10.67 -16.95 -27.46
N ALA A 1059 10.91 -16.73 -26.16
CA ALA A 1059 9.96 -17.12 -25.12
C ALA A 1059 9.58 -15.92 -24.28
N ILE A 1060 8.28 -15.79 -23.99
CA ILE A 1060 7.77 -14.75 -23.13
C ILE A 1060 6.89 -15.39 -22.06
N SER A 1061 6.75 -14.69 -20.94
CA SER A 1061 6.03 -15.20 -19.79
C SER A 1061 4.65 -14.55 -19.68
N GLN A 1062 3.71 -15.30 -19.11
CA GLN A 1062 2.37 -14.82 -18.87
C GLN A 1062 1.85 -15.42 -17.57
N ALA A 1063 0.85 -14.77 -16.98
CA ALA A 1063 0.34 -15.20 -15.68
C ALA A 1063 -1.10 -14.74 -15.51
N ILE A 1064 -1.90 -15.57 -14.87
CA ILE A 1064 -3.29 -15.28 -14.54
C ILE A 1064 -3.52 -15.63 -13.08
N ILE A 1065 -4.54 -15.02 -12.48
CA ILE A 1065 -4.92 -15.31 -11.10
C ILE A 1065 -6.32 -14.76 -10.89
N ARG A 1066 -7.08 -15.42 -10.01
CA ARG A 1066 -8.47 -15.05 -9.73
C ARG A 1066 -8.64 -14.93 -8.23
N LEU A 1067 -8.66 -13.70 -7.72
CA LEU A 1067 -8.78 -13.44 -6.29
C LEU A 1067 -10.24 -13.57 -5.87
N LEU A 1068 -10.52 -13.19 -4.62
CA LEU A 1068 -11.90 -13.08 -4.13
C LEU A 1068 -11.86 -12.08 -2.98
N VAL A 1069 -12.28 -10.85 -3.25
CA VAL A 1069 -12.11 -9.75 -2.32
C VAL A 1069 -13.47 -9.28 -1.82
N GLU A 1070 -13.45 -8.57 -0.69
CA GLU A 1070 -14.64 -7.93 -0.13
C GLU A 1070 -14.18 -6.74 0.70
N ASP A 1071 -15.10 -5.80 0.90
CA ASP A 1071 -14.77 -4.56 1.61
C ASP A 1071 -15.83 -4.19 2.63
N GLY A 1072 -16.39 -5.19 3.31
CA GLY A 1072 -17.33 -4.94 4.38
C GLY A 1072 -18.75 -4.62 3.95
N THR A 1073 -19.03 -4.57 2.65
CA THR A 1073 -20.38 -4.28 2.18
C THR A 1073 -20.86 -5.29 1.15
N ALA A 1074 -19.94 -5.85 0.37
CA ALA A 1074 -20.31 -6.78 -0.69
C ALA A 1074 -19.10 -7.63 -1.06
N GLU A 1075 -19.36 -8.68 -1.84
CA GLU A 1075 -18.35 -9.62 -2.28
C GLU A 1075 -18.15 -9.53 -3.78
N ALA A 1076 -16.91 -9.70 -4.23
CA ALA A 1076 -16.58 -9.64 -5.65
C ALA A 1076 -15.36 -10.51 -5.93
N VAL A 1077 -15.26 -10.97 -7.18
CA VAL A 1077 -14.15 -11.79 -7.64
C VAL A 1077 -13.37 -11.00 -8.67
N VAL A 1078 -12.05 -10.93 -8.49
CA VAL A 1078 -11.18 -10.05 -9.26
C VAL A 1078 -10.21 -10.90 -10.07
N THR A 1079 -10.05 -10.57 -11.35
CA THR A 1079 -9.11 -11.24 -12.24
C THR A 1079 -7.94 -10.32 -12.53
N CYS A 1080 -6.72 -10.84 -12.45
CA CYS A 1080 -5.51 -10.08 -12.70
C CYS A 1080 -4.66 -10.80 -13.74
N ARG A 1081 -3.85 -10.03 -14.45
CA ARG A 1081 -3.02 -10.57 -15.52
C ARG A 1081 -1.64 -9.93 -15.48
N ASN A 1082 -0.65 -10.69 -15.96
CA ASN A 1082 0.72 -10.20 -16.21
C ASN A 1082 1.32 -9.72 -14.87
N HIS A 1083 2.04 -8.59 -14.87
CA HIS A 1083 2.76 -8.15 -13.68
C HIS A 1083 1.85 -7.86 -12.50
N HIS A 1084 0.55 -7.66 -12.74
CA HIS A 1084 -0.38 -7.51 -11.63
C HIS A 1084 -0.46 -8.78 -10.79
N VAL A 1085 -0.10 -9.93 -11.35
CA VAL A 1085 -0.01 -11.15 -10.56
C VAL A 1085 1.07 -11.01 -9.50
N ALA A 1086 2.27 -10.59 -9.93
CA ALA A 1086 3.35 -10.36 -8.98
C ALA A 1086 3.02 -9.25 -7.99
N ALA A 1087 2.28 -8.24 -8.47
CA ALA A 1087 1.87 -7.16 -7.58
C ALA A 1087 0.93 -7.67 -6.49
N ALA A 1088 0.01 -8.56 -6.84
CA ALA A 1088 -0.95 -9.07 -5.87
C ALA A 1088 -0.30 -10.04 -4.90
N LEU A 1089 0.62 -10.87 -5.38
CA LEU A 1089 1.27 -11.86 -4.52
C LEU A 1089 2.23 -11.23 -3.51
N GLY A 1090 2.53 -9.95 -3.64
CA GLY A 1090 3.44 -9.30 -2.72
C GLY A 1090 4.86 -9.84 -2.79
N LEU A 1091 5.37 -10.01 -4.00
CA LEU A 1091 6.71 -10.54 -4.22
C LEU A 1091 7.61 -9.47 -4.81
N CYS A 1092 8.87 -9.46 -4.39
CA CYS A 1092 9.85 -8.54 -4.94
C CYS A 1092 10.22 -8.97 -6.37
N PRO A 1093 10.69 -8.03 -7.19
CA PRO A 1093 11.03 -8.39 -8.58
C PRO A 1093 12.04 -9.51 -8.72
N ARG A 1094 13.04 -9.58 -7.82
CA ARG A 1094 14.02 -10.66 -7.89
C ARG A 1094 13.36 -12.00 -7.63
N GLU A 1095 12.50 -12.08 -6.62
CA GLU A 1095 11.79 -13.33 -6.34
C GLU A 1095 10.88 -13.71 -7.50
N TRP A 1096 10.22 -12.72 -8.11
CA TRP A 1096 9.38 -12.99 -9.27
C TRP A 1096 10.20 -13.56 -10.43
N ALA A 1097 11.37 -12.97 -10.68
CA ALA A 1097 12.23 -13.47 -11.76
C ALA A 1097 12.71 -14.89 -11.47
N SER A 1098 13.11 -15.16 -10.23
CA SER A 1098 13.54 -16.50 -9.87
C SER A 1098 12.41 -17.51 -10.02
N LEU A 1099 11.19 -17.13 -9.60
CA LEU A 1099 10.04 -18.01 -9.75
C LEU A 1099 9.76 -18.30 -11.21
N LEU A 1100 9.80 -17.28 -12.07
CA LEU A 1100 9.58 -17.51 -13.49
C LEU A 1100 10.66 -18.40 -14.10
N ASP A 1101 11.92 -18.18 -13.70
CA ASP A 1101 13.01 -19.01 -14.22
C ASP A 1101 12.82 -20.46 -13.81
N PHE A 1102 12.38 -20.70 -12.58
CA PHE A 1102 12.06 -22.06 -12.17
C PHE A 1102 10.91 -22.64 -12.98
N VAL A 1103 9.89 -21.81 -13.24
CA VAL A 1103 8.73 -22.28 -14.02
C VAL A 1103 9.13 -22.61 -15.45
N GLN A 1104 10.21 -22.00 -15.94
CA GLN A 1104 10.62 -22.20 -17.33
C GLN A 1104 11.01 -23.64 -17.63
N VAL A 1105 11.30 -24.46 -16.62
CA VAL A 1105 11.84 -25.80 -16.86
C VAL A 1105 10.75 -26.73 -17.38
N PRO A 1106 9.62 -26.96 -16.67
CA PRO A 1106 8.62 -27.89 -17.21
C PRO A 1106 7.76 -27.26 -18.30
N GLY A 1107 7.49 -25.97 -18.18
CA GLY A 1107 6.72 -25.28 -19.18
C GLY A 1107 5.45 -24.62 -18.67
N ARG A 1108 4.77 -25.27 -17.73
CA ARG A 1108 3.49 -24.77 -17.25
C ARG A 1108 3.30 -25.17 -15.80
N VAL A 1109 2.58 -24.33 -15.06
CA VAL A 1109 2.17 -24.60 -13.68
C VAL A 1109 0.74 -24.15 -13.52
N VAL A 1110 -0.17 -25.08 -13.25
CA VAL A 1110 -1.59 -24.81 -13.14
C VAL A 1110 -2.10 -25.37 -11.82
N LEU A 1111 -2.81 -24.54 -11.06
CA LEU A 1111 -3.40 -24.96 -9.79
C LEU A 1111 -4.87 -24.56 -9.78
N GLN A 1112 -5.73 -25.48 -9.37
CA GLN A 1112 -7.17 -25.25 -9.27
C GLN A 1112 -7.57 -25.51 -7.81
N PHE A 1113 -7.45 -24.47 -6.98
CA PHE A 1113 -7.78 -24.61 -5.57
C PHE A 1113 -9.26 -24.93 -5.38
N ALA A 1114 -10.13 -24.25 -6.12
CA ALA A 1114 -11.56 -24.48 -6.02
C ALA A 1114 -12.22 -24.16 -7.36
N GLY A 1115 -13.18 -24.99 -7.75
CA GLY A 1115 -13.88 -24.80 -8.99
C GLY A 1115 -13.99 -26.08 -9.79
N PRO A 1116 -14.96 -26.13 -10.71
CA PRO A 1116 -15.18 -27.31 -11.56
C PRO A 1116 -14.28 -27.33 -12.79
N GLU A 1128 6.37 -32.36 -5.49
CA GLU A 1128 6.80 -31.15 -6.18
C GLU A 1128 6.96 -29.98 -5.21
N PRO A 1129 8.21 -29.54 -5.00
CA PRO A 1129 8.42 -28.38 -4.11
C PRO A 1129 7.74 -27.12 -4.60
N MET A 1130 7.63 -26.92 -5.92
CA MET A 1130 6.95 -25.74 -6.44
C MET A 1130 5.48 -25.74 -6.05
N THR A 1131 4.81 -26.88 -6.20
CA THR A 1131 3.40 -26.96 -5.86
C THR A 1131 3.17 -26.71 -4.38
N MET A 1132 4.00 -27.32 -3.52
CA MET A 1132 3.83 -27.12 -2.09
C MET A 1132 4.11 -25.68 -1.68
N PHE A 1133 5.14 -25.06 -2.28
CA PHE A 1133 5.44 -23.68 -1.97
C PHE A 1133 4.30 -22.75 -2.38
N LEU A 1134 3.76 -22.96 -3.59
CA LEU A 1134 2.64 -22.13 -4.02
C LEU A 1134 1.41 -22.35 -3.16
N TRP A 1135 1.15 -23.60 -2.78
CA TRP A 1135 0.00 -23.90 -1.92
C TRP A 1135 0.14 -23.21 -0.57
N THR A 1136 1.35 -23.26 0.01
CA THR A 1136 1.57 -22.60 1.29
C THR A 1136 1.43 -21.08 1.17
N LEU A 1137 1.97 -20.51 0.08
CA LEU A 1137 1.89 -19.06 -0.08
C LEU A 1137 0.45 -18.59 -0.30
N CYS A 1138 -0.35 -19.37 -1.04
CA CYS A 1138 -1.69 -18.96 -1.39
C CYS A 1138 -2.66 -18.99 -0.21
N THR A 1139 -2.26 -19.57 0.93
CA THR A 1139 -3.13 -19.64 2.09
C THR A 1139 -2.55 -18.97 3.33
N SER A 1140 -1.32 -18.48 3.27
CA SER A 1140 -0.71 -17.82 4.41
C SER A 1140 -1.29 -16.42 4.58
N PRO A 1141 -1.19 -15.85 5.79
CA PRO A 1141 -1.62 -14.45 5.97
C PRO A 1141 -0.71 -13.43 5.32
N SER A 1142 0.35 -13.87 4.61
CA SER A 1142 1.17 -12.93 3.88
C SER A 1142 0.49 -12.44 2.60
N VAL A 1143 -0.44 -13.24 2.07
CA VAL A 1143 -1.20 -12.87 0.89
C VAL A 1143 -2.56 -12.29 1.27
N LEU A 1144 -3.27 -12.93 2.18
CA LEU A 1144 -4.59 -12.47 2.62
C LEU A 1144 -4.41 -11.25 3.51
N ARG A 1145 -4.23 -10.10 2.86
CA ARG A 1145 -3.91 -8.84 3.49
C ARG A 1145 -4.82 -7.74 2.94
N PRO A 1146 -5.03 -6.67 3.71
CA PRO A 1146 -5.81 -5.54 3.18
C PRO A 1146 -5.01 -4.80 2.11
N ILE A 1147 -5.69 -4.44 1.03
CA ILE A 1147 -5.07 -3.76 -0.11
C ILE A 1147 -6.00 -2.66 -0.58
N VAL A 1148 -5.48 -1.85 -1.51
CA VAL A 1148 -6.27 -0.81 -2.18
C VAL A 1148 -6.27 -1.15 -3.66
N LEU A 1149 -7.45 -1.37 -4.22
CA LEU A 1149 -7.60 -1.89 -5.58
C LEU A 1149 -8.31 -0.88 -6.46
N SER A 1150 -7.76 -0.64 -7.64
CA SER A 1150 -8.39 0.18 -8.67
C SER A 1150 -8.88 -0.76 -9.76
N PHE A 1151 -10.19 -0.94 -9.85
CA PHE A 1151 -10.79 -1.98 -10.68
C PHE A 1151 -11.62 -1.38 -11.80
N GLU A 1152 -11.90 -2.20 -12.80
CA GLU A 1152 -12.79 -1.85 -13.90
C GLU A 1152 -13.76 -3.01 -14.11
N LEU A 1153 -15.03 -2.68 -14.29
CA LEU A 1153 -16.04 -3.71 -14.49
C LEU A 1153 -15.72 -4.54 -15.74
N GLU A 1154 -15.80 -5.86 -15.60
CA GLU A 1154 -15.40 -6.75 -16.70
C GLU A 1154 -16.36 -6.63 -17.87
N ARG A 1155 -17.67 -6.68 -17.60
CA ARG A 1155 -18.66 -6.52 -18.65
C ARG A 1155 -18.62 -5.08 -19.16
N LYS A 1156 -18.22 -4.90 -20.41
CA LYS A 1156 -18.05 -3.57 -20.96
C LYS A 1156 -19.39 -2.84 -21.02
N PRO A 1157 -19.39 -1.51 -20.89
CA PRO A 1157 -20.66 -0.77 -20.92
C PRO A 1157 -21.43 -0.95 -22.21
N SER A 1158 -20.73 -1.16 -23.34
CA SER A 1158 -21.42 -1.32 -24.61
C SER A 1158 -22.24 -2.62 -24.64
N LYS A 1159 -21.73 -3.68 -24.00
CA LYS A 1159 -22.40 -4.96 -24.02
C LYS A 1159 -23.78 -4.86 -23.37
N ILE A 1160 -24.76 -5.57 -23.94
CA ILE A 1160 -26.13 -5.56 -23.45
C ILE A 1160 -26.66 -6.99 -23.49
N VAL A 1161 -26.83 -7.59 -22.32
CA VAL A 1161 -27.44 -8.92 -22.22
C VAL A 1161 -27.94 -9.14 -20.79
N PRO A 1162 -28.97 -8.39 -20.34
CA PRO A 1162 -29.53 -8.67 -19.01
C PRO A 1162 -30.50 -9.84 -19.03
N LEU A 1163 -30.07 -11.00 -18.54
CA LEU A 1163 -30.92 -12.19 -18.55
C LEU A 1163 -30.76 -13.04 -17.30
N GLU A 1164 -30.31 -12.47 -16.17
CA GLU A 1164 -29.93 -13.26 -15.02
C GLU A 1164 -31.04 -13.25 -13.98
N PRO A 1165 -31.68 -14.38 -13.70
CA PRO A 1165 -32.60 -14.47 -12.56
C PRO A 1165 -31.88 -14.93 -11.32
N PRO A 1166 -32.40 -14.62 -10.12
CA PRO A 1166 -31.73 -15.05 -8.90
C PRO A 1166 -31.69 -16.57 -8.76
N ARG A 1167 -30.62 -17.07 -8.16
CA ARG A 1167 -30.43 -18.49 -7.94
C ARG A 1167 -30.97 -18.89 -6.57
N LEU A 1168 -30.66 -20.11 -6.13
CA LEU A 1168 -31.16 -20.62 -4.86
C LEU A 1168 -30.12 -21.59 -4.30
N GLN A 1169 -29.59 -21.29 -3.12
CA GLN A 1169 -28.54 -22.10 -2.50
C GLN A 1169 -28.97 -22.53 -1.10
N ARG A 1170 -28.07 -23.22 -0.41
CA ARG A 1170 -28.40 -23.99 0.80
C ARG A 1170 -27.40 -23.73 1.92
N PHE A 1171 -27.15 -22.45 2.24
CA PHE A 1171 -26.29 -22.12 3.37
C PHE A 1171 -26.77 -22.81 4.64
N GLN A 1172 -25.81 -23.28 5.44
CA GLN A 1172 -26.10 -24.02 6.67
C GLN A 1172 -25.21 -23.48 7.79
N CYS A 1173 -25.80 -22.72 8.72
CA CYS A 1173 -25.04 -22.14 9.82
C CYS A 1173 -25.09 -22.98 11.09
N GLY A 1174 -26.28 -23.16 11.66
CA GLY A 1174 -26.41 -23.85 12.93
C GLY A 1174 -26.81 -25.32 12.80
N GLU A 1175 -26.14 -26.05 11.91
CA GLU A 1175 -26.49 -27.45 11.64
C GLU A 1175 -27.96 -27.56 11.22
N LEU A 1176 -28.44 -26.55 10.53
CA LEU A 1176 -29.85 -26.48 10.10
C LEU A 1176 -29.91 -25.78 8.76
N PRO A 1177 -29.70 -26.53 7.67
CA PRO A 1177 -29.64 -25.91 6.34
C PRO A 1177 -30.93 -25.18 6.01
N PHE A 1178 -30.80 -24.04 5.33
CA PHE A 1178 -31.91 -23.24 4.86
C PHE A 1178 -31.64 -22.80 3.42
N LEU A 1179 -32.69 -22.32 2.76
CA LEU A 1179 -32.62 -21.95 1.36
C LEU A 1179 -32.81 -20.44 1.22
N THR A 1180 -31.97 -19.82 0.39
CA THR A 1180 -32.00 -18.38 0.18
C THR A 1180 -31.81 -18.08 -1.30
N HIS A 1181 -32.31 -16.92 -1.73
CA HIS A 1181 -32.16 -16.45 -3.10
C HIS A 1181 -30.91 -15.57 -3.17
N VAL A 1182 -29.94 -16.00 -3.97
CA VAL A 1182 -28.65 -15.30 -4.05
C VAL A 1182 -28.50 -14.67 -5.43
N ASN A 1183 -27.85 -13.51 -5.46
CA ASN A 1183 -27.55 -12.81 -6.70
C ASN A 1183 -26.29 -13.37 -7.36
N PRO A 1184 -26.16 -13.25 -8.68
CA PRO A 1184 -24.91 -13.65 -9.33
C PRO A 1184 -23.75 -12.77 -8.90
N ARG A 1185 -22.56 -13.36 -8.88
CA ARG A 1185 -21.38 -12.68 -8.37
C ARG A 1185 -20.97 -11.53 -9.28
N LEU A 1186 -20.21 -10.60 -8.71
CA LEU A 1186 -19.67 -9.46 -9.43
C LEU A 1186 -18.31 -9.82 -10.01
N ARG A 1187 -18.14 -9.60 -11.31
CA ARG A 1187 -16.88 -9.85 -11.98
C ARG A 1187 -16.17 -8.53 -12.25
N LEU A 1188 -14.90 -8.45 -11.85
CA LEU A 1188 -14.12 -7.24 -12.01
C LEU A 1188 -12.83 -7.56 -12.75
N SER A 1189 -12.05 -6.52 -13.02
CA SER A 1189 -10.73 -6.64 -13.63
C SER A 1189 -9.81 -5.62 -12.98
N CYS A 1190 -8.57 -6.04 -12.72
CA CYS A 1190 -7.63 -5.19 -12.01
C CYS A 1190 -6.89 -4.25 -12.94
N LEU A 1191 -6.51 -3.09 -12.40
CA LEU A 1191 -5.73 -2.12 -13.15
C LEU A 1191 -4.50 -1.71 -12.34
N SER A 1192 -4.60 -1.75 -11.02
CA SER A 1192 -3.50 -1.43 -10.13
C SER A 1192 -3.79 -1.98 -8.75
N ILE A 1193 -2.75 -2.47 -8.08
CA ILE A 1193 -2.86 -3.01 -6.73
C ILE A 1193 -1.74 -2.41 -5.88
N ARG A 1194 -2.11 -1.80 -4.76
CA ARG A 1194 -1.17 -1.18 -3.85
C ARG A 1194 -1.45 -1.62 -2.42
N GLU A 1195 -0.40 -1.62 -1.61
CA GLU A 1195 -0.53 -2.01 -0.21
C GLU A 1195 -1.11 -0.87 0.61
N SER A 1196 -1.23 -1.09 1.91
CA SER A 1196 -1.75 -0.07 2.82
C SER A 1196 -1.30 -0.33 4.25
N ARG B 1 -45.94 -2.12 17.66
CA ARG B 1 -46.01 -3.35 16.88
C ARG B 1 -44.67 -4.07 16.85
N CYS B 2 -44.70 -5.38 17.05
CA CYS B 2 -43.49 -6.19 16.98
C CYS B 2 -43.02 -6.27 15.54
N GLU B 3 -41.86 -5.68 15.24
CA GLU B 3 -41.35 -5.64 13.88
C GLU B 3 -41.04 -7.03 13.37
N GLU B 4 -41.86 -7.53 12.45
CA GLU B 4 -41.63 -8.86 11.88
C GLU B 4 -40.31 -8.89 11.12
N GLU B 5 -39.53 -9.94 11.35
CA GLU B 5 -38.24 -10.06 10.70
C GLU B 5 -38.41 -10.36 9.22
N THR B 6 -37.33 -10.11 8.46
CA THR B 6 -37.36 -10.39 7.03
C THR B 6 -37.49 -11.90 6.80
N PRO B 7 -38.21 -12.31 5.76
CA PRO B 7 -38.37 -13.75 5.49
C PRO B 7 -37.02 -14.40 5.20
N SER B 8 -36.92 -15.67 5.57
CA SER B 8 -35.65 -16.39 5.43
C SER B 8 -35.31 -16.71 3.97
N LEU B 9 -36.23 -16.47 3.04
CA LEU B 9 -35.95 -16.73 1.63
C LEU B 9 -35.26 -15.56 0.93
N LEU B 10 -35.43 -14.33 1.43
CA LEU B 10 -34.88 -13.15 0.79
C LEU B 10 -33.59 -12.67 1.44
N TRP B 11 -33.02 -13.46 2.36
CA TRP B 11 -31.82 -13.02 3.06
C TRP B 11 -30.64 -12.86 2.12
N GLY B 12 -30.48 -13.79 1.17
CA GLY B 12 -29.32 -13.75 0.29
C GLY B 12 -29.28 -12.54 -0.63
N LEU B 13 -30.41 -11.87 -0.83
CA LEU B 13 -30.44 -10.71 -1.72
C LEU B 13 -29.66 -9.53 -1.15
N ASP B 14 -29.49 -9.46 0.16
CA ASP B 14 -28.71 -8.38 0.76
C ASP B 14 -27.23 -8.57 0.46
N PRO B 15 -26.55 -7.54 -0.03
CA PRO B 15 -25.09 -7.64 -0.20
C PRO B 15 -24.34 -7.86 1.09
N VAL B 16 -24.85 -7.35 2.22
CA VAL B 16 -24.15 -7.46 3.49
C VAL B 16 -24.10 -8.89 4.00
N PHE B 17 -24.94 -9.77 3.47
CA PHE B 17 -24.99 -11.14 3.96
C PHE B 17 -23.66 -11.86 3.75
N LEU B 18 -23.06 -11.71 2.58
CA LEU B 18 -21.85 -12.44 2.22
C LEU B 18 -20.56 -11.67 2.50
N ALA B 19 -20.65 -10.50 3.11
CA ALA B 19 -19.48 -9.67 3.37
C ALA B 19 -19.20 -9.60 4.86
N PHE B 20 -17.92 -9.51 5.20
CA PHE B 20 -17.49 -9.41 6.59
C PHE B 20 -17.82 -8.01 7.10
N ALA B 21 -18.88 -7.90 7.89
CA ALA B 21 -19.34 -6.59 8.34
C ALA B 21 -18.45 -6.03 9.44
N LYS B 22 -18.18 -4.73 9.35
CA LYS B 22 -17.44 -4.02 10.39
C LYS B 22 -18.44 -3.46 11.39
N LEU B 23 -18.38 -3.94 12.63
CA LEU B 23 -19.34 -3.54 13.64
C LEU B 23 -18.62 -3.22 14.94
N TYR B 24 -19.23 -2.36 15.74
CA TYR B 24 -18.78 -2.15 17.11
C TYR B 24 -19.00 -3.44 17.92
N ILE B 25 -18.13 -3.66 18.89
CA ILE B 25 -18.27 -4.83 19.75
C ILE B 25 -19.53 -4.72 20.59
N ARG B 26 -19.87 -3.50 21.03
CA ARG B 26 -21.12 -3.31 21.76
C ARG B 26 -22.32 -3.68 20.90
N ASP B 27 -22.31 -3.31 19.63
CA ASP B 27 -23.36 -3.74 18.73
C ASP B 27 -23.39 -5.27 18.61
N ILE B 28 -22.22 -5.89 18.47
CA ILE B 28 -22.16 -7.34 18.34
C ILE B 28 -22.81 -8.01 19.55
N LEU B 29 -22.57 -7.46 20.74
CA LEU B 29 -23.18 -8.01 21.94
C LEU B 29 -24.67 -7.67 22.06
N ASP B 30 -25.12 -6.60 21.40
CA ASP B 30 -26.49 -6.13 21.61
C ASP B 30 -27.49 -6.59 20.54
N MET B 31 -27.04 -7.03 19.36
CA MET B 31 -27.98 -7.45 18.33
C MET B 31 -28.81 -8.65 18.78
N LYS B 32 -30.04 -8.70 18.27
CA LYS B 32 -31.01 -9.72 18.65
C LYS B 32 -30.94 -10.89 17.66
N GLU B 33 -30.83 -12.10 18.21
CA GLU B 33 -30.79 -13.30 17.37
C GLU B 33 -32.12 -13.50 16.66
N SER B 34 -32.04 -14.08 15.46
CA SER B 34 -33.22 -14.31 14.64
C SER B 34 -33.85 -15.66 14.98
N ARG B 35 -35.18 -15.67 15.07
CA ARG B 35 -35.89 -16.89 15.43
C ARG B 35 -35.96 -17.90 14.30
N GLN B 36 -35.96 -17.44 13.05
CA GLN B 36 -36.09 -18.35 11.91
C GLN B 36 -34.92 -19.32 11.86
N VAL B 37 -33.69 -18.82 11.96
CA VAL B 37 -32.50 -19.66 11.90
C VAL B 37 -31.51 -19.22 12.98
N PRO B 38 -31.18 -20.10 13.92
CA PRO B 38 -30.15 -19.75 14.91
C PRO B 38 -28.79 -19.61 14.25
N GLY B 39 -27.96 -18.74 14.84
CA GLY B 39 -26.64 -18.46 14.32
C GLY B 39 -26.56 -17.30 13.35
N VAL B 40 -27.70 -16.76 12.92
CA VAL B 40 -27.74 -15.61 12.03
C VAL B 40 -28.52 -14.52 12.77
N PHE B 41 -27.89 -13.36 12.91
CA PHE B 41 -28.44 -12.27 13.72
C PHE B 41 -28.97 -11.16 12.83
N LEU B 42 -29.59 -10.17 13.47
CA LEU B 42 -30.20 -9.05 12.76
C LEU B 42 -29.71 -7.73 13.35
N TYR B 43 -29.46 -6.76 12.47
CA TYR B 43 -29.16 -5.39 12.89
C TYR B 43 -29.88 -4.46 11.93
N ASN B 44 -30.94 -3.81 12.42
CA ASN B 44 -31.76 -2.90 11.62
C ASN B 44 -32.30 -3.60 10.38
N GLY B 45 -32.66 -4.87 10.53
CA GLY B 45 -33.19 -5.65 9.45
C GLY B 45 -32.14 -6.34 8.58
N HIS B 46 -30.88 -5.94 8.69
CA HIS B 46 -29.82 -6.54 7.89
C HIS B 46 -29.43 -7.90 8.47
N PRO B 47 -29.53 -8.98 7.72
CA PRO B 47 -29.09 -10.29 8.22
C PRO B 47 -27.57 -10.39 8.19
N ILE B 48 -26.95 -10.33 9.36
CA ILE B 48 -25.51 -10.32 9.49
C ILE B 48 -25.05 -11.70 9.93
N LYS B 49 -24.10 -12.26 9.20
CA LYS B 49 -23.62 -13.62 9.44
C LYS B 49 -22.17 -13.69 9.88
N GLN B 50 -21.35 -12.71 9.49
CA GLN B 50 -19.94 -12.68 9.84
C GLN B 50 -19.55 -11.27 10.27
N VAL B 51 -18.47 -11.18 11.04
CA VAL B 51 -18.03 -9.91 11.61
C VAL B 51 -16.54 -9.75 11.44
N ASP B 52 -16.06 -8.54 11.69
CA ASP B 52 -14.65 -8.18 11.58
C ASP B 52 -14.35 -7.19 12.69
N VAL B 53 -13.41 -7.54 13.58
CA VAL B 53 -13.10 -6.73 14.73
C VAL B 53 -11.59 -6.52 14.83
N LEU B 54 -11.22 -5.44 15.52
CA LEU B 54 -9.82 -5.09 15.75
C LEU B 54 -9.71 -4.48 17.14
N GLY B 55 -8.76 -4.96 17.93
CA GLY B 55 -8.65 -4.47 19.28
C GLY B 55 -7.36 -4.90 19.94
N THR B 56 -7.31 -4.71 21.26
CA THR B 56 -6.15 -5.00 22.07
C THR B 56 -6.40 -6.25 22.90
N VAL B 57 -5.47 -7.20 22.86
CA VAL B 57 -5.59 -8.42 23.64
C VAL B 57 -5.42 -8.08 25.12
N ILE B 58 -6.37 -8.53 25.94
CA ILE B 58 -6.31 -8.31 27.37
C ILE B 58 -6.24 -9.59 28.18
N GLY B 59 -6.35 -10.75 27.55
CA GLY B 59 -6.26 -12.01 28.26
C GLY B 59 -6.08 -13.20 27.34
N VAL B 60 -5.12 -14.07 27.66
CA VAL B 60 -4.81 -15.23 26.84
C VAL B 60 -5.05 -16.48 27.67
N ARG B 61 -5.89 -17.38 27.16
CA ARG B 61 -6.15 -18.66 27.78
C ARG B 61 -5.98 -19.75 26.72
N GLU B 62 -5.32 -20.84 27.10
CA GLU B 62 -4.98 -21.91 26.16
C GLU B 62 -5.48 -23.23 26.69
N ARG B 63 -6.12 -24.01 25.81
CA ARG B 63 -6.53 -25.37 26.10
C ARG B 63 -5.82 -26.32 25.15
N ASP B 64 -6.19 -27.60 25.20
CA ASP B 64 -5.50 -28.61 24.40
C ASP B 64 -5.88 -28.55 22.93
N ALA B 65 -7.01 -27.93 22.59
CA ALA B 65 -7.49 -27.92 21.22
C ALA B 65 -7.69 -26.54 20.63
N PHE B 66 -7.73 -25.49 21.45
CA PHE B 66 -8.02 -24.16 20.93
C PHE B 66 -7.41 -23.11 21.84
N TYR B 67 -7.21 -21.92 21.29
CA TYR B 67 -6.81 -20.75 22.05
C TYR B 67 -8.03 -19.91 22.40
N SER B 68 -7.86 -19.01 23.36
CA SER B 68 -8.89 -18.06 23.72
C SER B 68 -8.25 -16.70 23.92
N TYR B 69 -8.95 -15.66 23.48
CA TYR B 69 -8.45 -14.30 23.58
C TYR B 69 -9.59 -13.36 23.94
N GLY B 70 -9.23 -12.23 24.54
CA GLY B 70 -10.21 -11.19 24.81
C GLY B 70 -9.88 -9.92 24.05
N VAL B 71 -10.70 -9.58 23.06
CA VAL B 71 -10.46 -8.42 22.22
C VAL B 71 -11.22 -7.23 22.80
N ASP B 72 -10.50 -6.15 23.06
CA ASP B 72 -11.07 -4.92 23.60
C ASP B 72 -11.02 -3.85 22.51
N ASP B 73 -12.19 -3.34 22.13
CA ASP B 73 -12.29 -2.33 21.07
C ASP B 73 -12.78 -0.99 21.62
N SER B 74 -12.43 -0.69 22.87
CA SER B 74 -12.81 0.54 23.55
C SER B 74 -14.32 0.76 23.62
N THR B 75 -15.11 -0.27 23.34
CA THR B 75 -16.56 -0.17 23.42
C THR B 75 -17.12 -1.38 24.14
N GLY B 76 -16.36 -2.47 24.17
CA GLY B 76 -16.80 -3.69 24.81
C GLY B 76 -15.71 -4.74 24.72
N VAL B 77 -15.93 -5.84 25.45
CA VAL B 77 -14.99 -6.94 25.50
C VAL B 77 -15.72 -8.22 25.13
N ILE B 78 -15.19 -8.95 24.14
CA ILE B 78 -15.78 -10.19 23.68
C ILE B 78 -14.67 -11.22 23.53
N ASN B 79 -15.03 -12.49 23.67
CA ASN B 79 -14.08 -13.57 23.48
C ASN B 79 -13.89 -13.85 21.99
N CYS B 80 -12.79 -14.54 21.67
CA CYS B 80 -12.48 -14.87 20.28
C CYS B 80 -11.77 -16.22 20.28
N ILE B 81 -12.53 -17.29 20.08
CA ILE B 81 -11.96 -18.63 19.99
C ILE B 81 -11.15 -18.75 18.71
N CYS B 82 -9.92 -19.22 18.84
CA CYS B 82 -9.04 -19.46 17.69
C CYS B 82 -8.65 -20.93 17.70
N TRP B 83 -9.18 -21.68 16.74
CA TRP B 83 -8.96 -23.12 16.70
C TRP B 83 -7.52 -23.43 16.32
N LYS B 84 -7.06 -24.62 16.70
CA LYS B 84 -5.70 -25.07 16.44
C LYS B 84 -5.70 -25.97 15.21
N LYS B 85 -4.89 -25.62 14.22
CA LYS B 85 -4.76 -26.44 13.02
C LYS B 85 -3.73 -27.53 13.26
N LEU B 86 -4.16 -28.79 13.09
CA LEU B 86 -3.27 -29.91 13.35
C LEU B 86 -2.21 -30.01 12.26
N ASN B 87 -0.95 -30.10 12.68
CA ASN B 87 0.17 -30.22 11.75
C ASN B 87 0.52 -31.69 11.49
N THR B 88 -0.50 -32.47 11.11
CA THR B 88 -0.30 -33.89 10.82
C THR B 88 0.35 -34.07 9.45
N GLU B 89 1.24 -35.05 9.36
CA GLU B 89 1.96 -35.38 8.12
C GLU B 89 2.74 -34.17 7.61
N SER B 90 3.72 -33.76 8.41
CA SER B 90 4.57 -32.64 8.03
C SER B 90 5.38 -32.97 6.79
N VAL B 91 5.62 -31.96 5.97
CA VAL B 91 6.35 -32.14 4.72
C VAL B 91 7.79 -32.49 5.02
N SER B 92 8.27 -33.57 4.41
CA SER B 92 9.63 -34.05 4.62
C SER B 92 10.57 -33.40 3.61
N ALA B 93 11.63 -32.77 4.11
CA ALA B 93 12.60 -32.12 3.24
C ALA B 93 13.65 -33.13 2.78
N ALA B 94 14.11 -32.98 1.54
CA ALA B 94 15.09 -33.87 0.95
C ALA B 94 16.21 -33.06 0.33
N PRO B 95 17.43 -33.61 0.31
CA PRO B 95 18.57 -32.89 -0.31
C PRO B 95 18.52 -32.97 -1.84
N SER B 96 17.59 -32.23 -2.42
CA SER B 96 17.40 -32.21 -3.87
C SER B 96 18.41 -31.25 -4.50
N ALA B 97 18.19 -30.89 -5.76
CA ALA B 97 19.10 -30.03 -6.50
C ALA B 97 19.17 -28.64 -5.87
N ALA B 98 20.10 -27.82 -6.39
CA ALA B 98 20.35 -26.51 -5.80
C ALA B 98 19.12 -25.62 -5.87
N ARG B 99 18.43 -25.61 -7.02
CA ARG B 99 17.21 -24.82 -7.12
C ARG B 99 16.14 -25.31 -6.15
N GLU B 100 15.98 -26.63 -6.05
CA GLU B 100 15.03 -27.19 -5.10
C GLU B 100 15.45 -26.94 -3.67
N LEU B 101 16.77 -26.95 -3.40
CA LEU B 101 17.25 -26.60 -2.06
C LEU B 101 16.91 -25.16 -1.71
N SER B 102 17.09 -24.24 -2.67
CA SER B 102 16.71 -22.85 -2.45
C SER B 102 15.21 -22.72 -2.22
N LEU B 103 14.41 -23.48 -2.98
CA LEU B 103 12.96 -23.48 -2.77
C LEU B 103 12.59 -23.96 -1.38
N THR B 104 13.24 -25.03 -0.91
CA THR B 104 12.96 -25.53 0.43
C THR B 104 13.37 -24.53 1.50
N SER B 105 14.51 -23.85 1.29
CA SER B 105 14.93 -22.81 2.23
C SER B 105 13.92 -21.67 2.26
N GLN B 106 13.41 -21.25 1.11
CA GLN B 106 12.40 -20.21 1.07
C GLN B 106 11.11 -20.67 1.74
N LEU B 107 10.75 -21.94 1.57
CA LEU B 107 9.56 -22.48 2.23
C LEU B 107 9.74 -22.45 3.75
N LYS B 108 10.92 -22.83 4.23
CA LYS B 108 11.19 -22.77 5.67
C LYS B 108 11.11 -21.34 6.18
N LYS B 109 11.66 -20.39 5.40
CA LYS B 109 11.57 -18.98 5.78
C LYS B 109 10.12 -18.53 5.86
N LEU B 110 9.30 -18.93 4.89
CA LEU B 110 7.89 -18.58 4.92
C LEU B 110 7.18 -19.19 6.12
N GLN B 111 7.51 -20.43 6.45
CA GLN B 111 6.92 -21.07 7.62
C GLN B 111 7.30 -20.31 8.89
N GLU B 112 8.56 -19.93 9.02
CA GLU B 112 8.99 -19.15 10.18
C GLU B 112 8.27 -17.82 10.25
N THR B 113 8.10 -17.16 9.09
CA THR B 113 7.38 -15.89 9.07
C THR B 113 5.93 -16.06 9.52
N ILE B 114 5.27 -17.12 9.06
CA ILE B 114 3.89 -17.38 9.47
C ILE B 114 3.82 -17.62 10.97
N GLU B 115 4.73 -18.44 11.50
CA GLU B 115 4.72 -18.76 12.93
C GLU B 115 4.97 -17.51 13.77
N GLN B 116 5.87 -16.64 13.31
CA GLN B 116 6.07 -15.36 14.00
C GLN B 116 4.82 -14.48 13.92
N LYS B 117 4.16 -14.49 12.77
CA LYS B 117 2.97 -13.65 12.58
C LYS B 117 1.81 -14.10 13.46
N THR B 118 1.73 -15.39 13.76
CA THR B 118 0.60 -15.91 14.52
C THR B 118 0.87 -15.98 16.03
N LYS B 119 2.00 -15.46 16.51
CA LYS B 119 2.32 -15.47 17.93
C LYS B 119 1.74 -14.22 18.60
N ILE B 120 0.96 -14.44 19.65
CA ILE B 120 0.22 -13.36 20.30
C ILE B 120 0.41 -13.47 21.80
N GLU B 121 0.65 -12.33 22.47
CA GLU B 121 0.69 -12.27 23.92
C GLU B 121 -0.20 -11.14 24.41
N ILE B 122 -0.14 -10.84 25.71
CA ILE B 122 -0.98 -9.80 26.29
C ILE B 122 -0.44 -8.43 25.90
N GLY B 123 -1.32 -7.55 25.47
CA GLY B 123 -0.97 -6.19 25.12
C GLY B 123 -0.83 -5.90 23.64
N ASP B 124 -0.77 -6.93 22.80
CA ASP B 124 -0.62 -6.73 21.36
C ASP B 124 -1.94 -6.26 20.75
N THR B 125 -1.92 -6.08 19.43
CA THR B 125 -3.10 -5.70 18.66
C THR B 125 -3.43 -6.83 17.70
N ILE B 126 -4.69 -7.24 17.67
CA ILE B 126 -5.12 -8.41 16.92
C ILE B 126 -6.30 -8.04 16.04
N ARG B 127 -6.38 -8.68 14.87
CA ARG B 127 -7.51 -8.53 13.96
C ARG B 127 -8.15 -9.90 13.76
N VAL B 128 -9.44 -10.00 14.07
CA VAL B 128 -10.14 -11.28 14.09
C VAL B 128 -11.30 -11.23 13.11
N ARG B 129 -11.40 -12.26 12.27
CA ARG B 129 -12.50 -12.41 11.32
C ARG B 129 -13.14 -13.77 11.53
N GLY B 130 -14.46 -13.82 11.52
CA GLY B 130 -15.15 -15.07 11.74
C GLY B 130 -16.64 -14.86 11.88
N SER B 131 -17.30 -15.86 12.46
CA SER B 131 -18.74 -15.89 12.60
C SER B 131 -19.15 -15.96 14.06
N ILE B 132 -20.27 -15.33 14.38
CA ILE B 132 -20.75 -15.27 15.75
C ILE B 132 -21.36 -16.61 16.15
N ARG B 133 -21.20 -16.97 17.42
CA ARG B 133 -21.78 -18.20 17.96
C ARG B 133 -22.18 -17.95 19.40
N THR B 134 -23.04 -18.83 19.92
CA THR B 134 -23.49 -18.78 21.30
C THR B 134 -23.16 -20.10 21.98
N TYR B 135 -22.53 -20.04 23.15
CA TYR B 135 -22.09 -21.23 23.86
C TYR B 135 -22.25 -20.99 25.35
N ARG B 136 -23.16 -21.75 25.98
CA ARG B 136 -23.42 -21.65 27.42
C ARG B 136 -23.81 -20.22 27.82
N GLU B 137 -24.76 -19.66 27.06
CA GLU B 137 -25.28 -18.31 27.30
C GLU B 137 -24.19 -17.25 27.21
N GLU B 138 -23.18 -17.50 26.37
CA GLU B 138 -22.12 -16.53 26.12
C GLU B 138 -21.94 -16.36 24.63
N ARG B 139 -21.75 -15.11 24.20
CA ARG B 139 -21.57 -14.79 22.78
C ARG B 139 -20.09 -14.64 22.50
N GLU B 140 -19.61 -15.35 21.47
CA GLU B 140 -18.19 -15.33 21.14
C GLU B 140 -18.03 -15.52 19.65
N ILE B 141 -16.83 -15.20 19.16
CA ILE B 141 -16.52 -15.25 17.73
C ILE B 141 -15.58 -16.43 17.49
N HIS B 142 -15.97 -17.31 16.57
CA HIS B 142 -15.14 -18.44 16.16
C HIS B 142 -14.29 -17.97 14.99
N ALA B 143 -13.04 -17.62 15.26
CA ALA B 143 -12.18 -16.98 14.26
C ALA B 143 -11.89 -17.93 13.11
N THR B 144 -11.99 -17.41 11.88
CA THR B 144 -11.58 -18.12 10.69
C THR B 144 -10.14 -17.80 10.32
N THR B 145 -9.81 -16.51 10.23
CA THR B 145 -8.44 -16.06 10.01
C THR B 145 -8.13 -14.96 11.01
N TYR B 146 -6.88 -14.93 11.47
CA TYR B 146 -6.47 -13.97 12.48
C TYR B 146 -4.95 -13.84 12.46
N TYR B 147 -4.48 -12.62 12.72
CA TYR B 147 -3.05 -12.36 12.74
C TYR B 147 -2.79 -11.13 13.61
N LYS B 148 -1.53 -10.96 13.98
CA LYS B 148 -1.11 -9.87 14.85
C LYS B 148 -0.76 -8.66 14.00
N VAL B 149 -1.43 -7.55 14.26
CA VAL B 149 -1.21 -6.31 13.50
C VAL B 149 0.02 -5.60 14.07
N ASP B 150 0.99 -5.32 13.20
CA ASP B 150 2.19 -4.57 13.60
C ASP B 150 1.90 -3.09 13.41
N ASP B 151 1.51 -2.43 14.50
CA ASP B 151 1.09 -1.03 14.49
C ASP B 151 1.91 -0.28 15.52
N PRO B 152 3.05 0.30 15.13
CA PRO B 152 3.92 0.98 16.10
C PRO B 152 3.66 2.46 16.30
N VAL B 153 2.78 3.06 15.49
CA VAL B 153 2.52 4.50 15.56
C VAL B 153 1.06 4.81 15.88
N TRP B 154 0.19 3.80 15.87
CA TRP B 154 -1.25 3.98 16.10
C TRP B 154 -1.90 4.82 15.00
N ASN B 155 -1.71 4.36 13.77
CA ASN B 155 -2.41 4.89 12.60
C ASN B 155 -3.59 4.03 12.17
N ILE B 156 -3.44 2.71 12.25
CA ILE B 156 -4.49 1.81 11.79
C ILE B 156 -5.74 1.95 12.66
N GLN B 157 -5.58 1.97 13.97
CA GLN B 157 -6.73 2.08 14.85
C GLN B 157 -7.38 3.46 14.74
N ILE B 158 -6.57 4.50 14.55
CA ILE B 158 -7.12 5.84 14.35
C ILE B 158 -7.95 5.88 13.08
N ALA B 159 -7.44 5.30 12.00
CA ALA B 159 -8.19 5.25 10.75
C ALA B 159 -9.48 4.46 10.91
N ARG B 160 -9.41 3.33 11.62
CA ARG B 160 -10.61 2.53 11.86
C ARG B 160 -11.66 3.31 12.63
N MET B 161 -11.24 4.02 13.68
CA MET B 161 -12.18 4.76 14.51
C MET B 161 -12.76 5.96 13.76
N LEU B 162 -11.98 6.57 12.87
CA LEU B 162 -12.50 7.65 12.05
C LEU B 162 -13.43 7.14 10.96
N GLU B 163 -13.20 5.93 10.46
CA GLU B 163 -13.96 5.39 9.33
C GLU B 163 -15.28 4.75 9.73
N LEU B 164 -15.35 4.11 10.89
CA LEU B 164 -16.55 3.34 11.25
C LEU B 164 -17.83 4.16 11.22
N PRO B 165 -17.90 5.37 11.80
CA PRO B 165 -19.17 6.12 11.73
C PRO B 165 -19.66 6.40 10.32
N THR B 166 -18.74 6.68 9.39
CA THR B 166 -19.14 6.96 8.02
C THR B 166 -19.78 5.73 7.38
N ILE B 167 -19.15 4.56 7.54
CA ILE B 167 -19.73 3.34 6.98
C ILE B 167 -21.06 3.03 7.63
N TYR B 168 -21.18 3.28 8.93
CA TYR B 168 -22.47 3.06 9.60
C TYR B 168 -23.55 3.93 8.96
N ARG B 169 -23.30 5.24 8.87
CA ARG B 169 -24.30 6.17 8.36
C ARG B 169 -24.67 5.86 6.92
N LYS B 170 -23.68 5.52 6.09
CA LYS B 170 -23.95 5.38 4.67
C LYS B 170 -24.45 3.99 4.27
N VAL B 171 -24.29 2.98 5.12
CA VAL B 171 -24.72 1.63 4.73
C VAL B 171 -25.67 1.04 5.75
N TYR B 172 -25.24 0.96 7.01
CA TYR B 172 -25.98 0.12 7.96
C TYR B 172 -27.27 0.79 8.43
N ASP B 173 -27.29 2.12 8.51
CA ASP B 173 -28.52 2.82 8.88
C ASP B 173 -29.37 3.13 7.66
N GLN B 174 -29.67 2.10 6.89
CA GLN B 174 -30.50 2.17 5.70
C GLN B 174 -31.57 1.08 5.77
N PRO B 175 -32.73 1.30 5.14
CA PRO B 175 -33.91 0.47 5.47
C PRO B 175 -33.75 -1.02 5.18
N PHE B 176 -33.53 -1.41 3.94
CA PHE B 176 -33.56 -2.82 3.58
C PHE B 176 -33.03 -3.00 2.16
N HIS B 177 -33.16 -4.21 1.64
CA HIS B 177 -32.71 -4.56 0.30
C HIS B 177 -33.75 -4.11 -0.72
N SER B 178 -33.63 -4.59 -1.95
CA SER B 178 -34.62 -4.35 -3.00
C SER B 178 -35.04 -5.70 -3.55
N SER B 179 -36.07 -6.30 -2.95
CA SER B 179 -36.60 -7.59 -3.38
C SER B 179 -37.88 -7.34 -4.17
N ALA B 180 -37.79 -7.47 -5.49
CA ALA B 180 -38.90 -7.18 -6.39
C ALA B 180 -39.44 -5.77 -6.16
N LEU B 181 -38.52 -4.83 -5.89
CA LEU B 181 -38.84 -3.44 -5.60
C LEU B 181 -40.00 -3.31 -4.62
N GLU B 182 -41.03 -2.55 -5.00
CA GLU B 182 -42.23 -2.37 -4.18
C GLU B 182 -43.44 -2.65 -5.05
N LYS B 183 -44.09 -3.80 -4.81
CA LYS B 183 -45.26 -4.23 -5.57
C LYS B 183 -44.97 -4.29 -7.07
N GLU B 184 -43.78 -4.75 -7.42
CA GLU B 184 -43.47 -4.97 -8.83
C GLU B 184 -44.30 -6.11 -9.41
N GLU B 185 -44.57 -7.14 -8.61
CA GLU B 185 -45.50 -8.18 -9.02
C GLU B 185 -46.89 -7.57 -9.22
N ALA B 186 -47.51 -7.89 -10.36
CA ALA B 186 -48.74 -7.23 -10.78
C ALA B 186 -48.56 -5.73 -10.84
N LEU B 187 -49.66 -4.98 -10.87
CA LEU B 187 -49.60 -3.52 -10.85
C LEU B 187 -50.63 -2.96 -9.88
N SER B 188 -50.75 -3.59 -8.70
CA SER B 188 -51.70 -3.18 -7.67
C SER B 188 -53.12 -3.13 -8.23
N ASN B 189 -53.60 -4.32 -8.61
CA ASN B 189 -54.90 -4.56 -9.24
C ASN B 189 -54.87 -4.05 -10.67
N PRO B 190 -55.79 -4.51 -11.54
CA PRO B 190 -55.73 -4.11 -12.96
C PRO B 190 -55.88 -2.59 -13.19
N GLY B 191 -56.20 -1.82 -12.16
CA GLY B 191 -56.28 -0.37 -12.34
C GLY B 191 -54.94 0.23 -12.73
N ALA B 192 -53.85 -0.23 -12.09
CA ALA B 192 -52.50 0.19 -12.40
C ALA B 192 -52.31 1.69 -12.26
N LEU B 193 -51.19 2.20 -12.77
CA LEU B 193 -50.88 3.63 -12.70
C LEU B 193 -50.52 4.23 -14.06
N ASP B 194 -49.83 3.48 -14.91
CA ASP B 194 -49.34 3.98 -16.19
C ASP B 194 -50.17 3.38 -17.31
N LEU B 195 -50.73 4.23 -18.17
CA LEU B 195 -51.56 3.76 -19.28
C LEU B 195 -50.79 2.89 -20.27
N PRO B 196 -49.57 3.25 -20.71
CA PRO B 196 -48.81 2.29 -21.53
C PRO B 196 -48.52 0.97 -20.82
N SER B 197 -48.34 1.00 -19.50
CA SER B 197 -48.20 -0.26 -18.76
C SER B 197 -49.46 -1.10 -18.86
N LEU B 198 -50.63 -0.45 -18.77
CA LEU B 198 -51.89 -1.15 -18.97
C LEU B 198 -51.97 -1.73 -20.37
N THR B 199 -51.52 -0.97 -21.37
CA THR B 199 -51.49 -1.48 -22.74
C THR B 199 -50.62 -2.72 -22.85
N SER B 200 -49.44 -2.70 -22.20
CA SER B 200 -48.53 -3.83 -22.28
C SER B 200 -49.10 -5.07 -21.60
N LEU B 201 -49.70 -4.89 -20.41
CA LEU B 201 -50.26 -6.05 -19.73
C LEU B 201 -51.43 -6.63 -20.51
N LEU B 202 -52.29 -5.77 -21.06
CA LEU B 202 -53.33 -6.25 -21.96
C LEU B 202 -52.73 -6.97 -23.17
N SER B 203 -51.59 -6.48 -23.67
CA SER B 203 -50.97 -7.06 -24.84
C SER B 203 -50.56 -8.51 -24.59
N GLU B 204 -49.80 -8.76 -23.52
CA GLU B 204 -49.37 -10.15 -23.37
C GLU B 204 -50.46 -11.01 -22.73
N LYS B 205 -51.47 -10.41 -22.10
CA LYS B 205 -52.67 -11.19 -21.76
C LYS B 205 -53.36 -11.70 -23.01
N ALA B 206 -53.52 -10.84 -24.02
CA ALA B 206 -54.10 -11.26 -25.28
C ALA B 206 -53.22 -12.29 -25.97
N LYS B 207 -51.90 -12.11 -25.89
CA LYS B 207 -50.98 -13.11 -26.45
C LYS B 207 -51.17 -14.47 -25.80
N GLU B 208 -51.26 -14.49 -24.46
CA GLU B 208 -51.46 -15.75 -23.76
C GLU B 208 -52.80 -16.38 -24.13
N PHE B 209 -53.85 -15.57 -24.23
CA PHE B 209 -55.15 -16.10 -24.61
C PHE B 209 -55.11 -16.69 -26.02
N LEU B 210 -54.43 -16.02 -26.94
CA LEU B 210 -54.33 -16.53 -28.31
C LEU B 210 -53.52 -17.82 -28.37
N MET B 211 -52.43 -17.91 -27.60
CA MET B 211 -51.65 -19.14 -27.57
C MET B 211 -52.42 -20.30 -26.96
N GLU B 212 -53.11 -20.07 -25.83
CA GLU B 212 -53.76 -21.18 -25.13
C GLU B 212 -54.91 -21.79 -25.94
N ASN B 213 -55.54 -21.02 -26.82
CA ASN B 213 -56.62 -21.53 -27.65
C ASN B 213 -56.07 -22.22 -28.90
N ARG B 214 -54.79 -22.03 -29.20
CA ARG B 214 -54.17 -22.52 -30.44
C ARG B 214 -54.82 -21.87 -31.66
N VAL B 215 -54.89 -20.55 -31.62
CA VAL B 215 -55.52 -19.78 -32.70
C VAL B 215 -54.62 -19.79 -33.93
N GLN B 216 -55.20 -20.09 -35.08
CA GLN B 216 -54.48 -20.00 -36.35
C GLN B 216 -54.53 -18.58 -36.92
N SER B 217 -55.72 -18.01 -37.05
CA SER B 217 -55.90 -16.64 -37.49
C SER B 217 -56.98 -16.00 -36.64
N PHE B 218 -56.91 -14.67 -36.52
CA PHE B 218 -57.85 -13.95 -35.67
C PHE B 218 -57.95 -12.51 -36.16
N TYR B 219 -59.00 -11.83 -35.69
CA TYR B 219 -59.25 -10.44 -36.03
C TYR B 219 -59.24 -9.59 -34.76
N GLN B 220 -58.93 -8.31 -34.93
CA GLN B 220 -58.97 -7.38 -33.80
C GLN B 220 -60.37 -7.27 -33.22
N GLN B 221 -61.38 -7.20 -34.10
CA GLN B 221 -62.77 -7.16 -33.62
C GLN B 221 -63.13 -8.46 -32.91
N GLU B 222 -62.53 -9.58 -33.33
CA GLU B 222 -62.72 -10.82 -32.60
C GLU B 222 -62.12 -10.74 -31.20
N LEU B 223 -60.93 -10.16 -31.08
CA LEU B 223 -60.32 -9.99 -29.76
C LEU B 223 -61.15 -9.05 -28.90
N GLU B 224 -61.84 -8.10 -29.53
CA GLU B 224 -62.73 -7.21 -28.78
C GLU B 224 -63.89 -7.97 -28.14
N MET B 225 -64.31 -9.09 -28.74
CA MET B 225 -65.44 -9.83 -28.20
C MET B 225 -65.11 -10.45 -26.85
N VAL B 226 -63.83 -10.71 -26.59
CA VAL B 226 -63.42 -11.37 -25.36
C VAL B 226 -63.81 -10.50 -24.17
N GLU B 227 -64.69 -11.01 -23.32
CA GLU B 227 -65.15 -10.26 -22.16
C GLU B 227 -64.03 -10.03 -21.15
N SER B 228 -63.19 -11.04 -20.95
CA SER B 228 -62.11 -10.91 -19.96
C SER B 228 -61.12 -9.83 -20.35
N LEU B 229 -60.72 -9.81 -21.63
CA LEU B 229 -59.77 -8.78 -22.08
C LEU B 229 -60.39 -7.39 -21.99
N LEU B 230 -61.66 -7.26 -22.35
CA LEU B 230 -62.33 -5.97 -22.23
C LEU B 230 -62.41 -5.51 -20.79
N SER B 231 -62.75 -6.42 -19.87
CA SER B 231 -62.81 -6.07 -18.46
C SER B 231 -61.44 -5.67 -17.93
N LEU B 232 -60.39 -6.37 -18.34
CA LEU B 232 -59.03 -5.99 -17.95
C LEU B 232 -58.67 -4.61 -18.49
N ALA B 233 -59.07 -4.32 -19.74
CA ALA B 233 -58.78 -3.02 -20.31
C ALA B 233 -59.65 -1.91 -19.71
N ASN B 234 -60.85 -2.26 -19.22
CA ASN B 234 -61.77 -1.27 -18.66
C ASN B 234 -61.25 -0.86 -17.29
N GLN B 235 -60.45 0.20 -17.28
CA GLN B 235 -59.83 0.74 -16.08
C GLN B 235 -60.08 2.25 -16.01
N PRO B 236 -60.02 2.83 -14.82
CA PRO B 236 -60.22 4.29 -14.72
C PRO B 236 -59.22 5.11 -15.51
N VAL B 237 -57.99 4.61 -15.68
CA VAL B 237 -56.96 5.41 -16.33
C VAL B 237 -57.30 5.65 -17.80
N ILE B 238 -57.74 4.61 -18.51
CA ILE B 238 -58.07 4.78 -19.93
C ILE B 238 -59.35 5.60 -20.09
N HIS B 239 -60.34 5.36 -19.22
CA HIS B 239 -61.59 6.11 -19.31
C HIS B 239 -61.39 7.57 -19.01
N SER B 240 -60.56 7.89 -18.01
CA SER B 240 -60.32 9.29 -17.65
C SER B 240 -59.49 10.00 -18.72
N ALA B 241 -58.65 9.28 -19.45
CA ALA B 241 -57.81 9.87 -20.48
C ALA B 241 -58.44 9.84 -21.86
N SER B 242 -59.70 9.39 -21.98
CA SER B 242 -60.37 9.30 -23.27
C SER B 242 -61.61 10.18 -23.33
N SER B 243 -61.72 11.16 -22.44
CA SER B 243 -62.88 12.05 -22.41
C SER B 243 -62.69 13.23 -23.36
N ASP B 244 -62.44 12.90 -24.63
CA ASP B 244 -62.26 13.90 -25.66
C ASP B 244 -63.55 14.21 -26.43
N GLN B 245 -64.64 13.52 -26.12
CA GLN B 245 -65.92 13.74 -26.78
C GLN B 245 -67.02 13.75 -25.75
N VAL B 246 -67.99 14.63 -25.94
CA VAL B 246 -69.12 14.78 -25.02
C VAL B 246 -70.38 14.11 -25.58
N ASN B 247 -70.69 14.35 -26.86
CA ASN B 247 -71.87 13.75 -27.46
C ASN B 247 -71.68 12.28 -27.78
N PHE B 248 -70.45 11.79 -27.82
CA PHE B 248 -70.11 10.42 -28.21
C PHE B 248 -69.26 9.75 -27.14
N LYS B 249 -69.71 9.84 -25.88
CA LYS B 249 -68.94 9.27 -24.77
C LYS B 249 -68.71 7.78 -24.97
N LYS B 250 -69.76 7.02 -25.26
CA LYS B 250 -69.60 5.60 -25.53
C LYS B 250 -68.78 5.38 -26.80
N ASP B 251 -69.03 6.18 -27.84
CA ASP B 251 -68.28 6.05 -29.08
C ASP B 251 -66.80 6.34 -28.87
N THR B 252 -66.48 7.40 -28.13
CA THR B 252 -65.07 7.72 -27.91
C THR B 252 -64.41 6.70 -26.98
N THR B 253 -65.15 6.15 -26.02
CA THR B 253 -64.60 5.07 -25.19
C THR B 253 -64.30 3.84 -26.03
N SER B 254 -65.20 3.49 -26.95
CA SER B 254 -64.97 2.36 -27.84
C SER B 254 -63.78 2.63 -28.76
N LYS B 255 -63.64 3.87 -29.24
CA LYS B 255 -62.51 4.23 -30.08
C LYS B 255 -61.19 4.13 -29.31
N ALA B 256 -61.19 4.56 -28.05
CA ALA B 256 -59.99 4.43 -27.23
C ALA B 256 -59.66 2.95 -26.98
N ILE B 257 -60.69 2.13 -26.76
CA ILE B 257 -60.47 0.70 -26.59
C ILE B 257 -59.88 0.10 -27.86
N HIS B 258 -60.41 0.50 -29.02
CA HIS B 258 -59.86 0.03 -30.29
C HIS B 258 -58.40 0.47 -30.45
N SER B 259 -58.09 1.70 -30.06
CA SER B 259 -56.72 2.19 -30.17
C SER B 259 -55.77 1.42 -29.26
N ILE B 260 -56.19 1.14 -28.03
CA ILE B 260 -55.32 0.40 -27.12
C ILE B 260 -55.15 -1.04 -27.58
N PHE B 261 -56.21 -1.64 -28.13
CA PHE B 261 -56.07 -2.98 -28.72
C PHE B 261 -55.13 -2.97 -29.91
N LYS B 262 -55.20 -1.92 -30.74
CA LYS B 262 -54.29 -1.81 -31.87
C LYS B 262 -52.85 -1.64 -31.41
N ASN B 263 -52.64 -0.87 -30.35
CA ASN B 263 -51.31 -0.72 -29.79
C ASN B 263 -50.78 -2.04 -29.26
N ALA B 264 -51.64 -2.81 -28.58
CA ALA B 264 -51.23 -4.13 -28.11
C ALA B 264 -50.87 -5.04 -29.27
N ILE B 265 -51.68 -5.01 -30.33
CA ILE B 265 -51.44 -5.88 -31.48
C ILE B 265 -50.15 -5.48 -32.20
N GLN B 266 -49.88 -4.18 -32.32
CA GLN B 266 -48.64 -3.75 -32.94
C GLN B 266 -47.44 -4.08 -32.06
N LEU B 267 -47.61 -4.06 -30.74
CA LEU B 267 -46.54 -4.53 -29.85
C LEU B 267 -46.26 -6.00 -30.09
N LEU B 268 -47.31 -6.81 -30.24
CA LEU B 268 -47.12 -8.23 -30.55
C LEU B 268 -46.44 -8.41 -31.90
N GLN B 269 -46.84 -7.60 -32.89
CA GLN B 269 -46.24 -7.69 -34.23
C GLN B 269 -44.77 -7.29 -34.20
N GLU B 270 -44.40 -6.36 -33.32
CA GLU B 270 -42.99 -6.00 -33.18
C GLU B 270 -42.17 -7.19 -32.70
N LYS B 271 -42.73 -7.99 -31.80
CA LYS B 271 -42.06 -9.21 -31.35
C LYS B 271 -42.08 -10.31 -32.41
N GLY B 272 -42.86 -10.15 -33.48
CA GLY B 272 -42.92 -11.14 -34.53
C GLY B 272 -43.84 -12.31 -34.27
N LEU B 273 -44.60 -12.28 -33.17
CA LEU B 273 -45.52 -13.38 -32.88
C LEU B 273 -46.63 -13.47 -33.92
N VAL B 274 -47.07 -12.32 -34.42
CA VAL B 274 -48.15 -12.26 -35.41
C VAL B 274 -47.67 -11.46 -36.61
N PHE B 275 -47.98 -11.97 -37.81
CA PHE B 275 -47.59 -11.32 -39.05
C PHE B 275 -48.81 -11.11 -39.92
N GLN B 276 -48.74 -10.11 -40.80
CA GLN B 276 -49.85 -9.69 -41.63
C GLN B 276 -49.59 -10.03 -43.10
N LYS B 277 -50.70 -10.24 -43.82
CA LYS B 277 -50.66 -10.46 -45.26
C LYS B 277 -51.53 -9.41 -45.94
N ASP B 278 -51.22 -9.14 -47.21
CA ASP B 278 -51.98 -8.17 -48.00
C ASP B 278 -53.20 -8.85 -48.61
N ASP B 279 -54.16 -9.17 -47.74
CA ASP B 279 -55.40 -9.82 -48.14
C ASP B 279 -56.61 -8.91 -48.04
N GLY B 280 -56.39 -7.60 -47.89
CA GLY B 280 -57.48 -6.65 -47.84
C GLY B 280 -58.10 -6.45 -46.47
N PHE B 281 -57.66 -7.18 -45.45
CA PHE B 281 -58.19 -7.06 -44.10
C PHE B 281 -57.14 -6.37 -43.23
N ASP B 282 -57.48 -5.16 -42.76
CA ASP B 282 -56.55 -4.38 -41.97
C ASP B 282 -56.32 -4.95 -40.58
N ASN B 283 -57.20 -5.84 -40.12
CA ASN B 283 -57.11 -6.39 -38.77
C ASN B 283 -57.04 -7.92 -38.78
N LEU B 284 -56.42 -8.50 -39.80
CA LEU B 284 -56.22 -9.94 -39.88
C LEU B 284 -54.78 -10.27 -39.56
N TYR B 285 -54.57 -11.20 -38.62
CA TYR B 285 -53.23 -11.57 -38.17
C TYR B 285 -53.13 -13.08 -38.08
N TYR B 286 -51.94 -13.59 -38.36
CA TYR B 286 -51.65 -15.02 -38.28
C TYR B 286 -50.52 -15.24 -37.28
N VAL B 287 -50.71 -16.25 -36.42
CA VAL B 287 -49.68 -16.55 -35.42
C VAL B 287 -48.47 -17.17 -36.10
N THR B 288 -47.28 -16.62 -35.81
CA THR B 288 -46.06 -17.10 -36.45
C THR B 288 -45.78 -18.55 -36.05
N ARG B 289 -46.04 -18.91 -34.80
CA ARG B 289 -45.71 -20.24 -34.31
C ARG B 289 -46.46 -21.33 -35.05
N GLU B 290 -47.67 -21.04 -35.53
CA GLU B 290 -48.53 -22.05 -36.14
C GLU B 290 -48.35 -22.16 -37.66
N ASP B 291 -47.52 -21.32 -38.28
CA ASP B 291 -47.33 -21.34 -39.72
C ASP B 291 -46.36 -22.47 -40.07
N LYS B 292 -46.91 -23.67 -40.29
CA LYS B 292 -46.07 -24.82 -40.60
C LYS B 292 -45.39 -24.69 -41.96
N ASP B 293 -46.10 -24.10 -42.94
CA ASP B 293 -45.54 -23.98 -44.28
C ASP B 293 -44.29 -23.09 -44.28
N LEU B 294 -44.31 -22.01 -43.50
CA LEU B 294 -43.13 -21.16 -43.40
C LEU B 294 -41.96 -21.92 -42.82
N HIS B 295 -42.20 -22.73 -41.79
CA HIS B 295 -41.13 -23.54 -41.21
C HIS B 295 -40.57 -24.51 -42.23
N ARG B 296 -41.44 -25.18 -42.99
CA ARG B 296 -40.97 -26.12 -44.00
C ARG B 296 -40.14 -25.42 -45.06
N LYS B 297 -40.60 -24.24 -45.51
CA LYS B 297 -39.86 -23.51 -46.54
C LYS B 297 -38.49 -23.06 -46.02
N ILE B 298 -38.44 -22.56 -44.78
CA ILE B 298 -37.17 -22.11 -44.23
C ILE B 298 -36.21 -23.29 -44.07
N HIS B 299 -36.71 -24.43 -43.59
CA HIS B 299 -35.86 -25.60 -43.46
C HIS B 299 -35.35 -26.09 -44.81
N ARG B 300 -36.22 -26.07 -45.82
CA ARG B 300 -35.80 -26.46 -47.17
C ARG B 300 -34.72 -25.52 -47.69
N ILE B 301 -34.87 -24.22 -47.46
CA ILE B 301 -33.86 -23.26 -47.89
C ILE B 301 -32.55 -23.50 -47.19
N ILE B 302 -32.59 -23.75 -45.88
CA ILE B 302 -31.37 -23.96 -45.11
C ILE B 302 -30.67 -25.24 -45.53
N GLN B 303 -31.45 -26.27 -45.88
CA GLN B 303 -30.86 -27.56 -46.24
C GLN B 303 -29.93 -27.45 -47.44
N GLN B 304 -30.17 -26.48 -48.32
CA GLN B 304 -29.31 -26.23 -49.46
C GLN B 304 -28.31 -25.10 -49.20
N ASP B 305 -28.18 -24.67 -47.94
CA ASP B 305 -27.27 -23.59 -47.56
C ASP B 305 -27.60 -22.30 -48.32
N CYS B 306 -28.89 -22.03 -48.48
CA CYS B 306 -29.38 -20.82 -49.16
C CYS B 306 -28.79 -20.72 -50.57
N GLN B 307 -28.76 -21.86 -51.26
CA GLN B 307 -28.28 -21.96 -52.65
C GLN B 307 -26.83 -21.52 -52.80
N LYS B 308 -26.05 -21.56 -51.73
CA LYS B 308 -24.64 -21.22 -51.81
C LYS B 308 -23.83 -22.42 -52.31
N PRO B 309 -22.67 -22.17 -52.93
CA PRO B 309 -21.86 -23.29 -53.42
C PRO B 309 -21.39 -24.19 -52.30
N ASN B 310 -21.22 -25.48 -52.63
CA ASN B 310 -20.83 -26.46 -51.62
C ASN B 310 -19.43 -26.17 -51.08
N HIS B 311 -18.49 -25.78 -51.95
CA HIS B 311 -17.14 -25.49 -51.49
C HIS B 311 -17.09 -24.28 -50.58
N MET B 312 -18.05 -23.37 -50.69
CA MET B 312 -18.20 -22.30 -49.70
C MET B 312 -18.58 -22.93 -48.36
N GLU B 313 -18.08 -22.34 -47.29
CA GLU B 313 -18.26 -22.94 -45.96
C GLU B 313 -19.73 -23.17 -45.66
N LYS B 314 -20.03 -24.36 -45.15
CA LYS B 314 -21.41 -24.77 -44.93
C LYS B 314 -22.07 -23.88 -43.87
N GLY B 315 -23.37 -23.68 -44.02
CA GLY B 315 -24.13 -22.82 -43.15
C GLY B 315 -24.31 -21.43 -43.73
N CYS B 316 -25.13 -20.64 -43.05
CA CYS B 316 -25.47 -19.30 -43.51
C CYS B 316 -25.57 -18.36 -42.32
N HIS B 317 -25.36 -17.07 -42.60
CA HIS B 317 -25.53 -16.04 -41.60
C HIS B 317 -27.00 -15.65 -41.49
N PHE B 318 -27.34 -14.98 -40.38
CA PHE B 318 -28.71 -14.54 -40.18
C PHE B 318 -29.14 -13.55 -41.25
N LEU B 319 -28.27 -12.60 -41.58
CA LEU B 319 -28.59 -11.62 -42.63
C LEU B 319 -28.70 -12.28 -43.99
N HIS B 320 -27.81 -13.24 -44.29
CA HIS B 320 -27.89 -13.95 -45.55
C HIS B 320 -29.19 -14.75 -45.65
N ILE B 321 -29.58 -15.42 -44.57
CA ILE B 321 -30.83 -16.16 -44.57
C ILE B 321 -32.02 -15.21 -44.75
N LEU B 322 -31.98 -14.06 -44.09
CA LEU B 322 -33.07 -13.09 -44.23
C LEU B 322 -33.16 -12.59 -45.67
N ALA B 323 -32.03 -12.28 -46.29
CA ALA B 323 -32.04 -11.81 -47.67
C ALA B 323 -32.56 -12.88 -48.61
N CYS B 324 -32.13 -14.12 -48.43
CA CYS B 324 -32.61 -15.20 -49.28
C CYS B 324 -34.11 -15.42 -49.13
N ALA B 325 -34.61 -15.37 -47.88
CA ALA B 325 -36.03 -15.53 -47.65
C ALA B 325 -36.82 -14.38 -48.27
N ARG B 326 -36.32 -13.15 -48.14
CA ARG B 326 -37.00 -12.01 -48.73
C ARG B 326 -37.05 -12.12 -50.24
N LEU B 327 -35.96 -12.55 -50.86
CA LEU B 327 -35.92 -12.64 -52.32
C LEU B 327 -36.73 -13.83 -52.83
N SER B 328 -36.86 -14.89 -52.03
CA SER B 328 -37.48 -16.13 -52.48
C SER B 328 -38.92 -16.29 -52.02
N ILE B 329 -39.22 -16.03 -50.74
CA ILE B 329 -40.53 -16.34 -50.19
C ILE B 329 -41.44 -15.13 -50.24
N ARG B 330 -41.05 -14.07 -49.53
CA ARG B 330 -41.92 -12.89 -49.43
C ARG B 330 -41.10 -11.64 -49.09
N PRO B 331 -41.23 -10.57 -49.88
CA PRO B 331 -40.47 -9.35 -49.58
C PRO B 331 -40.86 -8.69 -48.25
N GLY B 332 -42.03 -9.00 -47.71
CA GLY B 332 -42.51 -8.38 -46.50
C GLY B 332 -42.09 -9.05 -45.20
N LEU B 333 -41.22 -10.05 -45.26
CA LEU B 333 -40.82 -10.76 -44.05
C LEU B 333 -40.02 -9.84 -43.12
N SER B 334 -40.30 -9.94 -41.83
CA SER B 334 -39.62 -9.17 -40.81
C SER B 334 -38.59 -10.03 -40.08
N GLU B 335 -37.62 -9.36 -39.45
CA GLU B 335 -36.54 -10.07 -38.78
C GLU B 335 -37.05 -10.88 -37.59
N ALA B 336 -37.97 -10.30 -36.81
CA ALA B 336 -38.47 -10.99 -35.62
C ALA B 336 -39.20 -12.28 -35.98
N VAL B 337 -40.01 -12.24 -37.05
CA VAL B 337 -40.72 -13.44 -37.49
C VAL B 337 -39.73 -14.53 -37.90
N LEU B 338 -38.69 -14.15 -38.64
CA LEU B 338 -37.70 -15.14 -39.05
C LEU B 338 -36.96 -15.71 -37.86
N GLN B 339 -36.62 -14.87 -36.88
CA GLN B 339 -35.93 -15.36 -35.68
C GLN B 339 -36.80 -16.34 -34.91
N GLN B 340 -38.09 -16.03 -34.76
CA GLN B 340 -38.99 -16.94 -34.06
C GLN B 340 -39.14 -18.26 -34.83
N VAL B 341 -39.22 -18.19 -36.15
CA VAL B 341 -39.32 -19.40 -36.96
C VAL B 341 -38.08 -20.25 -36.79
N LEU B 342 -36.90 -19.62 -36.80
CA LEU B 342 -35.66 -20.36 -36.63
C LEU B 342 -35.59 -21.01 -35.25
N GLU B 343 -35.98 -20.28 -34.21
CA GLU B 343 -35.97 -20.84 -32.86
C GLU B 343 -36.93 -22.03 -32.76
N LEU B 344 -38.13 -21.89 -33.33
CA LEU B 344 -39.08 -23.00 -33.31
C LEU B 344 -38.56 -24.21 -34.07
N LEU B 345 -37.90 -23.97 -35.21
CA LEU B 345 -37.31 -25.07 -35.97
C LEU B 345 -36.22 -25.77 -35.17
N GLU B 346 -35.39 -25.00 -34.47
CA GLU B 346 -34.34 -25.60 -33.66
C GLU B 346 -34.90 -26.37 -32.47
N ASP B 347 -36.04 -25.92 -31.93
CA ASP B 347 -36.65 -26.63 -30.81
C ASP B 347 -37.07 -28.04 -31.20
N GLN B 348 -37.63 -28.19 -32.41
CA GLN B 348 -38.06 -29.49 -32.91
C GLN B 348 -36.90 -30.32 -33.46
N SER B 349 -35.66 -29.91 -33.21
CA SER B 349 -34.47 -30.64 -33.67
C SER B 349 -34.46 -30.79 -35.19
N ASP B 350 -34.49 -29.66 -35.88
CA ASP B 350 -34.41 -29.62 -37.34
C ASP B 350 -33.09 -29.04 -37.84
N ILE B 351 -32.58 -28.01 -37.17
CA ILE B 351 -31.30 -27.39 -37.53
C ILE B 351 -30.45 -27.27 -36.28
N VAL B 352 -29.14 -27.15 -36.50
CA VAL B 352 -28.17 -27.01 -35.42
C VAL B 352 -27.39 -25.73 -35.65
N SER B 353 -27.26 -24.91 -34.60
CA SER B 353 -26.55 -23.64 -34.68
C SER B 353 -25.12 -23.83 -34.21
N THR B 354 -24.17 -23.40 -35.04
CA THR B 354 -22.76 -23.57 -34.71
C THR B 354 -22.19 -22.33 -34.00
N MET B 355 -22.18 -21.19 -34.68
CA MET B 355 -21.93 -19.91 -34.06
C MET B 355 -23.24 -19.21 -33.74
N GLU B 356 -23.13 -18.09 -33.02
CA GLU B 356 -24.29 -17.24 -32.81
C GLU B 356 -24.67 -16.57 -34.13
N HIS B 357 -25.97 -16.49 -34.38
CA HIS B 357 -26.51 -15.97 -35.64
C HIS B 357 -25.98 -16.75 -36.85
N TYR B 358 -25.70 -18.04 -36.65
CA TYR B 358 -25.24 -18.92 -37.71
C TYR B 358 -25.92 -20.27 -37.56
N TYR B 359 -26.41 -20.82 -38.67
CA TYR B 359 -27.16 -22.06 -38.63
C TYR B 359 -26.73 -22.97 -39.76
N THR B 360 -26.77 -24.27 -39.50
CA THR B 360 -26.40 -25.29 -40.48
C THR B 360 -27.44 -26.40 -40.49
N ALA B 361 -27.48 -27.13 -41.60
CA ALA B 361 -28.35 -28.29 -41.71
C ALA B 361 -27.66 -29.51 -41.10
N PHE B 362 -28.46 -30.54 -40.86
CA PHE B 362 -27.95 -31.77 -40.27
C PHE B 362 -27.04 -32.51 -41.24
N LEU C 1 -14.51 -11.33 32.55
CA LEU C 1 -14.15 -10.37 31.51
C LEU C 1 -14.11 -8.95 32.06
N PRO C 2 -12.99 -8.26 31.88
CA PRO C 2 -12.86 -6.90 32.40
C PRO C 2 -13.80 -5.93 31.70
N LYS C 3 -14.08 -4.83 32.38
CA LYS C 3 -14.91 -3.79 31.80
C LYS C 3 -14.17 -3.13 30.64
N PRO C 4 -14.90 -2.63 29.64
CA PRO C 4 -14.24 -2.01 28.49
C PRO C 4 -13.54 -0.72 28.88
N GLY C 5 -12.45 -0.43 28.17
CA GLY C 5 -11.70 0.79 28.40
C GLY C 5 -12.10 1.93 27.48
N THR C 6 -12.93 2.84 27.98
CA THR C 6 -13.35 3.98 27.19
C THR C 6 -12.29 5.07 27.21
N TYR C 7 -12.30 5.90 26.17
CA TYR C 7 -11.31 6.96 26.05
C TYR C 7 -11.65 8.12 26.97
N TYR C 8 -10.60 8.80 27.44
CA TYR C 8 -10.77 9.97 28.28
C TYR C 8 -9.56 10.88 28.09
N LEU C 9 -9.82 12.16 27.80
CA LEU C 9 -8.73 13.11 27.65
C LEU C 9 -8.09 13.40 29.01
N PRO C 10 -6.79 13.69 29.03
CA PRO C 10 -6.11 13.89 30.32
C PRO C 10 -6.70 15.03 31.15
N TRP C 11 -7.14 16.11 30.51
CA TRP C 11 -7.74 17.21 31.27
C TRP C 11 -9.15 16.91 31.74
N GLU C 12 -9.73 15.79 31.32
CA GLU C 12 -10.97 15.31 31.92
C GLU C 12 -10.73 14.37 33.09
N VAL C 13 -9.67 13.56 33.03
CA VAL C 13 -9.32 12.69 34.14
C VAL C 13 -8.78 13.51 35.30
N SER C 14 -7.90 14.47 35.02
CA SER C 14 -7.29 15.28 36.06
C SER C 14 -8.28 16.23 36.74
N ALA C 15 -9.44 16.47 36.13
CA ALA C 15 -10.44 17.36 36.70
C ALA C 15 -11.47 16.62 37.54
N GLY C 16 -11.29 15.33 37.78
CA GLY C 16 -12.23 14.56 38.59
C GLY C 16 -13.60 14.39 37.97
N GLN C 17 -13.65 14.13 36.67
CA GLN C 17 -14.90 13.87 35.97
C GLN C 17 -15.16 12.38 35.73
N VAL C 18 -14.36 11.51 36.34
CA VAL C 18 -14.46 10.07 36.14
C VAL C 18 -14.80 9.44 37.49
N PRO C 19 -15.88 8.67 37.61
CA PRO C 19 -16.21 8.03 38.88
C PRO C 19 -15.22 6.93 39.22
N ASP C 20 -15.19 6.59 40.50
CA ASP C 20 -14.27 5.57 41.00
C ASP C 20 -14.59 4.22 40.40
N GLY C 21 -13.54 3.46 40.08
CA GLY C 21 -13.70 2.12 39.53
C GLY C 21 -13.94 2.05 38.05
N SER C 22 -14.09 3.19 37.38
CA SER C 22 -14.29 3.18 35.93
C SER C 22 -12.99 2.83 35.22
N THR C 23 -13.11 2.09 34.12
CA THR C 23 -11.96 1.70 33.31
C THR C 23 -11.77 2.73 32.20
N LEU C 24 -10.56 3.29 32.12
CA LEU C 24 -10.28 4.38 31.20
C LEU C 24 -8.97 4.12 30.47
N ARG C 25 -8.84 4.74 29.30
CA ARG C 25 -7.61 4.68 28.51
C ARG C 25 -7.24 6.10 28.12
N THR C 26 -6.08 6.56 28.59
CA THR C 26 -5.65 7.94 28.34
C THR C 26 -4.27 7.97 27.71
N PHE C 27 -3.68 9.16 27.61
CA PHE C 27 -2.37 9.31 27.00
C PHE C 27 -1.63 10.45 27.69
N GLY C 28 -0.32 10.47 27.51
CA GLY C 28 0.50 11.53 28.09
C GLY C 28 1.96 11.31 27.77
N ARG C 29 2.79 12.21 28.28
CA ARG C 29 4.23 12.18 28.08
C ARG C 29 4.92 11.81 29.38
N LEU C 30 5.81 10.82 29.33
CA LEU C 30 6.48 10.35 30.54
C LEU C 30 7.44 11.40 31.06
N CYS C 31 7.57 11.45 32.38
CA CYS C 31 8.46 12.39 33.04
C CYS C 31 9.36 11.73 34.07
N LEU C 32 8.88 10.72 34.78
CA LEU C 32 9.61 10.15 35.90
C LEU C 32 9.29 8.67 36.03
N TYR C 33 10.18 7.96 36.72
CA TYR C 33 10.01 6.53 37.00
C TYR C 33 10.71 6.27 38.33
N ASP C 34 9.94 6.24 39.42
CA ASP C 34 10.47 6.00 40.75
C ASP C 34 10.46 4.49 40.93
N MET C 35 11.63 3.86 40.76
CA MET C 35 11.70 2.41 40.75
C MET C 35 11.43 1.80 42.12
N ILE C 36 11.68 2.57 43.19
CA ILE C 36 11.50 2.03 44.54
C ILE C 36 10.03 1.71 44.79
N GLN C 37 9.13 2.62 44.41
CA GLN C 37 7.70 2.44 44.62
C GLN C 37 6.94 2.09 43.35
N SER C 38 7.62 2.01 42.20
CA SER C 38 7.01 1.66 40.92
C SER C 38 5.85 2.60 40.58
N ARG C 39 6.19 3.89 40.44
CA ARG C 39 5.21 4.92 40.13
C ARG C 39 5.71 5.73 38.95
N VAL C 40 4.80 6.04 38.03
CA VAL C 40 5.11 6.77 36.80
C VAL C 40 4.19 7.98 36.71
N THR C 41 4.76 9.13 36.38
CA THR C 41 4.02 10.39 36.26
C THR C 41 4.00 10.84 34.82
N LEU C 42 2.81 11.17 34.32
CA LEU C 42 2.62 11.62 32.94
C LEU C 42 1.92 12.98 32.94
N MET C 43 2.32 13.86 32.03
CA MET C 43 1.59 15.09 31.75
C MET C 43 1.24 15.18 30.27
N ALA C 44 0.12 15.85 29.99
CA ALA C 44 -0.26 16.25 28.65
C ALA C 44 -0.53 17.75 28.65
N GLN C 45 0.05 18.45 27.69
CA GLN C 45 0.00 19.91 27.64
C GLN C 45 -1.24 20.35 26.87
N HIS C 46 -2.14 21.05 27.56
CA HIS C 46 -3.35 21.59 26.95
C HIS C 46 -3.26 23.11 27.01
N GLY C 47 -3.14 23.74 25.86
CA GLY C 47 -2.98 25.19 25.83
C GLY C 47 -1.67 25.58 26.48
N SER C 48 -1.76 26.37 27.54
CA SER C 48 -0.60 26.80 28.30
C SER C 48 -0.55 26.19 29.70
N ASP C 49 -1.37 25.19 29.97
CA ASP C 49 -1.44 24.56 31.28
C ASP C 49 -1.06 23.08 31.19
N GLN C 50 -0.51 22.56 32.28
CA GLN C 50 -0.05 21.18 32.35
C GLN C 50 -0.82 20.43 33.41
N HIS C 51 -1.37 19.27 33.04
CA HIS C 51 -2.11 18.40 33.95
C HIS C 51 -1.35 17.09 34.10
N GLN C 52 -1.45 16.49 35.29
CA GLN C 52 -0.69 15.31 35.64
C GLN C 52 -1.59 14.10 35.81
N VAL C 53 -1.08 12.93 35.41
CA VAL C 53 -1.73 11.65 35.65
C VAL C 53 -0.71 10.72 36.27
N LEU C 54 -1.08 10.08 37.38
CA LEU C 54 -0.21 9.15 38.09
C LEU C 54 -0.63 7.72 37.76
N VAL C 55 0.36 6.88 37.43
CA VAL C 55 0.11 5.50 37.04
C VAL C 55 0.97 4.59 37.90
N CYS C 56 0.33 3.66 38.61
CA CYS C 56 1.03 2.62 39.35
C CYS C 56 1.23 1.42 38.43
N THR C 57 2.48 1.00 38.29
CA THR C 57 2.86 -0.01 37.30
C THR C 57 3.37 -1.29 37.96
N LYS C 58 2.69 -1.74 39.01
CA LYS C 58 3.11 -2.94 39.71
C LYS C 58 2.81 -4.22 38.94
N LEU C 59 2.02 -4.16 37.87
CA LEU C 59 1.61 -5.34 37.14
C LEU C 59 2.25 -5.44 35.75
N VAL C 60 3.16 -4.53 35.41
CA VAL C 60 3.78 -4.52 34.09
C VAL C 60 5.29 -4.63 34.13
N GLU C 61 5.90 -4.65 35.32
CA GLU C 61 7.34 -4.79 35.41
C GLU C 61 7.76 -6.20 34.99
N PRO C 62 8.97 -6.36 34.42
CA PRO C 62 10.01 -5.34 34.18
C PRO C 62 9.63 -4.36 33.09
N PHE C 63 10.30 -3.21 33.01
CA PHE C 63 9.86 -2.13 32.16
C PHE C 63 11.07 -1.36 31.62
N HIS C 64 10.98 -0.95 30.35
CA HIS C 64 11.97 -0.09 29.73
C HIS C 64 11.36 1.29 29.58
N ALA C 65 11.80 2.24 30.41
CA ALA C 65 11.19 3.56 30.49
C ALA C 65 12.02 4.56 29.69
N GLN C 66 11.37 5.25 28.75
CA GLN C 66 11.97 6.32 27.98
C GLN C 66 11.37 7.65 28.41
N VAL C 67 12.21 8.58 28.82
CA VAL C 67 11.74 9.89 29.28
C VAL C 67 11.46 10.77 28.07
N GLY C 68 10.27 11.34 28.02
CA GLY C 68 9.88 12.22 26.93
C GLY C 68 9.14 11.55 25.80
N SER C 69 8.63 10.34 25.98
CA SER C 69 7.90 9.64 24.94
C SER C 69 6.44 9.49 25.34
N LEU C 70 5.57 9.56 24.34
CA LEU C 70 4.13 9.40 24.58
C LEU C 70 3.82 7.97 24.99
N TYR C 71 2.80 7.83 25.84
CA TYR C 71 2.38 6.53 26.33
C TYR C 71 0.86 6.46 26.37
N ILE C 72 0.33 5.25 26.24
CA ILE C 72 -1.10 4.98 26.37
C ILE C 72 -1.27 3.98 27.49
N VAL C 73 -2.10 4.34 28.48
CA VAL C 73 -2.27 3.54 29.69
C VAL C 73 -3.72 3.08 29.76
N LEU C 74 -3.90 1.78 30.00
CA LEU C 74 -5.23 1.19 30.17
C LEU C 74 -5.28 0.54 31.54
N GLY C 75 -6.30 0.90 32.32
CA GLY C 75 -6.39 0.38 33.67
C GLY C 75 -7.62 0.90 34.37
N GLU C 76 -7.66 0.67 35.69
CA GLU C 76 -8.79 1.04 36.52
C GLU C 76 -8.39 2.18 37.45
N LEU C 77 -9.27 3.17 37.58
CA LEU C 77 -9.01 4.34 38.41
C LEU C 77 -9.39 4.05 39.86
N GLN C 78 -8.51 4.42 40.78
CA GLN C 78 -8.75 4.25 42.21
C GLN C 78 -8.42 5.54 42.95
N HIS C 79 -9.33 5.97 43.81
CA HIS C 79 -9.15 7.17 44.62
C HIS C 79 -8.46 6.80 45.92
N GLN C 80 -7.42 7.54 46.27
CA GLN C 80 -6.65 7.32 47.48
C GLN C 80 -6.83 8.51 48.44
N GLN C 81 -6.48 8.27 49.70
CA GLN C 81 -6.73 9.27 50.73
C GLN C 81 -5.90 10.52 50.52
N ASP C 82 -4.62 10.36 50.17
CA ASP C 82 -3.71 11.49 50.06
C ASP C 82 -3.05 11.63 48.70
N ARG C 83 -2.86 10.53 47.96
CA ARG C 83 -2.23 10.57 46.65
C ARG C 83 -3.20 10.91 45.53
N GLY C 84 -4.36 11.47 45.87
CA GLY C 84 -5.36 11.81 44.87
C GLY C 84 -5.90 10.58 44.16
N SER C 85 -5.73 10.52 42.85
CA SER C 85 -6.19 9.41 42.03
C SER C 85 -5.01 8.80 41.29
N VAL C 86 -4.96 7.47 41.27
CA VAL C 86 -3.88 6.73 40.61
C VAL C 86 -4.50 5.63 39.75
N VAL C 87 -3.95 5.43 38.56
CA VAL C 87 -4.44 4.45 37.61
C VAL C 87 -3.59 3.20 37.74
N LYS C 88 -4.23 2.06 38.02
CA LYS C 88 -3.54 0.78 38.11
C LYS C 88 -3.44 0.21 36.71
N ALA C 89 -2.27 0.34 36.09
CA ALA C 89 -2.11 -0.04 34.70
C ALA C 89 -2.18 -1.55 34.53
N ARG C 90 -2.89 -1.99 33.49
CA ARG C 90 -2.89 -3.37 33.04
C ARG C 90 -2.07 -3.57 31.76
N VAL C 91 -2.18 -2.63 30.82
CA VAL C 91 -1.39 -2.63 29.61
C VAL C 91 -0.86 -1.22 29.40
N LEU C 92 0.46 -1.09 29.24
CA LEU C 92 1.11 0.20 29.06
C LEU C 92 2.04 0.10 27.85
N THR C 93 1.59 0.58 26.71
CA THR C 93 2.32 0.48 25.46
C THR C 93 2.94 1.83 25.09
N CYS C 94 4.06 1.78 24.38
CA CYS C 94 4.81 2.97 23.99
C CYS C 94 4.45 3.31 22.55
N VAL C 95 3.98 4.53 22.34
CA VAL C 95 3.73 5.07 21.00
C VAL C 95 4.47 6.40 20.90
N GLU C 96 5.23 6.57 19.83
CA GLU C 96 6.00 7.79 19.60
C GLU C 96 5.72 8.29 18.19
N GLY C 97 5.40 9.58 18.07
CA GLY C 97 5.07 10.16 16.78
C GLY C 97 3.61 10.12 16.41
N MET C 98 2.72 9.79 17.34
CA MET C 98 1.30 9.78 17.06
C MET C 98 0.80 11.18 16.73
N ASN C 99 -0.11 11.27 15.78
CA ASN C 99 -0.71 12.55 15.40
C ASN C 99 -1.82 12.82 16.40
N LEU C 100 -1.50 13.59 17.44
CA LEU C 100 -2.45 13.82 18.53
C LEU C 100 -3.72 14.53 18.09
N PRO C 101 -3.68 15.63 17.31
CA PRO C 101 -4.94 16.26 16.89
C PRO C 101 -5.86 15.32 16.14
N LEU C 102 -5.31 14.42 15.31
CA LEU C 102 -6.14 13.43 14.65
C LEU C 102 -6.83 12.53 15.66
N LEU C 103 -6.10 12.11 16.71
CA LEU C 103 -6.70 11.27 17.73
C LEU C 103 -7.83 11.98 18.46
N GLU C 104 -7.62 13.24 18.82
CA GLU C 104 -8.68 13.99 19.51
C GLU C 104 -9.89 14.19 18.60
N GLN C 105 -9.65 14.46 17.31
CA GLN C 105 -10.76 14.62 16.38
C GLN C 105 -11.54 13.32 16.26
N ALA C 106 -10.85 12.19 16.18
CA ALA C 106 -11.53 10.90 16.11
C ALA C 106 -12.33 10.63 17.38
N ILE C 107 -11.78 10.97 18.54
CA ILE C 107 -12.50 10.77 19.80
C ILE C 107 -13.78 11.60 19.82
N ARG C 108 -13.69 12.87 19.44
CA ARG C 108 -14.89 13.70 19.44
C ARG C 108 -15.90 13.20 18.41
N GLU C 109 -15.44 12.73 17.26
CA GLU C 109 -16.36 12.19 16.26
C GLU C 109 -17.08 10.96 16.78
N GLN C 110 -16.35 10.06 17.45
CA GLN C 110 -16.97 8.87 18.02
C GLN C 110 -18.00 9.25 19.09
N ARG C 111 -17.66 10.20 19.95
CA ARG C 111 -18.61 10.64 20.98
C ARG C 111 -19.84 11.26 20.34
N LEU C 112 -19.65 12.07 19.30
CA LEU C 112 -20.79 12.71 18.64
C LEU C 112 -21.69 11.67 17.99
N TYR C 113 -21.12 10.66 17.33
CA TYR C 113 -21.95 9.64 16.73
C TYR C 113 -22.70 8.83 17.79
N LYS C 114 -22.03 8.54 18.91
CA LYS C 114 -22.72 7.84 19.99
C LYS C 114 -23.89 8.65 20.53
N GLN C 115 -23.69 9.97 20.70
CA GLN C 115 -24.78 10.82 21.16
C GLN C 115 -25.92 10.86 20.14
N GLU C 116 -25.59 10.92 18.85
CA GLU C 116 -26.63 10.95 17.82
C GLU C 116 -27.43 9.65 17.82
N ARG C 117 -26.74 8.51 17.91
CA ARG C 117 -27.45 7.24 17.94
C ARG C 117 -28.32 7.12 19.18
N GLY C 118 -27.80 7.57 20.33
CA GLY C 118 -28.59 7.54 21.55
C GLY C 118 -29.71 8.56 21.62
N GLY C 119 -29.76 9.50 20.68
CA GLY C 119 -30.82 10.49 20.65
C GLY C 119 -32.16 9.99 20.15
N SER C 120 -32.21 8.79 19.59
CA SER C 120 -33.45 8.20 19.11
C SER C 120 -34.13 7.34 20.17
N GLN C 121 -33.55 7.22 21.36
CA GLN C 121 -34.15 6.44 22.43
C GLN C 121 -34.18 7.23 23.73
N GLU D 1 -30.01 -39.66 66.08
CA GLU D 1 -30.66 -39.99 64.83
C GLU D 1 -29.64 -40.28 63.73
N THR D 2 -29.99 -41.17 62.81
CA THR D 2 -29.09 -41.55 61.73
C THR D 2 -29.31 -40.65 60.53
N PHE D 3 -28.23 -40.04 60.04
CA PHE D 3 -28.31 -39.14 58.91
C PHE D 3 -28.53 -39.90 57.61
N ASP D 4 -29.49 -39.42 56.82
CA ASP D 4 -29.76 -39.99 55.51
C ASP D 4 -29.23 -39.05 54.43
N PRO D 5 -28.16 -39.40 53.72
CA PRO D 5 -27.59 -38.46 52.74
C PRO D 5 -28.52 -38.10 51.59
N THR D 6 -29.55 -38.90 51.31
CA THR D 6 -30.45 -38.59 50.22
C THR D 6 -31.29 -37.34 50.49
N GLU D 7 -31.39 -36.92 51.75
CA GLU D 7 -32.13 -35.72 52.11
C GLU D 7 -31.25 -34.49 52.20
N LEU D 8 -29.96 -34.62 51.85
CA LEU D 8 -29.02 -33.53 52.01
C LEU D 8 -29.36 -32.26 51.22
N PRO D 9 -29.73 -32.32 49.94
CA PRO D 9 -29.88 -31.06 49.17
C PRO D 9 -30.89 -30.08 49.75
N GLU D 10 -32.04 -30.56 50.22
CA GLU D 10 -33.06 -29.64 50.73
C GLU D 10 -32.60 -28.96 52.02
N LEU D 11 -32.04 -29.74 52.94
CA LEU D 11 -31.52 -29.15 54.17
C LEU D 11 -30.37 -28.19 53.87
N LEU D 12 -29.53 -28.53 52.90
CA LEU D 12 -28.44 -27.62 52.52
C LEU D 12 -28.98 -26.31 51.97
N LYS D 13 -30.00 -26.37 51.12
CA LYS D 13 -30.60 -25.17 50.58
C LYS D 13 -31.19 -24.31 51.69
N LEU D 14 -31.93 -24.94 52.61
CA LEU D 14 -32.54 -24.18 53.70
C LEU D 14 -31.47 -23.55 54.59
N TYR D 15 -30.40 -24.30 54.88
CA TYR D 15 -29.34 -23.80 55.74
C TYR D 15 -28.61 -22.63 55.09
N TYR D 16 -28.28 -22.75 53.81
CA TYR D 16 -27.61 -21.65 53.13
C TYR D 16 -28.53 -20.46 52.89
N ARG D 17 -29.86 -20.68 52.93
CA ARG D 17 -30.81 -19.60 52.74
C ARG D 17 -31.09 -18.83 54.03
N ARG D 18 -31.14 -19.51 55.17
CA ARG D 18 -31.63 -18.89 56.39
C ARG D 18 -30.66 -18.87 57.55
N LEU D 19 -29.81 -19.89 57.71
CA LEU D 19 -29.03 -20.05 58.93
C LEU D 19 -27.56 -19.68 58.79
N PHE D 20 -27.00 -19.71 57.59
CA PHE D 20 -25.58 -19.38 57.43
C PHE D 20 -25.34 -17.93 57.81
N PRO D 21 -24.37 -17.65 58.68
CA PRO D 21 -24.11 -16.26 59.14
C PRO D 21 -23.26 -15.45 58.18
N TYR D 22 -23.91 -14.89 57.16
CA TYR D 22 -23.21 -14.11 56.15
C TYR D 22 -22.63 -12.82 56.73
N SER D 23 -23.36 -12.19 57.65
CA SER D 23 -22.92 -10.89 58.18
C SER D 23 -21.63 -11.04 58.98
N GLN D 24 -21.60 -11.99 59.92
CA GLN D 24 -20.39 -12.21 60.69
C GLN D 24 -19.24 -12.68 59.80
N TYR D 25 -19.57 -13.51 58.81
CA TYR D 25 -18.55 -13.97 57.86
C TYR D 25 -17.89 -12.80 57.14
N TYR D 26 -18.70 -11.87 56.63
CA TYR D 26 -18.13 -10.73 55.93
C TYR D 26 -17.41 -9.79 56.88
N ARG D 27 -17.88 -9.68 58.12
CA ARG D 27 -17.18 -8.85 59.10
C ARG D 27 -15.79 -9.42 59.39
N TRP D 28 -15.69 -10.75 59.51
CA TRP D 28 -14.39 -11.37 59.75
C TRP D 28 -13.48 -11.24 58.54
N LEU D 29 -13.98 -11.56 57.36
CA LEU D 29 -13.14 -11.63 56.17
C LEU D 29 -12.82 -10.27 55.56
N ASN D 30 -13.21 -9.17 56.20
CA ASN D 30 -12.90 -7.84 55.70
C ASN D 30 -11.86 -7.11 56.53
N TYR D 31 -11.75 -7.42 57.82
CA TYR D 31 -10.76 -6.81 58.71
C TYR D 31 -10.89 -5.29 58.75
N GLY D 32 -12.11 -4.80 58.73
CA GLY D 32 -12.39 -3.39 58.96
C GLY D 32 -12.18 -2.47 57.78
N GLY D 33 -11.75 -2.99 56.63
CA GLY D 33 -11.54 -2.15 55.48
C GLY D 33 -10.38 -1.18 55.60
N VAL D 34 -9.39 -1.49 56.45
CA VAL D 34 -8.24 -0.61 56.58
C VAL D 34 -7.43 -0.56 55.30
N ILE D 35 -7.31 -1.70 54.61
CA ILE D 35 -6.59 -1.79 53.36
C ILE D 35 -7.61 -1.91 52.23
N LYS D 36 -7.44 -1.08 51.20
CA LYS D 36 -8.35 -1.10 50.07
C LYS D 36 -8.26 -2.43 49.33
N ASN D 37 -9.43 -2.97 48.97
CA ASN D 37 -9.55 -4.20 48.20
C ASN D 37 -8.87 -5.38 48.90
N TYR D 38 -9.40 -5.71 50.09
CA TYR D 38 -8.94 -6.89 50.82
C TYR D 38 -9.86 -8.09 50.61
N PHE D 39 -11.18 -7.90 50.76
CA PHE D 39 -12.10 -9.01 50.53
C PHE D 39 -12.26 -9.32 49.05
N GLN D 40 -12.08 -8.31 48.19
CA GLN D 40 -12.23 -8.53 46.75
C GLN D 40 -11.14 -9.43 46.19
N HIS D 41 -10.06 -9.67 46.93
CA HIS D 41 -8.96 -10.50 46.47
C HIS D 41 -8.91 -11.86 47.13
N ARG D 42 -9.75 -12.11 48.14
CA ARG D 42 -9.75 -13.40 48.81
C ARG D 42 -10.26 -14.48 47.87
N GLU D 43 -9.54 -15.61 47.83
CA GLU D 43 -9.85 -16.68 46.89
C GLU D 43 -10.61 -17.80 47.60
N PHE D 44 -11.76 -18.15 47.05
CA PHE D 44 -12.56 -19.28 47.52
C PHE D 44 -12.45 -20.44 46.54
N SER D 45 -12.94 -21.59 46.96
CA SER D 45 -12.95 -22.78 46.10
C SER D 45 -14.06 -23.69 46.58
N PHE D 46 -15.15 -23.75 45.83
CA PHE D 46 -16.31 -24.55 46.19
C PHE D 46 -16.27 -25.91 45.52
N THR D 47 -16.96 -26.88 46.12
CA THR D 47 -17.18 -28.18 45.53
C THR D 47 -18.68 -28.37 45.32
N LEU D 48 -19.09 -28.50 44.07
CA LEU D 48 -20.50 -28.61 43.74
C LEU D 48 -20.96 -30.05 43.88
N LYS D 49 -22.20 -30.33 43.47
CA LYS D 49 -22.73 -31.67 43.54
C LYS D 49 -22.01 -32.59 42.53
N ASP D 50 -21.93 -33.87 42.89
CA ASP D 50 -21.36 -34.90 42.02
C ASP D 50 -19.87 -34.64 41.75
N ASP D 51 -19.16 -34.13 42.76
CA ASP D 51 -17.71 -33.98 42.74
C ASP D 51 -17.24 -33.11 41.56
N ILE D 52 -17.65 -31.84 41.61
CA ILE D 52 -17.17 -30.83 40.67
C ILE D 52 -16.35 -29.82 41.45
N TYR D 53 -15.08 -29.70 41.09
CA TYR D 53 -14.13 -28.87 41.82
C TYR D 53 -13.79 -27.64 41.00
N ILE D 54 -14.06 -26.46 41.55
CA ILE D 54 -13.75 -25.18 40.91
C ILE D 54 -13.06 -24.29 41.94
N ARG D 55 -11.93 -23.70 41.56
CA ARG D 55 -11.20 -22.78 42.41
C ARG D 55 -11.06 -21.44 41.69
N TYR D 56 -10.27 -20.53 42.28
CA TYR D 56 -10.09 -19.18 41.77
C TYR D 56 -11.44 -18.45 41.68
N GLN D 57 -12.08 -18.30 42.83
CA GLN D 57 -13.36 -17.62 42.94
C GLN D 57 -13.23 -16.41 43.87
N SER D 58 -13.93 -15.34 43.54
CA SER D 58 -13.90 -14.14 44.35
C SER D 58 -15.23 -13.42 44.22
N PHE D 59 -15.52 -12.54 45.17
CA PHE D 59 -16.79 -11.84 45.22
C PHE D 59 -16.55 -10.37 45.55
N ASN D 60 -17.50 -9.54 45.16
CA ASN D 60 -17.35 -8.09 45.30
C ASN D 60 -17.81 -7.59 46.66
N ASN D 61 -18.92 -8.11 47.18
CA ASN D 61 -19.45 -7.65 48.46
C ASN D 61 -20.33 -8.75 49.05
N GLN D 62 -20.96 -8.45 50.18
CA GLN D 62 -21.72 -9.46 50.92
C GLN D 62 -22.92 -9.96 50.12
N SER D 63 -23.63 -9.05 49.45
CA SER D 63 -24.83 -9.45 48.71
C SER D 63 -24.49 -10.41 47.58
N ASP D 64 -23.41 -10.14 46.85
CA ASP D 64 -22.99 -11.04 45.79
C ASP D 64 -22.62 -12.41 46.34
N LEU D 65 -21.94 -12.44 47.48
CA LEU D 65 -21.58 -13.71 48.10
C LEU D 65 -22.81 -14.50 48.50
N GLU D 66 -23.79 -13.83 49.11
CA GLU D 66 -25.05 -14.47 49.46
C GLU D 66 -25.73 -15.05 48.22
N LYS D 67 -25.82 -14.26 47.16
CA LYS D 67 -26.47 -14.72 45.94
C LYS D 67 -25.74 -15.92 45.34
N GLU D 68 -24.41 -15.90 45.35
CA GLU D 68 -23.65 -16.99 44.76
C GLU D 68 -23.83 -18.29 45.53
N MET D 69 -23.73 -18.24 46.87
CA MET D 69 -23.96 -19.46 47.64
C MET D 69 -25.40 -19.93 47.51
N GLN D 70 -26.36 -19.01 47.45
CA GLN D 70 -27.75 -19.42 47.29
C GLN D 70 -27.98 -20.11 45.96
N LYS D 71 -27.35 -19.60 44.89
CA LYS D 71 -27.55 -20.17 43.57
C LYS D 71 -26.85 -21.52 43.42
N MET D 72 -25.62 -21.64 43.92
CA MET D 72 -24.83 -22.83 43.64
C MET D 72 -25.05 -23.95 44.66
N ASN D 73 -25.29 -23.61 45.92
CA ASN D 73 -25.46 -24.59 47.00
C ASN D 73 -24.27 -25.55 47.06
N PRO D 74 -23.09 -25.08 47.46
CA PRO D 74 -21.91 -25.95 47.45
C PRO D 74 -21.90 -26.90 48.63
N TYR D 75 -21.30 -28.08 48.40
CA TYR D 75 -21.15 -29.07 49.46
C TYR D 75 -20.02 -28.71 50.41
N LYS D 76 -18.94 -28.12 49.90
CA LYS D 76 -17.80 -27.75 50.71
C LYS D 76 -17.34 -26.35 50.34
N ILE D 77 -16.82 -25.63 51.33
CA ILE D 77 -16.33 -24.26 51.16
C ILE D 77 -14.93 -24.19 51.72
N ASP D 78 -14.04 -23.51 50.99
CA ASP D 78 -12.65 -23.36 51.40
C ASP D 78 -12.23 -21.90 51.26
N ILE D 79 -11.20 -21.52 52.02
CA ILE D 79 -10.68 -20.16 52.03
C ILE D 79 -9.21 -20.20 51.65
N GLY D 80 -8.82 -19.35 50.70
CA GLY D 80 -7.44 -19.29 50.26
C GLY D 80 -6.69 -18.08 50.77
N ALA D 81 -5.70 -17.62 50.00
CA ALA D 81 -4.89 -16.47 50.35
C ALA D 81 -5.29 -15.27 49.52
N VAL D 82 -4.87 -14.09 49.97
CA VAL D 82 -5.14 -12.84 49.27
C VAL D 82 -4.08 -12.66 48.20
N TYR D 83 -4.52 -12.47 46.95
CA TYR D 83 -3.62 -12.32 45.82
C TYR D 83 -3.43 -10.85 45.48
N SER D 84 -2.66 -10.59 44.43
CA SER D 84 -2.43 -9.23 43.95
C SER D 84 -3.45 -8.80 42.90
N HIS D 85 -4.37 -9.68 42.52
CA HIS D 85 -5.40 -9.36 41.54
C HIS D 85 -6.62 -10.22 41.83
N ARG D 86 -7.75 -9.82 41.27
CA ARG D 86 -8.98 -10.58 41.47
C ARG D 86 -8.81 -11.98 40.89
N PRO D 87 -8.99 -13.04 41.69
CA PRO D 87 -8.74 -14.39 41.19
C PRO D 87 -9.58 -14.78 39.98
N ASN D 88 -10.82 -14.32 39.89
CA ASN D 88 -11.65 -14.70 38.76
C ASN D 88 -11.20 -14.06 37.45
N GLN D 89 -10.28 -13.09 37.50
CA GLN D 89 -9.71 -12.47 36.32
C GLN D 89 -8.19 -12.65 36.31
N HIS D 90 -7.73 -13.86 36.64
CA HIS D 90 -6.30 -14.11 36.77
C HIS D 90 -5.59 -14.27 35.43
N ASN D 91 -6.33 -14.38 34.33
CA ASN D 91 -5.70 -14.49 33.02
C ASN D 91 -5.49 -13.15 32.34
N THR D 92 -5.99 -12.06 32.91
CA THR D 92 -5.82 -10.72 32.35
C THR D 92 -4.58 -10.01 32.89
N VAL D 93 -3.60 -10.77 33.40
CA VAL D 93 -2.38 -10.22 33.98
C VAL D 93 -1.20 -11.02 33.44
N LYS D 94 -0.13 -10.31 33.07
CA LYS D 94 1.07 -10.96 32.56
C LYS D 94 1.56 -12.01 33.56
N LEU D 95 1.94 -13.18 33.02
CA LEU D 95 2.34 -14.30 33.87
C LEU D 95 3.53 -13.92 34.73
N GLY D 96 3.48 -14.34 36.00
CA GLY D 96 4.50 -14.00 36.97
C GLY D 96 4.17 -12.82 37.87
N ALA D 97 3.12 -12.06 37.53
CA ALA D 97 2.68 -10.94 38.36
C ALA D 97 1.45 -11.29 39.19
N PHE D 98 1.09 -12.57 39.29
CA PHE D 98 -0.07 -13.03 40.04
C PHE D 98 0.45 -13.99 41.12
N GLN D 99 0.69 -13.45 42.32
CA GLN D 99 1.27 -14.21 43.41
C GLN D 99 0.49 -13.98 44.69
N ALA D 100 0.45 -15.01 45.53
CA ALA D 100 -0.20 -14.89 46.82
C ALA D 100 0.63 -14.00 47.75
N GLN D 101 -0.07 -13.21 48.57
CA GLN D 101 0.60 -12.27 49.45
C GLN D 101 0.38 -12.56 50.93
N GLU D 102 -0.87 -12.70 51.37
CA GLU D 102 -1.17 -12.82 52.80
C GLU D 102 -2.16 -13.97 53.03
N LYS D 103 -1.98 -14.65 54.16
CA LYS D 103 -2.90 -15.68 54.60
C LYS D 103 -2.64 -15.97 56.07
N GLU D 104 -3.72 -16.19 56.83
CA GLU D 104 -3.60 -16.45 58.24
C GLU D 104 -2.96 -17.82 58.48
N LEU D 105 -2.07 -17.88 59.47
CA LEU D 105 -1.43 -19.14 59.82
C LEU D 105 -2.47 -20.14 60.34
N VAL D 106 -2.33 -21.39 59.93
CA VAL D 106 -3.31 -22.42 60.27
C VAL D 106 -2.57 -23.66 60.78
N PHE D 107 -3.34 -24.53 61.45
CA PHE D 107 -2.82 -25.78 61.98
C PHE D 107 -3.85 -26.88 61.75
N ASP D 108 -3.38 -28.13 61.79
CA ASP D 108 -4.25 -29.27 61.56
C ASP D 108 -3.84 -30.42 62.49
N ILE D 109 -4.83 -31.05 63.10
CA ILE D 109 -4.65 -32.21 63.96
C ILE D 109 -5.71 -33.23 63.59
N ASP D 110 -5.35 -34.52 63.59
CA ASP D 110 -6.27 -35.54 63.12
C ASP D 110 -6.07 -36.84 63.91
N MET D 111 -7.12 -37.67 63.89
CA MET D 111 -7.05 -38.98 64.52
C MET D 111 -6.02 -39.88 63.84
N THR D 112 -5.93 -39.81 62.51
CA THR D 112 -5.16 -40.78 61.74
C THR D 112 -3.67 -40.77 62.08
N ASP D 113 -3.22 -39.85 62.92
CA ASP D 113 -1.84 -39.84 63.41
C ASP D 113 -1.71 -40.52 64.78
N TYR D 114 -2.72 -41.28 65.20
CA TYR D 114 -2.70 -41.95 66.49
C TYR D 114 -3.16 -43.40 66.40
N ASP D 115 -3.32 -43.95 65.20
CA ASP D 115 -3.85 -45.30 65.06
C ASP D 115 -2.90 -46.34 65.67
N ASP D 116 -1.61 -46.02 65.75
CA ASP D 116 -0.64 -46.94 66.32
C ASP D 116 -0.40 -46.69 67.80
N VAL D 117 -1.11 -45.76 68.41
CA VAL D 117 -0.89 -45.43 69.82
C VAL D 117 -2.14 -45.75 70.63
N ARG D 118 -3.31 -45.65 70.01
CA ARG D 118 -4.58 -45.85 70.69
C ARG D 118 -5.18 -47.19 70.32
N ARG D 119 -6.02 -47.72 71.23
CA ARG D 119 -6.68 -49.00 71.02
C ARG D 119 -8.17 -48.99 71.33
N CYS D 120 -8.70 -47.91 71.92
CA CYS D 120 -10.11 -47.89 72.30
C CYS D 120 -11.02 -48.01 71.08
N CYS D 121 -10.70 -47.27 70.01
CA CYS D 121 -11.49 -47.27 68.80
C CYS D 121 -10.80 -48.11 67.72
N SER D 122 -11.41 -48.13 66.54
CA SER D 122 -10.87 -48.85 65.39
C SER D 122 -10.86 -47.92 64.19
N SER D 123 -9.69 -47.78 63.57
CA SER D 123 -9.52 -46.98 62.35
C SER D 123 -9.95 -45.53 62.54
N ALA D 124 -11.08 -45.15 61.95
CA ALA D 124 -11.53 -43.76 61.89
C ALA D 124 -12.76 -43.50 62.74
N ASP D 125 -12.80 -44.09 63.93
CA ASP D 125 -13.91 -43.89 64.86
C ASP D 125 -13.43 -43.11 66.08
N ILE D 126 -14.36 -42.46 66.77
CA ILE D 126 -14.07 -41.65 67.94
C ILE D 126 -15.02 -42.03 69.06
N CYS D 127 -14.49 -42.10 70.27
CA CYS D 127 -15.24 -42.38 71.48
C CYS D 127 -14.82 -41.38 72.55
N PRO D 128 -15.66 -41.16 73.57
CA PRO D 128 -15.32 -40.18 74.61
C PRO D 128 -14.00 -40.46 75.33
N LYS D 129 -13.39 -41.63 75.14
CA LYS D 129 -12.11 -41.90 75.76
C LYS D 129 -10.95 -41.23 75.02
N CYS D 130 -11.03 -41.12 73.69
CA CYS D 130 -9.91 -40.64 72.90
C CYS D 130 -9.96 -39.14 72.60
N TRP D 131 -11.01 -38.44 73.03
CA TRP D 131 -11.05 -37.00 72.83
C TRP D 131 -10.15 -36.25 73.80
N THR D 132 -9.70 -36.90 74.87
CA THR D 132 -8.70 -36.30 75.74
C THR D 132 -7.41 -36.01 74.99
N LEU D 133 -7.12 -36.79 73.95
CA LEU D 133 -5.95 -36.50 73.13
C LEU D 133 -6.04 -35.12 72.50
N MET D 134 -7.19 -34.82 71.88
CA MET D 134 -7.38 -33.49 71.32
C MET D 134 -7.45 -32.42 72.38
N THR D 135 -7.99 -32.74 73.57
CA THR D 135 -7.99 -31.76 74.65
C THR D 135 -6.56 -31.36 75.03
N MET D 136 -5.69 -32.36 75.22
CA MET D 136 -4.30 -32.08 75.55
C MET D 136 -3.59 -31.35 74.42
N ALA D 137 -3.84 -31.75 73.18
CA ALA D 137 -3.21 -31.08 72.05
C ALA D 137 -3.63 -29.61 71.99
N ILE D 138 -4.92 -29.34 72.19
CA ILE D 138 -5.42 -27.97 72.18
C ILE D 138 -4.75 -27.16 73.28
N ARG D 139 -4.68 -27.72 74.48
CA ARG D 139 -4.08 -26.98 75.59
C ARG D 139 -2.60 -26.69 75.34
N ILE D 140 -1.86 -27.69 74.86
CA ILE D 140 -0.43 -27.50 74.63
C ILE D 140 -0.19 -26.44 73.55
N ILE D 141 -0.88 -26.57 72.41
CA ILE D 141 -0.66 -25.64 71.31
C ILE D 141 -1.09 -24.24 71.71
N ASP D 142 -2.23 -24.10 72.40
CA ASP D 142 -2.71 -22.79 72.80
C ASP D 142 -1.75 -22.13 73.79
N ARG D 143 -1.26 -22.89 74.77
CA ARG D 143 -0.31 -22.32 75.72
C ARG D 143 0.97 -21.87 75.02
N ALA D 144 1.48 -22.70 74.11
CA ALA D 144 2.70 -22.34 73.40
C ALA D 144 2.50 -21.07 72.58
N LEU D 145 1.40 -21.00 71.82
CA LEU D 145 1.15 -19.86 70.97
C LEU D 145 0.79 -18.60 71.75
N LYS D 146 0.33 -18.75 72.99
CA LYS D 146 -0.01 -17.57 73.78
C LYS D 146 1.18 -17.03 74.56
N GLU D 147 2.03 -17.91 75.11
CA GLU D 147 3.14 -17.49 75.94
C GLU D 147 4.46 -17.43 75.19
N ASP D 148 4.85 -18.51 74.51
CA ASP D 148 6.15 -18.55 73.87
C ASP D 148 6.24 -17.57 72.71
N PHE D 149 5.18 -17.48 71.90
CA PHE D 149 5.18 -16.64 70.71
C PHE D 149 4.48 -15.31 70.90
N GLY D 150 3.30 -15.31 71.53
CA GLY D 150 2.58 -14.07 71.75
C GLY D 150 1.59 -13.74 70.65
N PHE D 151 0.79 -14.71 70.22
CA PHE D 151 -0.25 -14.50 69.23
C PHE D 151 -1.57 -14.34 69.95
N LYS D 152 -2.22 -13.19 69.75
CA LYS D 152 -3.37 -12.83 70.57
C LYS D 152 -4.65 -13.52 70.10
N HIS D 153 -5.06 -13.25 68.86
CA HIS D 153 -6.34 -13.74 68.34
C HIS D 153 -6.18 -15.14 67.78
N ARG D 154 -6.92 -16.08 68.34
CA ARG D 154 -6.90 -17.47 67.89
C ARG D 154 -8.32 -17.99 67.85
N LEU D 155 -8.62 -18.80 66.83
CA LEU D 155 -9.93 -19.42 66.69
C LEU D 155 -9.74 -20.92 66.52
N TRP D 156 -10.40 -21.70 67.36
CA TRP D 156 -10.31 -23.15 67.32
C TRP D 156 -11.63 -23.69 66.78
N VAL D 157 -11.56 -24.43 65.67
CA VAL D 157 -12.74 -24.86 64.95
C VAL D 157 -12.76 -26.38 64.89
N TYR D 158 -13.86 -26.97 65.31
CA TYR D 158 -14.05 -28.41 65.17
C TYR D 158 -14.17 -28.77 63.69
N SER D 159 -13.31 -29.69 63.22
CA SER D 159 -13.26 -30.00 61.80
C SER D 159 -14.53 -30.70 61.32
N GLY D 160 -15.32 -31.26 62.22
CA GLY D 160 -16.56 -31.91 61.84
C GLY D 160 -16.58 -33.38 62.17
N ARG D 161 -15.49 -34.09 61.92
CA ARG D 161 -15.42 -35.51 62.20
C ARG D 161 -14.39 -35.86 63.27
N ARG D 162 -13.11 -35.52 63.08
CA ARG D 162 -12.07 -36.05 63.93
C ARG D 162 -10.99 -35.04 64.32
N GLY D 163 -11.03 -33.81 63.82
CA GLY D 163 -9.92 -32.89 64.00
C GLY D 163 -10.37 -31.52 64.50
N VAL D 164 -9.38 -30.69 64.81
CA VAL D 164 -9.60 -29.31 65.19
C VAL D 164 -8.60 -28.44 64.44
N HIS D 165 -9.08 -27.33 63.88
CA HIS D 165 -8.23 -26.37 63.21
C HIS D 165 -7.95 -25.18 64.12
N CYS D 166 -6.91 -24.42 63.77
CA CYS D 166 -6.51 -23.25 64.55
C CYS D 166 -6.23 -22.12 63.58
N TRP D 167 -7.06 -21.08 63.60
CA TRP D 167 -6.91 -19.92 62.73
C TRP D 167 -6.29 -18.79 63.54
N VAL D 168 -5.01 -18.54 63.31
CA VAL D 168 -4.30 -17.44 63.94
C VAL D 168 -4.42 -16.23 63.02
N CYS D 169 -5.20 -15.23 63.44
CA CYS D 169 -5.55 -14.13 62.56
C CYS D 169 -5.08 -12.79 63.11
N ASP D 170 -3.82 -12.72 63.55
CA ASP D 170 -3.27 -11.47 64.04
C ASP D 170 -2.91 -10.57 62.86
N GLU D 171 -2.24 -9.45 63.14
CA GLU D 171 -1.89 -8.50 62.10
C GLU D 171 -0.53 -8.80 61.49
N SER D 172 0.48 -9.05 62.32
CA SER D 172 1.82 -9.33 61.80
C SER D 172 1.98 -10.79 61.38
N VAL D 173 1.09 -11.67 61.80
CA VAL D 173 1.19 -13.08 61.42
C VAL D 173 0.88 -13.25 59.94
N ARG D 174 -0.08 -12.48 59.42
CA ARG D 174 -0.55 -12.68 58.06
C ARG D 174 0.54 -12.39 57.03
N LYS D 175 1.49 -11.53 57.36
CA LYS D 175 2.54 -11.14 56.42
C LYS D 175 3.77 -12.04 56.49
N LEU D 176 3.77 -13.06 57.33
CA LEU D 176 4.93 -13.93 57.47
C LEU D 176 5.18 -14.72 56.20
N SER D 177 6.46 -14.96 55.91
CA SER D 177 6.86 -15.75 54.75
C SER D 177 6.74 -17.25 55.07
N SER D 178 7.04 -18.07 54.07
CA SER D 178 6.95 -19.52 54.26
C SER D 178 8.04 -20.04 55.17
N ALA D 179 9.24 -19.46 55.11
CA ALA D 179 10.35 -19.95 55.91
C ALA D 179 10.06 -19.82 57.40
N VAL D 180 9.47 -18.70 57.82
CA VAL D 180 9.19 -18.50 59.24
C VAL D 180 8.10 -19.46 59.70
N ARG D 181 7.11 -19.73 58.84
CA ARG D 181 6.08 -20.70 59.19
C ARG D 181 6.67 -22.10 59.35
N SER D 182 7.56 -22.49 58.44
CA SER D 182 8.24 -23.77 58.57
C SER D 182 9.07 -23.84 59.85
N GLY D 183 9.74 -22.73 60.19
CA GLY D 183 10.47 -22.69 61.43
C GLY D 183 9.59 -22.85 62.65
N ILE D 184 8.42 -22.23 62.63
CA ILE D 184 7.47 -22.37 63.74
C ILE D 184 7.02 -23.82 63.86
N VAL D 185 6.66 -24.43 62.73
CA VAL D 185 6.19 -25.82 62.75
C VAL D 185 7.28 -26.74 63.27
N GLU D 186 8.53 -26.51 62.84
CA GLU D 186 9.64 -27.31 63.34
C GLU D 186 9.87 -27.09 64.83
N TYR D 187 9.66 -25.85 65.30
CA TYR D 187 9.80 -25.56 66.73
C TYR D 187 8.72 -26.24 67.56
N LEU D 188 7.55 -26.47 66.97
CA LEU D 188 6.43 -27.07 67.70
C LEU D 188 6.27 -28.56 67.44
N SER D 189 7.37 -29.29 67.24
CA SER D 189 7.30 -30.71 66.97
C SER D 189 8.33 -31.46 67.81
N LEU D 190 7.90 -32.61 68.35
CA LEU D 190 8.79 -33.53 69.06
C LEU D 190 8.77 -34.94 68.50
N VAL D 191 7.61 -35.44 68.09
CA VAL D 191 7.47 -36.80 67.57
C VAL D 191 7.92 -36.76 66.11
N LYS D 192 9.18 -37.13 65.87
CA LYS D 192 9.79 -37.07 64.55
C LYS D 192 10.30 -38.46 64.18
N GLY D 193 10.06 -38.85 62.93
CA GLY D 193 10.53 -40.12 62.41
C GLY D 193 9.50 -40.77 61.50
N GLY D 194 9.97 -41.74 60.72
CA GLY D 194 9.12 -42.47 59.80
C GLY D 194 8.38 -43.60 60.46
N GLN D 195 7.69 -44.38 59.63
CA GLN D 195 6.91 -45.51 60.14
C GLN D 195 7.81 -46.62 60.67
N ASP D 196 8.94 -46.88 60.00
CA ASP D 196 9.80 -47.99 60.37
C ASP D 196 10.52 -47.78 61.69
N VAL D 197 10.49 -46.58 62.25
CA VAL D 197 11.17 -46.28 63.51
C VAL D 197 10.19 -46.51 64.66
N LYS D 198 10.62 -47.27 65.66
CA LYS D 198 9.78 -47.58 66.81
C LYS D 198 9.85 -46.52 67.90
N LYS D 199 11.04 -46.02 68.20
CA LYS D 199 11.23 -44.97 69.20
C LYS D 199 11.32 -43.63 68.46
N LYS D 200 10.28 -42.81 68.61
CA LYS D 200 10.16 -41.57 67.86
C LYS D 200 10.44 -40.32 68.70
N VAL D 201 10.88 -40.49 69.95
CA VAL D 201 11.21 -39.36 70.82
C VAL D 201 12.57 -39.62 71.44
N HIS D 202 13.46 -38.64 71.34
CA HIS D 202 14.79 -38.72 71.94
C HIS D 202 15.04 -37.44 72.72
N LEU D 203 15.13 -37.55 74.04
CA LEU D 203 15.32 -36.41 74.92
C LEU D 203 16.75 -36.38 75.43
N SER D 204 17.38 -35.21 75.32
CA SER D 204 18.76 -35.04 75.75
C SER D 204 18.83 -34.85 77.26
N GLU D 205 20.05 -34.70 77.77
CA GLU D 205 20.24 -34.50 79.21
C GLU D 205 19.61 -33.18 79.66
N LYS D 206 19.78 -32.13 78.86
CA LYS D 206 19.20 -30.82 79.16
C LYS D 206 17.80 -30.74 78.56
N ILE D 207 16.86 -30.21 79.32
CA ILE D 207 15.45 -30.18 78.95
C ILE D 207 15.05 -28.75 78.65
N HIS D 208 14.49 -28.54 77.45
CA HIS D 208 14.01 -27.22 77.08
C HIS D 208 12.79 -26.83 77.92
N PRO D 209 12.63 -25.54 78.22
CA PRO D 209 11.45 -25.11 78.98
C PRO D 209 10.13 -25.46 78.32
N PHE D 210 10.07 -25.40 76.99
CA PHE D 210 8.83 -25.77 76.29
C PHE D 210 8.48 -27.22 76.54
N ILE D 211 9.45 -28.12 76.42
CA ILE D 211 9.22 -29.54 76.66
C ILE D 211 8.86 -29.77 78.13
N ARG D 212 9.52 -29.07 79.04
CA ARG D 212 9.22 -29.23 80.46
C ARG D 212 7.79 -28.81 80.78
N LYS D 213 7.33 -27.68 80.22
CA LYS D 213 5.98 -27.23 80.49
C LYS D 213 4.95 -28.13 79.81
N SER D 214 5.26 -28.64 78.61
CA SER D 214 4.36 -29.59 77.97
C SER D 214 4.23 -30.87 78.81
N ILE D 215 5.34 -31.35 79.36
CA ILE D 215 5.30 -32.53 80.21
C ILE D 215 4.47 -32.25 81.47
N ASN D 216 4.67 -31.08 82.07
CA ASN D 216 3.89 -30.72 83.26
C ASN D 216 2.40 -30.65 82.96
N ILE D 217 2.05 -30.21 81.74
CA ILE D 217 0.64 -30.18 81.35
C ILE D 217 0.10 -31.59 81.14
N ILE D 218 0.91 -32.46 80.54
CA ILE D 218 0.46 -33.81 80.20
C ILE D 218 0.13 -34.61 81.46
N LYS D 219 0.92 -34.43 82.52
CA LYS D 219 0.84 -35.32 83.68
C LYS D 219 -0.53 -35.31 84.34
N LYS D 220 -1.29 -34.21 84.21
CA LYS D 220 -2.59 -34.14 84.86
C LYS D 220 -3.63 -35.03 84.19
N TYR D 221 -3.42 -35.41 82.93
CA TYR D 221 -4.37 -36.25 82.20
C TYR D 221 -3.86 -37.66 81.93
N PHE D 222 -2.55 -37.90 82.09
CA PHE D 222 -1.97 -39.15 81.61
C PHE D 222 -2.54 -40.36 82.33
N GLU D 223 -2.68 -40.27 83.65
CA GLU D 223 -3.08 -41.43 84.45
C GLU D 223 -4.45 -41.95 84.02
N GLU D 224 -5.48 -41.12 84.16
CA GLU D 224 -6.85 -41.57 83.88
C GLU D 224 -7.00 -42.02 82.43
N TYR D 225 -6.45 -41.25 81.50
CA TYR D 225 -6.62 -41.59 80.09
C TYR D 225 -5.91 -42.89 79.72
N ALA D 226 -4.68 -43.08 80.22
CA ALA D 226 -3.86 -44.20 79.78
C ALA D 226 -4.10 -45.46 80.61
N LEU D 227 -3.86 -45.39 81.92
CA LEU D 227 -3.89 -46.60 82.72
C LEU D 227 -5.30 -47.14 82.91
N VAL D 228 -6.27 -46.25 83.10
CA VAL D 228 -7.64 -46.65 83.42
C VAL D 228 -8.41 -47.01 82.16
N ASN D 229 -8.57 -46.05 81.26
CA ASN D 229 -9.42 -46.24 80.09
C ASN D 229 -8.72 -47.04 79.00
N GLN D 230 -7.58 -46.55 78.53
CA GLN D 230 -6.87 -47.22 77.45
C GLN D 230 -6.38 -48.60 77.87
N ASP D 231 -5.88 -48.71 79.10
CA ASP D 231 -5.37 -49.98 79.64
C ASP D 231 -4.26 -50.53 78.75
N ILE D 232 -3.16 -49.77 78.69
CA ILE D 232 -2.06 -50.06 77.77
C ILE D 232 -1.11 -51.10 78.37
N LEU D 233 -1.53 -51.73 79.47
CA LEU D 233 -0.73 -52.77 80.12
C LEU D 233 -1.58 -53.98 80.48
N GLU D 234 -2.72 -54.15 79.82
CA GLU D 234 -3.65 -55.21 80.20
C GLU D 234 -3.12 -56.59 79.80
N ASN D 235 -2.63 -56.72 78.58
CA ASN D 235 -2.28 -58.02 78.02
C ASN D 235 -0.78 -58.13 77.79
N LYS D 236 -0.37 -59.31 77.32
CA LYS D 236 1.05 -59.55 77.02
C LYS D 236 1.54 -58.63 75.92
N GLU D 237 0.76 -58.49 74.84
CA GLU D 237 1.18 -57.68 73.71
C GLU D 237 1.31 -56.21 74.08
N SER D 238 0.50 -55.74 75.03
CA SER D 238 0.56 -54.35 75.44
C SER D 238 1.92 -53.98 76.00
N TRP D 239 2.32 -54.63 77.09
CA TRP D 239 3.64 -54.34 77.65
C TRP D 239 4.77 -54.87 76.77
N ASP D 240 4.48 -55.80 75.86
CA ASP D 240 5.49 -56.21 74.89
C ASP D 240 5.82 -55.06 73.93
N LYS D 241 4.80 -54.37 73.43
CA LYS D 241 5.05 -53.23 72.55
C LYS D 241 5.57 -52.03 73.33
N ILE D 242 5.20 -51.91 74.61
CA ILE D 242 5.78 -50.86 75.44
C ILE D 242 7.25 -51.12 75.67
N LEU D 243 7.63 -52.40 75.81
CA LEU D 243 9.01 -52.78 76.08
C LEU D 243 9.95 -52.47 74.94
N ALA D 244 9.44 -52.15 73.76
CA ALA D 244 10.29 -51.80 72.63
C ALA D 244 11.03 -50.48 72.83
N LEU D 245 10.60 -49.66 73.79
CA LEU D 245 11.21 -48.36 74.02
C LEU D 245 12.00 -48.28 75.32
N VAL D 246 12.32 -49.43 75.92
CA VAL D 246 13.05 -49.45 77.19
C VAL D 246 14.44 -50.03 76.95
N PRO D 247 15.39 -49.81 77.86
CA PRO D 247 16.73 -50.39 77.68
C PRO D 247 16.67 -51.92 77.56
N GLU D 248 17.54 -52.46 76.71
CA GLU D 248 17.57 -53.88 76.41
C GLU D 248 18.06 -54.72 77.57
N THR D 249 18.69 -54.12 78.58
CA THR D 249 19.27 -54.87 79.68
C THR D 249 18.27 -55.22 80.76
N ILE D 250 17.03 -54.76 80.67
CA ILE D 250 16.06 -54.97 81.74
C ILE D 250 14.77 -55.58 81.19
N HIS D 251 14.84 -56.18 80.00
CA HIS D 251 13.67 -56.81 79.42
C HIS D 251 13.13 -57.93 80.31
N ASP D 252 14.01 -58.86 80.72
CA ASP D 252 13.57 -59.97 81.54
C ASP D 252 13.07 -59.50 82.91
N GLU D 253 13.77 -58.53 83.51
CA GLU D 253 13.36 -58.01 84.80
C GLU D 253 11.98 -57.36 84.73
N LEU D 254 11.75 -56.54 83.70
CA LEU D 254 10.45 -55.88 83.55
C LEU D 254 9.36 -56.90 83.25
N GLN D 255 9.66 -57.91 82.44
CA GLN D 255 8.66 -58.94 82.16
C GLN D 255 8.28 -59.70 83.43
N GLN D 256 9.28 -60.06 84.24
CA GLN D 256 8.99 -60.75 85.50
C GLN D 256 8.20 -59.87 86.45
N SER D 257 8.55 -58.58 86.52
CA SER D 257 7.81 -57.66 87.38
C SER D 257 6.36 -57.52 86.93
N PHE D 258 6.15 -57.42 85.61
CA PHE D 258 4.79 -57.30 85.09
C PHE D 258 3.99 -58.57 85.33
N GLN D 259 4.64 -59.74 85.23
CA GLN D 259 3.97 -60.98 85.59
C GLN D 259 3.59 -60.99 87.06
N LYS D 260 4.48 -60.50 87.91
CA LYS D 260 4.15 -60.34 89.33
C LYS D 260 3.05 -59.31 89.51
N SER D 261 3.09 -58.23 88.75
CA SER D 261 2.09 -57.18 88.86
C SER D 261 0.74 -57.67 88.32
N HIS D 262 -0.32 -57.01 88.77
CA HIS D 262 -1.68 -57.41 88.44
C HIS D 262 -2.43 -56.39 87.59
N ASN D 263 -2.49 -55.14 88.02
CA ASN D 263 -3.20 -54.10 87.31
C ASN D 263 -2.22 -53.19 86.55
N SER D 264 -2.79 -52.28 85.77
CA SER D 264 -1.96 -51.35 85.01
C SER D 264 -1.22 -50.39 85.92
N LEU D 265 -1.86 -49.97 87.02
CA LEU D 265 -1.20 -49.07 87.95
C LEU D 265 0.03 -49.71 88.58
N GLN D 266 -0.07 -50.98 88.97
CA GLN D 266 1.07 -51.68 89.54
C GLN D 266 2.20 -51.81 88.52
N ARG D 267 1.86 -52.10 87.27
CA ARG D 267 2.88 -52.21 86.23
C ARG D 267 3.55 -50.87 85.99
N TRP D 268 2.78 -49.78 86.00
CA TRP D 268 3.37 -48.45 85.83
C TRP D 268 4.30 -48.11 86.98
N GLU D 269 3.89 -48.43 88.21
CA GLU D 269 4.75 -48.19 89.36
C GLU D 269 6.04 -49.01 89.27
N HIS D 270 5.93 -50.27 88.85
CA HIS D 270 7.11 -51.11 88.70
C HIS D 270 8.05 -50.57 87.63
N LEU D 271 7.48 -50.10 86.50
CA LEU D 271 8.31 -49.51 85.46
C LEU D 271 9.00 -48.25 85.96
N LYS D 272 8.29 -47.41 86.72
CA LYS D 272 8.91 -46.22 87.28
C LYS D 272 10.05 -46.57 88.21
N LYS D 273 9.85 -47.58 89.08
CA LYS D 273 10.92 -47.99 90.00
C LYS D 273 12.12 -48.54 89.23
N VAL D 274 11.87 -49.34 88.20
CA VAL D 274 12.96 -49.92 87.42
C VAL D 274 13.75 -48.81 86.72
N ALA D 275 13.04 -47.85 86.12
CA ALA D 275 13.73 -46.76 85.44
C ALA D 275 14.52 -45.90 86.41
N SER D 276 13.96 -45.64 87.60
CA SER D 276 14.69 -44.87 88.60
C SER D 276 15.93 -45.60 89.07
N ARG D 277 15.84 -46.92 89.27
CA ARG D 277 17.01 -47.69 89.68
C ARG D 277 18.06 -47.71 88.58
N TYR D 278 17.65 -47.85 87.32
CA TYR D 278 18.61 -47.89 86.22
C TYR D 278 19.24 -46.52 85.97
N GLN D 279 18.55 -45.45 86.32
CA GLN D 279 19.09 -44.11 86.08
C GLN D 279 20.37 -43.88 86.86
N ASN D 280 20.55 -44.56 87.99
CA ASN D 280 21.77 -44.42 88.77
C ASN D 280 22.93 -45.23 88.21
N ASN D 281 22.68 -46.07 87.20
CA ASN D 281 23.73 -46.88 86.58
C ASN D 281 23.94 -46.49 85.12
N ILE D 282 23.49 -45.30 84.71
CA ILE D 282 23.65 -44.84 83.34
C ILE D 282 25.01 -44.21 83.18
N LYS D 283 25.85 -44.80 82.32
CA LYS D 283 27.19 -44.31 82.06
C LYS D 283 27.45 -44.47 80.56
N ASN D 284 27.25 -43.39 79.80
CA ASN D 284 27.46 -43.38 78.35
C ASN D 284 26.60 -44.45 77.68
N ASP D 285 25.28 -44.29 77.83
CA ASP D 285 24.32 -45.22 77.27
C ASP D 285 23.42 -44.51 76.26
N LYS D 286 22.93 -45.27 75.29
CA LYS D 286 22.05 -44.71 74.27
C LYS D 286 20.76 -44.19 74.89
N TYR D 287 20.18 -44.95 75.81
CA TYR D 287 18.93 -44.54 76.45
C TYR D 287 19.21 -43.43 77.46
N GLY D 288 18.37 -42.39 77.43
CA GLY D 288 18.55 -41.26 78.31
C GLY D 288 18.06 -41.56 79.71
N PRO D 289 18.15 -40.54 80.58
CA PRO D 289 17.67 -40.71 81.95
C PRO D 289 16.20 -40.38 82.13
N TRP D 290 15.45 -40.33 81.02
CA TRP D 290 14.06 -39.88 81.02
C TRP D 290 13.17 -40.87 80.27
N LEU D 291 13.26 -42.16 80.61
CA LEU D 291 12.44 -43.17 79.95
C LEU D 291 10.95 -42.89 80.10
N GLU D 292 10.52 -42.57 81.33
CA GLU D 292 9.11 -42.33 81.57
C GLU D 292 8.60 -41.13 80.78
N TRP D 293 9.37 -40.04 80.77
CA TRP D 293 8.96 -38.86 80.02
C TRP D 293 8.95 -39.14 78.52
N GLU D 294 9.91 -39.93 78.04
CA GLU D 294 9.91 -40.30 76.63
C GLU D 294 8.68 -41.12 76.27
N ILE D 295 8.29 -42.06 77.14
CA ILE D 295 7.08 -42.84 76.89
C ILE D 295 5.85 -41.95 76.87
N MET D 296 5.76 -41.03 77.84
CA MET D 296 4.61 -40.13 77.88
C MET D 296 4.53 -39.27 76.64
N LEU D 297 5.68 -38.74 76.18
CA LEU D 297 5.70 -37.93 74.97
C LEU D 297 5.30 -38.75 73.76
N GLN D 298 5.79 -39.97 73.64
CA GLN D 298 5.45 -40.80 72.49
C GLN D 298 3.98 -41.18 72.49
N TYR D 299 3.37 -41.35 73.66
CA TYR D 299 1.99 -41.79 73.74
C TYR D 299 0.98 -40.66 73.87
N CYS D 300 1.42 -39.42 74.03
CA CYS D 300 0.47 -38.32 74.27
C CYS D 300 0.72 -37.06 73.45
N PHE D 301 1.94 -36.81 72.98
CA PHE D 301 2.22 -35.53 72.34
C PHE D 301 1.49 -35.43 70.99
N PRO D 302 1.00 -34.25 70.63
CA PRO D 302 0.36 -34.08 69.33
C PRO D 302 1.37 -34.08 68.18
N ARG D 303 0.88 -34.46 67.01
CA ARG D 303 1.68 -34.50 65.79
C ARG D 303 1.03 -33.59 64.76
N LEU D 304 1.76 -32.57 64.32
CA LEU D 304 1.28 -31.63 63.32
C LEU D 304 1.81 -32.00 61.94
N ASP D 305 1.17 -31.43 60.92
CA ASP D 305 1.57 -31.63 59.53
C ASP D 305 2.28 -30.37 59.04
N ILE D 306 3.45 -30.57 58.41
CA ILE D 306 4.23 -29.42 57.96
C ILE D 306 3.70 -28.89 56.62
N ASN D 307 3.04 -29.73 55.83
CA ASN D 307 2.58 -29.29 54.51
C ASN D 307 1.43 -28.30 54.61
N VAL D 308 0.57 -28.44 55.63
CA VAL D 308 -0.60 -27.56 55.74
C VAL D 308 -0.17 -26.14 56.06
N SER D 309 0.88 -25.97 56.86
CA SER D 309 1.31 -24.65 57.30
C SER D 309 2.45 -24.07 56.47
N LYS D 310 3.27 -24.91 55.83
CA LYS D 310 4.41 -24.40 55.08
C LYS D 310 3.96 -23.56 53.88
N GLY D 311 2.94 -24.02 53.16
CA GLY D 311 2.49 -23.30 51.99
C GLY D 311 1.78 -22.00 52.37
N ILE D 312 1.81 -21.05 51.43
CA ILE D 312 1.14 -19.77 51.60
C ILE D 312 -0.11 -19.64 50.74
N ASN D 313 -0.36 -20.59 49.83
CA ASN D 313 -1.56 -20.59 49.00
C ASN D 313 -2.38 -21.86 49.23
N HIS D 314 -2.30 -22.42 50.43
CA HIS D 314 -3.02 -23.63 50.75
C HIS D 314 -4.52 -23.33 50.93
N LEU D 315 -5.30 -24.41 51.03
CA LEU D 315 -6.75 -24.31 51.23
C LEU D 315 -7.15 -25.17 52.42
N LEU D 316 -8.08 -24.65 53.22
CA LEU D 316 -8.60 -25.36 54.37
C LEU D 316 -10.11 -25.17 54.43
N LYS D 317 -10.78 -26.11 55.10
CA LYS D 317 -12.23 -26.04 55.22
C LYS D 317 -12.63 -24.86 56.08
N SER D 318 -13.60 -24.09 55.61
CA SER D 318 -14.07 -22.90 56.28
C SER D 318 -14.94 -23.26 57.48
N PRO D 319 -15.00 -22.39 58.48
CA PRO D 319 -15.93 -22.61 59.59
C PRO D 319 -17.38 -22.55 59.12
N PHE D 320 -18.25 -23.26 59.84
CA PHE D 320 -19.67 -23.33 59.53
C PHE D 320 -19.91 -23.97 58.16
N SER D 321 -19.32 -25.14 57.96
CA SER D 321 -19.57 -25.97 56.80
C SER D 321 -20.43 -27.16 57.20
N VAL D 322 -20.70 -28.04 56.24
CA VAL D 322 -21.51 -29.23 56.46
C VAL D 322 -20.71 -30.44 56.02
N HIS D 323 -20.47 -31.36 56.93
CA HIS D 323 -19.75 -32.58 56.59
C HIS D 323 -20.62 -33.45 55.68
N PRO D 324 -20.13 -33.85 54.51
CA PRO D 324 -20.98 -34.61 53.57
C PRO D 324 -21.40 -35.97 54.08
N LYS D 325 -20.69 -36.55 55.04
CA LYS D 325 -20.99 -37.90 55.52
C LYS D 325 -21.79 -37.90 56.81
N THR D 326 -21.27 -37.26 57.86
CA THR D 326 -21.98 -37.26 59.14
C THR D 326 -23.08 -36.21 59.19
N GLY D 327 -22.80 -35.02 58.67
CA GLY D 327 -23.79 -33.96 58.65
C GLY D 327 -23.76 -33.04 59.85
N ARG D 328 -22.57 -32.73 60.37
CA ARG D 328 -22.43 -31.81 61.48
C ARG D 328 -22.02 -30.42 60.97
N ILE D 329 -21.74 -29.53 61.91
CA ILE D 329 -21.40 -28.14 61.62
C ILE D 329 -20.04 -27.84 62.22
N SER D 330 -19.17 -27.19 61.45
CA SER D 330 -17.84 -26.82 61.93
C SER D 330 -17.99 -25.66 62.91
N VAL D 331 -18.34 -26.01 64.14
CA VAL D 331 -18.68 -25.03 65.17
C VAL D 331 -17.41 -24.55 65.87
N PRO D 332 -17.29 -23.25 66.15
CA PRO D 332 -16.14 -22.77 66.93
C PRO D 332 -16.15 -23.35 68.33
N ILE D 333 -14.94 -23.56 68.86
CA ILE D 333 -14.74 -24.16 70.18
C ILE D 333 -14.40 -23.06 71.17
N ASP D 334 -15.08 -23.04 72.30
CA ASP D 334 -14.77 -22.09 73.36
C ASP D 334 -13.60 -22.60 74.18
N LEU D 335 -12.61 -21.74 74.40
CA LEU D 335 -11.41 -22.17 75.11
C LEU D 335 -11.64 -22.29 76.61
N GLN D 336 -12.52 -21.46 77.18
CA GLN D 336 -12.76 -21.48 78.61
C GLN D 336 -13.43 -22.78 79.07
N LYS D 337 -14.14 -23.47 78.20
CA LYS D 337 -14.85 -24.69 78.53
C LYS D 337 -14.46 -25.82 77.61
N VAL D 338 -13.15 -25.95 77.32
CA VAL D 338 -12.69 -26.99 76.42
C VAL D 338 -12.84 -28.39 77.01
N ASP D 339 -12.93 -28.49 78.34
CA ASP D 339 -13.10 -29.80 78.96
C ASP D 339 -14.50 -30.35 78.76
N GLN D 340 -15.51 -29.48 78.75
CA GLN D 340 -16.89 -29.89 78.62
C GLN D 340 -17.34 -30.06 77.17
N PHE D 341 -16.46 -29.80 76.20
CA PHE D 341 -16.83 -29.91 74.80
C PHE D 341 -17.06 -31.37 74.44
N ASP D 342 -18.30 -31.71 74.09
CA ASP D 342 -18.65 -33.08 73.70
C ASP D 342 -18.88 -33.11 72.19
N PRO D 343 -18.03 -33.80 71.43
CA PRO D 343 -18.21 -33.81 69.97
C PRO D 343 -19.53 -34.39 69.52
N PHE D 344 -20.04 -35.40 70.21
CA PHE D 344 -21.29 -36.03 69.81
C PHE D 344 -22.51 -35.15 70.06
N THR D 345 -22.36 -34.05 70.79
CA THR D 345 -23.46 -33.13 71.04
C THR D 345 -23.50 -31.97 70.05
N VAL D 346 -22.64 -31.97 69.05
CA VAL D 346 -22.65 -30.90 68.06
C VAL D 346 -23.93 -31.00 67.22
N PRO D 347 -24.70 -29.93 67.08
CA PRO D 347 -25.96 -30.02 66.33
C PRO D 347 -25.72 -30.40 64.88
N THR D 348 -26.61 -31.22 64.34
CA THR D 348 -26.57 -31.64 62.95
C THR D 348 -27.46 -30.73 62.11
N ILE D 349 -27.29 -30.83 60.79
CA ILE D 349 -28.07 -30.00 59.88
C ILE D 349 -29.54 -30.40 59.92
N SER D 350 -29.81 -31.71 60.00
CA SER D 350 -31.21 -32.15 60.06
C SER D 350 -31.89 -31.69 61.34
N PHE D 351 -31.17 -31.75 62.47
CA PHE D 351 -31.76 -31.34 63.74
C PHE D 351 -32.06 -29.83 63.75
N ILE D 352 -31.14 -29.01 63.24
CA ILE D 352 -31.39 -27.57 63.23
C ILE D 352 -32.46 -27.24 62.21
N CYS D 353 -32.57 -28.00 61.11
CA CYS D 353 -33.67 -27.80 60.18
C CYS D 353 -35.01 -28.12 60.83
N ARG D 354 -35.07 -29.20 61.60
CA ARG D 354 -36.30 -29.52 62.33
C ARG D 354 -36.64 -28.44 63.34
N GLU D 355 -35.63 -27.92 64.03
CA GLU D 355 -35.86 -26.83 64.98
C GLU D 355 -36.37 -25.58 64.25
N LEU D 356 -35.83 -25.29 63.07
CA LEU D 356 -36.31 -24.17 62.28
C LEU D 356 -37.76 -24.37 61.86
N ASP D 357 -38.12 -25.60 61.48
CA ASP D 357 -39.51 -25.89 61.12
C ASP D 357 -40.43 -25.67 62.31
N ALA D 358 -40.02 -26.14 63.49
CA ALA D 358 -40.82 -25.93 64.69
C ALA D 358 -40.93 -24.45 65.03
N ILE D 359 -39.85 -23.70 64.84
CA ILE D 359 -39.85 -22.26 65.10
C ILE D 359 -40.83 -21.57 64.16
N SER D 360 -40.81 -21.95 62.88
CA SER D 360 -41.75 -21.36 61.92
C SER D 360 -43.19 -21.71 62.29
N THR D 361 -43.43 -22.96 62.71
CA THR D 361 -44.78 -23.35 63.11
C THR D 361 -45.25 -22.54 64.31
N ASN D 362 -44.36 -22.31 65.29
CA ASN D 362 -44.70 -21.47 66.42
C ASN D 362 -44.96 -20.04 65.99
N GLU D 363 -44.14 -19.51 65.07
CA GLU D 363 -44.31 -18.16 64.56
C GLU D 363 -45.62 -18.00 63.79
N GLU D 364 -46.16 -19.09 63.26
CA GLU D 364 -47.47 -19.02 62.62
C GLU D 364 -48.56 -18.57 63.58
N GLU D 365 -48.35 -18.73 64.89
CA GLU D 365 -49.32 -18.30 65.89
C GLU D 365 -48.75 -17.33 66.91
N LYS D 366 -47.44 -17.08 66.90
CA LYS D 366 -46.80 -16.19 67.88
C LYS D 366 -46.26 -14.91 67.26
N GLU D 367 -45.70 -14.97 66.05
CA GLU D 367 -45.12 -13.82 65.37
C GLU D 367 -45.86 -13.64 64.05
N GLU D 368 -46.95 -12.88 64.09
CA GLU D 368 -47.80 -12.65 62.94
C GLU D 368 -47.89 -11.16 62.63
N ASN D 369 -48.17 -10.86 61.37
CA ASN D 369 -48.33 -9.49 60.88
C ASN D 369 -47.07 -8.66 61.14
N GLU D 370 -45.96 -9.11 60.55
CA GLU D 370 -44.68 -8.42 60.65
C GLU D 370 -44.04 -8.39 59.27
N ALA D 371 -43.89 -7.19 58.71
CA ALA D 371 -43.27 -7.01 57.40
C ALA D 371 -41.79 -6.67 57.54
N GLU D 372 -41.05 -7.61 58.11
CA GLU D 372 -39.62 -7.44 58.34
C GLU D 372 -38.83 -7.93 57.13
N SER D 373 -37.61 -7.41 56.99
CA SER D 373 -36.74 -7.80 55.90
C SER D 373 -36.23 -9.22 56.10
N ASP D 374 -35.73 -9.81 55.02
CA ASP D 374 -35.20 -11.18 55.10
C ASP D 374 -33.98 -11.26 56.01
N VAL D 375 -33.23 -10.16 56.14
CA VAL D 375 -32.07 -10.16 57.01
C VAL D 375 -32.49 -10.40 58.46
N LYS D 376 -33.52 -9.68 58.91
CA LYS D 376 -34.02 -9.87 60.27
C LYS D 376 -34.62 -11.27 60.45
N HIS D 377 -35.30 -11.77 59.42
CA HIS D 377 -35.86 -13.12 59.50
C HIS D 377 -34.76 -14.16 59.68
N ARG D 378 -33.68 -14.06 58.90
CA ARG D 378 -32.57 -14.99 59.06
C ARG D 378 -31.87 -14.81 60.40
N THR D 379 -31.77 -13.56 60.87
CA THR D 379 -31.17 -13.31 62.18
C THR D 379 -31.97 -14.01 63.28
N ARG D 380 -33.29 -13.87 63.25
CA ARG D 380 -34.14 -14.55 64.23
C ARG D 380 -34.03 -16.06 64.07
N ASP D 381 -33.97 -16.55 62.83
CA ASP D 381 -33.91 -17.98 62.58
C ASP D 381 -32.65 -18.59 63.20
N TYR D 382 -31.50 -17.96 63.00
CA TYR D 382 -30.28 -18.52 63.58
C TYR D 382 -30.12 -18.15 65.05
N LYS D 383 -30.86 -17.16 65.56
CA LYS D 383 -30.84 -16.87 66.99
C LYS D 383 -31.66 -17.88 67.78
N LYS D 384 -32.78 -18.33 67.23
CA LYS D 384 -33.71 -19.18 67.97
C LYS D 384 -33.40 -20.67 67.83
N THR D 385 -32.43 -21.04 67.00
CA THR D 385 -32.05 -22.44 66.84
C THR D 385 -30.95 -22.80 67.83
N SER D 386 -30.36 -23.98 67.67
CA SER D 386 -29.28 -24.44 68.53
C SER D 386 -27.94 -23.80 68.20
N LEU D 387 -27.87 -23.00 67.15
CA LEU D 387 -26.61 -22.42 66.67
C LEU D 387 -26.25 -21.12 67.39
N ALA D 388 -27.07 -20.65 68.32
CA ALA D 388 -26.85 -19.33 68.92
C ALA D 388 -25.53 -19.21 69.69
N PRO D 389 -25.17 -20.12 70.61
CA PRO D 389 -23.92 -19.93 71.35
C PRO D 389 -22.68 -19.91 70.48
N TYR D 390 -22.67 -20.68 69.39
CA TYR D 390 -21.50 -20.70 68.52
C TYR D 390 -21.33 -19.37 67.79
N VAL D 391 -22.42 -18.80 67.28
CA VAL D 391 -22.33 -17.48 66.69
C VAL D 391 -21.99 -16.43 67.75
N LYS D 392 -22.39 -16.67 69.00
CA LYS D 392 -21.99 -15.77 70.08
C LYS D 392 -20.48 -15.81 70.29
N VAL D 393 -19.89 -17.00 70.26
CA VAL D 393 -18.44 -17.12 70.38
C VAL D 393 -17.74 -16.44 69.21
N PHE D 394 -18.27 -16.65 67.99
CA PHE D 394 -17.72 -15.96 66.82
C PHE D 394 -17.79 -14.45 67.00
N GLU D 395 -18.91 -13.95 67.52
CA GLU D 395 -19.07 -12.51 67.75
C GLU D 395 -18.08 -12.00 68.79
N HIS D 396 -17.82 -12.80 69.83
CA HIS D 396 -16.84 -12.39 70.84
C HIS D 396 -15.45 -12.29 70.23
N PHE D 397 -15.07 -13.26 69.39
CA PHE D 397 -13.78 -13.19 68.72
C PHE D 397 -13.71 -11.97 67.81
N LEU D 398 -14.79 -11.69 67.08
CA LEU D 398 -14.82 -10.51 66.22
C LEU D 398 -14.71 -9.22 67.04
N GLU D 399 -15.33 -9.19 68.21
CA GLU D 399 -15.21 -8.03 69.10
C GLU D 399 -13.78 -7.84 69.56
N ASN D 400 -13.09 -8.95 69.88
CA ASN D 400 -11.69 -8.86 70.25
C ASN D 400 -10.86 -8.30 69.11
N LEU D 401 -11.12 -8.77 67.88
CA LEU D 401 -10.39 -8.24 66.72
C LEU D 401 -10.67 -6.76 66.51
N ASP D 402 -11.93 -6.34 66.69
CA ASP D 402 -12.28 -4.94 66.54
C ASP D 402 -11.60 -4.08 67.60
N LYS D 403 -11.54 -4.58 68.84
CA LYS D 403 -10.85 -3.84 69.89
C LYS D 403 -9.37 -3.71 69.58
N SER D 404 -8.75 -4.78 69.06
CA SER D 404 -7.34 -4.70 68.68
C SER D 404 -7.13 -3.68 67.57
N ARG D 405 -8.02 -3.67 66.57
CA ARG D 405 -7.91 -2.69 65.49
C ARG D 405 -8.05 -1.27 66.01
N LYS D 406 -9.01 -1.04 66.91
CA LYS D 406 -9.19 0.29 67.48
C LYS D 406 -7.98 0.71 68.29
N GLY D 407 -7.39 -0.20 69.06
CA GLY D 407 -6.20 0.12 69.82
C GLY D 407 -5.02 0.44 68.93
N GLU D 408 -4.87 -0.32 67.83
CA GLU D 408 -3.79 -0.03 66.89
C GLU D 408 -3.99 1.33 66.23
N LEU D 409 -5.23 1.66 65.87
CA LEU D 409 -5.50 2.98 65.30
C LEU D 409 -5.21 4.09 66.29
N LEU D 410 -5.56 3.88 67.57
CA LEU D 410 -5.26 4.87 68.59
C LEU D 410 -3.75 5.03 68.77
N LYS D 411 -3.00 3.94 68.73
CA LYS D 411 -1.55 4.02 68.83
C LYS D 411 -0.97 4.77 67.63
N LYS D 412 -1.50 4.52 66.44
CA LYS D 412 -1.04 5.24 65.26
C LYS D 412 -1.33 6.74 65.39
N SER D 413 -2.52 7.08 65.90
CA SER D 413 -2.86 8.49 66.11
C SER D 413 -1.93 9.13 67.13
N ASP D 414 -1.60 8.40 68.20
CA ASP D 414 -0.66 8.91 69.19
C ASP D 414 0.72 9.14 68.57
N LEU D 415 1.16 8.22 67.72
CA LEU D 415 2.41 8.42 67.01
C LEU D 415 2.36 9.66 66.12
N GLN D 416 1.25 9.86 65.42
CA GLN D 416 1.07 11.06 64.62
C GLN D 416 0.80 12.29 65.48
N LYS D 417 0.42 12.11 66.74
CA LYS D 417 0.12 13.20 67.67
C LYS D 417 -0.95 14.14 67.13
N ASP D 418 -1.93 13.58 66.42
CA ASP D 418 -3.06 14.34 65.89
C ASP D 418 -4.35 13.68 66.32
N PHE D 419 -5.27 14.47 66.85
CA PHE D 419 -6.55 13.95 67.32
C PHE D 419 -7.71 14.82 66.83
N ASP E 1 40.90 12.30 53.49
CA ASP E 1 41.20 10.88 53.39
C ASP E 1 40.03 10.12 52.79
N GLN E 2 39.84 10.26 51.47
CA GLN E 2 38.78 9.54 50.80
C GLN E 2 39.05 8.04 50.77
N ARG E 3 40.31 7.63 50.73
CA ARG E 3 40.66 6.22 50.58
C ARG E 3 40.15 5.40 51.77
N ASN E 4 40.48 5.82 52.99
CA ASN E 4 40.04 5.06 54.15
C ASN E 4 38.56 5.28 54.45
N ALA E 5 38.05 6.48 54.17
CA ALA E 5 36.63 6.74 54.39
C ALA E 5 35.76 5.84 53.51
N SER E 6 36.16 5.65 52.26
CA SER E 6 35.39 4.80 51.35
C SER E 6 35.40 3.34 51.83
N TYR E 7 36.55 2.84 52.25
CA TYR E 7 36.72 1.44 52.65
C TYR E 7 37.42 1.37 54.00
N PRO E 8 36.70 1.60 55.10
CA PRO E 8 37.34 1.57 56.41
C PRO E 8 37.47 0.18 57.01
N HIS E 9 36.57 -0.73 56.63
CA HIS E 9 36.53 -2.08 57.20
C HIS E 9 36.57 -3.12 56.10
N CYS E 10 37.16 -4.27 56.42
CA CYS E 10 37.13 -5.40 55.49
C CYS E 10 35.71 -5.91 55.29
N LEU E 11 34.93 -5.99 56.37
CA LEU E 11 33.53 -6.39 56.27
C LEU E 11 32.69 -5.26 55.71
N GLN E 12 31.70 -5.62 54.91
CA GLN E 12 30.79 -4.65 54.32
C GLN E 12 29.40 -5.26 54.22
N PHE E 13 28.40 -4.39 54.17
CA PHE E 13 27.03 -4.79 53.87
C PHE E 13 26.64 -4.47 52.42
N TYR E 14 27.53 -3.84 51.66
CA TYR E 14 27.30 -3.49 50.27
C TYR E 14 26.03 -2.66 50.11
N LEU E 15 26.06 -1.47 50.72
CA LEU E 15 24.94 -0.53 50.66
C LEU E 15 25.15 0.56 49.61
N GLN E 16 26.30 1.22 49.64
CA GLN E 16 26.59 2.29 48.68
C GLN E 16 27.01 1.69 47.34
N PRO E 17 26.38 2.08 46.24
CA PRO E 17 26.84 1.64 44.93
C PRO E 17 28.07 2.43 44.49
N PRO E 18 28.92 1.85 43.66
CA PRO E 18 30.09 2.59 43.18
C PRO E 18 29.70 3.72 42.26
N SER E 19 30.58 4.73 42.18
CA SER E 19 30.30 5.93 41.42
C SER E 19 31.43 6.38 40.51
N GLU E 20 32.49 5.58 40.35
CA GLU E 20 33.60 5.96 39.50
C GLU E 20 33.50 5.28 38.13
N ASN E 21 34.38 5.70 37.22
CA ASN E 21 34.41 5.20 35.85
C ASN E 21 35.61 4.28 35.67
N ILE E 22 35.37 3.10 35.10
CA ILE E 22 36.40 2.10 34.91
C ILE E 22 36.37 1.62 33.47
N SER E 23 37.48 1.01 33.04
CA SER E 23 37.60 0.49 31.69
C SER E 23 36.87 -0.86 31.58
N LEU E 24 36.64 -1.27 30.33
CA LEU E 24 35.89 -2.50 30.08
C LEU E 24 36.67 -3.73 30.51
N ILE E 25 37.99 -3.74 30.28
CA ILE E 25 38.80 -4.92 30.57
C ILE E 25 38.79 -5.21 32.07
N GLU E 26 38.94 -4.18 32.89
CA GLU E 26 38.88 -4.36 34.34
C GLU E 26 37.51 -4.85 34.77
N PHE E 27 36.46 -4.34 34.13
CA PHE E 27 35.10 -4.80 34.41
C PHE E 27 34.99 -6.31 34.20
N GLU E 28 35.42 -6.79 33.03
CA GLU E 28 35.35 -8.21 32.73
C GLU E 28 36.20 -9.04 33.68
N ASN E 29 37.42 -8.56 33.97
CA ASN E 29 38.31 -9.31 34.84
C ASN E 29 37.74 -9.41 36.26
N LEU E 30 37.16 -8.32 36.77
CA LEU E 30 36.56 -8.36 38.09
C LEU E 30 35.39 -9.32 38.15
N ALA E 31 34.53 -9.30 37.12
CA ALA E 31 33.41 -10.24 37.10
C ALA E 31 33.90 -11.69 37.11
N ILE E 32 34.89 -12.00 36.27
CA ILE E 32 35.41 -13.36 36.19
C ILE E 32 36.04 -13.77 37.52
N ASP E 33 36.83 -12.87 38.11
CA ASP E 33 37.50 -13.18 39.37
C ASP E 33 36.49 -13.47 40.48
N ARG E 34 35.43 -12.65 40.58
CA ARG E 34 34.48 -12.90 41.64
C ARG E 34 33.66 -14.17 41.40
N VAL E 35 33.33 -14.49 40.14
CA VAL E 35 32.61 -15.74 39.92
C VAL E 35 33.49 -16.94 40.25
N LYS E 36 34.78 -16.85 39.94
CA LYS E 36 35.71 -17.92 40.32
C LYS E 36 35.80 -18.04 41.84
N LEU E 37 35.86 -16.91 42.54
CA LEU E 37 35.93 -16.96 44.00
C LEU E 37 34.68 -17.59 44.59
N LEU E 38 33.51 -17.24 44.05
CA LEU E 38 32.27 -17.83 44.54
C LEU E 38 32.23 -19.34 44.32
N LYS E 39 32.64 -19.79 43.13
CA LYS E 39 32.66 -21.23 42.87
C LYS E 39 33.64 -21.95 43.79
N SER E 40 34.81 -21.34 44.02
CA SER E 40 35.78 -21.94 44.93
C SER E 40 35.24 -22.02 46.35
N VAL E 41 34.54 -20.97 46.79
CA VAL E 41 33.94 -20.99 48.12
C VAL E 41 32.92 -22.10 48.24
N GLU E 42 32.06 -22.26 47.21
CA GLU E 42 31.06 -23.31 47.25
C GLU E 42 31.71 -24.70 47.29
N ASN E 43 32.75 -24.91 46.48
CA ASN E 43 33.41 -26.22 46.45
C ASN E 43 34.09 -26.51 47.78
N LEU E 44 34.75 -25.50 48.37
CA LEU E 44 35.39 -25.70 49.66
C LEU E 44 34.37 -26.00 50.75
N GLY E 45 33.23 -25.31 50.73
CA GLY E 45 32.20 -25.58 51.72
C GLY E 45 31.61 -26.97 51.58
N VAL E 46 31.40 -27.43 50.35
CA VAL E 46 30.82 -28.75 50.14
C VAL E 46 31.82 -29.84 50.51
N SER E 47 33.09 -29.67 50.13
CA SER E 47 34.07 -30.74 50.33
C SER E 47 34.36 -30.96 51.82
N TYR E 48 34.65 -29.90 52.55
CA TYR E 48 35.01 -30.00 53.95
C TYR E 48 33.79 -29.70 54.83
N VAL E 49 34.02 -29.62 56.13
CA VAL E 49 33.01 -29.22 57.11
C VAL E 49 33.34 -27.80 57.54
N LYS E 50 32.32 -26.94 57.58
CA LYS E 50 32.54 -25.53 57.91
C LYS E 50 33.21 -25.40 59.27
N GLY E 51 34.22 -24.53 59.33
CA GLY E 51 35.07 -24.43 60.49
C GLY E 51 36.41 -25.09 60.27
N THR E 52 36.86 -25.89 61.23
CA THR E 52 38.14 -26.61 61.15
C THR E 52 39.29 -25.66 60.89
N GLU E 53 40.39 -26.19 60.36
CA GLU E 53 41.56 -25.40 60.02
C GLU E 53 41.95 -25.47 58.56
N GLN E 54 41.90 -26.66 57.95
CA GLN E 54 42.25 -26.80 56.54
C GLN E 54 41.31 -26.00 55.65
N TYR E 55 40.00 -26.03 55.97
CA TYR E 55 39.03 -25.30 55.17
C TYR E 55 39.31 -23.80 55.19
N GLN E 56 39.52 -23.24 56.39
CA GLN E 56 39.78 -21.81 56.48
C GLN E 56 41.12 -21.45 55.87
N SER E 57 42.12 -22.32 55.99
CA SER E 57 43.42 -22.04 55.38
C SER E 57 43.32 -22.02 53.85
N LYS E 58 42.62 -23.00 53.27
CA LYS E 58 42.43 -23.01 51.82
C LYS E 58 41.63 -21.81 51.36
N LEU E 59 40.59 -21.42 52.12
CA LEU E 59 39.82 -20.25 51.77
C LEU E 59 40.68 -18.99 51.81
N GLU E 60 41.54 -18.87 52.83
CA GLU E 60 42.44 -17.72 52.90
C GLU E 60 43.41 -17.70 51.73
N SER E 61 43.94 -18.86 51.36
CA SER E 61 44.84 -18.92 50.20
C SER E 61 44.12 -18.51 48.93
N GLU E 62 42.88 -18.99 48.75
CA GLU E 62 42.11 -18.63 47.57
C GLU E 62 41.83 -17.13 47.53
N LEU E 63 41.49 -16.55 48.67
CA LEU E 63 41.23 -15.11 48.72
C LEU E 63 42.50 -14.32 48.41
N ARG E 64 43.64 -14.75 48.94
CA ARG E 64 44.89 -14.04 48.68
C ARG E 64 45.30 -14.14 47.21
N LYS E 65 45.10 -15.31 46.60
CA LYS E 65 45.52 -15.49 45.22
C LYS E 65 44.76 -14.56 44.27
N LEU E 66 43.46 -14.41 44.50
CA LEU E 66 42.61 -13.60 43.63
C LEU E 66 42.61 -12.13 44.01
N LYS E 67 43.66 -11.66 44.69
CA LYS E 67 43.84 -10.26 45.10
C LYS E 67 42.55 -9.61 45.57
N PHE E 68 41.99 -10.17 46.64
CA PHE E 68 40.83 -9.63 47.31
C PHE E 68 41.18 -9.25 48.74
N SER E 69 40.19 -8.73 49.46
CA SER E 69 40.37 -8.24 50.82
C SER E 69 39.80 -9.25 51.81
N TYR E 70 40.67 -9.82 52.62
CA TYR E 70 40.26 -10.78 53.64
C TYR E 70 40.79 -10.44 55.03
N ARG E 71 42.02 -9.93 55.12
CA ARG E 71 42.65 -9.63 56.39
C ARG E 71 42.50 -8.15 56.72
N GLU E 72 43.16 -7.71 57.78
CA GLU E 72 43.13 -6.32 58.23
C GLU E 72 44.57 -5.81 58.35
N ASN E 73 44.95 -4.91 57.45
CA ASN E 73 46.26 -4.28 57.49
C ASN E 73 46.07 -2.77 57.46
N LEU E 74 47.00 -2.07 58.12
CA LEU E 74 46.92 -0.61 58.20
C LEU E 74 47.42 0.07 56.93
N GLU E 75 48.07 -0.64 56.02
CA GLU E 75 48.67 -0.04 54.84
C GLU E 75 48.21 -0.77 53.59
N ASP E 76 47.76 0.00 52.59
CA ASP E 76 47.49 -0.47 51.23
C ASP E 76 46.50 -1.63 51.23
N GLU E 77 45.27 -1.30 51.63
CA GLU E 77 44.14 -2.21 51.44
C GLU E 77 43.02 -1.56 50.64
N TYR E 78 43.25 -0.38 50.06
CA TYR E 78 42.24 0.27 49.24
C TYR E 78 41.91 -0.56 48.01
N GLU E 79 42.93 -1.06 47.32
CA GLU E 79 42.71 -1.80 46.08
C GLU E 79 41.90 -3.07 46.27
N PRO E 80 42.20 -3.96 47.23
CA PRO E 80 41.37 -5.17 47.37
C PRO E 80 39.94 -4.87 47.74
N ARG E 81 39.71 -3.91 48.65
CA ARG E 81 38.34 -3.58 49.04
C ARG E 81 37.57 -2.98 47.87
N ARG E 82 38.23 -2.10 47.10
CA ARG E 82 37.57 -1.53 45.92
C ARG E 82 37.22 -2.60 44.91
N ARG E 83 38.14 -3.54 44.67
CA ARG E 83 37.87 -4.63 43.74
C ARG E 83 36.70 -5.48 44.22
N ASP E 84 36.68 -5.79 45.52
CA ASP E 84 35.59 -6.58 46.08
C ASP E 84 34.25 -5.88 45.88
N HIS E 85 34.21 -4.58 46.19
CA HIS E 85 32.97 -3.82 46.06
C HIS E 85 32.46 -3.82 44.62
N ILE E 86 33.34 -3.44 43.68
CA ILE E 86 32.91 -3.33 42.29
C ILE E 86 32.52 -4.69 41.73
N SER E 87 33.31 -5.72 42.03
CA SER E 87 33.02 -7.06 41.52
C SER E 87 31.71 -7.59 42.08
N HIS E 88 31.44 -7.34 43.36
CA HIS E 88 30.18 -7.78 43.94
C HIS E 88 28.99 -7.10 43.27
N PHE E 89 29.10 -5.79 43.02
CA PHE E 89 27.99 -5.11 42.36
C PHE E 89 27.80 -5.63 40.94
N ILE E 90 28.88 -5.89 40.21
CA ILE E 90 28.76 -6.41 38.86
C ILE E 90 28.10 -7.79 38.88
N LEU E 91 28.52 -8.65 39.81
CA LEU E 91 27.91 -9.98 39.91
C LEU E 91 26.43 -9.89 40.30
N ARG E 92 26.08 -8.95 41.19
CA ARG E 92 24.67 -8.75 41.52
C ARG E 92 23.87 -8.35 40.28
N LEU E 93 24.44 -7.47 39.46
CA LEU E 93 23.78 -7.12 38.21
C LEU E 93 23.62 -8.34 37.30
N ALA E 94 24.63 -9.22 37.28
CA ALA E 94 24.60 -10.35 36.36
C ALA E 94 23.75 -11.52 36.87
N TYR E 95 23.42 -11.54 38.16
CA TYR E 95 22.80 -12.70 38.79
C TYR E 95 21.40 -12.41 39.31
N CYS E 96 20.60 -11.67 38.56
CA CYS E 96 19.26 -11.27 38.98
C CYS E 96 18.21 -11.63 37.94
N GLN E 97 18.27 -12.85 37.40
CA GLN E 97 17.33 -13.30 36.38
C GLN E 97 16.30 -14.29 36.91
N SER E 98 16.75 -15.39 37.52
CA SER E 98 15.84 -16.44 37.98
C SER E 98 15.99 -16.64 39.48
N GLU E 99 15.05 -17.41 40.05
CA GLU E 99 15.06 -17.66 41.49
C GLU E 99 16.25 -18.51 41.91
N GLU E 100 16.59 -19.53 41.11
CA GLU E 100 17.69 -20.42 41.47
C GLU E 100 19.01 -19.67 41.53
N LEU E 101 19.28 -18.82 40.54
CA LEU E 101 20.52 -18.04 40.55
C LEU E 101 20.57 -17.11 41.75
N ARG E 102 19.46 -16.46 42.06
CA ARG E 102 19.41 -15.58 43.23
C ARG E 102 19.69 -16.35 44.51
N ARG E 103 19.09 -17.54 44.66
CA ARG E 103 19.31 -18.33 45.86
C ARG E 103 20.77 -18.76 45.98
N TRP E 104 21.37 -19.21 44.88
CA TRP E 104 22.77 -19.62 44.91
C TRP E 104 23.68 -18.44 45.25
N PHE E 105 23.43 -17.28 44.65
CA PHE E 105 24.25 -16.10 44.92
C PHE E 105 24.14 -15.69 46.38
N ILE E 106 22.92 -15.68 46.92
CA ILE E 106 22.72 -15.31 48.31
C ILE E 106 23.43 -16.29 49.24
N GLN E 107 23.34 -17.59 48.93
CA GLN E 107 24.00 -18.60 49.75
C GLN E 107 25.51 -18.37 49.79
N GLN E 108 26.12 -18.19 48.61
CA GLN E 108 27.56 -18.00 48.56
C GLN E 108 27.99 -16.72 49.27
N GLU E 109 27.24 -15.64 49.07
CA GLU E 109 27.57 -14.38 49.73
C GLU E 109 27.46 -14.51 51.25
N MET E 110 26.42 -15.20 51.73
CA MET E 110 26.28 -15.42 53.16
C MET E 110 27.45 -16.22 53.72
N ASP E 111 27.87 -17.27 53.01
CA ASP E 111 29.00 -18.06 53.49
C ASP E 111 30.28 -17.22 53.56
N LEU E 112 30.54 -16.42 52.51
CA LEU E 112 31.74 -15.59 52.50
C LEU E 112 31.70 -14.57 53.64
N LEU E 113 30.55 -13.93 53.85
CA LEU E 113 30.44 -12.96 54.94
C LEU E 113 30.62 -13.63 56.29
N ARG E 114 30.08 -14.85 56.44
CA ARG E 114 30.25 -15.57 57.70
C ARG E 114 31.72 -15.84 57.98
N PHE E 115 32.47 -16.26 56.97
CA PHE E 115 33.90 -16.50 57.18
C PHE E 115 34.63 -15.22 57.54
N ARG E 116 34.42 -14.15 56.75
CA ARG E 116 35.08 -12.89 57.02
C ARG E 116 34.74 -12.35 58.39
N PHE E 117 33.52 -12.60 58.87
CA PHE E 117 33.14 -12.19 60.21
C PHE E 117 33.81 -13.06 61.27
N SER E 118 33.95 -14.36 60.98
CA SER E 118 34.59 -15.27 61.92
C SER E 118 36.07 -15.00 62.08
N ILE E 119 36.70 -14.30 61.12
CA ILE E 119 38.12 -14.02 61.24
C ILE E 119 38.37 -12.59 61.73
N LEU E 120 37.39 -12.01 62.45
CA LEU E 120 37.49 -10.61 62.85
C LEU E 120 37.71 -10.46 64.35
N PRO E 121 38.52 -9.48 64.78
CA PRO E 121 38.69 -9.21 66.21
C PRO E 121 37.47 -8.56 66.83
N LYS E 122 37.39 -8.66 68.16
CA LYS E 122 36.16 -8.31 68.88
C LYS E 122 35.83 -6.81 68.74
N ASP E 123 36.80 -5.95 69.05
CA ASP E 123 36.58 -4.52 68.91
C ASP E 123 36.26 -4.15 67.46
N LYS E 124 36.86 -4.87 66.52
CA LYS E 124 36.50 -4.67 65.11
C LYS E 124 35.06 -5.08 64.85
N ILE E 125 34.58 -6.14 65.50
CA ILE E 125 33.16 -6.50 65.40
C ILE E 125 32.28 -5.38 65.90
N GLN E 126 32.62 -4.82 67.06
CA GLN E 126 31.80 -3.74 67.61
C GLN E 126 31.81 -2.52 66.69
N ASP E 127 32.98 -2.16 66.17
CA ASP E 127 33.08 -1.02 65.27
C ASP E 127 32.30 -1.25 63.98
N PHE E 128 32.39 -2.47 63.43
CA PHE E 128 31.65 -2.79 62.21
C PHE E 128 30.15 -2.74 62.44
N LEU E 129 29.69 -3.24 63.59
CA LEU E 129 28.27 -3.14 63.91
C LEU E 129 27.83 -1.69 64.04
N LYS E 130 28.66 -0.85 64.67
CA LYS E 130 28.33 0.57 64.77
C LYS E 130 28.27 1.22 63.40
N ASP E 131 29.21 0.87 62.51
CA ASP E 131 29.27 1.51 61.20
C ASP E 131 28.03 1.22 60.38
N SER E 132 27.53 -0.01 60.42
CA SER E 132 26.33 -0.35 59.68
C SER E 132 25.10 0.12 60.44
N GLN E 133 23.93 -0.06 59.83
CA GLN E 133 22.70 0.51 60.35
C GLN E 133 22.09 -0.27 61.51
N LEU E 134 22.57 -1.47 61.80
CA LEU E 134 21.97 -2.26 62.86
C LEU E 134 22.22 -1.63 64.24
N GLN E 135 21.19 -1.64 65.07
CA GLN E 135 21.28 -1.20 66.46
C GLN E 135 20.62 -2.26 67.33
N PHE E 136 21.34 -2.71 68.35
CA PHE E 136 20.89 -3.80 69.21
C PHE E 136 20.58 -3.26 70.61
N GLU E 137 19.79 -4.04 71.34
CA GLU E 137 19.39 -3.70 72.70
C GLU E 137 19.88 -4.77 73.66
N ALA E 138 20.50 -4.33 74.76
CA ALA E 138 21.01 -5.24 75.79
C ALA E 138 20.15 -5.12 77.03
N ILE E 139 19.70 -6.27 77.54
CA ILE E 139 18.86 -6.28 78.73
C ILE E 139 19.70 -5.97 79.96
N SER E 140 19.03 -5.49 81.02
CA SER E 140 19.70 -5.10 82.23
C SER E 140 20.09 -6.33 83.05
N ASP E 141 20.94 -6.11 84.06
CA ASP E 141 21.39 -7.21 84.89
C ASP E 141 20.24 -7.79 85.71
N GLU E 142 19.30 -6.93 86.14
CA GLU E 142 18.15 -7.41 86.88
C GLU E 142 17.33 -8.38 86.04
N GLU E 143 17.09 -8.03 84.79
CA GLU E 143 16.39 -8.93 83.86
C GLU E 143 17.21 -10.20 83.62
N LYS E 144 18.52 -10.05 83.50
CA LYS E 144 19.41 -11.18 83.25
C LYS E 144 19.31 -12.22 84.36
N THR E 145 19.35 -11.77 85.62
CA THR E 145 19.16 -12.70 86.73
C THR E 145 17.71 -13.15 86.84
N LEU E 146 16.75 -12.35 86.37
CA LEU E 146 15.36 -12.75 86.47
C LEU E 146 15.05 -13.95 85.57
N ARG E 147 15.80 -14.15 84.50
CA ARG E 147 15.56 -15.21 83.53
C ARG E 147 16.82 -16.02 83.28
N GLU E 148 17.61 -16.27 84.33
CA GLU E 148 18.86 -17.00 84.15
C GLU E 148 18.60 -18.48 83.89
N GLN E 149 17.70 -19.09 84.66
CA GLN E 149 17.49 -20.54 84.56
C GLN E 149 17.00 -20.94 83.19
N GLU E 150 16.05 -20.18 82.63
CA GLU E 150 15.51 -20.51 81.31
C GLU E 150 16.58 -20.40 80.23
N ILE E 151 17.39 -19.34 80.28
CA ILE E 151 18.45 -19.17 79.28
C ILE E 151 19.47 -20.29 79.38
N VAL E 152 19.85 -20.67 80.60
CA VAL E 152 20.82 -21.75 80.77
C VAL E 152 20.23 -23.08 80.30
N ALA E 153 18.94 -23.29 80.55
CA ALA E 153 18.28 -24.52 80.10
C ALA E 153 18.22 -24.59 78.59
N SER E 154 17.93 -23.47 77.93
CA SER E 154 17.95 -23.45 76.46
C SER E 154 19.34 -23.73 75.92
N SER E 155 20.38 -23.31 76.65
CA SER E 155 21.78 -23.53 76.33
C SER E 155 22.16 -23.05 74.94
N PRO E 156 22.05 -21.75 74.65
CA PRO E 156 22.57 -21.26 73.36
C PRO E 156 24.09 -21.15 73.39
N SER E 157 24.74 -22.31 73.26
CA SER E 157 26.19 -22.44 73.38
C SER E 157 26.69 -21.94 74.73
N LEU E 158 25.91 -22.17 75.79
CA LEU E 158 26.29 -21.81 77.15
C LEU E 158 26.15 -23.05 78.02
N SER E 159 27.21 -23.39 78.75
CA SER E 159 27.24 -24.58 79.59
C SER E 159 27.77 -24.23 80.98
N GLY E 160 27.03 -24.66 82.01
CA GLY E 160 27.50 -24.55 83.37
C GLY E 160 27.49 -23.14 83.94
N LEU E 161 26.32 -22.52 84.00
CA LEU E 161 26.14 -21.20 84.61
C LEU E 161 27.11 -20.18 84.02
N LYS E 162 27.27 -20.24 82.71
CA LYS E 162 28.16 -19.33 81.99
C LYS E 162 27.50 -17.99 81.66
N LEU E 163 26.35 -17.70 82.27
CA LEU E 163 25.66 -16.45 81.97
C LEU E 163 26.45 -15.24 82.44
N GLY E 164 27.34 -15.41 83.41
CA GLY E 164 28.11 -14.29 83.91
C GLY E 164 29.07 -13.74 82.86
N PHE E 165 29.36 -12.45 82.97
CA PHE E 165 30.26 -11.74 82.06
C PHE E 165 29.77 -11.85 80.61
N GLU E 166 28.45 -11.80 80.42
CA GLU E 166 27.86 -11.85 79.10
C GLU E 166 26.74 -10.82 79.02
N SER E 167 26.46 -10.37 77.80
CA SER E 167 25.37 -9.43 77.54
C SER E 167 24.29 -10.14 76.73
N ILE E 168 23.07 -10.14 77.26
CA ILE E 168 21.94 -10.81 76.63
C ILE E 168 21.16 -9.77 75.82
N TYR E 169 20.87 -10.10 74.57
CA TYR E 169 20.20 -9.19 73.65
C TYR E 169 18.75 -9.60 73.46
N LYS E 170 17.91 -8.60 73.21
CA LYS E 170 16.48 -8.81 73.00
C LYS E 170 16.15 -8.46 71.56
N ILE E 171 15.61 -9.44 70.83
CA ILE E 171 15.34 -9.27 69.40
C ILE E 171 13.99 -9.88 69.07
N PRO E 172 13.33 -9.36 68.04
CA PRO E 172 12.08 -9.97 67.57
C PRO E 172 12.31 -11.40 67.10
N PHE E 173 11.31 -12.25 67.33
CA PHE E 173 11.43 -13.66 67.01
C PHE E 173 11.51 -13.95 65.52
N ALA E 174 11.20 -12.97 64.66
CA ALA E 174 11.26 -13.20 63.23
C ALA E 174 12.65 -13.03 62.65
N ASP E 175 13.63 -12.62 63.45
CA ASP E 175 14.99 -12.41 62.97
C ASP E 175 15.97 -13.48 63.44
N ALA E 176 15.60 -14.30 64.42
CA ALA E 176 16.46 -15.34 64.95
C ALA E 176 16.11 -16.71 64.39
N LEU E 177 15.72 -16.75 63.11
CA LEU E 177 15.14 -17.96 62.52
C LEU E 177 16.10 -19.15 62.64
N ASP E 178 17.39 -18.93 62.44
CA ASP E 178 18.35 -20.03 62.47
C ASP E 178 18.38 -20.72 63.83
N LEU E 179 18.49 -19.93 64.90
CA LEU E 179 18.47 -20.50 66.25
C LEU E 179 17.05 -20.90 66.67
N PHE E 180 16.06 -20.08 66.32
CA PHE E 180 14.68 -20.37 66.69
C PHE E 180 14.19 -21.69 66.10
N ARG E 181 14.74 -22.10 64.96
CA ARG E 181 14.22 -23.26 64.25
C ARG E 181 14.37 -24.54 65.06
N GLY E 182 15.52 -24.73 65.71
CA GLY E 182 15.79 -26.00 66.35
C GLY E 182 15.92 -25.96 67.87
N ARG E 183 15.17 -25.07 68.52
CA ARG E 183 15.14 -24.95 69.97
C ARG E 183 16.53 -24.71 70.54
N LYS E 184 17.11 -23.57 70.15
CA LYS E 184 18.42 -23.15 70.64
C LYS E 184 18.38 -21.74 71.23
N VAL E 185 17.20 -21.27 71.60
CA VAL E 185 17.04 -19.93 72.15
C VAL E 185 15.76 -19.93 72.98
N TYR E 186 15.74 -19.09 74.02
CA TYR E 186 14.58 -18.99 74.91
C TYR E 186 13.65 -17.90 74.38
N LEU E 187 12.39 -18.27 74.15
CA LEU E 187 11.39 -17.36 73.61
C LEU E 187 10.41 -16.97 74.70
N GLU E 188 10.13 -15.68 74.81
CA GLU E 188 9.15 -15.20 75.78
C GLU E 188 8.41 -14.00 75.19
N ASP E 189 7.08 -14.12 75.16
CA ASP E 189 6.14 -13.10 74.68
C ASP E 189 6.61 -12.39 73.42
N GLY E 190 7.16 -13.13 72.46
CA GLY E 190 7.51 -12.56 71.17
C GLY E 190 8.93 -12.06 71.03
N PHE E 191 9.82 -12.39 71.96
CA PHE E 191 11.20 -11.95 71.89
C PHE E 191 12.13 -13.11 72.20
N ALA E 192 13.33 -13.06 71.65
CA ALA E 192 14.34 -14.09 71.83
C ALA E 192 15.54 -13.51 72.55
N TYR E 193 16.02 -14.24 73.57
CA TYR E 193 17.17 -13.83 74.35
C TYR E 193 18.38 -14.64 73.91
N VAL E 194 19.39 -13.96 73.36
CA VAL E 194 20.53 -14.64 72.74
C VAL E 194 21.83 -14.13 73.34
N PRO E 195 22.79 -15.02 73.63
CA PRO E 195 24.13 -14.57 74.03
C PRO E 195 24.83 -13.84 72.89
N LEU E 196 26.00 -13.28 73.21
CA LEU E 196 26.65 -12.33 72.32
C LEU E 196 27.09 -13.00 71.01
N LYS E 197 27.81 -14.12 71.10
CA LYS E 197 28.37 -14.74 69.90
C LYS E 197 27.26 -15.16 68.93
N ASP E 198 26.28 -15.90 69.43
CA ASP E 198 25.19 -16.37 68.58
C ASP E 198 24.41 -15.20 68.00
N ILE E 199 24.14 -14.18 68.82
CA ILE E 199 23.35 -13.06 68.31
C ILE E 199 24.08 -12.37 67.18
N VAL E 200 25.36 -12.05 67.36
CA VAL E 200 26.04 -11.32 66.29
C VAL E 200 26.08 -12.17 65.03
N ALA E 201 26.53 -13.43 65.14
CA ALA E 201 26.67 -14.27 63.96
C ALA E 201 25.33 -14.43 63.24
N ILE E 202 24.34 -15.01 63.92
CA ILE E 202 23.10 -15.37 63.27
C ILE E 202 22.32 -14.15 62.81
N ILE E 203 22.21 -13.13 63.68
CA ILE E 203 21.39 -11.97 63.32
C ILE E 203 22.03 -11.18 62.19
N LEU E 204 23.36 -11.04 62.20
CA LEU E 204 24.02 -10.37 61.09
C LEU E 204 23.80 -11.14 59.79
N ASN E 205 23.93 -12.47 59.84
CA ASN E 205 23.71 -13.26 58.63
C ASN E 205 22.27 -13.09 58.11
N GLU E 206 21.29 -13.13 59.01
CA GLU E 206 19.89 -13.04 58.59
C GLU E 206 19.56 -11.66 58.04
N PHE E 207 20.01 -10.60 58.71
CA PHE E 207 19.75 -9.26 58.23
C PHE E 207 20.41 -9.03 56.88
N ARG E 208 21.66 -9.52 56.72
CA ARG E 208 22.32 -9.40 55.43
C ARG E 208 21.56 -10.15 54.34
N ALA E 209 21.05 -11.35 54.66
CA ALA E 209 20.28 -12.10 53.67
C ALA E 209 19.03 -11.33 53.24
N LYS E 210 18.30 -10.77 54.22
CA LYS E 210 17.08 -10.03 53.89
C LYS E 210 17.39 -8.80 53.03
N LEU E 211 18.42 -8.04 53.42
CA LEU E 211 18.76 -6.84 52.67
C LEU E 211 19.23 -7.18 51.26
N SER E 212 20.05 -8.21 51.12
CA SER E 212 20.53 -8.61 49.80
C SER E 212 19.39 -9.08 48.93
N LYS E 213 18.45 -9.83 49.50
CA LYS E 213 17.30 -10.29 48.73
C LYS E 213 16.46 -9.11 48.24
N ALA E 214 16.18 -8.16 49.13
CA ALA E 214 15.39 -7.00 48.74
C ALA E 214 16.10 -6.19 47.65
N LEU E 215 17.41 -6.01 47.79
CA LEU E 215 18.14 -5.19 46.82
C LEU E 215 18.28 -5.90 45.48
N ALA E 216 18.45 -7.23 45.49
CA ALA E 216 18.47 -7.96 44.23
C ALA E 216 17.11 -7.91 43.54
N LEU E 217 16.02 -7.99 44.32
CA LEU E 217 14.69 -7.85 43.72
C LEU E 217 14.52 -6.47 43.10
N THR E 218 15.01 -5.42 43.78
CA THR E 218 14.95 -4.08 43.20
C THR E 218 15.77 -4.00 41.92
N ALA E 219 16.99 -4.58 41.93
CA ALA E 219 17.84 -4.54 40.75
C ALA E 219 17.31 -5.40 39.61
N ARG E 220 16.37 -6.30 39.89
CA ARG E 220 15.75 -7.09 38.83
C ARG E 220 15.01 -6.20 37.83
N SER E 221 14.45 -5.09 38.31
CA SER E 221 13.72 -4.19 37.40
C SER E 221 14.65 -3.43 36.47
N LEU E 222 15.96 -3.46 36.70
CA LEU E 222 16.92 -2.67 35.92
C LEU E 222 17.24 -3.25 34.55
N PRO E 223 17.62 -4.52 34.42
CA PRO E 223 18.13 -5.01 33.12
C PRO E 223 17.18 -4.86 31.95
N ALA E 224 15.93 -4.45 32.18
CA ALA E 224 15.08 -4.08 31.05
C ALA E 224 15.62 -2.87 30.31
N VAL E 225 16.47 -2.07 30.96
CA VAL E 225 17.11 -0.93 30.32
C VAL E 225 18.51 -1.27 29.82
N GLN E 226 19.02 -2.47 30.09
CA GLN E 226 20.35 -2.87 29.66
C GLN E 226 20.30 -3.35 28.21
N SER E 227 20.00 -2.40 27.33
CA SER E 227 20.03 -2.62 25.89
C SER E 227 21.35 -2.20 25.27
N ASP E 228 22.34 -1.89 26.09
CA ASP E 228 23.66 -1.50 25.58
C ASP E 228 24.27 -2.62 24.76
N GLU E 229 24.83 -2.27 23.60
CA GLU E 229 25.49 -3.27 22.77
C GLU E 229 26.73 -3.82 23.47
N ARG E 230 27.39 -3.02 24.29
CA ARG E 230 28.45 -3.53 25.14
C ARG E 230 27.86 -4.17 26.40
N LEU E 231 28.68 -5.00 27.05
CA LEU E 231 28.34 -5.71 28.28
C LEU E 231 27.33 -6.82 28.03
N GLN E 232 26.79 -6.89 26.82
CA GLN E 232 25.78 -7.88 26.48
C GLN E 232 26.41 -9.26 26.28
N PRO E 233 27.48 -9.40 25.47
CA PRO E 233 28.14 -10.70 25.40
C PRO E 233 28.67 -11.17 26.74
N LEU E 234 29.20 -10.25 27.56
CA LEU E 234 29.70 -10.62 28.88
C LEU E 234 28.56 -11.13 29.76
N LEU E 235 27.43 -10.43 29.79
CA LEU E 235 26.32 -10.86 30.61
C LEU E 235 25.79 -12.21 30.13
N ASN E 236 25.64 -12.39 28.81
CA ASN E 236 25.13 -13.65 28.29
C ASN E 236 26.06 -14.81 28.60
N HIS E 237 27.37 -14.61 28.43
CA HIS E 237 28.33 -15.68 28.74
C HIS E 237 28.34 -16.00 30.22
N LEU E 238 28.28 -14.97 31.07
CA LEU E 238 28.35 -15.21 32.52
C LEU E 238 27.07 -15.82 33.05
N SER E 239 25.94 -15.61 32.37
CA SER E 239 24.68 -16.17 32.84
C SER E 239 24.70 -17.70 32.84
N HIS E 240 25.24 -18.30 31.79
CA HIS E 240 25.26 -19.75 31.63
C HIS E 240 26.65 -20.24 31.25
N SER E 241 27.66 -19.76 31.96
CA SER E 241 29.04 -20.19 31.73
C SER E 241 29.23 -21.65 32.11
N VAL F 1 -47.77 -38.76 -34.46
CA VAL F 1 -48.99 -38.87 -33.69
C VAL F 1 -49.48 -37.49 -33.29
N ASP F 2 -50.73 -37.17 -33.64
CA ASP F 2 -51.31 -35.89 -33.31
C ASP F 2 -51.50 -35.76 -31.81
N SER F 3 -51.38 -34.53 -31.31
CA SER F 3 -51.51 -34.26 -29.89
C SER F 3 -52.93 -33.88 -29.47
N SER F 4 -53.86 -33.81 -30.41
CA SER F 4 -55.23 -33.46 -30.09
C SER F 4 -56.05 -34.65 -29.57
N HIS F 5 -55.54 -35.87 -29.71
CA HIS F 5 -56.23 -37.06 -29.27
C HIS F 5 -55.26 -37.97 -28.52
N LEU F 6 -55.80 -38.72 -27.55
CA LEU F 6 -55.02 -39.65 -26.78
C LEU F 6 -55.40 -41.09 -27.13
N PRO F 7 -54.44 -42.02 -27.10
CA PRO F 7 -54.75 -43.41 -27.42
C PRO F 7 -55.55 -44.09 -26.32
N LEU F 8 -56.78 -43.66 -26.11
CA LEU F 8 -57.62 -44.25 -25.07
C LEU F 8 -58.07 -45.64 -25.47
N VAL F 9 -58.15 -46.53 -24.49
CA VAL F 9 -58.60 -47.91 -24.69
C VAL F 9 -59.82 -48.14 -23.81
N LYS F 10 -60.88 -48.69 -24.41
CA LYS F 10 -62.11 -48.94 -23.66
C LYS F 10 -61.88 -49.97 -22.57
N GLY F 11 -62.46 -49.72 -21.40
CA GLY F 11 -62.32 -50.59 -20.26
C GLY F 11 -63.48 -51.56 -20.10
N ALA F 12 -63.46 -52.27 -18.98
CA ALA F 12 -64.52 -53.23 -18.70
C ALA F 12 -65.85 -52.54 -18.42
N ASP F 13 -65.82 -51.36 -17.80
CA ASP F 13 -67.02 -50.61 -17.45
C ASP F 13 -67.47 -49.68 -18.56
N GLU F 14 -67.11 -49.98 -19.82
CA GLU F 14 -67.51 -49.18 -20.98
C GLU F 14 -67.03 -47.73 -20.83
N GLU F 15 -65.84 -47.55 -20.27
CA GLU F 15 -65.23 -46.24 -20.10
C GLU F 15 -63.82 -46.28 -20.65
N GLN F 16 -63.49 -45.30 -21.49
CA GLN F 16 -62.16 -45.23 -22.08
C GLN F 16 -61.14 -44.81 -21.04
N VAL F 17 -60.00 -45.52 -20.99
CA VAL F 17 -58.96 -45.27 -20.00
C VAL F 17 -57.61 -45.24 -20.70
N PHE F 18 -56.63 -44.68 -20.00
CA PHE F 18 -55.26 -44.59 -20.47
C PHE F 18 -54.47 -45.78 -19.92
N HIS F 19 -53.73 -46.45 -20.79
CA HIS F 19 -52.91 -47.60 -20.42
C HIS F 19 -51.47 -47.34 -20.82
N PHE F 20 -50.55 -47.60 -19.89
CA PHE F 20 -49.12 -47.41 -20.14
C PHE F 20 -48.33 -48.19 -19.10
N TYR F 21 -47.03 -48.29 -19.35
CA TYR F 21 -46.12 -49.08 -18.53
C TYR F 21 -44.99 -48.18 -18.05
N TRP F 22 -45.09 -47.70 -16.81
CA TRP F 22 -44.15 -46.72 -16.30
C TRP F 22 -42.79 -47.35 -16.00
N LEU F 23 -41.74 -46.55 -16.17
CA LEU F 23 -40.38 -46.96 -15.87
C LEU F 23 -39.73 -46.13 -14.78
N ASP F 24 -39.76 -44.81 -14.91
CA ASP F 24 -39.07 -43.91 -13.99
C ASP F 24 -40.01 -42.81 -13.52
N ALA F 25 -39.74 -42.29 -12.33
CA ALA F 25 -40.56 -41.25 -11.73
C ALA F 25 -39.67 -40.10 -11.26
N TYR F 26 -40.22 -38.89 -11.35
CA TYR F 26 -39.51 -37.68 -10.94
C TYR F 26 -40.42 -36.82 -10.08
N GLU F 27 -39.81 -36.12 -9.13
CA GLU F 27 -40.55 -35.22 -8.24
C GLU F 27 -39.72 -33.97 -8.00
N ASP F 28 -40.40 -32.81 -7.93
CA ASP F 28 -39.75 -31.53 -7.70
C ASP F 28 -40.67 -30.69 -6.81
N GLN F 29 -40.42 -30.74 -5.50
CA GLN F 29 -41.24 -30.02 -4.54
C GLN F 29 -40.90 -28.53 -4.46
N TYR F 30 -39.67 -28.14 -4.79
CA TYR F 30 -39.27 -26.75 -4.64
C TYR F 30 -39.99 -25.84 -5.61
N ASN F 31 -40.22 -26.31 -6.85
CA ASN F 31 -40.87 -25.51 -7.87
C ASN F 31 -42.35 -25.83 -8.01
N GLN F 32 -42.70 -27.12 -8.08
CA GLN F 32 -44.09 -27.56 -8.24
C GLN F 32 -44.38 -28.60 -7.15
N PRO F 33 -44.62 -28.17 -5.93
CA PRO F 33 -44.90 -29.12 -4.85
C PRO F 33 -46.20 -29.88 -5.08
N GLY F 34 -46.22 -31.11 -4.60
CA GLY F 34 -47.40 -31.95 -4.77
C GLY F 34 -47.61 -32.47 -6.18
N VAL F 35 -46.54 -32.57 -6.97
CA VAL F 35 -46.62 -33.05 -8.34
C VAL F 35 -45.59 -34.16 -8.52
N VAL F 36 -46.01 -35.28 -9.09
CA VAL F 36 -45.14 -36.41 -9.37
C VAL F 36 -45.31 -36.78 -10.84
N PHE F 37 -44.20 -36.88 -11.56
CA PHE F 37 -44.21 -37.22 -12.98
C PHE F 37 -43.91 -38.70 -13.16
N LEU F 38 -44.52 -39.29 -14.19
CA LEU F 38 -44.27 -40.68 -14.56
C LEU F 38 -43.96 -40.75 -16.05
N PHE F 39 -43.00 -41.60 -16.40
CA PHE F 39 -42.61 -41.81 -17.79
C PHE F 39 -42.72 -43.28 -18.14
N GLY F 40 -42.99 -43.56 -19.40
CA GLY F 40 -43.13 -44.94 -19.84
C GLY F 40 -43.54 -45.01 -21.29
N LYS F 41 -43.98 -46.21 -21.69
CA LYS F 41 -44.38 -46.49 -23.05
C LYS F 41 -45.88 -46.74 -23.12
N VAL F 42 -46.51 -46.24 -24.18
CA VAL F 42 -47.94 -46.43 -24.41
C VAL F 42 -48.12 -47.05 -25.79
N TRP F 43 -48.95 -48.08 -25.87
CA TRP F 43 -49.22 -48.73 -27.14
C TRP F 43 -50.02 -47.80 -28.06
N ILE F 44 -49.63 -47.76 -29.32
CA ILE F 44 -50.29 -46.93 -30.33
C ILE F 44 -50.82 -47.83 -31.43
N GLU F 45 -52.11 -47.71 -31.72
CA GLU F 45 -52.75 -48.58 -32.71
C GLU F 45 -52.40 -48.18 -34.15
N SER F 46 -52.12 -46.91 -34.39
CA SER F 46 -51.88 -46.45 -35.75
C SER F 46 -50.63 -47.11 -36.34
N ALA F 47 -49.56 -47.22 -35.56
CA ALA F 47 -48.31 -47.80 -36.03
C ALA F 47 -48.01 -49.16 -35.42
N GLU F 48 -48.86 -49.65 -34.53
CA GLU F 48 -48.67 -50.94 -33.86
C GLU F 48 -47.32 -51.01 -33.17
N THR F 49 -46.94 -49.94 -32.48
CA THR F 49 -45.68 -49.87 -31.77
C THR F 49 -45.89 -49.12 -30.46
N HIS F 50 -44.78 -48.83 -29.77
CA HIS F 50 -44.80 -48.14 -28.49
C HIS F 50 -44.01 -46.84 -28.60
N VAL F 51 -44.53 -45.78 -28.00
CA VAL F 51 -43.87 -44.48 -27.97
C VAL F 51 -43.82 -43.99 -26.54
N SER F 52 -42.88 -43.07 -26.29
CA SER F 52 -42.72 -42.53 -24.94
C SER F 52 -43.93 -41.67 -24.56
N CYS F 53 -44.32 -41.76 -23.30
CA CYS F 53 -45.43 -40.97 -22.78
C CYS F 53 -45.08 -40.42 -21.42
N CYS F 54 -45.61 -39.23 -21.12
CA CYS F 54 -45.43 -38.59 -19.83
C CYS F 54 -46.79 -38.40 -19.18
N VAL F 55 -46.91 -38.81 -17.92
CA VAL F 55 -48.15 -38.72 -17.17
C VAL F 55 -47.92 -37.86 -15.95
N MET F 56 -48.81 -36.89 -15.73
CA MET F 56 -48.69 -35.91 -14.66
C MET F 56 -49.73 -36.22 -13.59
N VAL F 57 -49.29 -36.28 -12.34
CA VAL F 57 -50.17 -36.55 -11.20
C VAL F 57 -50.08 -35.37 -10.25
N LYS F 58 -51.23 -34.80 -9.91
CA LYS F 58 -51.32 -33.61 -9.08
C LYS F 58 -52.08 -33.91 -7.80
N ASN F 59 -52.10 -32.92 -6.91
CA ASN F 59 -52.89 -32.94 -5.68
C ASN F 59 -52.55 -34.15 -4.80
N ILE F 60 -51.29 -34.17 -4.33
CA ILE F 60 -50.83 -35.15 -3.37
C ILE F 60 -50.89 -34.54 -1.98
N GLU F 61 -51.57 -35.23 -1.06
CA GLU F 61 -51.86 -34.69 0.26
C GLU F 61 -50.90 -35.26 1.29
N ARG F 62 -50.35 -34.38 2.13
CA ARG F 62 -49.49 -34.82 3.22
C ARG F 62 -50.32 -35.48 4.32
N THR F 63 -49.63 -36.25 5.16
CA THR F 63 -50.25 -36.94 6.28
C THR F 63 -49.45 -36.68 7.54
N LEU F 64 -50.15 -36.34 8.62
CA LEU F 64 -49.53 -36.11 9.92
C LEU F 64 -50.22 -36.96 10.97
N TYR F 65 -49.44 -37.38 11.97
CA TYR F 65 -49.95 -38.20 13.06
C TYR F 65 -49.58 -37.55 14.39
N PHE F 66 -50.56 -37.43 15.28
CA PHE F 66 -50.38 -36.83 16.59
C PHE F 66 -50.60 -37.87 17.68
N LEU F 67 -49.77 -37.82 18.72
CA LEU F 67 -49.89 -38.73 19.85
C LEU F 67 -50.49 -38.00 21.03
N PRO F 68 -51.73 -38.29 21.44
CA PRO F 68 -52.33 -37.57 22.56
C PRO F 68 -51.57 -37.85 23.86
N ARG F 69 -51.48 -36.81 24.70
CA ARG F 69 -50.85 -36.96 26.00
C ARG F 69 -51.78 -37.70 26.96
N GLU F 70 -51.17 -38.35 27.95
CA GLU F 70 -51.96 -39.08 28.95
C GLU F 70 -52.69 -38.11 29.86
N MET F 71 -51.99 -37.11 30.38
CA MET F 71 -52.56 -36.14 31.30
C MET F 71 -52.12 -34.75 30.83
N LYS F 72 -53.03 -33.78 30.95
CA LYS F 72 -52.75 -32.44 30.43
C LYS F 72 -51.57 -31.81 31.15
N ILE F 73 -50.67 -31.19 30.38
CA ILE F 73 -49.49 -30.53 30.92
C ILE F 73 -49.39 -29.15 30.28
N ASP F 74 -49.27 -28.12 31.10
CA ASP F 74 -49.13 -26.76 30.59
C ASP F 74 -47.78 -26.59 29.92
N LEU F 75 -47.79 -26.01 28.71
CA LEU F 75 -46.55 -25.83 27.97
C LEU F 75 -45.60 -24.87 28.68
N ASN F 76 -46.13 -23.77 29.23
CA ASN F 76 -45.28 -22.74 29.81
C ASN F 76 -44.53 -23.26 31.04
N THR F 77 -45.21 -24.03 31.90
CA THR F 77 -44.63 -24.47 33.16
C THR F 77 -44.28 -25.95 33.20
N GLY F 78 -44.77 -26.75 32.26
CA GLY F 78 -44.52 -28.18 32.30
C GLY F 78 -45.16 -28.87 33.49
N LYS F 79 -46.36 -28.45 33.87
CA LYS F 79 -47.07 -29.00 35.02
C LYS F 79 -48.51 -29.30 34.65
N GLU F 80 -49.12 -30.21 35.41
CA GLU F 80 -50.48 -30.62 35.14
C GLU F 80 -51.47 -29.49 35.43
N THR F 81 -52.60 -29.52 34.71
CA THR F 81 -53.66 -28.55 34.90
C THR F 81 -54.91 -29.15 35.53
N GLY F 82 -54.95 -30.45 35.75
CA GLY F 82 -56.07 -31.07 36.43
C GLY F 82 -57.18 -31.61 35.55
N THR F 83 -56.94 -31.75 34.25
CA THR F 83 -57.97 -32.27 33.36
C THR F 83 -57.40 -33.40 32.50
N PRO F 84 -58.22 -34.39 32.16
CA PRO F 84 -57.76 -35.45 31.26
C PRO F 84 -57.63 -34.98 29.82
N ILE F 85 -57.30 -35.89 28.92
CA ILE F 85 -57.10 -35.58 27.51
C ILE F 85 -58.09 -36.38 26.68
N SER F 86 -58.82 -35.69 25.80
CA SER F 86 -59.76 -36.30 24.89
C SER F 86 -59.40 -35.95 23.45
N MET F 87 -59.91 -36.75 22.51
CA MET F 87 -59.60 -36.53 21.10
C MET F 87 -60.12 -35.18 20.64
N LYS F 88 -61.34 -34.82 21.07
CA LYS F 88 -61.89 -33.51 20.72
C LYS F 88 -61.03 -32.38 21.26
N ASP F 89 -60.44 -32.58 22.44
CA ASP F 89 -59.53 -31.57 22.99
C ASP F 89 -58.31 -31.39 22.09
N VAL F 90 -57.75 -32.49 21.59
CA VAL F 90 -56.60 -32.40 20.69
C VAL F 90 -56.99 -31.66 19.41
N TYR F 91 -58.16 -32.01 18.85
CA TYR F 91 -58.61 -31.35 17.63
C TYR F 91 -58.82 -29.86 17.86
N GLU F 92 -59.44 -29.49 18.99
CA GLU F 92 -59.69 -28.09 19.27
C GLU F 92 -58.40 -27.32 19.46
N GLU F 93 -57.44 -27.90 20.19
CA GLU F 93 -56.15 -27.23 20.38
C GLU F 93 -55.44 -27.04 19.05
N PHE F 94 -55.44 -28.07 18.20
CA PHE F 94 -54.81 -27.95 16.89
C PHE F 94 -55.45 -26.84 16.08
N ASP F 95 -56.79 -26.84 15.99
CA ASP F 95 -57.50 -25.85 15.21
C ASP F 95 -57.25 -24.44 15.74
N GLU F 96 -57.22 -24.28 17.06
CA GLU F 96 -57.09 -22.95 17.64
C GLU F 96 -55.67 -22.42 17.64
N LYS F 97 -54.65 -23.29 17.58
CA LYS F 97 -53.27 -22.82 17.66
C LYS F 97 -52.50 -23.02 16.36
N ILE F 98 -52.41 -24.26 15.85
CA ILE F 98 -51.50 -24.54 14.75
C ILE F 98 -52.01 -23.92 13.46
N ALA F 99 -53.31 -24.04 13.19
CA ALA F 99 -53.87 -23.47 11.97
C ALA F 99 -53.70 -21.95 11.95
N THR F 100 -53.91 -21.30 13.09
CA THR F 100 -53.74 -19.85 13.16
C THR F 100 -52.27 -19.46 13.00
N LYS F 101 -51.36 -20.18 13.64
CA LYS F 101 -49.96 -19.77 13.64
C LYS F 101 -49.31 -20.02 12.28
N TYR F 102 -49.53 -21.21 11.70
CA TYR F 102 -48.84 -21.61 10.48
C TYR F 102 -49.68 -21.43 9.22
N LYS F 103 -50.83 -20.78 9.33
CA LYS F 103 -51.67 -20.44 8.18
C LYS F 103 -52.07 -21.69 7.39
N ILE F 104 -52.82 -22.56 8.06
CA ILE F 104 -53.36 -23.76 7.43
C ILE F 104 -54.87 -23.62 7.31
N MET F 105 -55.33 -23.15 6.15
CA MET F 105 -56.75 -22.82 5.99
C MET F 105 -57.61 -24.07 5.90
N LYS F 106 -57.18 -25.06 5.12
CA LYS F 106 -57.98 -26.25 4.84
C LYS F 106 -57.25 -27.50 5.31
N PHE F 107 -57.97 -28.36 6.01
CA PHE F 107 -57.40 -29.63 6.49
C PHE F 107 -58.55 -30.57 6.81
N LYS F 108 -58.24 -31.87 6.82
CA LYS F 108 -59.18 -32.92 7.16
C LYS F 108 -58.60 -33.77 8.27
N SER F 109 -59.43 -34.12 9.25
CA SER F 109 -58.99 -34.89 10.39
C SER F 109 -60.01 -35.97 10.73
N LYS F 110 -59.52 -37.07 11.29
CA LYS F 110 -60.36 -38.18 11.73
C LYS F 110 -59.54 -39.07 12.65
N PRO F 111 -60.15 -39.70 13.64
CA PRO F 111 -59.39 -40.56 14.55
C PRO F 111 -59.01 -41.87 13.89
N VAL F 112 -57.76 -42.28 14.10
CA VAL F 112 -57.23 -43.53 13.55
C VAL F 112 -56.41 -44.23 14.62
N GLU F 113 -56.17 -45.53 14.39
CA GLU F 113 -55.37 -46.35 15.28
C GLU F 113 -54.13 -46.81 14.53
N LYS F 114 -52.97 -46.70 15.20
CA LYS F 114 -51.70 -47.07 14.58
C LYS F 114 -50.81 -47.73 15.62
N ASN F 115 -49.76 -48.38 15.14
CA ASN F 115 -48.79 -49.07 15.98
C ASN F 115 -47.40 -48.48 15.77
N TYR F 116 -46.59 -48.50 16.82
CA TYR F 116 -45.21 -48.03 16.76
C TYR F 116 -44.31 -49.03 17.48
N ALA F 117 -43.22 -49.44 16.82
CA ALA F 117 -42.30 -50.40 17.40
C ALA F 117 -40.85 -50.06 17.08
N PHE F 118 -40.53 -48.77 17.02
CA PHE F 118 -39.21 -48.32 16.61
C PHE F 118 -38.45 -47.69 17.78
N GLU F 119 -37.28 -47.13 17.48
CA GLU F 119 -36.32 -46.76 18.51
C GLU F 119 -36.73 -45.54 19.33
N ILE F 120 -37.65 -44.72 18.83
CA ILE F 120 -38.03 -43.50 19.53
C ILE F 120 -38.81 -43.87 20.78
N PRO F 121 -38.37 -43.45 21.96
CA PRO F 121 -39.04 -43.82 23.20
C PRO F 121 -40.27 -42.93 23.45
N ASP F 122 -40.88 -43.14 24.62
CA ASP F 122 -42.05 -42.39 25.06
C ASP F 122 -43.23 -42.54 24.10
N VAL F 123 -43.31 -43.70 23.42
CA VAL F 123 -44.38 -43.98 22.48
C VAL F 123 -44.96 -45.35 22.83
N PRO F 124 -46.26 -45.46 23.07
CA PRO F 124 -46.85 -46.78 23.35
C PRO F 124 -46.87 -47.65 22.11
N GLU F 125 -46.90 -48.97 22.35
CA GLU F 125 -46.93 -49.92 21.25
C GLU F 125 -48.19 -49.77 20.41
N LYS F 126 -49.34 -49.60 21.07
CA LYS F 126 -50.62 -49.44 20.39
C LYS F 126 -51.37 -48.28 21.03
N SER F 127 -51.94 -47.40 20.21
CA SER F 127 -52.65 -46.24 20.71
C SER F 127 -53.54 -45.69 19.59
N GLU F 128 -54.17 -44.56 19.86
CA GLU F 128 -55.01 -43.86 18.89
C GLU F 128 -54.35 -42.55 18.52
N TYR F 129 -54.29 -42.26 17.23
CA TYR F 129 -53.58 -41.10 16.72
C TYR F 129 -54.54 -40.19 15.95
N LEU F 130 -54.16 -38.92 15.84
CA LEU F 130 -54.91 -37.93 15.07
C LEU F 130 -54.24 -37.77 13.71
N GLU F 131 -54.98 -38.09 12.65
CA GLU F 131 -54.48 -38.00 11.29
C GLU F 131 -55.03 -36.73 10.64
N VAL F 132 -54.13 -35.82 10.25
CA VAL F 132 -54.49 -34.56 9.64
C VAL F 132 -53.89 -34.53 8.24
N LYS F 133 -54.72 -34.23 7.25
CA LYS F 133 -54.32 -34.22 5.85
C LYS F 133 -54.60 -32.86 5.25
N TYR F 134 -53.61 -32.31 4.55
CA TYR F 134 -53.77 -31.03 3.86
C TYR F 134 -52.77 -30.99 2.71
N SER F 135 -53.04 -30.10 1.75
CA SER F 135 -52.23 -30.02 0.55
C SER F 135 -50.82 -29.53 0.88
N ALA F 136 -49.89 -29.79 -0.04
CA ALA F 136 -48.50 -29.46 0.17
C ALA F 136 -48.20 -27.97 0.07
N GLU F 137 -49.14 -27.16 -0.42
CA GLU F 137 -48.88 -25.74 -0.59
C GLU F 137 -48.67 -25.04 0.74
N MET F 138 -49.45 -25.40 1.76
CA MET F 138 -49.27 -24.81 3.08
C MET F 138 -47.91 -25.19 3.66
N PRO F 139 -47.30 -24.30 4.44
CA PRO F 139 -45.95 -24.54 4.93
C PRO F 139 -45.87 -25.77 5.83
N GLN F 140 -44.72 -26.44 5.77
CA GLN F 140 -44.49 -27.63 6.57
C GLN F 140 -44.30 -27.25 8.04
N LEU F 141 -44.95 -28.00 8.92
CA LEU F 141 -44.81 -27.78 10.35
C LEU F 141 -43.42 -28.22 10.82
N PRO F 142 -42.91 -27.62 11.89
CA PRO F 142 -41.61 -28.06 12.42
C PRO F 142 -41.67 -29.50 12.92
N GLN F 143 -40.52 -30.17 12.83
CA GLN F 143 -40.45 -31.58 13.21
C GLN F 143 -40.56 -31.78 14.72
N ASP F 144 -40.22 -30.75 15.50
CA ASP F 144 -40.22 -30.84 16.95
C ASP F 144 -41.38 -30.06 17.58
N LEU F 145 -42.49 -29.94 16.88
CA LEU F 145 -43.64 -29.21 17.41
C LEU F 145 -44.25 -29.98 18.57
N LYS F 146 -44.42 -29.31 19.70
CA LYS F 146 -44.99 -29.91 20.90
C LYS F 146 -46.09 -29.00 21.44
N GLY F 147 -47.17 -29.61 21.93
CA GLY F 147 -48.30 -28.85 22.42
C GLY F 147 -48.81 -29.31 23.78
N GLU F 148 -50.02 -28.88 24.14
CA GLU F 148 -50.61 -29.25 25.41
C GLU F 148 -51.25 -30.62 25.40
N THR F 149 -51.45 -31.21 24.22
CA THR F 149 -52.04 -32.54 24.12
C THR F 149 -51.21 -33.52 23.29
N PHE F 150 -50.39 -33.05 22.36
CA PHE F 150 -49.57 -33.91 21.52
C PHE F 150 -48.10 -33.73 21.89
N SER F 151 -47.42 -34.85 22.16
CA SER F 151 -46.01 -34.81 22.52
C SER F 151 -45.11 -34.88 21.29
N HIS F 152 -45.40 -35.81 20.38
CA HIS F 152 -44.61 -35.99 19.17
C HIS F 152 -45.53 -36.10 17.96
N VAL F 153 -45.04 -35.62 16.82
CA VAL F 153 -45.78 -35.63 15.56
C VAL F 153 -44.96 -36.38 14.53
N PHE F 154 -45.64 -37.19 13.71
CA PHE F 154 -44.99 -38.01 12.71
C PHE F 154 -45.43 -37.57 11.32
N GLY F 155 -44.62 -37.93 10.32
CA GLY F 155 -44.95 -37.65 8.94
C GLY F 155 -44.80 -36.21 8.52
N THR F 156 -43.97 -35.44 9.23
CA THR F 156 -43.81 -34.03 8.89
C THR F 156 -43.11 -33.85 7.54
N ASN F 157 -42.09 -34.65 7.25
CA ASN F 157 -41.29 -34.44 6.06
C ASN F 157 -41.32 -35.65 5.12
N THR F 158 -42.50 -36.21 4.88
CA THR F 158 -42.63 -37.31 3.94
C THR F 158 -42.73 -36.78 2.52
N SER F 159 -41.85 -37.27 1.64
CA SER F 159 -41.85 -36.84 0.25
C SER F 159 -43.13 -37.29 -0.45
N SER F 160 -43.55 -36.50 -1.43
CA SER F 160 -44.78 -36.80 -2.16
C SER F 160 -44.67 -38.10 -2.92
N LEU F 161 -43.52 -38.35 -3.55
CA LEU F 161 -43.34 -39.58 -4.32
C LEU F 161 -43.44 -40.81 -3.45
N GLU F 162 -42.84 -40.78 -2.27
CA GLU F 162 -42.93 -41.92 -1.35
C GLU F 162 -44.37 -42.19 -0.93
N LEU F 163 -45.11 -41.13 -0.60
CA LEU F 163 -46.51 -41.31 -0.22
C LEU F 163 -47.33 -41.87 -1.36
N PHE F 164 -47.12 -41.35 -2.58
CA PHE F 164 -47.87 -41.83 -3.73
C PHE F 164 -47.58 -43.29 -4.02
N LEU F 165 -46.30 -43.69 -3.95
CA LEU F 165 -45.94 -45.07 -4.19
C LEU F 165 -46.49 -45.99 -3.09
N MET F 166 -46.45 -45.53 -1.84
CA MET F 166 -46.88 -46.38 -0.74
C MET F 166 -48.40 -46.57 -0.73
N ASN F 167 -49.15 -45.51 -1.01
CA ASN F 167 -50.60 -45.56 -0.86
C ASN F 167 -51.31 -46.18 -2.06
N ARG F 168 -50.60 -46.44 -3.16
CA ARG F 168 -51.19 -47.08 -4.33
C ARG F 168 -50.67 -48.50 -4.55
N LYS F 169 -49.80 -49.00 -3.69
CA LYS F 169 -49.30 -50.37 -3.75
C LYS F 169 -48.66 -50.67 -5.10
N ILE F 170 -47.71 -49.83 -5.50
CA ILE F 170 -46.97 -49.98 -6.74
C ILE F 170 -45.63 -50.63 -6.42
N LYS F 171 -45.33 -51.74 -7.09
CA LYS F 171 -44.11 -52.51 -6.86
C LYS F 171 -43.30 -52.53 -8.15
N GLY F 172 -42.44 -51.54 -8.34
CA GLY F 172 -41.57 -51.49 -9.49
C GLY F 172 -42.33 -51.19 -10.77
N PRO F 173 -41.66 -51.39 -11.91
CA PRO F 173 -42.32 -51.14 -13.20
C PRO F 173 -43.46 -52.13 -13.42
N CYS F 174 -44.66 -51.58 -13.62
CA CYS F 174 -45.84 -52.41 -13.84
C CYS F 174 -46.85 -51.62 -14.65
N TRP F 175 -47.75 -52.33 -15.31
CA TRP F 175 -48.78 -51.69 -16.11
C TRP F 175 -49.74 -50.91 -15.21
N LEU F 176 -50.16 -49.74 -15.69
CA LEU F 176 -51.05 -48.87 -14.94
C LEU F 176 -52.25 -48.51 -15.80
N GLU F 177 -53.34 -48.14 -15.12
CA GLU F 177 -54.56 -47.68 -15.77
C GLU F 177 -54.95 -46.33 -15.17
N VAL F 178 -55.16 -45.34 -16.03
CA VAL F 178 -55.52 -43.99 -15.63
C VAL F 178 -56.95 -43.73 -16.08
N LYS F 179 -57.79 -43.27 -15.16
CA LYS F 179 -59.19 -43.02 -15.44
C LYS F 179 -59.42 -41.53 -15.67
N SER F 180 -60.12 -41.19 -16.74
CA SER F 180 -60.48 -39.83 -17.11
C SER F 180 -59.24 -38.96 -17.26
N PRO F 181 -58.40 -39.18 -18.26
CA PRO F 181 -57.26 -38.29 -18.50
C PRO F 181 -57.70 -36.98 -19.13
N GLN F 182 -56.89 -35.95 -18.94
CA GLN F 182 -57.13 -34.63 -19.50
C GLN F 182 -55.93 -34.18 -20.31
N LEU F 183 -56.20 -33.54 -21.44
CA LEU F 183 -55.14 -33.06 -22.31
C LEU F 183 -54.45 -31.84 -21.69
N LEU F 184 -53.20 -31.64 -22.10
CA LEU F 184 -52.39 -30.51 -21.63
C LEU F 184 -52.21 -29.53 -22.79
N ASN F 185 -52.66 -28.29 -22.59
CA ASN F 185 -52.47 -27.26 -23.61
C ASN F 185 -50.99 -26.91 -23.77
N GLN F 186 -50.26 -26.84 -22.67
CA GLN F 186 -48.85 -26.47 -22.70
C GLN F 186 -47.98 -27.71 -22.57
N PRO F 187 -47.23 -28.09 -23.59
CA PRO F 187 -46.30 -29.21 -23.44
C PRO F 187 -45.21 -28.89 -22.42
N VAL F 188 -44.81 -29.90 -21.67
CA VAL F 188 -43.80 -29.73 -20.62
C VAL F 188 -42.72 -30.79 -20.76
N SER F 189 -42.94 -31.77 -21.62
CA SER F 189 -42.02 -32.89 -21.78
C SER F 189 -41.70 -33.07 -23.26
N TRP F 190 -40.57 -33.72 -23.52
CA TRP F 190 -40.13 -34.01 -24.87
C TRP F 190 -40.79 -35.26 -25.46
N CYS F 191 -41.61 -35.95 -24.69
CA CYS F 191 -42.23 -37.19 -25.16
C CYS F 191 -43.34 -36.88 -26.17
N LYS F 192 -43.78 -37.94 -26.85
CA LYS F 192 -44.80 -37.77 -27.89
C LYS F 192 -46.17 -37.51 -27.28
N VAL F 193 -46.54 -38.27 -26.25
CA VAL F 193 -47.89 -38.24 -25.69
C VAL F 193 -47.83 -37.68 -24.27
N GLU F 194 -48.78 -36.82 -23.94
CA GLU F 194 -48.86 -36.21 -22.62
C GLU F 194 -50.28 -36.33 -22.08
N ALA F 195 -50.39 -36.53 -20.77
CA ALA F 195 -51.68 -36.58 -20.10
C ALA F 195 -51.46 -36.30 -18.62
N MET F 196 -52.53 -35.87 -17.95
CA MET F 196 -52.44 -35.58 -16.53
C MET F 196 -53.68 -36.11 -15.83
N ALA F 197 -53.49 -36.64 -14.62
CA ALA F 197 -54.57 -37.13 -13.78
C ALA F 197 -54.79 -36.16 -12.63
N LEU F 198 -56.05 -35.80 -12.38
CA LEU F 198 -56.35 -34.78 -11.39
C LEU F 198 -56.03 -35.26 -9.98
N LYS F 199 -56.34 -36.50 -9.66
CA LYS F 199 -56.13 -37.01 -8.31
C LYS F 199 -55.39 -38.34 -8.34
N PRO F 200 -54.61 -38.63 -7.30
CA PRO F 200 -53.88 -39.90 -7.27
C PRO F 200 -54.77 -41.14 -7.20
N ASP F 201 -56.04 -40.99 -6.80
CA ASP F 201 -56.93 -42.12 -6.67
C ASP F 201 -57.36 -42.70 -8.02
N LEU F 202 -57.04 -42.03 -9.12
CA LEU F 202 -57.45 -42.47 -10.45
C LEU F 202 -56.43 -43.41 -11.09
N VAL F 203 -55.48 -43.95 -10.32
CA VAL F 203 -54.45 -44.83 -10.84
C VAL F 203 -54.54 -46.17 -10.13
N ASN F 204 -54.53 -47.25 -10.91
CA ASN F 204 -54.60 -48.61 -10.38
C ASN F 204 -53.48 -49.44 -11.00
N VAL F 205 -53.48 -50.73 -10.69
CA VAL F 205 -52.42 -51.65 -11.10
C VAL F 205 -53.03 -52.80 -11.89
N ILE F 206 -52.44 -53.10 -13.04
CA ILE F 206 -52.80 -54.26 -13.85
C ILE F 206 -51.59 -55.16 -13.94
N LYS F 207 -51.80 -56.46 -13.76
CA LYS F 207 -50.72 -57.43 -13.60
C LYS F 207 -50.90 -58.63 -14.52
N ASP F 208 -51.21 -58.38 -15.80
CA ASP F 208 -51.44 -59.48 -16.72
C ASP F 208 -50.82 -59.28 -18.10
N VAL F 209 -49.92 -58.31 -18.25
CA VAL F 209 -49.32 -57.99 -19.55
C VAL F 209 -47.81 -58.06 -19.44
N SER F 210 -47.18 -58.73 -20.39
CA SER F 210 -45.73 -58.81 -20.42
C SER F 210 -45.12 -57.44 -20.74
N PRO F 211 -43.92 -57.16 -20.24
CA PRO F 211 -43.30 -55.86 -20.51
C PRO F 211 -43.00 -55.71 -21.98
N PRO F 212 -43.05 -54.48 -22.50
CA PRO F 212 -42.80 -54.26 -23.92
C PRO F 212 -41.31 -54.06 -24.19
N PRO F 213 -40.90 -54.13 -25.45
CA PRO F 213 -39.49 -53.87 -25.77
C PRO F 213 -39.13 -52.40 -25.57
N LEU F 214 -37.84 -52.17 -25.36
CA LEU F 214 -37.29 -50.84 -25.11
C LEU F 214 -36.31 -50.46 -26.21
N VAL F 215 -35.66 -49.30 -26.02
CA VAL F 215 -34.65 -48.79 -26.93
C VAL F 215 -33.38 -48.57 -26.12
N VAL F 216 -32.26 -49.13 -26.60
CA VAL F 216 -31.00 -49.11 -25.88
C VAL F 216 -29.91 -48.52 -26.77
N MET F 217 -29.09 -47.65 -26.20
CA MET F 217 -27.95 -47.07 -26.91
C MET F 217 -26.70 -47.20 -26.06
N ALA F 218 -25.60 -47.57 -26.71
CA ALA F 218 -24.28 -47.62 -26.09
C ALA F 218 -23.38 -46.62 -26.81
N PHE F 219 -22.61 -45.85 -26.05
CA PHE F 219 -21.81 -44.79 -26.64
C PHE F 219 -20.52 -44.61 -25.85
N SER F 220 -19.53 -44.01 -26.52
CA SER F 220 -18.25 -43.69 -25.92
C SER F 220 -17.64 -42.53 -26.69
N MET F 221 -16.67 -41.87 -26.07
CA MET F 221 -16.04 -40.70 -26.68
C MET F 221 -14.59 -40.60 -26.26
N LYS F 222 -13.82 -39.85 -27.04
CA LYS F 222 -12.43 -39.57 -26.75
C LYS F 222 -12.29 -38.12 -26.29
N THR F 223 -11.50 -37.90 -25.25
CA THR F 223 -11.31 -36.58 -24.69
C THR F 223 -9.82 -36.27 -24.61
N MET F 224 -9.41 -35.16 -25.20
CA MET F 224 -8.05 -34.65 -25.08
C MET F 224 -8.06 -33.47 -24.10
N GLN F 225 -6.92 -33.25 -23.46
CA GLN F 225 -6.78 -32.26 -22.41
C GLN F 225 -6.05 -31.03 -22.93
N ASN F 226 -6.64 -29.86 -22.73
CA ASN F 226 -5.98 -28.62 -23.08
C ASN F 226 -4.76 -28.39 -22.18
N ALA F 227 -3.72 -27.79 -22.77
CA ALA F 227 -2.45 -27.61 -22.08
C ALA F 227 -2.35 -26.28 -21.34
N LYS F 228 -3.34 -25.40 -21.46
CA LYS F 228 -3.26 -24.10 -20.83
C LYS F 228 -4.21 -23.90 -19.65
N ASN F 229 -5.22 -24.76 -19.50
CA ASN F 229 -6.12 -24.64 -18.36
C ASN F 229 -6.50 -25.99 -17.76
N HIS F 230 -5.88 -27.09 -18.22
CA HIS F 230 -6.18 -28.43 -17.71
C HIS F 230 -7.65 -28.78 -17.85
N GLN F 231 -8.25 -28.37 -18.97
CA GLN F 231 -9.64 -28.66 -19.27
C GLN F 231 -9.74 -29.80 -20.28
N ASN F 232 -10.80 -30.60 -20.16
CA ASN F 232 -11.03 -31.74 -21.04
C ASN F 232 -12.05 -31.34 -22.09
N GLU F 233 -11.67 -31.43 -23.37
CA GLU F 233 -12.54 -31.16 -24.49
C GLU F 233 -12.93 -32.47 -25.17
N ILE F 234 -13.79 -32.36 -26.17
CA ILE F 234 -14.32 -33.51 -26.89
C ILE F 234 -13.90 -33.41 -28.35
N ILE F 235 -13.36 -34.50 -28.89
CA ILE F 235 -12.90 -34.54 -30.26
C ILE F 235 -13.78 -35.43 -31.13
N ALA F 236 -14.15 -36.61 -30.65
CA ALA F 236 -14.97 -37.52 -31.44
C ALA F 236 -15.80 -38.40 -30.50
N MET F 237 -16.89 -38.92 -31.03
CA MET F 237 -17.75 -39.82 -30.28
C MET F 237 -18.56 -40.67 -31.25
N ALA F 238 -19.06 -41.79 -30.75
CA ALA F 238 -19.83 -42.72 -31.57
C ALA F 238 -20.85 -43.43 -30.69
N ALA F 239 -21.86 -44.01 -31.33
CA ALA F 239 -22.91 -44.69 -30.61
C ALA F 239 -23.56 -45.74 -31.50
N LEU F 240 -24.26 -46.68 -30.86
CA LEU F 240 -25.00 -47.73 -31.54
C LEU F 240 -26.38 -47.83 -30.91
N VAL F 241 -27.40 -48.07 -31.73
CA VAL F 241 -28.79 -48.00 -31.29
C VAL F 241 -29.52 -49.27 -31.71
N HIS F 242 -30.26 -49.86 -30.77
CA HIS F 242 -31.19 -50.94 -31.05
C HIS F 242 -32.60 -50.48 -30.73
N HIS F 243 -33.58 -51.03 -31.45
CA HIS F 243 -34.94 -50.52 -31.38
C HIS F 243 -35.95 -51.45 -30.72
N SER F 244 -35.64 -52.74 -30.59
CA SER F 244 -36.59 -53.72 -30.07
C SER F 244 -35.92 -54.62 -29.03
N PHE F 245 -35.19 -54.00 -28.10
CA PHE F 245 -34.52 -54.75 -27.05
C PHE F 245 -35.55 -55.28 -26.05
N ALA F 246 -35.70 -56.60 -25.98
CA ALA F 246 -36.63 -57.23 -25.06
C ALA F 246 -36.03 -57.33 -23.66
N LEU F 247 -36.90 -57.56 -22.68
CA LEU F 247 -36.50 -57.66 -21.27
C LEU F 247 -36.93 -58.97 -20.64
N ASP F 248 -37.24 -59.99 -21.46
CA ASP F 248 -37.68 -61.26 -20.90
C ASP F 248 -37.06 -62.46 -21.62
N LYS F 249 -36.01 -62.26 -22.42
CA LYS F 249 -35.37 -63.35 -23.13
C LYS F 249 -33.91 -62.98 -23.38
N ALA F 250 -33.24 -63.75 -24.23
CA ALA F 250 -31.84 -63.51 -24.52
C ALA F 250 -31.68 -62.23 -25.35
N ALA F 251 -30.46 -61.69 -25.32
CA ALA F 251 -30.17 -60.48 -26.07
C ALA F 251 -30.30 -60.74 -27.57
N PRO F 252 -30.89 -59.82 -28.33
CA PRO F 252 -31.05 -60.04 -29.77
C PRO F 252 -29.72 -60.08 -30.49
N LYS F 253 -29.68 -60.87 -31.57
CA LYS F 253 -28.50 -60.99 -32.41
C LYS F 253 -28.85 -60.51 -33.82
N PRO F 254 -28.16 -59.49 -34.35
CA PRO F 254 -27.05 -58.74 -33.76
C PRO F 254 -27.51 -57.76 -32.68
N PRO F 255 -26.63 -57.40 -31.75
CA PRO F 255 -27.04 -56.49 -30.66
C PRO F 255 -27.41 -55.09 -31.13
N PHE F 256 -27.01 -54.68 -32.33
CA PHE F 256 -27.26 -53.34 -32.80
C PHE F 256 -27.84 -53.38 -34.22
N GLN F 257 -28.61 -52.35 -34.55
CA GLN F 257 -29.22 -52.23 -35.88
C GLN F 257 -28.88 -50.93 -36.59
N SER F 258 -28.43 -49.91 -35.87
CA SER F 258 -28.06 -48.64 -36.49
C SER F 258 -26.99 -47.98 -35.65
N HIS F 259 -26.25 -47.05 -36.27
CA HIS F 259 -25.15 -46.39 -35.59
C HIS F 259 -24.85 -45.08 -36.30
N PHE F 260 -24.08 -44.23 -35.62
CA PHE F 260 -23.63 -42.97 -36.19
C PHE F 260 -22.33 -42.57 -35.52
N CYS F 261 -21.55 -41.73 -36.22
CA CYS F 261 -20.28 -41.24 -35.71
C CYS F 261 -20.12 -39.78 -36.08
N VAL F 262 -19.50 -39.01 -35.19
CA VAL F 262 -19.23 -37.60 -35.42
C VAL F 262 -17.84 -37.29 -34.91
N VAL F 263 -17.06 -36.56 -35.71
CA VAL F 263 -15.69 -36.20 -35.38
C VAL F 263 -15.51 -34.69 -35.54
N SER F 264 -14.87 -34.07 -34.56
CA SER F 264 -14.59 -32.65 -34.58
C SER F 264 -13.08 -32.43 -34.58
N LYS F 265 -12.68 -31.16 -34.48
CA LYS F 265 -11.27 -30.79 -34.49
C LYS F 265 -10.97 -29.88 -33.33
N PRO F 266 -9.72 -29.86 -32.86
CA PRO F 266 -9.33 -28.90 -31.81
C PRO F 266 -9.30 -27.48 -32.35
N LYS F 267 -9.13 -26.54 -31.43
CA LYS F 267 -9.14 -25.12 -31.81
C LYS F 267 -7.93 -24.76 -32.66
N ASP F 268 -6.79 -25.40 -32.43
CA ASP F 268 -5.55 -25.02 -33.12
C ASP F 268 -5.37 -25.76 -34.44
N CYS F 269 -5.33 -27.09 -34.39
CA CYS F 269 -4.99 -27.88 -35.57
C CYS F 269 -6.15 -27.91 -36.55
N ILE F 270 -5.85 -28.37 -37.77
CA ILE F 270 -6.82 -28.49 -38.84
C ILE F 270 -6.84 -29.94 -39.32
N PHE F 271 -7.82 -30.24 -40.17
CA PHE F 271 -8.01 -31.60 -40.66
C PHE F 271 -6.89 -31.99 -41.63
N PRO F 272 -6.62 -33.28 -41.75
CA PRO F 272 -5.66 -33.74 -42.77
C PRO F 272 -6.16 -33.43 -44.17
N TYR F 273 -5.21 -33.33 -45.11
CA TYR F 273 -5.54 -32.96 -46.48
C TYR F 273 -6.52 -33.95 -47.08
N ALA F 274 -7.57 -33.41 -47.72
CA ALA F 274 -8.60 -34.21 -48.38
C ALA F 274 -9.23 -35.23 -47.44
N PHE F 275 -9.44 -34.83 -46.19
CA PHE F 275 -10.09 -35.73 -45.23
C PHE F 275 -11.52 -36.04 -45.64
N LYS F 276 -12.25 -35.03 -46.13
CA LYS F 276 -13.61 -35.27 -46.59
C LYS F 276 -13.64 -36.22 -47.78
N GLU F 277 -12.71 -36.05 -48.72
CA GLU F 277 -12.63 -36.95 -49.86
C GLU F 277 -12.30 -38.37 -49.42
N VAL F 278 -11.38 -38.51 -48.44
CA VAL F 278 -11.04 -39.83 -47.91
C VAL F 278 -12.26 -40.48 -47.29
N ILE F 279 -13.03 -39.72 -46.51
CA ILE F 279 -14.24 -40.25 -45.89
C ILE F 279 -15.24 -40.69 -46.96
N GLU F 280 -15.44 -39.85 -47.97
CA GLU F 280 -16.40 -40.16 -49.03
C GLU F 280 -16.01 -41.41 -49.80
N LYS F 281 -14.71 -41.57 -50.09
CA LYS F 281 -14.27 -42.75 -50.83
C LYS F 281 -14.53 -44.02 -50.04
N LYS F 282 -14.27 -44.00 -48.74
CA LYS F 282 -14.49 -45.20 -47.92
C LYS F 282 -15.97 -45.50 -47.72
N ASN F 283 -16.85 -44.53 -47.97
CA ASN F 283 -18.30 -44.70 -47.84
C ASN F 283 -18.67 -45.15 -46.43
N VAL F 284 -18.34 -44.30 -45.46
CA VAL F 284 -18.66 -44.52 -44.05
C VAL F 284 -19.44 -43.31 -43.55
N LYS F 285 -20.56 -43.57 -42.86
CA LYS F 285 -21.45 -42.51 -42.40
C LYS F 285 -20.79 -41.82 -41.19
N VAL F 286 -19.90 -40.89 -41.49
CA VAL F 286 -19.21 -40.09 -40.49
C VAL F 286 -19.51 -38.62 -40.79
N GLU F 287 -20.08 -37.93 -39.81
CA GLU F 287 -20.42 -36.52 -39.96
C GLU F 287 -19.33 -35.66 -39.34
N VAL F 288 -18.85 -34.67 -40.09
CA VAL F 288 -17.78 -33.78 -39.65
C VAL F 288 -18.39 -32.51 -39.10
N ALA F 289 -18.00 -32.15 -37.88
CA ALA F 289 -18.50 -30.96 -37.20
C ALA F 289 -17.42 -29.90 -37.20
N ALA F 290 -17.81 -28.67 -37.55
CA ALA F 290 -16.84 -27.57 -37.62
C ALA F 290 -16.26 -27.25 -36.25
N THR F 291 -17.10 -27.18 -35.23
CA THR F 291 -16.66 -26.83 -33.88
C THR F 291 -17.28 -27.78 -32.87
N GLU F 292 -16.88 -27.61 -31.61
CA GLU F 292 -17.40 -28.45 -30.54
C GLU F 292 -18.88 -28.21 -30.31
N ARG F 293 -19.33 -26.96 -30.47
CA ARG F 293 -20.75 -26.65 -30.30
C ARG F 293 -21.60 -27.40 -31.33
N THR F 294 -21.11 -27.49 -32.57
CA THR F 294 -21.83 -28.25 -33.58
C THR F 294 -21.92 -29.72 -33.21
N LEU F 295 -20.83 -30.28 -32.68
CA LEU F 295 -20.85 -31.68 -32.26
C LEU F 295 -21.85 -31.90 -31.14
N LEU F 296 -21.86 -31.02 -30.14
CA LEU F 296 -22.81 -31.16 -29.03
C LEU F 296 -24.24 -31.03 -29.51
N GLY F 297 -24.51 -30.06 -30.38
CA GLY F 297 -25.85 -29.91 -30.91
C GLY F 297 -26.30 -31.12 -31.71
N PHE F 298 -25.41 -31.67 -32.54
CA PHE F 298 -25.74 -32.86 -33.31
C PHE F 298 -26.01 -34.05 -32.40
N PHE F 299 -25.20 -34.23 -31.37
CA PHE F 299 -25.41 -35.35 -30.44
C PHE F 299 -26.74 -35.20 -29.72
N LEU F 300 -27.05 -34.00 -29.25
CA LEU F 300 -28.32 -33.79 -28.56
C LEU F 300 -29.51 -34.00 -29.49
N ALA F 301 -29.40 -33.53 -30.74
CA ALA F 301 -30.48 -33.74 -31.70
C ALA F 301 -30.68 -35.22 -31.99
N LYS F 302 -29.59 -35.97 -32.14
CA LYS F 302 -29.70 -37.40 -32.38
C LYS F 302 -30.33 -38.11 -31.18
N VAL F 303 -29.94 -37.71 -29.97
CA VAL F 303 -30.54 -38.31 -28.77
C VAL F 303 -32.03 -38.03 -28.72
N HIS F 304 -32.43 -36.78 -29.01
CA HIS F 304 -33.84 -36.43 -28.97
C HIS F 304 -34.64 -37.17 -30.04
N LYS F 305 -34.08 -37.30 -31.25
CA LYS F 305 -34.82 -37.94 -32.33
C LYS F 305 -34.92 -39.45 -32.12
N ILE F 306 -33.83 -40.09 -31.71
CA ILE F 306 -33.86 -41.54 -31.49
C ILE F 306 -34.76 -41.87 -30.29
N ASP F 307 -34.73 -41.01 -29.27
CA ASP F 307 -35.52 -41.19 -28.04
C ASP F 307 -35.18 -42.51 -27.38
N PRO F 308 -33.97 -42.66 -26.84
CA PRO F 308 -33.62 -43.89 -26.14
C PRO F 308 -34.19 -43.89 -24.74
N ASP F 309 -34.38 -45.10 -24.21
CA ASP F 309 -34.82 -45.26 -22.82
C ASP F 309 -33.69 -45.61 -21.88
N ILE F 310 -32.76 -46.45 -22.31
CA ILE F 310 -31.63 -46.87 -21.48
C ILE F 310 -30.34 -46.48 -22.20
N ILE F 311 -29.47 -45.76 -21.49
CA ILE F 311 -28.17 -45.36 -22.02
C ILE F 311 -27.09 -46.07 -21.20
N VAL F 312 -26.19 -46.76 -21.89
CA VAL F 312 -25.16 -47.56 -21.23
C VAL F 312 -23.79 -47.13 -21.74
N GLY F 313 -22.78 -47.44 -20.95
CA GLY F 313 -21.42 -47.08 -21.28
C GLY F 313 -20.49 -47.45 -20.14
N HIS F 314 -19.24 -47.01 -20.27
CA HIS F 314 -18.20 -47.30 -19.28
C HIS F 314 -17.83 -46.01 -18.56
N ASN F 315 -17.89 -46.04 -17.23
CA ASN F 315 -17.50 -44.91 -16.38
C ASN F 315 -18.25 -43.63 -16.78
N ILE F 316 -19.56 -43.75 -16.94
CA ILE F 316 -20.37 -42.61 -17.34
C ILE F 316 -20.46 -41.60 -16.20
N TYR F 317 -21.01 -42.02 -15.06
CA TYR F 317 -21.36 -41.08 -14.00
C TYR F 317 -20.13 -40.37 -13.45
N GLY F 318 -19.04 -41.11 -13.24
CA GLY F 318 -17.86 -40.51 -12.63
C GLY F 318 -17.24 -39.42 -13.47
N PHE F 319 -17.05 -39.67 -14.76
CA PHE F 319 -16.27 -38.79 -15.62
C PHE F 319 -17.06 -38.26 -16.80
N GLU F 320 -17.74 -39.14 -17.55
CA GLU F 320 -18.21 -38.78 -18.89
C GLU F 320 -19.37 -37.81 -18.82
N LEU F 321 -20.36 -38.08 -17.97
CA LEU F 321 -21.51 -37.20 -17.87
C LEU F 321 -21.11 -35.82 -17.38
N GLU F 322 -20.22 -35.76 -16.39
CA GLU F 322 -19.74 -34.48 -15.88
C GLU F 322 -18.99 -33.71 -16.96
N VAL F 323 -18.13 -34.39 -17.72
CA VAL F 323 -17.39 -33.72 -18.78
C VAL F 323 -18.35 -33.18 -19.84
N LEU F 324 -19.34 -33.99 -20.22
CA LEU F 324 -20.31 -33.55 -21.23
C LEU F 324 -21.11 -32.34 -20.76
N LEU F 325 -21.55 -32.37 -19.50
CA LEU F 325 -22.30 -31.22 -18.97
C LEU F 325 -21.44 -29.97 -18.91
N GLN F 326 -20.18 -30.12 -18.48
CA GLN F 326 -19.28 -28.96 -18.43
C GLN F 326 -19.05 -28.39 -19.83
N ARG F 327 -18.84 -29.25 -20.82
CA ARG F 327 -18.64 -28.76 -22.18
C ARG F 327 -19.90 -28.10 -22.73
N ILE F 328 -21.08 -28.63 -22.41
CA ILE F 328 -22.32 -27.99 -22.82
C ILE F 328 -22.43 -26.60 -22.20
N ASN F 329 -22.10 -26.49 -20.92
CA ASN F 329 -22.17 -25.18 -20.26
C ASN F 329 -21.18 -24.20 -20.85
N VAL F 330 -19.95 -24.65 -21.11
CA VAL F 330 -18.92 -23.74 -21.62
C VAL F 330 -19.26 -23.30 -23.04
N CYS F 331 -19.62 -24.25 -23.90
CA CYS F 331 -19.93 -23.93 -25.29
C CYS F 331 -21.28 -23.25 -25.45
N LYS F 332 -22.08 -23.16 -24.39
CA LYS F 332 -23.38 -22.49 -24.41
C LYS F 332 -24.31 -23.10 -25.45
N ALA F 333 -24.25 -24.42 -25.59
CA ALA F 333 -25.16 -25.10 -26.50
C ALA F 333 -26.59 -24.99 -25.97
N PRO F 334 -27.54 -24.53 -26.78
CA PRO F 334 -28.91 -24.36 -26.27
C PRO F 334 -29.63 -25.69 -26.12
N HIS F 335 -30.68 -25.65 -25.30
CA HIS F 335 -31.56 -26.81 -25.07
C HIS F 335 -30.76 -28.01 -24.54
N TRP F 336 -30.18 -27.82 -23.37
CA TRP F 336 -29.46 -28.91 -22.71
C TRP F 336 -30.40 -29.97 -22.16
N SER F 337 -31.66 -29.63 -21.93
CA SER F 337 -32.60 -30.55 -21.29
C SER F 337 -32.94 -31.75 -22.16
N LYS F 338 -32.57 -31.74 -23.44
CA LYS F 338 -32.86 -32.88 -24.30
C LYS F 338 -32.18 -34.15 -23.82
N ILE F 339 -31.14 -34.04 -22.98
CA ILE F 339 -30.52 -35.24 -22.41
C ILE F 339 -31.46 -35.93 -21.43
N GLY F 340 -32.52 -35.25 -21.00
CA GLY F 340 -33.52 -35.86 -20.15
C GLY F 340 -34.86 -35.97 -20.86
N ARG F 341 -35.95 -35.79 -20.13
CA ARG F 341 -37.28 -35.82 -20.73
C ARG F 341 -38.19 -34.68 -20.28
N LEU F 342 -37.90 -34.01 -19.18
CA LEU F 342 -38.72 -32.92 -18.68
C LEU F 342 -38.04 -31.59 -19.00
N LYS F 343 -38.83 -30.65 -19.54
CA LYS F 343 -38.30 -29.35 -19.93
C LYS F 343 -37.80 -28.60 -18.69
N ARG F 344 -36.51 -28.26 -18.69
CA ARG F 344 -35.91 -27.53 -17.58
C ARG F 344 -35.01 -26.43 -18.14
N SER F 345 -34.81 -25.40 -17.32
CA SER F 345 -34.01 -24.25 -17.71
C SER F 345 -32.69 -24.17 -16.97
N ASN F 346 -32.71 -24.29 -15.64
CA ASN F 346 -31.51 -24.14 -14.83
C ASN F 346 -30.85 -25.50 -14.65
N MET F 347 -29.63 -25.63 -15.17
CA MET F 347 -28.86 -26.86 -14.99
C MET F 347 -28.50 -27.03 -13.51
N PRO F 348 -28.59 -28.25 -12.99
CA PRO F 348 -28.18 -28.47 -11.59
C PRO F 348 -26.70 -28.22 -11.41
N LYS F 349 -26.33 -27.86 -10.18
CA LYS F 349 -24.94 -27.52 -9.87
C LYS F 349 -24.02 -28.71 -10.15
N LEU F 350 -22.92 -28.44 -10.84
CA LEU F 350 -21.94 -29.47 -11.15
C LEU F 350 -20.87 -29.54 -10.06
N GLY F 351 -20.06 -30.58 -10.14
CA GLY F 351 -18.98 -30.76 -9.18
C GLY F 351 -19.39 -31.29 -7.84
N GLY F 352 -20.65 -31.68 -7.66
CA GLY F 352 -21.12 -32.22 -6.40
C GLY F 352 -20.39 -33.49 -6.00
N ARG F 353 -19.89 -33.54 -4.76
CA ARG F 353 -19.17 -34.71 -4.30
C ARG F 353 -20.08 -35.94 -4.26
N SER F 354 -21.31 -35.77 -3.77
CA SER F 354 -22.27 -36.88 -3.76
C SER F 354 -22.85 -37.15 -5.13
N GLY F 355 -22.72 -36.21 -6.07
CA GLY F 355 -23.24 -36.41 -7.41
C GLY F 355 -24.75 -36.36 -7.51
N PHE F 356 -25.44 -35.75 -6.55
CA PHE F 356 -26.89 -35.72 -6.57
C PHE F 356 -27.41 -34.96 -7.78
N GLY F 357 -26.82 -33.81 -8.09
CA GLY F 357 -27.21 -33.07 -9.28
C GLY F 357 -26.90 -33.84 -10.55
N GLU F 358 -25.75 -34.50 -10.61
CA GLU F 358 -25.41 -35.32 -11.76
C GLU F 358 -26.38 -36.47 -11.94
N ARG F 359 -26.78 -37.10 -10.84
CA ARG F 359 -27.78 -38.17 -10.92
C ARG F 359 -29.12 -37.64 -11.40
N ASN F 360 -29.53 -36.46 -10.91
CA ASN F 360 -30.79 -35.86 -11.31
C ASN F 360 -30.76 -35.24 -12.70
N ALA F 361 -29.57 -35.14 -13.32
CA ALA F 361 -29.46 -34.49 -14.62
C ALA F 361 -30.22 -35.24 -15.70
N THR F 362 -30.43 -36.54 -15.54
CA THR F 362 -31.08 -37.33 -16.57
C THR F 362 -32.36 -37.97 -16.07
N CYS F 363 -33.20 -37.21 -15.38
CA CYS F 363 -34.47 -37.72 -14.90
C CYS F 363 -35.34 -38.15 -16.07
N GLY F 364 -35.93 -39.34 -15.96
CA GLY F 364 -36.77 -39.90 -16.99
C GLY F 364 -36.07 -40.92 -17.87
N ARG F 365 -34.75 -40.93 -17.89
CA ARG F 365 -33.99 -41.91 -18.65
C ARG F 365 -33.24 -42.84 -17.71
N MET F 366 -32.49 -43.77 -18.31
CA MET F 366 -31.77 -44.79 -17.58
C MET F 366 -30.28 -44.69 -17.89
N ILE F 367 -29.46 -44.64 -16.85
CA ILE F 367 -28.02 -44.63 -16.99
C ILE F 367 -27.48 -45.90 -16.34
N CYS F 368 -26.92 -46.79 -17.17
CA CYS F 368 -26.36 -48.05 -16.71
C CYS F 368 -24.86 -48.03 -16.94
N ASP F 369 -24.09 -48.04 -15.86
CA ASP F 369 -22.64 -48.04 -15.93
C ASP F 369 -22.15 -49.47 -15.76
N VAL F 370 -21.40 -49.97 -16.75
CA VAL F 370 -20.94 -51.35 -16.70
C VAL F 370 -19.98 -51.59 -15.55
N GLU F 371 -19.32 -50.54 -15.05
CA GLU F 371 -18.37 -50.72 -13.95
C GLU F 371 -19.07 -51.17 -12.67
N ILE F 372 -20.14 -50.47 -12.28
CA ILE F 372 -20.85 -50.82 -11.06
C ILE F 372 -21.51 -52.19 -11.19
N SER F 373 -22.11 -52.47 -12.34
CA SER F 373 -22.74 -53.77 -12.55
C SER F 373 -21.72 -54.89 -12.50
N ALA F 374 -20.54 -54.68 -13.11
CA ALA F 374 -19.48 -55.68 -13.05
C ALA F 374 -19.01 -55.88 -11.62
N LYS F 375 -18.86 -54.79 -10.86
CA LYS F 375 -18.45 -54.92 -9.46
C LYS F 375 -19.47 -55.72 -8.66
N GLU F 376 -20.76 -55.49 -8.93
CA GLU F 376 -21.80 -56.22 -8.21
C GLU F 376 -21.87 -57.69 -8.64
N LEU F 377 -21.56 -57.99 -9.90
CA LEU F 377 -21.79 -59.32 -10.43
C LEU F 377 -20.61 -60.26 -10.22
N ILE F 378 -19.45 -59.92 -10.78
CA ILE F 378 -18.30 -60.82 -10.79
C ILE F 378 -17.08 -60.10 -10.23
N ARG F 379 -16.07 -60.89 -9.88
CA ARG F 379 -14.83 -60.39 -9.31
C ARG F 379 -13.71 -60.51 -10.33
N CYS F 380 -12.99 -59.42 -10.55
CA CYS F 380 -11.85 -59.39 -11.47
C CYS F 380 -10.68 -58.69 -10.79
N LYS F 381 -9.49 -58.84 -11.40
CA LYS F 381 -8.31 -58.17 -10.87
C LYS F 381 -8.48 -56.66 -10.88
N SER F 382 -9.04 -56.12 -11.96
CA SER F 382 -9.35 -54.70 -12.05
C SER F 382 -10.60 -54.52 -12.90
N TYR F 383 -11.22 -53.36 -12.78
CA TYR F 383 -12.45 -53.07 -13.50
C TYR F 383 -12.25 -52.09 -14.64
N HIS F 384 -11.03 -51.97 -15.15
CA HIS F 384 -10.80 -51.18 -16.35
C HIS F 384 -11.41 -51.89 -17.57
N LEU F 385 -11.65 -51.11 -18.62
CA LEU F 385 -12.31 -51.67 -19.79
C LEU F 385 -11.48 -52.77 -20.44
N SER F 386 -10.17 -52.55 -20.58
CA SER F 386 -9.32 -53.56 -21.20
C SER F 386 -9.29 -54.84 -20.39
N GLU F 387 -9.17 -54.73 -19.06
CA GLU F 387 -9.18 -55.92 -18.21
C GLU F 387 -10.52 -56.64 -18.29
N LEU F 388 -11.63 -55.90 -18.32
CA LEU F 388 -12.94 -56.51 -18.45
C LEU F 388 -13.07 -57.27 -19.77
N VAL F 389 -12.58 -56.67 -20.86
CA VAL F 389 -12.61 -57.35 -22.15
C VAL F 389 -11.77 -58.61 -22.11
N GLN F 390 -10.59 -58.54 -21.50
CA GLN F 390 -9.71 -59.69 -21.43
C GLN F 390 -10.31 -60.82 -20.60
N GLN F 391 -10.99 -60.48 -19.50
CA GLN F 391 -11.49 -61.51 -18.60
C GLN F 391 -12.84 -62.07 -19.03
N ILE F 392 -13.67 -61.28 -19.71
CA ILE F 392 -15.01 -61.73 -20.06
C ILE F 392 -15.01 -62.29 -21.48
N LEU F 393 -14.68 -61.44 -22.46
CA LEU F 393 -14.71 -61.86 -23.85
C LEU F 393 -13.38 -62.47 -24.32
N LYS F 394 -12.33 -62.40 -23.51
CA LYS F 394 -11.03 -62.98 -23.83
C LYS F 394 -10.50 -62.44 -25.16
N THR F 395 -10.42 -61.11 -25.26
CA THR F 395 -9.93 -60.44 -26.45
C THR F 395 -8.99 -59.31 -26.05
N GLU F 396 -8.04 -59.01 -26.92
CA GLU F 396 -7.07 -57.95 -26.68
C GLU F 396 -7.59 -56.62 -27.22
N ARG F 397 -7.34 -55.56 -26.46
CA ARG F 397 -7.79 -54.22 -26.83
C ARG F 397 -6.60 -53.26 -26.83
N VAL F 398 -6.54 -52.41 -27.85
CA VAL F 398 -5.46 -51.44 -27.97
C VAL F 398 -5.77 -50.23 -27.10
N VAL F 399 -4.74 -49.69 -26.46
CA VAL F 399 -4.86 -48.51 -25.61
C VAL F 399 -4.10 -47.37 -26.27
N ILE F 400 -4.78 -46.24 -26.45
CA ILE F 400 -4.21 -45.07 -27.10
C ILE F 400 -3.94 -44.01 -26.03
N PRO F 401 -2.68 -43.69 -25.75
CA PRO F 401 -2.39 -42.64 -24.77
C PRO F 401 -2.74 -41.26 -25.32
N MET F 402 -2.86 -40.31 -24.40
CA MET F 402 -3.21 -38.94 -24.77
C MET F 402 -2.12 -38.26 -25.58
N GLU F 403 -0.87 -38.71 -25.46
CA GLU F 403 0.23 -38.06 -26.16
C GLU F 403 0.07 -38.15 -27.68
N ASN F 404 -0.33 -39.32 -28.18
CA ASN F 404 -0.46 -39.51 -29.62
C ASN F 404 -1.67 -38.78 -30.20
N ILE F 405 -2.66 -38.44 -29.36
CA ILE F 405 -3.91 -37.89 -29.85
C ILE F 405 -3.67 -36.63 -30.66
N GLN F 406 -2.76 -35.77 -30.19
CA GLN F 406 -2.40 -34.57 -30.95
C GLN F 406 -1.82 -34.93 -32.31
N ASN F 407 -1.01 -36.00 -32.36
CA ASN F 407 -0.33 -36.40 -33.58
C ASN F 407 -1.23 -37.14 -34.57
N MET F 408 -2.37 -37.67 -34.13
CA MET F 408 -3.22 -38.44 -35.04
C MET F 408 -3.80 -37.61 -36.17
N TYR F 409 -3.75 -36.29 -36.09
CA TYR F 409 -4.31 -35.44 -37.13
C TYR F 409 -3.36 -35.22 -38.31
N SER F 410 -2.15 -35.80 -38.26
CA SER F 410 -1.21 -35.62 -39.36
C SER F 410 -1.72 -36.24 -40.65
N GLU F 411 -2.32 -37.43 -40.56
CA GLU F 411 -2.73 -38.17 -41.74
C GLU F 411 -4.16 -38.66 -41.58
N SER F 412 -4.83 -38.88 -42.72
CA SER F 412 -6.22 -39.34 -42.70
C SER F 412 -6.32 -40.76 -42.17
N SER F 413 -5.33 -41.60 -42.47
CA SER F 413 -5.37 -42.99 -42.03
C SER F 413 -5.39 -43.08 -40.50
N GLN F 414 -4.59 -42.26 -39.83
CA GLN F 414 -4.56 -42.27 -38.37
C GLN F 414 -5.90 -41.83 -37.79
N LEU F 415 -6.52 -40.82 -38.38
CA LEU F 415 -7.83 -40.37 -37.92
C LEU F 415 -8.89 -41.46 -38.10
N LEU F 416 -8.86 -42.13 -39.26
CA LEU F 416 -9.80 -43.23 -39.48
C LEU F 416 -9.57 -44.37 -38.50
N TYR F 417 -8.30 -44.66 -38.21
CA TYR F 417 -7.99 -45.70 -37.22
C TYR F 417 -8.52 -45.32 -35.85
N LEU F 418 -8.36 -44.05 -35.44
CA LEU F 418 -8.88 -43.62 -34.16
C LEU F 418 -10.40 -43.74 -34.10
N LEU F 419 -11.09 -43.32 -35.16
CA LEU F 419 -12.54 -43.43 -35.19
C LEU F 419 -12.99 -44.89 -35.12
N GLU F 420 -12.30 -45.77 -35.86
CA GLU F 420 -12.65 -47.19 -35.83
C GLU F 420 -12.38 -47.78 -34.45
N HIS F 421 -11.32 -47.33 -33.78
CA HIS F 421 -11.04 -47.79 -32.43
C HIS F 421 -12.14 -47.37 -31.46
N THR F 422 -12.63 -46.13 -31.59
CA THR F 422 -13.73 -45.69 -30.75
C THR F 422 -14.99 -46.52 -31.01
N TRP F 423 -15.28 -46.78 -32.28
CA TRP F 423 -16.44 -47.60 -32.63
C TRP F 423 -16.32 -49.00 -32.05
N LYS F 424 -15.13 -49.61 -32.15
CA LYS F 424 -14.93 -50.94 -31.60
C LYS F 424 -15.05 -50.93 -30.08
N ASP F 425 -14.58 -49.87 -29.42
CA ASP F 425 -14.74 -49.78 -27.98
C ASP F 425 -16.21 -49.72 -27.60
N ALA F 426 -17.00 -48.94 -28.33
CA ALA F 426 -18.44 -48.87 -28.04
C ALA F 426 -19.10 -50.23 -28.26
N LYS F 427 -18.73 -50.92 -29.34
CA LYS F 427 -19.29 -52.25 -29.60
C LYS F 427 -18.91 -53.24 -28.50
N PHE F 428 -17.67 -53.17 -28.03
CA PHE F 428 -17.23 -54.04 -26.94
C PHE F 428 -18.01 -53.75 -25.66
N ILE F 429 -18.26 -52.46 -25.37
CA ILE F 429 -19.05 -52.12 -24.19
C ILE F 429 -20.45 -52.70 -24.30
N LEU F 430 -21.08 -52.57 -25.48
CA LEU F 430 -22.42 -53.10 -25.65
C LEU F 430 -22.44 -54.62 -25.50
N GLN F 431 -21.45 -55.31 -26.08
CA GLN F 431 -21.39 -56.76 -25.97
C GLN F 431 -21.17 -57.21 -24.53
N ILE F 432 -20.31 -56.51 -23.80
CA ILE F 432 -20.10 -56.83 -22.40
C ILE F 432 -21.38 -56.64 -21.59
N MET F 433 -22.12 -55.57 -21.88
CA MET F 433 -23.39 -55.35 -21.20
C MET F 433 -24.37 -56.48 -21.51
N CYS F 434 -24.43 -56.92 -22.76
CA CYS F 434 -25.36 -57.98 -23.12
C CYS F 434 -24.94 -59.33 -22.55
N GLU F 435 -23.64 -59.52 -22.32
CA GLU F 435 -23.16 -60.82 -21.85
C GLU F 435 -23.66 -61.16 -20.46
N LEU F 436 -23.69 -60.18 -19.55
CA LEU F 436 -23.97 -60.44 -18.15
C LEU F 436 -25.47 -60.41 -17.82
N ASN F 437 -26.33 -60.13 -18.79
CA ASN F 437 -27.77 -60.06 -18.58
C ASN F 437 -28.12 -59.06 -17.47
N VAL F 438 -27.52 -57.87 -17.56
CA VAL F 438 -27.67 -56.87 -16.50
C VAL F 438 -29.12 -56.40 -16.42
N LEU F 439 -29.74 -56.12 -17.56
CA LEU F 439 -31.10 -55.56 -17.56
C LEU F 439 -32.14 -56.51 -16.99
N PRO F 440 -32.24 -57.78 -17.40
CA PRO F 440 -33.23 -58.66 -16.77
C PRO F 440 -33.00 -58.86 -15.28
N LEU F 441 -31.75 -58.96 -14.86
CA LEU F 441 -31.46 -59.10 -13.43
C LEU F 441 -31.89 -57.86 -12.66
N ALA F 442 -31.62 -56.68 -13.21
CA ALA F 442 -32.06 -55.44 -12.57
C ALA F 442 -33.58 -55.37 -12.49
N LEU F 443 -34.27 -55.79 -13.56
CA LEU F 443 -35.72 -55.77 -13.55
C LEU F 443 -36.28 -56.72 -12.49
N GLN F 444 -35.72 -57.92 -12.38
CA GLN F 444 -36.17 -58.87 -11.36
C GLN F 444 -35.90 -58.34 -9.96
N ILE F 445 -34.73 -57.74 -9.74
CA ILE F 445 -34.41 -57.20 -8.43
C ILE F 445 -35.36 -56.07 -8.07
N THR F 446 -35.65 -55.19 -9.03
CA THR F 446 -36.58 -54.08 -8.78
C THR F 446 -37.98 -54.59 -8.48
N ASN F 447 -38.44 -55.59 -9.24
CA ASN F 447 -39.77 -56.15 -9.01
C ASN F 447 -39.86 -56.79 -7.63
N ILE F 448 -38.81 -57.49 -7.22
CA ILE F 448 -38.80 -58.11 -5.88
C ILE F 448 -38.81 -57.03 -4.80
N ALA F 449 -37.92 -56.04 -4.92
CA ALA F 449 -37.82 -55.00 -3.90
C ALA F 449 -39.01 -54.05 -3.97
N GLY F 450 -39.38 -53.61 -5.17
CA GLY F 450 -40.48 -52.68 -5.35
C GLY F 450 -40.09 -51.22 -5.44
N ASN F 451 -38.79 -50.89 -5.36
CA ASN F 451 -38.35 -49.51 -5.39
C ASN F 451 -38.35 -49.01 -6.83
N ILE F 452 -37.81 -47.80 -7.04
CA ILE F 452 -37.69 -47.25 -8.38
C ILE F 452 -36.63 -48.00 -9.15
N MET F 453 -36.89 -48.23 -10.44
CA MET F 453 -35.97 -49.02 -11.26
C MET F 453 -34.62 -48.33 -11.43
N SER F 454 -34.64 -47.01 -11.64
CA SER F 454 -33.39 -46.30 -11.94
C SER F 454 -32.41 -46.38 -10.78
N ARG F 455 -32.90 -46.30 -9.55
CA ARG F 455 -32.02 -46.36 -8.39
C ARG F 455 -31.37 -47.72 -8.20
N THR F 456 -31.93 -48.77 -8.82
CA THR F 456 -31.35 -50.10 -8.68
C THR F 456 -29.96 -50.18 -9.32
N LEU F 457 -29.77 -49.51 -10.45
CA LEU F 457 -28.51 -49.55 -11.16
C LEU F 457 -27.40 -48.82 -10.43
N MET F 458 -27.71 -48.07 -9.38
CA MET F 458 -26.71 -47.30 -8.65
C MET F 458 -25.97 -48.12 -7.61
N GLY F 459 -26.35 -49.37 -7.39
CA GLY F 459 -25.70 -50.20 -6.37
C GLY F 459 -26.15 -49.93 -4.96
N GLY F 460 -27.23 -49.17 -4.76
CA GLY F 460 -27.73 -48.87 -3.44
C GLY F 460 -28.58 -49.98 -2.85
N ARG F 461 -27.93 -51.06 -2.40
CA ARG F 461 -28.66 -52.18 -1.82
C ARG F 461 -29.46 -51.74 -0.59
N SER F 462 -28.90 -50.84 0.21
CA SER F 462 -29.60 -50.33 1.38
C SER F 462 -30.91 -49.65 0.98
N GLU F 463 -30.89 -48.91 -0.14
CA GLU F 463 -32.12 -48.27 -0.61
C GLU F 463 -33.18 -49.30 -0.98
N ARG F 464 -32.79 -50.35 -1.70
CA ARG F 464 -33.76 -51.38 -2.09
C ARG F 464 -34.34 -52.07 -0.87
N ASN F 465 -33.50 -52.43 0.08
CA ASN F 465 -34.01 -53.12 1.26
C ASN F 465 -34.84 -52.20 2.15
N GLU F 466 -34.49 -50.91 2.21
CA GLU F 466 -35.32 -49.96 2.94
C GLU F 466 -36.70 -49.84 2.30
N PHE F 467 -36.75 -49.80 0.96
CA PHE F 467 -38.04 -49.76 0.28
C PHE F 467 -38.84 -51.03 0.54
N LEU F 468 -38.18 -52.19 0.51
CA LEU F 468 -38.87 -53.45 0.78
C LEU F 468 -39.45 -53.47 2.19
N LEU F 469 -38.67 -53.03 3.17
CA LEU F 469 -39.15 -52.99 4.55
C LEU F 469 -40.26 -51.98 4.72
N LEU F 470 -40.19 -50.86 4.00
CA LEU F 470 -41.27 -49.87 4.04
C LEU F 470 -42.56 -50.48 3.51
N HIS F 471 -42.48 -51.21 2.40
CA HIS F 471 -43.66 -51.88 1.86
C HIS F 471 -44.22 -52.90 2.85
N ALA F 472 -43.32 -53.69 3.46
CA ALA F 472 -43.77 -54.70 4.42
C ALA F 472 -44.46 -54.07 5.61
N PHE F 473 -43.91 -52.96 6.12
CA PHE F 473 -44.47 -52.33 7.31
C PHE F 473 -45.78 -51.62 6.99
N TYR F 474 -45.85 -50.94 5.85
CA TYR F 474 -47.10 -50.31 5.45
C TYR F 474 -48.20 -51.34 5.18
N GLU F 475 -47.81 -52.56 4.78
CA GLU F 475 -48.79 -53.62 4.60
C GLU F 475 -49.35 -54.13 5.92
N ASN F 476 -48.77 -53.75 7.05
CA ASN F 476 -49.17 -54.29 8.35
C ASN F 476 -49.68 -53.21 9.31
N ASN F 477 -50.08 -52.05 8.78
CA ASN F 477 -50.69 -50.98 9.58
C ASN F 477 -49.76 -50.51 10.70
N TYR F 478 -48.62 -49.96 10.30
CA TYR F 478 -47.62 -49.42 11.22
C TYR F 478 -47.34 -47.96 10.87
N ILE F 479 -46.41 -47.36 11.59
CA ILE F 479 -45.92 -46.01 11.32
C ILE F 479 -44.41 -46.08 11.18
N VAL F 480 -43.92 -45.71 10.00
CA VAL F 480 -42.50 -45.82 9.69
C VAL F 480 -41.77 -44.58 10.20
N PRO F 481 -40.49 -44.69 10.54
CA PRO F 481 -39.75 -43.50 10.97
C PRO F 481 -39.57 -42.49 9.84
N ASP F 482 -39.47 -41.22 10.21
CA ASP F 482 -39.25 -40.17 9.24
C ASP F 482 -37.80 -40.17 8.77
N LYS F 483 -37.56 -39.46 7.66
CA LYS F 483 -36.23 -39.37 7.07
C LYS F 483 -35.66 -37.98 7.35
N GLN F 484 -34.43 -37.95 7.84
CA GLN F 484 -33.75 -36.68 8.13
C GLN F 484 -33.27 -36.01 6.84
N GLY F 519 -19.12 -59.42 13.90
CA GLY F 519 -17.74 -59.36 13.45
C GLY F 519 -16.77 -59.94 14.45
N LEU F 520 -16.01 -60.95 14.03
CA LEU F 520 -15.04 -61.60 14.89
C LEU F 520 -13.95 -62.23 14.04
N VAL F 521 -12.71 -62.04 14.45
CA VAL F 521 -11.55 -62.63 13.80
C VAL F 521 -10.97 -63.68 14.74
N LEU F 522 -10.91 -64.92 14.25
CA LEU F 522 -10.47 -66.03 15.10
C LEU F 522 -8.97 -66.01 15.30
N ASP F 523 -8.53 -66.71 16.35
CA ASP F 523 -7.12 -66.83 16.71
C ASP F 523 -6.80 -68.31 16.84
N PRO F 524 -6.61 -69.00 15.73
CA PRO F 524 -6.40 -70.46 15.77
C PRO F 524 -4.97 -70.85 16.05
N LYS F 525 -4.68 -72.16 15.99
CA LYS F 525 -3.35 -72.66 16.22
C LYS F 525 -2.39 -72.21 15.11
N VAL F 526 -1.10 -72.31 15.39
CA VAL F 526 -0.05 -71.89 14.48
C VAL F 526 0.66 -73.14 13.95
N GLY F 527 0.73 -73.26 12.64
CA GLY F 527 1.40 -74.40 12.03
C GLY F 527 1.30 -74.33 10.52
N PHE F 528 2.10 -75.18 9.89
CA PHE F 528 2.14 -75.30 8.43
C PHE F 528 1.88 -76.74 8.04
N TYR F 529 0.96 -76.94 7.09
CA TYR F 529 0.59 -78.28 6.65
C TYR F 529 0.46 -78.29 5.13
N ASP F 530 1.04 -79.31 4.50
CA ASP F 530 0.99 -79.48 3.05
C ASP F 530 0.05 -80.60 2.64
N LYS F 531 -0.72 -81.15 3.57
CA LYS F 531 -1.65 -82.23 3.26
C LYS F 531 -2.96 -81.64 2.72
N PHE F 532 -3.97 -82.49 2.57
CA PHE F 532 -5.25 -82.04 2.03
C PHE F 532 -5.90 -81.01 2.96
N ILE F 533 -6.39 -79.93 2.37
CA ILE F 533 -7.05 -78.86 3.09
C ILE F 533 -8.47 -78.71 2.54
N LEU F 534 -9.46 -78.84 3.42
CA LEU F 534 -10.86 -78.74 3.04
C LEU F 534 -11.44 -77.45 3.60
N LEU F 535 -12.13 -76.70 2.76
CA LEU F 535 -12.68 -75.39 3.12
C LEU F 535 -14.19 -75.42 3.10
N LEU F 536 -14.80 -74.92 4.17
CA LEU F 536 -16.25 -74.81 4.28
C LEU F 536 -16.63 -73.38 4.62
N ASP F 537 -17.80 -72.97 4.13
CA ASP F 537 -18.29 -71.61 4.35
C ASP F 537 -19.75 -71.64 4.75
N PHE F 538 -20.10 -70.80 5.72
CA PHE F 538 -21.49 -70.68 6.15
C PHE F 538 -22.26 -69.75 5.21
N ASN F 539 -23.43 -70.18 4.79
CA ASN F 539 -24.24 -69.42 3.84
C ASN F 539 -25.22 -68.55 4.61
N SER F 540 -25.08 -67.23 4.47
CA SER F 540 -26.00 -66.26 5.07
C SER F 540 -26.11 -66.44 6.58
N LEU F 541 -24.98 -66.21 7.26
CA LEU F 541 -24.93 -66.39 8.71
C LEU F 541 -25.90 -65.45 9.40
N TYR F 542 -25.84 -64.16 9.10
CA TYR F 542 -26.73 -63.19 9.73
C TYR F 542 -28.20 -63.42 9.39
N PRO F 543 -28.60 -63.66 8.13
CA PRO F 543 -30.00 -64.01 7.88
C PRO F 543 -30.44 -65.27 8.59
N SER F 544 -29.56 -66.27 8.69
CA SER F 544 -29.89 -67.49 9.43
C SER F 544 -30.13 -67.19 10.89
N ILE F 545 -29.29 -66.33 11.49
CA ILE F 545 -29.49 -65.95 12.89
C ILE F 545 -30.82 -65.22 13.06
N ILE F 546 -31.12 -64.30 12.14
CA ILE F 546 -32.36 -63.54 12.23
C ILE F 546 -33.57 -64.46 12.15
N GLN F 547 -33.55 -65.40 11.20
CA GLN F 547 -34.67 -66.31 11.04
C GLN F 547 -34.81 -67.25 12.23
N GLU F 548 -33.69 -67.76 12.74
CA GLU F 548 -33.73 -68.81 13.76
C GLU F 548 -34.31 -68.29 15.07
N PHE F 549 -33.82 -67.14 15.54
CA PHE F 549 -34.15 -66.64 16.87
C PHE F 549 -35.23 -65.57 16.86
N ASN F 550 -35.92 -65.38 15.73
CA ASN F 550 -37.06 -64.46 15.63
C ASN F 550 -36.68 -63.05 16.07
N ILE F 551 -35.53 -62.57 15.62
CA ILE F 551 -35.09 -61.23 15.94
C ILE F 551 -35.85 -60.24 15.05
N CYS F 552 -36.50 -59.27 15.66
CA CYS F 552 -37.30 -58.29 14.93
C CYS F 552 -37.45 -57.04 15.78
N PHE F 553 -37.89 -55.96 15.14
CA PHE F 553 -38.10 -54.71 15.86
C PHE F 553 -39.19 -54.87 16.92
N THR F 554 -40.29 -55.54 16.58
CA THR F 554 -41.42 -55.64 17.48
C THR F 554 -41.30 -56.75 18.50
N THR F 555 -40.35 -57.67 18.35
CA THR F 555 -40.24 -58.83 19.22
C THR F 555 -39.01 -58.80 20.11
N VAL F 556 -38.30 -57.67 20.17
CA VAL F 556 -37.09 -57.55 20.99
C VAL F 556 -37.18 -56.26 21.79
N GLN F 557 -37.07 -56.37 23.11
CA GLN F 557 -37.05 -55.21 23.98
C GLN F 557 -35.63 -54.71 24.16
N ARG F 558 -35.44 -53.73 25.05
CA ARG F 558 -34.15 -53.11 25.27
C ARG F 558 -33.88 -52.96 26.76
N VAL F 559 -34.12 -54.02 27.53
CA VAL F 559 -33.92 -54.00 28.98
C VAL F 559 -32.99 -55.17 29.32
N ALA F 560 -31.70 -54.89 29.43
CA ALA F 560 -30.70 -55.85 29.84
C ALA F 560 -29.46 -55.07 30.28
N SER F 561 -28.36 -55.78 30.55
CA SER F 561 -27.10 -55.15 30.92
C SER F 561 -25.91 -55.90 30.32
N GLU F 562 -25.98 -56.25 29.03
CA GLU F 562 -24.97 -57.18 28.49
C GLU F 562 -23.73 -56.48 27.94
N ALA F 563 -23.86 -55.77 26.81
CA ALA F 563 -22.66 -55.09 26.29
C ALA F 563 -22.87 -53.75 25.57
N GLN F 564 -24.07 -53.48 25.04
CA GLN F 564 -24.21 -52.52 23.95
C GLN F 564 -24.88 -51.21 24.34
N LYS F 565 -26.08 -51.24 24.94
CA LYS F 565 -26.88 -50.02 25.09
C LYS F 565 -27.18 -49.69 26.56
N VAL F 566 -26.24 -49.02 27.22
CA VAL F 566 -26.49 -48.30 28.47
C VAL F 566 -25.73 -46.99 28.39
N THR F 567 -26.06 -46.05 29.27
CA THR F 567 -25.42 -44.74 29.30
C THR F 567 -23.93 -44.84 29.63
N GLU F 568 -23.25 -43.70 29.67
CA GLU F 568 -21.79 -43.65 29.78
C GLU F 568 -21.27 -43.96 31.19
N ASP F 569 -22.11 -44.54 32.05
CA ASP F 569 -21.69 -44.91 33.40
C ASP F 569 -20.79 -46.14 33.31
N GLY F 570 -19.55 -45.91 32.88
CA GLY F 570 -18.60 -46.98 32.69
C GLY F 570 -18.72 -47.65 31.33
N GLU F 571 -17.76 -48.51 31.04
CA GLU F 571 -17.76 -49.25 29.77
C GLU F 571 -18.47 -50.58 29.89
N GLN F 572 -19.70 -50.54 30.40
CA GLN F 572 -20.57 -51.70 30.50
C GLN F 572 -21.96 -51.28 30.06
N GLU F 573 -22.49 -51.97 29.06
CA GLU F 573 -23.74 -51.55 28.41
C GLU F 573 -24.62 -52.77 28.22
N GLN F 574 -25.67 -52.64 27.41
CA GLN F 574 -26.73 -53.65 27.30
C GLN F 574 -26.91 -54.16 25.88
N ILE F 575 -26.85 -55.48 25.72
CA ILE F 575 -27.39 -56.15 24.54
C ILE F 575 -28.70 -56.82 24.95
N PRO F 576 -29.78 -56.68 24.18
CA PRO F 576 -31.04 -57.33 24.54
C PRO F 576 -30.92 -58.85 24.51
N GLU F 577 -31.70 -59.50 25.37
CA GLU F 577 -31.68 -60.94 25.47
C GLU F 577 -32.56 -61.57 24.40
N LEU F 578 -32.48 -62.90 24.28
CA LEU F 578 -33.25 -63.61 23.28
C LEU F 578 -34.74 -63.52 23.57
N PRO F 579 -35.58 -63.39 22.56
CA PRO F 579 -37.03 -63.33 22.79
C PRO F 579 -37.59 -64.71 23.11
N ASP F 580 -38.79 -64.70 23.67
CA ASP F 580 -39.47 -65.94 24.04
C ASP F 580 -39.82 -66.74 22.78
N PRO F 581 -39.55 -68.04 22.75
CA PRO F 581 -39.90 -68.83 21.56
C PRO F 581 -41.39 -68.85 21.27
N SER F 582 -42.24 -68.75 22.28
CA SER F 582 -43.68 -68.77 22.06
C SER F 582 -44.20 -67.50 21.41
N LEU F 583 -43.39 -66.46 21.33
CA LEU F 583 -43.83 -65.22 20.70
C LEU F 583 -44.04 -65.40 19.20
N GLU F 584 -44.97 -64.63 18.66
CA GLU F 584 -45.28 -64.72 17.24
C GLU F 584 -44.10 -64.24 16.39
N MET F 585 -44.02 -64.77 15.17
CA MET F 585 -42.94 -64.42 14.27
C MET F 585 -43.00 -62.95 13.89
N GLY F 586 -41.84 -62.29 13.91
CA GLY F 586 -41.76 -60.88 13.58
C GLY F 586 -41.90 -60.62 12.09
N ILE F 587 -41.93 -59.33 11.75
CA ILE F 587 -42.10 -58.93 10.36
C ILE F 587 -40.88 -59.30 9.53
N LEU F 588 -39.69 -58.97 10.03
CA LEU F 588 -38.46 -59.26 9.28
C LEU F 588 -38.25 -60.74 9.01
N PRO F 589 -38.32 -61.63 10.01
CA PRO F 589 -38.16 -63.06 9.70
C PRO F 589 -39.20 -63.58 8.73
N ARG F 590 -40.42 -63.04 8.74
CA ARG F 590 -41.43 -63.47 7.80
C ARG F 590 -41.02 -63.15 6.37
N GLU F 591 -40.51 -61.94 6.13
CA GLU F 591 -40.05 -61.58 4.80
C GLU F 591 -38.85 -62.43 4.38
N ILE F 592 -37.91 -62.65 5.29
CA ILE F 592 -36.73 -63.44 4.94
C ILE F 592 -37.12 -64.88 4.60
N ARG F 593 -38.02 -65.46 5.39
CA ARG F 593 -38.46 -66.83 5.12
C ARG F 593 -39.28 -66.91 3.84
N LYS F 594 -40.06 -65.87 3.52
CA LYS F 594 -40.75 -65.84 2.24
C LYS F 594 -39.76 -65.85 1.09
N LEU F 595 -38.70 -65.04 1.18
CA LEU F 595 -37.68 -65.04 0.13
C LEU F 595 -37.02 -66.40 0.01
N VAL F 596 -36.68 -67.02 1.15
CA VAL F 596 -36.02 -68.32 1.12
C VAL F 596 -36.92 -69.37 0.50
N GLU F 597 -38.20 -69.38 0.88
CA GLU F 597 -39.13 -70.37 0.34
C GLU F 597 -39.33 -70.18 -1.17
N ARG F 598 -39.44 -68.93 -1.61
CA ARG F 598 -39.58 -68.67 -3.04
C ARG F 598 -38.35 -69.13 -3.81
N ARG F 599 -37.15 -68.88 -3.26
CA ARG F 599 -35.94 -69.35 -3.91
C ARG F 599 -35.90 -70.87 -3.99
N LYS F 600 -36.31 -71.54 -2.90
CA LYS F 600 -36.34 -73.00 -2.91
C LYS F 600 -37.33 -73.53 -3.94
N GLN F 601 -38.49 -72.88 -4.05
CA GLN F 601 -39.48 -73.31 -5.04
C GLN F 601 -38.94 -73.14 -6.45
N VAL F 602 -38.26 -72.02 -6.73
CA VAL F 602 -37.68 -71.81 -8.05
C VAL F 602 -36.62 -72.86 -8.34
N LYS F 603 -35.76 -73.13 -7.36
CA LYS F 603 -34.69 -74.11 -7.55
C LYS F 603 -35.27 -75.49 -7.83
N GLN F 604 -36.31 -75.89 -7.10
CA GLN F 604 -36.97 -77.16 -7.38
C GLN F 604 -37.65 -77.15 -8.74
N LEU F 605 -38.16 -76.00 -9.17
CA LEU F 605 -38.74 -75.90 -10.51
C LEU F 605 -37.69 -76.11 -11.59
N MET F 606 -36.44 -75.73 -11.32
CA MET F 606 -35.38 -75.92 -12.31
C MET F 606 -35.14 -77.40 -12.61
N LYS F 607 -35.32 -78.29 -11.63
CA LYS F 607 -34.93 -79.68 -11.81
C LYS F 607 -35.78 -80.42 -12.84
N GLN F 608 -36.88 -79.84 -13.29
CA GLN F 608 -37.66 -80.45 -14.36
C GLN F 608 -36.88 -80.47 -15.66
N GLN F 609 -37.15 -81.48 -16.49
CA GLN F 609 -36.45 -81.65 -17.75
C GLN F 609 -37.33 -81.23 -18.92
N ASP F 610 -36.71 -81.15 -20.11
CA ASP F 610 -37.37 -80.76 -21.34
C ASP F 610 -38.00 -79.36 -21.21
N LEU F 611 -37.13 -78.38 -20.99
CA LEU F 611 -37.55 -76.99 -20.84
C LEU F 611 -36.88 -76.12 -21.90
N ASN F 612 -37.61 -75.12 -22.36
CA ASN F 612 -37.04 -74.17 -23.31
C ASN F 612 -35.94 -73.36 -22.65
N PRO F 613 -34.86 -73.04 -23.37
CA PRO F 613 -33.76 -72.29 -22.75
C PRO F 613 -34.17 -70.94 -22.17
N ASP F 614 -35.21 -70.30 -22.74
CA ASP F 614 -35.67 -69.03 -22.19
C ASP F 614 -36.16 -69.20 -20.76
N LEU F 615 -36.91 -70.27 -20.50
CA LEU F 615 -37.38 -70.52 -19.14
C LEU F 615 -36.22 -70.78 -18.20
N ILE F 616 -35.20 -71.51 -18.65
CA ILE F 616 -34.02 -71.76 -17.82
C ILE F 616 -33.33 -70.45 -17.49
N LEU F 617 -33.16 -69.57 -18.47
CA LEU F 617 -32.51 -68.29 -18.23
C LEU F 617 -33.33 -67.44 -17.25
N GLN F 618 -34.64 -67.42 -17.42
CA GLN F 618 -35.49 -66.64 -16.53
C GLN F 618 -35.42 -67.17 -15.11
N TYR F 619 -35.44 -68.50 -14.94
CA TYR F 619 -35.35 -69.07 -13.61
C TYR F 619 -34.01 -68.78 -12.96
N ASP F 620 -32.93 -68.85 -13.74
CA ASP F 620 -31.61 -68.53 -13.19
C ASP F 620 -31.54 -67.08 -12.76
N ILE F 621 -32.08 -66.17 -13.57
CA ILE F 621 -32.07 -64.75 -13.21
C ILE F 621 -32.89 -64.53 -11.94
N ARG F 622 -34.06 -65.17 -11.84
CA ARG F 622 -34.89 -65.00 -10.66
C ARG F 622 -34.20 -65.52 -9.41
N GLN F 623 -33.57 -66.69 -9.49
CA GLN F 623 -32.91 -67.24 -8.31
C GLN F 623 -31.71 -66.40 -7.91
N LYS F 624 -30.96 -65.87 -8.89
CA LYS F 624 -29.85 -64.97 -8.56
C LYS F 624 -30.35 -63.71 -7.88
N ALA F 625 -31.44 -63.13 -8.38
CA ALA F 625 -32.00 -61.93 -7.76
C ALA F 625 -32.47 -62.21 -6.34
N LEU F 626 -33.12 -63.35 -6.13
CA LEU F 626 -33.56 -63.72 -4.79
C LEU F 626 -32.38 -63.89 -3.85
N LYS F 627 -31.31 -64.52 -4.33
CA LYS F 627 -30.12 -64.70 -3.50
C LYS F 627 -29.52 -63.37 -3.10
N LEU F 628 -29.40 -62.44 -4.06
CA LEU F 628 -28.82 -61.13 -3.75
C LEU F 628 -29.70 -60.35 -2.77
N THR F 629 -31.01 -60.37 -2.98
CA THR F 629 -31.92 -59.66 -2.08
C THR F 629 -31.85 -60.23 -0.68
N ALA F 630 -31.79 -61.57 -0.55
CA ALA F 630 -31.66 -62.17 0.77
C ALA F 630 -30.32 -61.80 1.41
N ASN F 631 -29.25 -61.77 0.61
CA ASN F 631 -27.93 -61.46 1.16
C ASN F 631 -27.86 -60.05 1.69
N SER F 632 -28.50 -59.09 1.02
CA SER F 632 -28.40 -57.70 1.44
C SER F 632 -29.18 -57.40 2.73
N MET F 633 -29.93 -58.37 3.27
CA MET F 633 -30.85 -58.10 4.36
C MET F 633 -30.13 -57.63 5.61
N TYR F 634 -29.00 -58.26 5.96
CA TYR F 634 -28.29 -57.84 7.15
C TYR F 634 -27.72 -56.44 6.98
N GLY F 635 -27.11 -56.16 5.84
CA GLY F 635 -26.61 -54.82 5.57
C GLY F 635 -27.68 -53.77 5.56
N CYS F 636 -28.93 -54.17 5.33
CA CYS F 636 -30.04 -53.22 5.46
C CYS F 636 -30.07 -52.57 6.84
N LEU F 637 -29.79 -53.35 7.89
CA LEU F 637 -29.82 -52.82 9.25
C LEU F 637 -28.42 -52.48 9.79
N GLY F 638 -27.37 -53.09 9.25
CA GLY F 638 -26.04 -52.83 9.76
C GLY F 638 -25.50 -51.45 9.44
N PHE F 639 -26.01 -50.82 8.38
CA PHE F 639 -25.53 -49.50 8.00
C PHE F 639 -25.94 -48.46 9.05
N SER F 640 -24.97 -47.64 9.47
CA SER F 640 -25.26 -46.62 10.47
C SER F 640 -26.25 -45.59 9.96
N TYR F 641 -26.12 -45.19 8.69
CA TYR F 641 -26.98 -44.17 8.11
C TYR F 641 -28.30 -44.75 7.60
N SER F 642 -28.50 -46.05 7.71
CA SER F 642 -29.75 -46.66 7.25
C SER F 642 -30.94 -46.11 8.05
N ARG F 643 -32.07 -45.98 7.35
CA ARG F 643 -33.28 -45.47 7.99
C ARG F 643 -33.76 -46.37 9.11
N PHE F 644 -33.46 -47.66 9.03
CA PHE F 644 -33.83 -48.63 10.05
C PHE F 644 -32.64 -49.04 10.91
N TYR F 645 -31.75 -48.09 11.21
CA TYR F 645 -30.57 -48.38 12.01
C TYR F 645 -30.97 -48.71 13.45
N ALA F 646 -30.36 -49.77 13.98
CA ALA F 646 -30.64 -50.21 15.35
C ALA F 646 -29.38 -50.89 15.89
N LYS F 647 -28.63 -50.15 16.70
CA LYS F 647 -27.38 -50.68 17.25
C LYS F 647 -27.58 -51.92 18.12
N PRO F 648 -28.52 -51.96 19.06
CA PRO F 648 -28.67 -53.18 19.87
C PRO F 648 -28.97 -54.43 19.07
N LEU F 649 -29.78 -54.32 18.01
CA LEU F 649 -30.08 -55.49 17.19
C LEU F 649 -28.84 -56.00 16.47
N ALA F 650 -28.04 -55.10 15.91
CA ALA F 650 -26.80 -55.50 15.26
C ALA F 650 -25.84 -56.13 16.25
N ALA F 651 -25.75 -55.56 17.45
CA ALA F 651 -24.89 -56.13 18.48
C ALA F 651 -25.34 -57.53 18.86
N LEU F 652 -26.66 -57.73 19.01
CA LEU F 652 -27.17 -59.05 19.34
C LEU F 652 -26.89 -60.06 18.24
N VAL F 653 -27.07 -59.65 16.99
CA VAL F 653 -26.79 -60.54 15.86
C VAL F 653 -25.32 -60.94 15.83
N THR F 654 -24.43 -59.95 16.02
CA THR F 654 -23.00 -60.24 16.03
C THR F 654 -22.63 -61.17 17.19
N TYR F 655 -23.22 -60.94 18.37
CA TYR F 655 -22.92 -61.79 19.51
C TYR F 655 -23.41 -63.21 19.27
N LYS F 656 -24.59 -63.37 18.66
CA LYS F 656 -25.08 -64.70 18.34
C LYS F 656 -24.17 -65.40 17.33
N GLY F 657 -23.69 -64.66 16.32
CA GLY F 657 -22.76 -65.24 15.38
C GLY F 657 -21.46 -65.66 16.03
N ARG F 658 -20.95 -64.83 16.95
CA ARG F 658 -19.73 -65.19 17.68
C ARG F 658 -19.94 -66.44 18.52
N GLU F 659 -21.07 -66.53 19.21
CA GLU F 659 -21.35 -67.71 20.02
C GLU F 659 -21.44 -68.96 19.14
N ILE F 660 -22.10 -68.84 17.98
CA ILE F 660 -22.17 -69.97 17.06
C ILE F 660 -20.78 -70.37 16.58
N LEU F 661 -19.93 -69.39 16.27
CA LEU F 661 -18.58 -69.70 15.82
C LEU F 661 -17.75 -70.39 16.89
N MET F 662 -17.84 -69.92 18.14
CA MET F 662 -17.13 -70.59 19.22
C MET F 662 -17.65 -72.01 19.43
N HIS F 663 -18.96 -72.20 19.38
CA HIS F 663 -19.49 -73.56 19.52
C HIS F 663 -19.01 -74.46 18.39
N THR F 664 -18.98 -73.93 17.16
CA THR F 664 -18.50 -74.71 16.02
C THR F 664 -17.04 -75.08 16.18
N LYS F 665 -16.21 -74.13 16.62
CA LYS F 665 -14.79 -74.40 16.82
C LYS F 665 -14.58 -75.45 17.91
N GLU F 666 -15.33 -75.34 19.01
CA GLU F 666 -15.22 -76.32 20.08
C GLU F 666 -15.63 -77.71 19.59
N MET F 667 -16.72 -77.77 18.82
CA MET F 667 -17.18 -79.05 18.27
C MET F 667 -16.14 -79.64 17.32
N VAL F 668 -15.52 -78.80 16.49
CA VAL F 668 -14.48 -79.29 15.58
C VAL F 668 -13.29 -79.81 16.36
N GLN F 669 -12.88 -79.11 17.42
CA GLN F 669 -11.79 -79.58 18.26
C GLN F 669 -12.14 -80.88 18.97
N LYS F 670 -13.43 -81.09 19.28
CA LYS F 670 -13.83 -82.29 19.99
C LYS F 670 -13.60 -83.54 19.16
N MET F 671 -13.85 -83.49 17.85
CA MET F 671 -13.74 -84.65 16.99
C MET F 671 -12.35 -84.80 16.38
N ASN F 672 -11.31 -84.32 17.06
CA ASN F 672 -9.92 -84.48 16.64
C ASN F 672 -9.68 -83.88 15.26
N LEU F 673 -10.32 -82.74 14.99
CA LEU F 673 -10.09 -81.98 13.77
C LEU F 673 -9.38 -80.68 14.13
N GLU F 674 -8.26 -80.41 13.47
CA GLU F 674 -7.42 -79.27 13.82
C GLU F 674 -8.00 -77.98 13.27
N VAL F 675 -8.30 -77.03 14.15
CA VAL F 675 -8.80 -75.72 13.74
C VAL F 675 -7.59 -74.89 13.30
N ILE F 676 -7.33 -74.87 12.00
CA ILE F 676 -6.16 -74.14 11.49
C ILE F 676 -6.47 -72.68 11.20
N TYR F 677 -7.67 -72.38 10.69
CA TYR F 677 -8.06 -70.99 10.47
C TYR F 677 -9.56 -70.92 10.20
N GLY F 678 -10.16 -69.81 10.59
CA GLY F 678 -11.55 -69.52 10.28
C GLY F 678 -11.80 -68.03 10.36
N ASP F 679 -12.82 -67.58 9.64
CA ASP F 679 -13.10 -66.15 9.57
C ASP F 679 -14.59 -65.93 9.32
N THR F 680 -15.28 -65.41 10.34
CA THR F 680 -16.66 -64.94 10.22
C THR F 680 -17.62 -66.06 9.86
N ASP F 681 -17.55 -66.54 8.61
CA ASP F 681 -18.42 -67.61 8.14
C ASP F 681 -17.68 -68.69 7.36
N SER F 682 -16.44 -68.45 6.94
CA SER F 682 -15.64 -69.42 6.22
C SER F 682 -14.56 -69.95 7.15
N ILE F 683 -14.58 -71.26 7.40
CA ILE F 683 -13.59 -71.91 8.23
C ILE F 683 -13.14 -73.19 7.52
N MET F 684 -11.83 -73.38 7.42
CA MET F 684 -11.25 -74.55 6.79
C MET F 684 -10.45 -75.37 7.78
N ILE F 685 -10.39 -76.69 7.51
CA ILE F 685 -9.80 -77.67 8.42
C ILE F 685 -8.82 -78.53 7.64
N ASN F 686 -7.69 -78.85 8.26
CA ASN F 686 -6.69 -79.72 7.66
C ASN F 686 -6.96 -81.16 8.08
N THR F 687 -7.22 -82.03 7.10
CA THR F 687 -7.52 -83.43 7.37
C THR F 687 -6.27 -84.29 7.53
N ASN F 688 -5.10 -83.79 7.14
CA ASN F 688 -3.84 -84.53 7.21
C ASN F 688 -3.94 -85.86 6.47
N SER F 689 -4.59 -85.84 5.30
CA SER F 689 -4.80 -87.03 4.49
C SER F 689 -4.48 -86.72 3.04
N THR F 690 -4.62 -87.74 2.19
CA THR F 690 -4.35 -87.62 0.76
C THR F 690 -5.53 -88.01 -0.11
N ASN F 691 -6.37 -88.94 0.33
CA ASN F 691 -7.52 -89.35 -0.47
C ASN F 691 -8.57 -88.25 -0.53
N LEU F 692 -9.12 -88.01 -1.72
CA LEU F 692 -10.16 -87.01 -1.87
C LEU F 692 -11.50 -87.51 -1.36
N GLU F 693 -11.79 -88.79 -1.53
CA GLU F 693 -13.06 -89.35 -1.08
C GLU F 693 -13.18 -89.30 0.44
N GLU F 694 -12.08 -89.57 1.15
CA GLU F 694 -12.10 -89.48 2.60
C GLU F 694 -12.37 -88.04 3.06
N VAL F 695 -11.73 -87.07 2.41
CA VAL F 695 -11.97 -85.67 2.75
C VAL F 695 -13.43 -85.31 2.49
N PHE F 696 -13.98 -85.75 1.35
CA PHE F 696 -15.37 -85.45 1.02
C PHE F 696 -16.32 -86.05 2.05
N LYS F 697 -16.10 -87.31 2.44
CA LYS F 697 -17.00 -87.94 3.40
C LYS F 697 -16.86 -87.32 4.78
N LEU F 698 -15.64 -86.94 5.18
CA LEU F 698 -15.47 -86.27 6.46
C LEU F 698 -16.17 -84.91 6.47
N GLY F 699 -16.05 -84.16 5.37
CA GLY F 699 -16.75 -82.89 5.28
C GLY F 699 -18.25 -83.05 5.29
N ASN F 700 -18.76 -84.08 4.60
CA ASN F 700 -20.19 -84.35 4.62
C ASN F 700 -20.67 -84.68 6.02
N LYS F 701 -19.90 -85.51 6.75
CA LYS F 701 -20.27 -85.84 8.13
C LYS F 701 -20.26 -84.60 9.00
N VAL F 702 -19.25 -83.75 8.84
CA VAL F 702 -19.17 -82.52 9.64
C VAL F 702 -20.36 -81.62 9.35
N LYS F 703 -20.70 -81.46 8.07
CA LYS F 703 -21.84 -80.62 7.69
C LYS F 703 -23.15 -81.18 8.24
N SER F 704 -23.33 -82.50 8.15
CA SER F 704 -24.55 -83.11 8.67
C SER F 704 -24.65 -82.93 10.18
N GLU F 705 -23.54 -83.12 10.90
CA GLU F 705 -23.56 -82.93 12.35
C GLU F 705 -23.82 -81.47 12.71
N VAL F 706 -23.28 -80.54 11.93
CA VAL F 706 -23.49 -79.12 12.19
C VAL F 706 -24.97 -78.77 12.04
N ASN F 707 -25.61 -79.27 10.99
CA ASN F 707 -27.02 -78.99 10.75
C ASN F 707 -27.93 -79.53 11.83
N LYS F 708 -27.47 -80.49 12.63
CA LYS F 708 -28.30 -80.99 13.73
C LYS F 708 -28.50 -79.94 14.82
N LEU F 709 -27.50 -79.08 15.04
CA LEU F 709 -27.60 -78.09 16.10
C LEU F 709 -28.69 -77.05 15.81
N TYR F 710 -28.74 -76.56 14.57
CA TYR F 710 -29.68 -75.50 14.21
C TYR F 710 -30.37 -75.88 12.90
N LYS F 711 -31.69 -75.64 12.86
CA LYS F 711 -32.49 -76.05 11.71
C LYS F 711 -32.20 -75.20 10.49
N LEU F 712 -32.15 -73.88 10.65
CA LEU F 712 -32.00 -72.96 9.53
C LEU F 712 -30.54 -72.64 9.21
N LEU F 713 -29.59 -73.15 9.96
CA LEU F 713 -28.18 -72.92 9.70
C LEU F 713 -27.67 -73.99 8.74
N GLU F 714 -27.08 -73.55 7.63
CA GLU F 714 -26.60 -74.45 6.60
C GLU F 714 -25.15 -74.15 6.26
N ILE F 715 -24.36 -75.20 6.09
CA ILE F 715 -22.97 -75.09 5.68
C ILE F 715 -22.75 -76.03 4.50
N ASP F 716 -21.71 -75.75 3.72
CA ASP F 716 -21.44 -76.50 2.51
C ASP F 716 -19.95 -76.46 2.21
N ILE F 717 -19.53 -77.36 1.32
CA ILE F 717 -18.13 -77.46 0.92
C ILE F 717 -17.84 -76.39 -0.13
N ASP F 718 -16.85 -75.55 0.15
CA ASP F 718 -16.47 -74.48 -0.77
C ASP F 718 -15.36 -74.91 -1.71
N GLY F 719 -14.30 -75.52 -1.17
CA GLY F 719 -13.19 -75.97 -2.00
C GLY F 719 -12.28 -76.89 -1.22
N VAL F 720 -11.43 -77.58 -1.97
CA VAL F 720 -10.46 -78.52 -1.42
C VAL F 720 -9.08 -78.12 -1.92
N PHE F 721 -8.11 -78.06 -1.01
CA PHE F 721 -6.74 -77.70 -1.34
C PHE F 721 -5.84 -78.90 -1.13
N LYS F 722 -5.08 -79.28 -2.17
CA LYS F 722 -4.16 -80.40 -2.05
C LYS F 722 -3.04 -80.09 -1.07
N SER F 723 -2.53 -78.86 -1.10
CA SER F 723 -1.51 -78.40 -0.16
C SER F 723 -1.78 -76.95 0.18
N LEU F 724 -1.27 -76.52 1.33
CA LEU F 724 -1.46 -75.16 1.82
C LEU F 724 -0.11 -74.57 2.18
N LEU F 725 0.22 -73.42 1.61
CA LEU F 725 1.43 -72.68 1.94
C LEU F 725 1.06 -71.25 2.27
N LEU F 726 1.63 -70.73 3.35
CA LEU F 726 1.34 -69.38 3.83
C LEU F 726 2.62 -68.56 3.89
N LEU F 727 2.50 -67.29 3.51
CA LEU F 727 3.61 -66.34 3.56
C LEU F 727 3.40 -65.26 4.61
N LYS F 728 2.27 -64.56 4.55
CA LYS F 728 1.94 -63.53 5.54
C LYS F 728 0.44 -63.58 5.77
N LYS F 729 -0.08 -62.59 6.51
CA LYS F 729 -1.50 -62.53 6.80
C LYS F 729 -2.31 -62.27 5.54
N LYS F 730 -3.47 -62.94 5.44
CA LYS F 730 -4.38 -62.80 4.31
C LYS F 730 -3.70 -63.18 2.99
N LYS F 731 -2.68 -64.04 3.05
CA LYS F 731 -1.99 -64.52 1.87
C LYS F 731 -1.69 -66.00 2.05
N TYR F 732 -2.04 -66.79 1.04
CA TYR F 732 -1.76 -68.22 1.07
C TYR F 732 -1.58 -68.74 -0.35
N ALA F 733 -0.87 -69.86 -0.46
CA ALA F 733 -0.69 -70.56 -1.72
C ALA F 733 -1.25 -71.97 -1.56
N ALA F 734 -2.26 -72.31 -2.36
CA ALA F 734 -2.93 -73.59 -2.26
C ALA F 734 -3.16 -74.18 -3.64
N LEU F 735 -3.25 -75.50 -3.69
CA LEU F 735 -3.51 -76.23 -4.92
C LEU F 735 -4.99 -76.58 -4.95
N VAL F 736 -5.75 -75.83 -5.76
CA VAL F 736 -7.20 -76.03 -5.82
C VAL F 736 -7.49 -77.39 -6.43
N VAL F 737 -8.36 -78.15 -5.78
CA VAL F 737 -8.73 -79.49 -6.22
C VAL F 737 -10.08 -79.43 -6.92
N GLU F 738 -10.14 -79.93 -8.15
CA GLU F 738 -11.38 -79.95 -8.93
C GLU F 738 -11.78 -81.39 -9.19
N PRO F 739 -12.68 -81.96 -8.40
CA PRO F 739 -13.10 -83.35 -8.64
C PRO F 739 -13.89 -83.48 -9.93
N THR F 740 -13.80 -84.67 -10.53
CA THR F 740 -14.50 -84.98 -11.77
C THR F 740 -15.51 -86.09 -11.53
N SER F 741 -16.19 -86.50 -12.59
CA SER F 741 -17.21 -87.54 -12.47
C SER F 741 -16.61 -88.90 -12.16
N ASP F 742 -15.42 -89.18 -12.70
CA ASP F 742 -14.76 -90.46 -12.48
C ASP F 742 -13.97 -90.51 -11.18
N GLY F 743 -13.94 -89.44 -10.42
CA GLY F 743 -13.18 -89.37 -9.19
C GLY F 743 -11.82 -88.73 -9.31
N ASN F 744 -11.33 -88.53 -10.54
CA ASN F 744 -10.06 -87.85 -10.74
C ASN F 744 -10.19 -86.36 -10.41
N TYR F 745 -9.08 -85.77 -9.98
CA TYR F 745 -9.06 -84.36 -9.63
C TYR F 745 -7.75 -83.74 -10.12
N VAL F 746 -7.80 -82.43 -10.32
CA VAL F 746 -6.66 -81.65 -10.79
C VAL F 746 -6.25 -80.67 -9.70
N THR F 747 -4.96 -80.59 -9.44
CA THR F 747 -4.41 -79.68 -8.43
C THR F 747 -3.88 -78.44 -9.14
N LYS F 748 -4.65 -77.36 -9.08
CA LYS F 748 -4.29 -76.09 -9.71
C LYS F 748 -3.85 -75.10 -8.64
N GLN F 749 -2.69 -74.49 -8.82
CA GLN F 749 -2.15 -73.57 -7.83
C GLN F 749 -2.98 -72.31 -7.75
N GLU F 750 -3.25 -71.85 -6.52
CA GLU F 750 -3.98 -70.62 -6.27
C GLU F 750 -3.08 -69.66 -5.50
N LEU F 751 -3.02 -68.42 -5.98
CA LEU F 751 -2.19 -67.39 -5.37
C LEU F 751 -3.05 -66.16 -5.11
N LYS F 752 -2.95 -65.62 -3.90
CA LYS F 752 -3.70 -64.41 -3.53
C LYS F 752 -2.97 -63.63 -2.46
N GLN F 943 36.40 -15.32 21.50
CA GLN F 943 36.78 -16.52 20.76
C GLN F 943 37.36 -16.14 19.39
N LEU F 944 37.06 -14.93 18.94
CA LEU F 944 37.53 -14.48 17.64
C LEU F 944 39.03 -14.31 17.65
N THR F 945 39.68 -14.73 16.56
CA THR F 945 41.11 -14.54 16.42
C THR F 945 41.43 -13.13 15.93
N ASP F 946 42.72 -12.81 15.89
CA ASP F 946 43.15 -11.49 15.46
C ASP F 946 42.78 -11.24 14.01
N GLU F 947 42.94 -12.25 13.14
CA GLU F 947 42.64 -12.07 11.73
C GLU F 947 41.15 -11.83 11.51
N GLU F 948 40.29 -12.59 12.21
CA GLU F 948 38.85 -12.41 12.04
C GLU F 948 38.38 -11.10 12.67
N LYS F 949 38.98 -10.72 13.80
CA LYS F 949 38.57 -9.49 14.48
C LYS F 949 38.83 -8.27 13.62
N TYR F 950 39.97 -8.23 12.95
CA TYR F 950 40.38 -7.08 12.13
C TYR F 950 40.21 -7.36 10.65
N ARG F 951 39.16 -8.09 10.27
CA ARG F 951 38.97 -8.47 8.87
C ARG F 951 38.64 -7.25 8.01
N ASP F 952 37.81 -6.35 8.51
CA ASP F 952 37.33 -5.22 7.72
C ASP F 952 38.17 -3.96 7.88
N CYS F 953 39.22 -4.00 8.70
CA CYS F 953 40.04 -2.82 8.89
C CYS F 953 40.87 -2.52 7.65
N GLU F 954 41.02 -1.23 7.35
CA GLU F 954 41.81 -0.81 6.20
C GLU F 954 43.30 -0.93 6.52
N ARG F 955 44.04 -1.56 5.61
CA ARG F 955 45.46 -1.80 5.85
C ARG F 955 46.25 -0.51 5.69
N PHE F 956 47.30 -0.36 6.51
CA PHE F 956 48.13 0.82 6.48
C PHE F 956 49.08 0.74 5.28
N LYS F 957 49.14 1.83 4.51
CA LYS F 957 49.98 1.90 3.32
C LYS F 957 50.84 3.16 3.38
N CYS F 958 52.14 3.00 3.18
CA CYS F 958 53.08 4.11 3.22
C CYS F 958 54.07 3.99 2.06
N PRO F 959 54.21 5.03 1.24
CA PRO F 959 55.20 4.98 0.16
C PRO F 959 56.62 5.13 0.71
N CYS F 960 57.52 4.33 0.17
CA CYS F 960 58.92 4.43 0.57
C CYS F 960 59.52 5.74 0.05
N PRO F 961 60.11 6.57 0.91
CA PRO F 961 60.62 7.86 0.43
C PRO F 961 61.69 7.74 -0.64
N THR F 962 62.45 6.64 -0.66
CA THR F 962 63.52 6.49 -1.63
C THR F 962 62.99 6.04 -2.99
N CYS F 963 62.38 4.86 -3.03
CA CYS F 963 61.92 4.28 -4.29
C CYS F 963 60.51 4.69 -4.68
N GLY F 964 59.77 5.37 -3.80
CA GLY F 964 58.43 5.81 -4.10
C GLY F 964 57.36 4.75 -4.01
N THR F 965 57.73 3.47 -4.09
CA THR F 965 56.73 2.40 -4.06
C THR F 965 56.12 2.28 -2.68
N GLU F 966 54.80 2.06 -2.64
CA GLU F 966 54.10 1.88 -1.38
C GLU F 966 54.42 0.52 -0.78
N ASN F 967 54.25 0.42 0.54
CA ASN F 967 54.48 -0.82 1.27
C ASN F 967 53.26 -1.08 2.15
N ILE F 968 52.44 -2.05 1.74
CA ILE F 968 51.24 -2.39 2.50
C ILE F 968 51.65 -3.18 3.74
N TYR F 969 51.21 -2.71 4.91
CA TYR F 969 51.50 -3.36 6.17
C TYR F 969 50.22 -3.99 6.71
N ASP F 970 50.30 -5.26 7.11
CA ASP F 970 49.18 -5.96 7.71
C ASP F 970 49.53 -6.72 8.98
N ASN F 971 50.81 -6.94 9.25
CA ASN F 971 51.24 -7.63 10.47
C ASN F 971 52.69 -7.26 10.74
N VAL F 972 53.14 -7.57 11.96
CA VAL F 972 54.51 -7.29 12.33
C VAL F 972 55.48 -8.10 11.47
N PHE F 973 55.18 -9.37 11.26
CA PHE F 973 56.02 -10.27 10.49
C PHE F 973 55.36 -10.56 9.14
N ASP F 974 56.15 -10.47 8.08
CA ASP F 974 55.70 -10.77 6.72
C ASP F 974 56.32 -12.08 6.27
N GLY F 975 55.48 -12.98 5.77
CA GLY F 975 55.92 -14.30 5.36
C GLY F 975 55.79 -15.32 6.48
N SER F 976 55.72 -16.59 6.07
CA SER F 976 55.53 -17.69 7.01
C SER F 976 56.63 -18.73 6.78
N GLY F 977 57.02 -19.39 7.88
CA GLY F 977 58.04 -20.41 7.82
C GLY F 977 59.41 -19.95 8.25
N THR F 978 60.36 -19.96 7.32
CA THR F 978 61.73 -19.53 7.57
C THR F 978 61.91 -18.02 7.37
N ASP F 979 60.88 -17.34 6.86
CA ASP F 979 60.96 -15.94 6.46
C ASP F 979 60.50 -15.00 7.57
N MET F 980 60.76 -15.35 8.83
CA MET F 980 60.45 -14.47 9.94
C MET F 980 61.31 -13.21 9.83
N GLU F 981 60.68 -12.10 9.43
CA GLU F 981 61.37 -10.84 9.27
C GLU F 981 60.40 -9.71 9.60
N PRO F 982 60.85 -8.66 10.27
CA PRO F 982 59.96 -7.53 10.55
C PRO F 982 59.48 -6.89 9.25
N SER F 983 58.24 -6.42 9.27
CA SER F 983 57.67 -5.76 8.10
C SER F 983 58.37 -4.44 7.80
N LEU F 984 59.04 -3.85 8.78
CA LEU F 984 59.77 -2.60 8.59
C LEU F 984 61.24 -2.82 8.25
N TYR F 985 61.68 -4.08 8.14
CA TYR F 985 63.10 -4.33 7.92
C TYR F 985 63.52 -4.03 6.49
N ARG F 986 62.70 -4.40 5.51
CA ARG F 986 63.06 -4.27 4.11
C ARG F 986 61.91 -3.69 3.32
N CYS F 987 62.24 -3.08 2.17
CA CYS F 987 61.26 -2.50 1.29
C CYS F 987 60.65 -3.57 0.39
N SER F 988 59.49 -3.24 -0.18
CA SER F 988 58.81 -4.17 -1.08
C SER F 988 59.63 -4.42 -2.35
N ASN F 989 60.24 -3.36 -2.90
CA ASN F 989 61.04 -3.50 -4.10
C ASN F 989 62.36 -4.18 -3.78
N ILE F 990 62.67 -5.25 -4.51
CA ILE F 990 63.97 -5.91 -4.35
C ILE F 990 65.09 -4.97 -4.78
N ASP F 991 64.85 -4.16 -5.81
CA ASP F 991 65.86 -3.19 -6.24
C ASP F 991 66.11 -2.14 -5.17
N CYS F 992 65.05 -1.69 -4.47
CA CYS F 992 65.22 -0.71 -3.42
C CYS F 992 65.98 -1.32 -2.25
N LYS F 993 66.97 -0.58 -1.74
CA LYS F 993 67.80 -1.03 -0.64
C LYS F 993 67.61 -0.19 0.62
N ALA F 994 66.68 0.76 0.61
CA ALA F 994 66.45 1.61 1.76
C ALA F 994 65.66 0.87 2.83
N SER F 995 66.19 0.86 4.05
CA SER F 995 65.51 0.22 5.16
C SER F 995 64.34 1.07 5.62
N PRO F 996 63.11 0.55 5.63
CA PRO F 996 61.97 1.36 6.09
C PRO F 996 62.08 1.81 7.54
N LEU F 997 62.88 1.12 8.36
CA LEU F 997 63.06 1.54 9.75
C LEU F 997 63.69 2.92 9.87
N THR F 998 64.37 3.39 8.81
CA THR F 998 64.98 4.71 8.82
C THR F 998 63.94 5.83 8.68
N PHE F 999 62.70 5.49 8.33
CA PHE F 999 61.66 6.47 8.05
C PHE F 999 60.59 6.49 9.14
N THR F 1000 61.03 6.39 10.40
CA THR F 1000 60.09 6.33 11.51
C THR F 1000 59.27 7.60 11.63
N VAL F 1001 59.91 8.76 11.45
CA VAL F 1001 59.20 10.03 11.57
C VAL F 1001 58.14 10.15 10.48
N GLN F 1002 58.49 9.80 9.24
CA GLN F 1002 57.53 9.85 8.15
C GLN F 1002 56.37 8.89 8.39
N LEU F 1003 56.68 7.69 8.90
CA LEU F 1003 55.61 6.73 9.19
C LEU F 1003 54.68 7.26 10.28
N SER F 1004 55.24 7.89 11.31
CA SER F 1004 54.41 8.46 12.36
C SER F 1004 53.53 9.58 11.83
N ASN F 1005 54.09 10.43 10.96
CA ASN F 1005 53.30 11.51 10.38
C ASN F 1005 52.16 10.97 9.53
N LYS F 1006 52.44 9.95 8.71
CA LYS F 1006 51.40 9.36 7.88
C LYS F 1006 50.32 8.71 8.75
N LEU F 1007 50.73 8.05 9.83
CA LEU F 1007 49.78 7.44 10.75
C LEU F 1007 48.87 8.48 11.38
N ILE F 1008 49.45 9.62 11.81
CA ILE F 1008 48.66 10.70 12.39
C ILE F 1008 47.65 11.22 11.38
N MET F 1009 48.09 11.43 10.14
CA MET F 1009 47.18 11.92 9.11
C MET F 1009 46.04 10.94 8.86
N ASP F 1010 46.36 9.64 8.79
CA ASP F 1010 45.32 8.64 8.56
C ASP F 1010 44.31 8.61 9.70
N ILE F 1011 44.79 8.68 10.94
CA ILE F 1011 43.89 8.65 12.10
C ILE F 1011 42.99 9.88 12.08
N ARG F 1012 43.55 11.05 11.77
CA ARG F 1012 42.72 12.26 11.69
C ARG F 1012 41.67 12.13 10.59
N ARG F 1013 42.04 11.57 9.44
CA ARG F 1013 41.08 11.38 8.37
C ARG F 1013 39.94 10.46 8.80
N PHE F 1014 40.28 9.36 9.48
CA PHE F 1014 39.24 8.44 9.93
C PHE F 1014 38.32 9.09 10.96
N ILE F 1015 38.89 9.88 11.88
CA ILE F 1015 38.07 10.55 12.88
C ILE F 1015 37.10 11.53 12.21
N LYS F 1016 37.61 12.32 11.25
CA LYS F 1016 36.75 13.25 10.54
C LYS F 1016 35.68 12.53 9.74
N LYS F 1017 36.02 11.38 9.15
CA LYS F 1017 35.03 10.59 8.43
C LYS F 1017 33.93 10.10 9.35
N TYR F 1018 34.30 9.62 10.55
CA TYR F 1018 33.27 9.16 11.48
C TYR F 1018 32.37 10.30 11.93
N TYR F 1019 32.96 11.45 12.24
CA TYR F 1019 32.16 12.54 12.81
C TYR F 1019 31.25 13.23 11.80
N ASP F 1020 31.36 12.90 10.51
CA ASP F 1020 30.47 13.50 9.52
C ASP F 1020 29.01 13.11 9.78
N GLY F 1021 28.78 11.87 10.17
CA GLY F 1021 27.44 11.42 10.52
C GLY F 1021 26.51 11.25 9.34
N TRP F 1022 26.79 10.28 8.47
CA TRP F 1022 25.93 9.95 7.34
C TRP F 1022 24.95 8.86 7.75
N LEU F 1023 23.67 9.08 7.47
CA LEU F 1023 22.62 8.13 7.80
C LEU F 1023 22.00 7.58 6.52
N ILE F 1024 21.76 6.28 6.49
CA ILE F 1024 21.17 5.61 5.34
C ILE F 1024 19.88 4.92 5.77
N CYS F 1025 18.85 5.04 4.95
CA CYS F 1025 17.57 4.42 5.25
C CYS F 1025 17.69 2.91 5.18
N GLU F 1026 17.01 2.23 6.12
CA GLU F 1026 17.05 0.77 6.16
C GLU F 1026 16.19 0.13 5.09
N GLU F 1027 15.24 0.86 4.52
CA GLU F 1027 14.35 0.29 3.51
C GLU F 1027 15.13 -0.01 2.24
N PRO F 1028 15.10 -1.25 1.74
CA PRO F 1028 15.85 -1.57 0.51
C PRO F 1028 15.42 -0.75 -0.69
N THR F 1029 14.16 -0.34 -0.77
CA THR F 1029 13.67 0.42 -1.91
C THR F 1029 13.85 1.93 -1.77
N CYS F 1030 14.13 2.42 -0.56
CA CYS F 1030 14.30 3.85 -0.34
C CYS F 1030 15.76 4.27 -0.43
N ARG F 1031 16.60 3.72 0.46
CA ARG F 1031 18.04 3.99 0.48
C ARG F 1031 18.32 5.49 0.53
N ASN F 1032 17.56 6.22 1.33
CA ASN F 1032 17.80 7.64 1.49
C ASN F 1032 19.08 7.87 2.28
N ARG F 1033 19.93 8.76 1.80
CA ARG F 1033 21.22 9.06 2.42
C ARG F 1033 21.28 10.55 2.70
N THR F 1034 21.26 10.92 3.98
CA THR F 1034 21.20 12.32 4.37
C THR F 1034 22.02 12.54 5.62
N ARG F 1035 22.39 13.80 5.85
CA ARG F 1035 23.07 14.21 7.07
C ARG F 1035 22.14 14.89 8.06
N HIS F 1036 20.91 15.24 7.65
CA HIS F 1036 19.96 15.90 8.52
C HIS F 1036 19.29 14.87 9.41
N LEU F 1037 19.52 14.96 10.71
CA LEU F 1037 18.91 14.04 11.65
C LEU F 1037 17.47 14.46 11.92
N PRO F 1038 16.47 13.65 11.57
CA PRO F 1038 15.08 14.05 11.82
C PRO F 1038 14.78 14.11 13.30
N LEU F 1039 13.89 15.02 13.66
CA LEU F 1039 13.48 15.17 15.05
C LEU F 1039 12.28 14.30 15.41
N GLN F 1040 11.65 13.66 14.43
CA GLN F 1040 10.51 12.78 14.69
C GLN F 1040 11.03 11.37 14.86
N PHE F 1041 11.28 10.99 16.10
CA PHE F 1041 11.81 9.67 16.40
C PHE F 1041 10.67 8.65 16.43
N SER F 1042 10.97 7.43 16.88
CA SER F 1042 9.98 6.38 16.96
C SER F 1042 10.35 5.47 18.12
N ARG F 1043 9.74 4.28 18.18
CA ARG F 1043 10.04 3.35 19.25
C ARG F 1043 11.48 2.83 19.16
N THR F 1044 12.03 2.74 17.96
CA THR F 1044 13.37 2.20 17.74
C THR F 1044 14.41 3.27 17.45
N GLY F 1045 14.17 4.13 16.47
CA GLY F 1045 15.12 5.15 16.11
C GLY F 1045 14.51 6.24 15.27
N PRO F 1046 15.34 7.06 14.63
CA PRO F 1046 14.82 8.14 13.78
C PRO F 1046 14.02 7.59 12.61
N LEU F 1047 13.02 8.36 12.19
CA LEU F 1047 12.13 7.97 11.11
C LEU F 1047 12.60 8.62 9.81
N CYS F 1048 12.70 7.82 8.75
CA CYS F 1048 13.17 8.32 7.47
C CYS F 1048 12.11 9.21 6.84
N PRO F 1049 12.38 10.49 6.59
CA PRO F 1049 11.35 11.36 5.99
C PRO F 1049 10.99 10.99 4.56
N ALA F 1050 11.85 10.27 3.85
CA ALA F 1050 11.57 9.96 2.45
C ALA F 1050 10.45 8.94 2.31
N CYS F 1051 10.48 7.87 3.11
CA CYS F 1051 9.47 6.82 3.03
C CYS F 1051 8.55 6.76 4.23
N MET F 1052 8.97 7.31 5.38
CA MET F 1052 8.15 7.36 6.59
C MET F 1052 7.71 5.97 7.06
N LYS F 1053 8.51 4.95 6.76
CA LYS F 1053 8.17 3.60 7.17
C LYS F 1053 9.36 2.87 7.78
N ALA F 1054 10.58 3.34 7.49
CA ALA F 1054 11.79 2.69 7.95
C ALA F 1054 12.53 3.59 8.93
N THR F 1055 13.68 3.10 9.39
CA THR F 1055 14.51 3.79 10.37
C THR F 1055 15.92 3.98 9.83
N LEU F 1056 16.49 5.16 10.07
CA LEU F 1056 17.85 5.44 9.64
C LEU F 1056 18.86 4.72 10.53
N GLN F 1057 20.01 4.41 9.95
CA GLN F 1057 21.12 3.80 10.66
C GLN F 1057 22.41 4.54 10.32
N PRO F 1058 23.34 4.64 11.27
CA PRO F 1058 24.63 5.27 10.96
C PRO F 1058 25.39 4.48 9.90
N GLU F 1059 26.04 5.21 9.01
CA GLU F 1059 26.83 4.57 7.96
C GLU F 1059 28.17 4.07 8.51
N TYR F 1060 28.79 4.82 9.42
CA TYR F 1060 30.07 4.46 10.01
C TYR F 1060 29.91 4.51 11.53
N SER F 1061 29.72 3.34 12.14
CA SER F 1061 29.49 3.27 13.57
C SER F 1061 30.78 3.43 14.36
N ASP F 1062 30.64 3.81 15.63
CA ASP F 1062 31.79 4.00 16.50
C ASP F 1062 32.56 2.70 16.71
N LYS F 1063 31.87 1.56 16.65
CA LYS F 1063 32.53 0.26 16.81
C LYS F 1063 33.59 0.06 15.74
N SER F 1064 33.26 0.39 14.49
CA SER F 1064 34.23 0.25 13.41
C SER F 1064 35.43 1.16 13.61
N LEU F 1065 35.19 2.39 14.06
CA LEU F 1065 36.30 3.32 14.30
C LEU F 1065 37.21 2.82 15.41
N TYR F 1066 36.62 2.31 16.50
CA TYR F 1066 37.43 1.78 17.59
C TYR F 1066 38.21 0.56 17.14
N THR F 1067 37.60 -0.31 16.33
CA THR F 1067 38.32 -1.46 15.80
C THR F 1067 39.47 -1.01 14.90
N GLN F 1068 39.25 0.04 14.11
CA GLN F 1068 40.31 0.55 13.24
C GLN F 1068 41.49 1.08 14.05
N LEU F 1069 41.21 1.83 15.11
CA LEU F 1069 42.28 2.33 15.96
C LEU F 1069 43.01 1.19 16.67
N CYS F 1070 42.26 0.19 17.14
CA CYS F 1070 42.89 -0.97 17.77
C CYS F 1070 43.77 -1.72 16.79
N PHE F 1071 43.35 -1.78 15.52
CA PHE F 1071 44.17 -2.40 14.50
C PHE F 1071 45.45 -1.61 14.25
N TYR F 1072 45.33 -0.29 14.16
CA TYR F 1072 46.52 0.54 13.97
C TYR F 1072 47.47 0.46 15.17
N ARG F 1073 46.98 0.12 16.35
CA ARG F 1073 47.88 -0.21 17.45
C ARG F 1073 48.43 -1.64 17.35
N TYR F 1074 47.64 -2.57 16.81
CA TYR F 1074 48.00 -3.99 16.85
C TYR F 1074 49.21 -4.29 15.98
N ILE F 1075 49.27 -3.74 14.77
CA ILE F 1075 50.34 -4.07 13.84
C ILE F 1075 51.69 -3.48 14.22
N PHE F 1076 51.73 -2.62 15.25
CA PHE F 1076 52.98 -2.02 15.71
C PHE F 1076 53.31 -2.42 17.14
N ASP F 1077 52.83 -3.57 17.59
CA ASP F 1077 53.11 -4.09 18.93
C ASP F 1077 53.97 -5.34 18.76
N ALA F 1078 55.29 -5.14 18.81
CA ALA F 1078 56.22 -6.25 18.59
C ALA F 1078 56.29 -7.17 19.79
N GLU F 1079 56.10 -6.65 21.00
CA GLU F 1079 56.21 -7.48 22.20
C GLU F 1079 55.14 -8.57 22.21
N CYS F 1080 53.90 -8.21 21.88
CA CYS F 1080 52.83 -9.20 21.84
C CYS F 1080 53.07 -10.23 20.74
N ALA F 1081 53.57 -9.79 19.58
CA ALA F 1081 53.86 -10.71 18.50
C ALA F 1081 54.95 -11.70 18.91
N LEU F 1082 55.99 -11.22 19.58
CA LEU F 1082 57.04 -12.12 20.07
C LEU F 1082 56.50 -13.09 21.11
N GLU F 1083 55.65 -12.59 22.02
CA GLU F 1083 55.07 -13.46 23.04
C GLU F 1083 54.13 -14.50 22.43
N LYS F 1084 53.56 -14.21 21.26
CA LYS F 1084 52.66 -15.16 20.61
C LYS F 1084 53.40 -16.32 19.97
N LEU F 1085 54.72 -16.26 19.87
CA LEU F 1085 55.48 -17.35 19.25
C LEU F 1085 55.40 -18.61 20.10
N THR F 1086 55.18 -19.74 19.43
CA THR F 1086 54.98 -21.00 20.16
C THR F 1086 56.27 -21.49 20.81
N THR F 1087 57.36 -21.48 20.06
CA THR F 1087 58.64 -22.02 20.53
C THR F 1087 59.51 -20.89 21.06
N ASP F 1088 60.04 -21.08 22.28
CA ASP F 1088 60.87 -20.05 22.90
C ASP F 1088 62.22 -19.91 22.22
N HIS F 1089 62.77 -21.01 21.69
CA HIS F 1089 64.06 -20.92 21.01
C HIS F 1089 63.98 -20.05 19.77
N GLU F 1090 62.90 -20.17 19.00
CA GLU F 1090 62.72 -19.31 17.84
C GLU F 1090 62.55 -17.85 18.26
N LYS F 1091 61.84 -17.61 19.36
CA LYS F 1091 61.69 -16.25 19.87
C LYS F 1091 63.04 -15.65 20.24
N ASP F 1092 63.87 -16.43 20.94
CA ASP F 1092 65.20 -15.95 21.31
C ASP F 1092 66.06 -15.71 20.09
N LYS F 1093 66.01 -16.60 19.10
CA LYS F 1093 66.79 -16.41 17.89
C LYS F 1093 66.36 -15.16 17.14
N LEU F 1094 65.05 -14.92 17.03
CA LEU F 1094 64.56 -13.72 16.37
C LEU F 1094 64.96 -12.47 17.13
N LYS F 1095 64.90 -12.51 18.47
CA LYS F 1095 65.30 -11.37 19.26
C LYS F 1095 66.78 -11.06 19.07
N LYS F 1096 67.63 -12.10 19.03
CA LYS F 1096 69.06 -11.88 18.90
C LYS F 1096 69.44 -11.40 17.51
N GLN F 1097 68.90 -12.03 16.46
CA GLN F 1097 69.36 -11.73 15.11
C GLN F 1097 68.82 -10.39 14.60
N PHE F 1098 67.57 -10.06 14.90
CA PHE F 1098 66.93 -8.89 14.33
C PHE F 1098 66.51 -7.87 15.38
N PHE F 1099 65.77 -8.29 16.41
CA PHE F 1099 65.14 -7.35 17.34
C PHE F 1099 66.19 -6.79 18.30
N THR F 1100 66.96 -5.84 17.78
CA THR F 1100 67.82 -5.04 18.63
C THR F 1100 66.96 -4.09 19.48
N PRO F 1101 67.50 -3.62 20.60
CA PRO F 1101 66.71 -2.69 21.45
C PRO F 1101 66.24 -1.44 20.71
N LYS F 1102 67.01 -0.97 19.73
CA LYS F 1102 66.56 0.20 18.95
C LYS F 1102 65.32 -0.13 18.14
N VAL F 1103 65.24 -1.34 17.58
CA VAL F 1103 64.05 -1.74 16.84
C VAL F 1103 62.84 -1.78 17.77
N LEU F 1104 63.02 -2.32 18.97
CA LEU F 1104 61.92 -2.35 19.93
C LEU F 1104 61.51 -0.95 20.34
N GLN F 1105 62.47 -0.03 20.48
CA GLN F 1105 62.14 1.35 20.82
C GLN F 1105 61.36 2.02 19.70
N ASP F 1106 61.75 1.78 18.45
CA ASP F 1106 61.02 2.35 17.32
C ASP F 1106 59.60 1.79 17.24
N TYR F 1107 59.44 0.48 17.46
CA TYR F 1107 58.11 -0.10 17.50
C TYR F 1107 57.28 0.49 18.63
N ARG F 1108 57.91 0.72 19.79
CA ARG F 1108 57.22 1.35 20.90
C ARG F 1108 56.76 2.76 20.56
N LYS F 1109 57.61 3.52 19.87
CA LYS F 1109 57.23 4.87 19.44
C LYS F 1109 56.03 4.83 18.50
N LEU F 1110 56.07 3.92 17.52
CA LEU F 1110 54.95 3.82 16.58
C LEU F 1110 53.67 3.39 17.28
N LYS F 1111 53.77 2.44 18.22
CA LYS F 1111 52.60 2.02 18.97
C LYS F 1111 52.04 3.14 19.82
N ASN F 1112 52.92 3.92 20.46
CA ASN F 1112 52.48 5.06 21.27
C ASN F 1112 51.79 6.11 20.41
N THR F 1113 52.22 6.26 19.15
CA THR F 1113 51.59 7.24 18.27
C THR F 1113 50.10 7.00 18.13
N ALA F 1114 49.66 5.74 18.15
CA ALA F 1114 48.24 5.43 18.09
C ALA F 1114 47.61 5.28 19.47
N GLU F 1115 48.38 4.82 20.46
CA GLU F 1115 47.86 4.73 21.82
C GLU F 1115 47.51 6.10 22.39
N GLN F 1116 48.17 7.15 21.90
CA GLN F 1116 47.81 8.50 22.32
C GLN F 1116 46.38 8.85 21.93
N PHE F 1117 46.00 8.55 20.69
CA PHE F 1117 44.62 8.75 20.27
C PHE F 1117 43.68 7.79 20.99
N LEU F 1118 44.11 6.54 21.18
CA LEU F 1118 43.25 5.53 21.79
C LEU F 1118 42.93 5.83 23.24
N SER F 1119 43.70 6.70 23.90
CA SER F 1119 43.51 7.01 25.31
C SER F 1119 42.53 8.17 25.51
N ARG F 1120 41.65 8.42 24.54
CA ARG F 1120 40.63 9.44 24.67
C ARG F 1120 39.24 8.96 24.25
N SER F 1121 39.13 7.74 23.75
CA SER F 1121 37.85 7.23 23.28
C SER F 1121 36.90 6.99 24.45
N GLY F 1122 35.65 7.41 24.27
CA GLY F 1122 34.60 7.09 25.22
C GLY F 1122 33.97 5.74 25.03
N TYR F 1123 34.42 4.98 24.05
CA TYR F 1123 33.90 3.65 23.78
C TYR F 1123 34.48 2.58 24.71
N SER F 1124 35.52 2.91 25.45
CA SER F 1124 36.18 1.98 26.37
C SER F 1124 36.24 2.56 27.78
N GLU F 1125 35.13 3.11 28.24
CA GLU F 1125 35.06 3.72 29.57
C GLU F 1125 33.61 3.67 30.03
N VAL F 1126 33.32 2.80 30.99
CA VAL F 1126 31.96 2.59 31.48
C VAL F 1126 31.70 3.51 32.65
N ASN F 1127 30.58 4.21 32.61
CA ASN F 1127 30.18 5.12 33.69
C ASN F 1127 29.26 4.36 34.64
N LEU F 1128 29.81 3.94 35.78
CA LEU F 1128 29.04 3.15 36.74
C LEU F 1128 27.92 3.94 37.40
N SER F 1129 28.04 5.27 37.45
CA SER F 1129 27.01 6.07 38.09
C SER F 1129 25.68 5.95 37.37
N LYS F 1130 25.71 5.96 36.04
CA LYS F 1130 24.48 5.77 35.27
C LYS F 1130 24.04 4.31 35.28
N LEU F 1131 24.99 3.38 35.35
CA LEU F 1131 24.65 1.96 35.37
C LEU F 1131 23.84 1.59 36.60
N PHE F 1132 24.24 2.10 37.77
CA PHE F 1132 23.56 1.82 39.03
C PHE F 1132 22.71 2.99 39.49
N ALA F 1133 22.14 3.76 38.56
CA ALA F 1133 21.31 4.90 38.92
C ALA F 1133 19.95 4.48 39.49
N GLY F 1134 19.56 3.22 39.33
CA GLY F 1134 18.27 2.76 39.81
C GLY F 1134 18.18 2.54 41.30
N CYS F 1135 19.30 2.58 42.01
CA CYS F 1135 19.32 2.37 43.45
C CYS F 1135 19.58 3.72 44.12
N ALA F 1136 18.67 4.13 45.01
CA ALA F 1136 18.79 5.39 45.73
C ALA F 1136 18.56 5.25 47.22
N VAL F 1137 18.47 4.02 47.74
CA VAL F 1137 18.33 3.82 49.17
C VAL F 1137 19.59 4.31 49.89
N LYS F 1138 20.75 4.04 49.32
CA LYS F 1138 22.05 4.45 49.87
C LYS F 1138 22.83 5.23 48.82
N SER F 1139 22.16 6.21 48.19
CA SER F 1139 22.74 7.07 47.17
C SER F 1139 23.21 6.27 45.96
N HIS G 1 68.27 36.11 13.98
CA HIS G 1 67.95 35.35 15.19
C HIS G 1 66.68 34.53 15.02
N GLN G 2 66.58 33.85 13.88
CA GLN G 2 65.43 32.98 13.61
C GLN G 2 65.61 31.69 14.40
N LEU G 3 65.01 31.65 15.59
CA LEU G 3 65.12 30.47 16.43
C LEU G 3 64.50 29.25 15.76
N LEU G 4 63.36 29.43 15.10
CA LEU G 4 62.83 28.38 14.25
C LEU G 4 63.80 28.08 13.12
N SER G 5 64.05 26.80 12.85
CA SER G 5 65.07 26.36 11.92
C SER G 5 64.41 25.57 10.79
N PRO G 6 64.01 26.25 9.71
CA PRO G 6 63.41 25.52 8.57
C PRO G 6 64.35 24.48 7.96
N SER G 7 65.66 24.74 7.97
CA SER G 7 66.61 23.76 7.44
C SER G 7 66.66 22.51 8.31
N SER G 8 66.36 22.63 9.59
CA SER G 8 66.38 21.48 10.48
C SER G 8 65.12 20.62 10.40
N PHE G 9 64.05 21.14 9.79
CA PHE G 9 62.81 20.36 9.64
C PHE G 9 62.79 19.60 8.32
N SER G 10 63.09 20.29 7.21
CA SER G 10 63.09 19.69 5.89
C SER G 10 64.14 20.38 5.05
N PRO G 11 64.87 19.65 4.20
CA PRO G 11 65.92 20.27 3.38
C PRO G 11 65.37 20.93 2.12
N SER G 12 64.06 21.16 2.07
CA SER G 12 63.44 21.70 0.87
C SER G 12 62.68 22.98 1.16
N ALA G 13 63.32 23.91 1.89
CA ALA G 13 62.72 25.19 2.24
C ALA G 13 63.26 26.25 1.29
N THR G 14 62.43 26.63 0.31
CA THR G 14 62.78 27.69 -0.63
C THR G 14 61.90 28.90 -0.36
N PRO G 15 62.45 30.01 0.13
CA PRO G 15 61.61 31.17 0.46
C PRO G 15 60.95 31.75 -0.78
N SER G 16 59.76 32.33 -0.58
CA SER G 16 59.01 32.96 -1.65
C SER G 16 59.52 34.39 -1.83
N GLN G 17 60.20 34.65 -2.94
CA GLN G 17 60.75 35.97 -3.20
C GLN G 17 59.67 37.02 -3.41
N LYS G 18 58.45 36.60 -3.75
CA LYS G 18 57.36 37.56 -3.91
C LYS G 18 57.05 38.28 -2.61
N TYR G 19 57.03 37.55 -1.50
CA TYR G 19 56.77 38.17 -0.21
C TYR G 19 57.87 39.17 0.16
N ASN G 20 59.13 38.81 -0.10
CA ASN G 20 60.24 39.71 0.15
C ASN G 20 60.29 40.88 -0.83
N SER G 21 59.55 40.81 -1.93
CA SER G 21 59.53 41.87 -2.93
C SER G 21 58.45 42.91 -2.65
N ARG G 22 57.73 42.79 -1.54
CA ARG G 22 56.69 43.75 -1.21
C ARG G 22 57.29 45.11 -0.89
N SER G 23 56.51 46.17 -1.17
CA SER G 23 56.95 47.52 -0.89
C SER G 23 55.87 48.39 -0.25
N ASN G 24 54.68 47.84 0.02
CA ASN G 24 53.59 48.59 0.63
C ASN G 24 53.45 48.32 2.12
N ARG G 25 54.57 48.10 2.80
CA ARG G 25 54.54 47.83 4.23
C ARG G 25 54.12 49.06 5.02
N GLY G 26 53.37 48.84 6.09
CA GLY G 26 52.93 49.92 6.95
C GLY G 26 51.71 50.67 6.47
N GLU G 27 51.12 50.29 5.33
CA GLU G 27 49.97 50.98 4.80
C GLU G 27 48.71 50.59 5.56
N VAL G 28 47.95 51.58 6.00
CA VAL G 28 46.69 51.36 6.72
C VAL G 28 45.58 51.36 5.67
N VAL G 29 45.11 50.16 5.31
CA VAL G 29 44.09 50.05 4.28
C VAL G 29 42.77 50.67 4.75
N THR G 30 42.36 50.38 5.98
CA THR G 30 41.10 50.89 6.50
C THR G 30 41.23 51.14 7.99
N SER G 31 40.31 51.95 8.51
CA SER G 31 40.28 52.32 9.92
C SER G 31 38.84 52.46 10.36
N PHE G 32 38.65 52.91 11.60
CA PHE G 32 37.32 53.08 12.17
C PHE G 32 37.44 53.87 13.47
N GLY G 33 36.39 54.62 13.78
CA GLY G 33 36.37 55.37 15.02
C GLY G 33 37.36 56.52 15.02
N LEU G 34 37.81 56.89 16.23
CA LEU G 34 38.74 58.00 16.42
C LEU G 34 40.17 57.50 16.17
N ALA G 35 40.41 57.09 14.93
CA ALA G 35 41.72 56.63 14.50
C ALA G 35 42.51 57.71 13.78
N GLN G 36 41.99 58.93 13.73
CA GLN G 36 42.63 60.04 13.02
C GLN G 36 43.40 60.89 14.02
N GLY G 37 44.66 61.16 13.71
CA GLY G 37 45.49 61.96 14.59
C GLY G 37 45.90 61.28 15.88
N VAL G 38 45.87 59.96 15.91
CA VAL G 38 46.24 59.18 17.10
C VAL G 38 47.39 58.26 16.74
N SER G 39 48.46 58.33 17.52
CA SER G 39 49.59 57.44 17.33
C SER G 39 49.39 56.17 18.14
N TRP G 40 49.88 55.05 17.59
CA TRP G 40 49.66 53.73 18.18
C TRP G 40 50.89 53.35 18.99
N SER G 41 50.79 53.46 20.31
CA SER G 41 51.87 53.11 21.22
C SER G 41 51.26 52.59 22.52
N GLY G 42 51.94 51.62 23.13
CA GLY G 42 51.50 51.03 24.37
C GLY G 42 52.62 51.02 25.40
N ARG G 43 52.25 50.53 26.59
CA ARG G 43 53.21 50.42 27.69
C ARG G 43 54.10 49.19 27.60
N GLY G 44 53.85 48.29 26.65
CA GLY G 44 54.63 47.09 26.53
C GLY G 44 54.47 46.13 27.69
N GLY G 45 53.27 46.04 28.26
CA GLY G 45 53.02 45.15 29.37
C GLY G 45 53.56 45.61 30.70
N ALA G 46 54.02 46.85 30.80
CA ALA G 46 54.57 47.37 32.06
C ALA G 46 53.50 47.94 32.97
N GLY G 47 52.26 48.04 32.51
CA GLY G 47 51.15 48.55 33.29
C GLY G 47 50.38 47.44 33.98
N ASN G 48 49.08 47.68 34.16
CA ASN G 48 48.18 46.72 34.78
C ASN G 48 47.22 46.19 33.73
N ILE G 49 47.19 44.87 33.58
CA ILE G 49 46.32 44.19 32.62
C ILE G 49 45.65 43.03 33.32
N SER G 50 44.34 42.88 33.10
CA SER G 50 43.57 41.80 33.70
C SER G 50 42.98 40.93 32.59
N LEU G 51 43.20 39.63 32.70
CA LEU G 51 42.68 38.65 31.75
C LEU G 51 41.86 37.61 32.50
N LYS G 52 40.68 37.29 31.96
CA LYS G 52 39.80 36.31 32.57
C LYS G 52 39.04 35.58 31.48
N VAL G 53 38.47 34.44 31.85
CA VAL G 53 37.72 33.58 30.94
C VAL G 53 36.29 33.47 31.45
N LEU G 54 35.33 33.74 30.57
CA LEU G 54 33.91 33.68 30.93
C LEU G 54 33.14 32.80 29.96
N GLY G 55 31.82 32.81 30.08
CA GLY G 55 30.97 32.00 29.22
C GLY G 55 30.18 30.97 30.00
N CYS G 56 30.38 29.70 29.68
CA CYS G 56 29.78 28.63 30.46
C CYS G 56 30.32 28.68 31.89
N PRO G 57 29.52 28.31 32.89
CA PRO G 57 30.02 28.30 34.27
C PRO G 57 31.26 27.43 34.45
N GLU G 58 31.46 26.44 33.58
CA GLU G 58 32.68 25.64 33.56
C GLU G 58 33.44 25.97 32.27
N ALA G 59 34.55 26.67 32.41
CA ALA G 59 35.38 26.98 31.25
C ALA G 59 36.17 25.75 30.82
N LEU G 60 36.37 25.61 29.51
CA LEU G 60 37.08 24.46 28.98
C LEU G 60 38.56 24.54 29.34
N THR G 61 39.05 23.55 30.06
CA THR G 61 40.44 23.49 30.48
C THR G 61 41.15 22.20 30.07
N GLY G 62 40.44 21.07 30.11
CA GLY G 62 41.03 19.79 29.77
C GLY G 62 40.23 19.09 28.68
N SER G 63 40.75 17.94 28.26
CA SER G 63 40.13 17.17 27.19
C SER G 63 38.88 16.47 27.70
N TYR G 64 38.27 15.67 26.83
CA TYR G 64 37.08 14.91 27.18
C TYR G 64 37.00 13.69 26.27
N LYS G 65 36.23 12.70 26.71
CA LYS G 65 35.99 11.52 25.89
C LYS G 65 35.14 11.91 24.69
N SER G 66 35.64 11.64 23.48
CA SER G 66 35.09 12.23 22.27
C SER G 66 34.43 11.22 21.34
N MET G 67 35.12 10.14 20.97
CA MET G 67 34.65 9.26 19.89
C MET G 67 33.52 8.35 20.38
N PHE G 68 32.45 8.97 20.84
CA PHE G 68 31.27 8.22 21.28
C PHE G 68 30.07 9.16 21.25
N GLN G 69 29.17 8.97 20.29
CA GLN G 69 27.97 9.78 20.17
C GLN G 69 26.76 8.88 19.97
N LYS G 70 25.62 9.33 20.48
CA LYS G 70 24.36 8.63 20.34
C LYS G 70 23.28 9.60 19.88
N LEU G 71 22.41 9.13 19.00
CA LEU G 71 21.38 9.99 18.43
C LEU G 71 20.45 10.63 19.46
N PRO G 72 19.95 9.92 20.49
CA PRO G 72 19.09 10.60 21.47
C PRO G 72 19.72 11.81 22.13
N ASP G 73 21.04 11.79 22.37
CA ASP G 73 21.70 12.95 22.95
C ASP G 73 21.61 14.16 22.02
N ILE G 74 21.86 13.95 20.73
CA ILE G 74 21.76 15.05 19.77
C ILE G 74 20.33 15.57 19.69
N ARG G 75 19.35 14.65 19.68
CA ARG G 75 17.96 15.06 19.63
C ARG G 75 17.59 15.88 20.86
N GLU G 76 18.04 15.45 22.04
CA GLU G 76 17.76 16.19 23.26
C GLU G 76 18.39 17.57 23.23
N VAL G 77 19.64 17.67 22.74
CA VAL G 77 20.31 18.97 22.70
C VAL G 77 19.56 19.92 21.77
N LEU G 78 19.20 19.43 20.57
CA LEU G 78 18.49 20.29 19.63
C LEU G 78 17.14 20.73 20.19
N THR G 79 16.40 19.80 20.79
CA THR G 79 15.09 20.14 21.35
C THR G 79 15.22 21.15 22.49
N CYS G 80 16.22 20.97 23.35
CA CYS G 80 16.41 21.91 24.46
C CYS G 80 16.75 23.30 23.94
N LYS G 81 17.64 23.38 22.95
CA LYS G 81 17.99 24.68 22.38
C LYS G 81 16.76 25.36 21.79
N ILE G 82 16.00 24.63 20.97
CA ILE G 82 14.83 25.21 20.31
C ILE G 82 13.82 25.68 21.36
N GLU G 83 13.55 24.84 22.36
CA GLU G 83 12.55 25.19 23.37
C GLU G 83 12.97 26.40 24.18
N GLU G 84 14.23 26.47 24.59
CA GLU G 84 14.68 27.60 25.39
C GLU G 84 14.59 28.90 24.59
N LEU G 85 15.08 28.88 23.34
CA LEU G 85 15.03 30.10 22.54
C LEU G 85 13.59 30.52 22.26
N GLY G 86 12.72 29.55 21.97
CA GLY G 86 11.32 29.88 21.72
C GLY G 86 10.62 30.43 22.94
N SER G 87 10.91 29.87 24.12
CA SER G 87 10.31 30.39 25.35
C SER G 87 10.77 31.81 25.62
N GLU G 88 12.06 32.08 25.43
CA GLU G 88 12.55 33.45 25.63
C GLU G 88 11.87 34.41 24.65
N LEU G 89 11.77 34.01 23.38
CA LEU G 89 11.14 34.88 22.39
C LEU G 89 9.67 35.14 22.72
N LYS G 90 8.95 34.09 23.13
CA LYS G 90 7.54 34.25 23.47
C LYS G 90 7.36 35.15 24.68
N GLU G 91 8.19 34.98 25.71
CA GLU G 91 8.09 35.84 26.87
C GLU G 91 8.39 37.29 26.51
N HIS G 92 9.39 37.52 25.66
CA HIS G 92 9.71 38.89 25.28
C HIS G 92 8.60 39.52 24.44
N TYR G 93 8.02 38.77 23.52
CA TYR G 93 7.05 39.31 22.57
C TYR G 93 5.61 39.22 23.05
N LYS G 94 5.35 38.60 24.21
CA LYS G 94 4.01 38.50 24.79
C LYS G 94 3.03 37.83 23.82
N ILE G 95 3.31 36.56 23.53
CA ILE G 95 2.44 35.74 22.70
C ILE G 95 1.66 34.79 23.60
N GLU G 96 0.46 34.43 23.17
CA GLU G 96 -0.44 33.64 24.01
C GLU G 96 -0.05 32.17 24.03
N ALA G 97 -0.08 31.52 22.87
CA ALA G 97 0.19 30.09 22.80
C ALA G 97 0.70 29.74 21.41
N PHE G 98 1.34 28.56 21.33
CA PHE G 98 1.89 28.05 20.08
C PHE G 98 1.02 26.91 19.60
N THR G 99 0.42 27.06 18.42
CA THR G 99 -0.39 26.01 17.85
C THR G 99 0.48 24.86 17.38
N PRO G 100 0.05 23.61 17.59
CA PRO G 100 0.80 22.47 17.04
C PRO G 100 0.86 22.54 15.52
N LEU G 101 1.96 22.02 14.97
CA LEU G 101 2.20 22.11 13.54
C LEU G 101 1.12 21.40 12.73
N LEU G 102 0.72 20.22 13.17
CA LEU G 102 -0.18 19.37 12.40
C LEU G 102 -1.66 19.68 12.64
N ALA G 103 -1.97 20.63 13.52
CA ALA G 103 -3.35 20.97 13.81
C ALA G 103 -3.87 21.96 12.78
N PRO G 104 -4.87 21.61 11.99
CA PRO G 104 -5.40 22.55 11.00
C PRO G 104 -6.38 23.53 11.62
N ALA G 105 -6.39 24.75 11.07
CA ALA G 105 -7.29 25.79 11.54
C ALA G 105 -7.52 26.79 10.42
N GLN G 106 -8.63 27.52 10.52
CA GLN G 106 -8.99 28.53 9.53
C GLN G 106 -8.62 29.94 9.96
N GLU G 107 -7.92 30.09 11.08
CA GLU G 107 -7.54 31.38 11.62
C GLU G 107 -6.02 31.48 11.71
N PRO G 108 -5.46 32.69 11.72
CA PRO G 108 -4.01 32.83 11.85
C PRO G 108 -3.50 32.21 13.14
N VAL G 109 -2.34 31.57 13.04
CA VAL G 109 -1.73 30.87 14.16
C VAL G 109 -0.25 31.23 14.23
N THR G 110 0.32 31.07 15.42
CA THR G 110 1.74 31.33 15.67
C THR G 110 2.42 30.00 15.95
N LEU G 111 3.48 29.71 15.18
CA LEU G 111 4.19 28.44 15.29
C LEU G 111 5.66 28.69 15.60
N LEU G 112 6.28 27.69 16.22
CA LEU G 112 7.70 27.74 16.55
C LEU G 112 8.39 26.53 15.95
N GLY G 113 9.56 26.74 15.36
CA GLY G 113 10.26 25.66 14.71
C GLY G 113 11.64 26.07 14.25
N GLN G 114 12.29 25.15 13.53
CA GLN G 114 13.64 25.34 13.03
C GLN G 114 13.60 25.29 11.50
N ILE G 115 14.26 26.25 10.87
CA ILE G 115 14.28 26.32 9.41
C ILE G 115 15.25 25.27 8.88
N GLY G 116 14.77 24.45 7.93
CA GLY G 116 15.57 23.41 7.35
C GLY G 116 15.28 23.25 5.87
N CYS G 117 16.04 22.38 5.23
CA CYS G 117 15.90 22.09 3.81
C CYS G 117 15.58 20.61 3.62
N ASP G 118 14.64 20.33 2.72
CA ASP G 118 14.23 18.96 2.47
C ASP G 118 15.17 18.21 1.53
N SER G 119 16.09 18.90 0.88
CA SER G 119 17.03 18.28 -0.05
C SER G 119 18.45 18.47 0.46
N ASN G 120 19.38 17.71 -0.13
CA ASN G 120 20.78 17.80 0.24
C ASN G 120 21.49 18.99 -0.37
N GLY G 121 20.84 19.72 -1.27
CA GLY G 121 21.45 20.88 -1.89
C GLY G 121 21.28 22.13 -1.04
N LYS G 122 21.64 23.26 -1.65
CA LYS G 122 21.54 24.54 -0.97
C LYS G 122 20.08 24.94 -0.78
N LEU G 123 19.86 25.81 0.21
CA LEU G 123 18.52 26.32 0.48
C LEU G 123 18.06 27.24 -0.65
N ASN G 124 16.76 27.22 -0.91
CA ASN G 124 16.13 28.10 -1.88
C ASN G 124 14.75 28.49 -1.37
N ASN G 125 14.12 29.42 -2.08
CA ASN G 125 12.81 29.93 -1.68
C ASN G 125 11.66 29.01 -2.07
N LYS G 126 11.94 27.76 -2.43
CA LYS G 126 10.90 26.82 -2.81
C LYS G 126 11.01 25.48 -2.11
N SER G 127 12.03 25.27 -1.27
CA SER G 127 12.28 23.99 -0.62
C SER G 127 12.61 24.20 0.86
N VAL G 128 11.80 25.01 1.54
CA VAL G 128 11.99 25.29 2.96
C VAL G 128 10.93 24.53 3.74
N ILE G 129 11.37 23.81 4.77
CA ILE G 129 10.48 23.04 5.65
C ILE G 129 10.76 23.44 7.08
N LEU G 130 9.69 23.67 7.85
CA LEU G 130 9.80 24.05 9.25
C LEU G 130 9.65 22.80 10.12
N GLU G 131 10.61 22.59 11.03
CA GLU G 131 10.63 21.43 11.91
C GLU G 131 10.42 21.93 13.34
N GLY G 132 9.25 21.59 13.90
CA GLY G 132 8.89 22.09 15.21
C GLY G 132 9.55 21.35 16.36
N ASP G 133 9.37 21.89 17.55
CA ASP G 133 9.92 21.32 18.77
C ASP G 133 9.13 20.08 19.19
N ARG G 134 9.81 19.21 19.93
CA ARG G 134 9.20 17.94 20.34
C ARG G 134 7.99 18.15 21.23
N GLU G 135 8.09 19.06 22.20
CA GLU G 135 7.03 19.21 23.19
C GLU G 135 5.73 19.70 22.55
N HIS G 136 5.83 20.63 21.60
CA HIS G 136 4.64 21.25 21.03
C HIS G 136 4.17 20.62 19.73
N SER G 137 5.05 19.95 18.98
CA SER G 137 4.65 19.38 17.70
C SER G 137 5.22 17.99 17.43
N SER G 138 5.90 17.38 18.40
CA SER G 138 6.49 16.05 18.24
C SER G 138 7.48 15.99 17.07
N GLY G 139 8.13 17.11 16.78
CA GLY G 139 9.10 17.15 15.70
C GLY G 139 8.52 16.91 14.33
N ALA G 140 7.39 17.53 14.03
CA ALA G 140 6.76 17.36 12.72
C ALA G 140 7.40 18.28 11.70
N GLN G 141 7.15 17.99 10.42
CA GLN G 141 7.65 18.77 9.31
C GLN G 141 6.49 19.25 8.45
N ILE G 142 6.59 20.48 7.96
CA ILE G 142 5.55 21.07 7.12
C ILE G 142 6.18 22.08 6.18
N PRO G 143 5.94 21.99 4.87
CA PRO G 143 6.51 22.98 3.94
C PRO G 143 5.96 24.37 4.20
N VAL G 144 6.78 25.37 3.89
CA VAL G 144 6.46 26.77 4.12
C VAL G 144 6.55 27.52 2.81
N ASP G 145 5.58 28.40 2.56
CA ASP G 145 5.55 29.25 1.37
C ASP G 145 5.82 30.69 1.78
N LEU G 146 6.77 31.33 1.10
CA LEU G 146 7.20 32.68 1.41
C LEU G 146 6.78 33.70 0.35
N SER G 147 5.83 33.34 -0.51
CA SER G 147 5.42 34.24 -1.58
C SER G 147 4.76 35.51 -1.02
N GLU G 148 4.09 35.41 0.11
CA GLU G 148 3.41 36.54 0.72
C GLU G 148 4.27 37.32 1.70
N LEU G 149 5.53 36.91 1.89
CA LEU G 149 6.42 37.57 2.83
C LEU G 149 7.14 38.73 2.13
N LYS G 150 7.04 39.92 2.73
CA LYS G 150 7.71 41.08 2.16
C LYS G 150 9.23 41.00 2.36
N GLU G 151 9.66 40.64 3.57
CA GLU G 151 11.07 40.56 3.90
C GLU G 151 11.33 39.31 4.74
N TYR G 152 12.46 38.66 4.48
CA TYR G 152 12.87 37.50 5.27
C TYR G 152 14.37 37.31 5.13
N SER G 153 14.92 36.51 6.05
CA SER G 153 16.34 36.16 6.02
C SER G 153 16.50 34.86 6.79
N LEU G 154 16.77 33.77 6.07
CA LEU G 154 16.78 32.44 6.67
C LEU G 154 18.04 31.68 6.27
N PHE G 155 18.51 30.83 7.18
CA PHE G 155 19.57 29.87 6.95
C PHE G 155 19.26 28.62 7.77
N PRO G 156 19.77 27.46 7.35
CA PRO G 156 19.44 26.22 8.07
C PRO G 156 19.88 26.28 9.52
N GLY G 157 19.06 25.68 10.39
CA GLY G 157 19.35 25.66 11.81
C GLY G 157 18.91 26.89 12.58
N GLN G 158 18.18 27.80 11.95
CA GLN G 158 17.74 29.03 12.61
C GLN G 158 16.41 28.81 13.32
N VAL G 159 16.30 29.34 14.52
CA VAL G 159 15.08 29.28 15.32
C VAL G 159 14.26 30.54 15.02
N VAL G 160 13.04 30.34 14.51
CA VAL G 160 12.19 31.45 14.11
C VAL G 160 10.79 31.23 14.68
N ILE G 161 10.06 32.33 14.84
CA ILE G 161 8.65 32.32 15.19
C ILE G 161 7.88 32.91 14.01
N MET G 162 6.96 32.13 13.45
CA MET G 162 6.24 32.51 12.25
C MET G 162 4.75 32.52 12.52
N GLU G 163 4.05 33.44 11.85
CA GLU G 163 2.61 33.58 11.99
C GLU G 163 1.97 33.47 10.61
N GLY G 164 0.94 32.64 10.50
CA GLY G 164 0.30 32.44 9.22
C GLY G 164 -0.97 31.62 9.38
N ILE G 165 -1.52 31.21 8.23
CA ILE G 165 -2.76 30.46 8.17
C ILE G 165 -2.44 29.05 7.69
N ASN G 166 -2.87 28.05 8.48
CA ASN G 166 -2.63 26.65 8.18
C ASN G 166 -3.98 25.96 8.05
N THR G 167 -4.57 26.02 6.86
CA THR G 167 -5.92 25.51 6.66
C THR G 167 -5.95 23.98 6.69
N THR G 168 -5.02 23.33 6.00
CA THR G 168 -5.04 21.89 5.85
C THR G 168 -4.13 21.17 6.84
N GLY G 169 -3.21 21.87 7.48
CA GLY G 169 -2.26 21.24 8.37
C GLY G 169 -1.05 20.65 7.69
N ARG G 170 -0.95 20.73 6.36
CA ARG G 170 0.19 20.21 5.63
C ARG G 170 0.97 21.30 4.90
N LYS G 171 0.52 22.54 4.93
CA LYS G 171 1.24 23.64 4.31
C LYS G 171 0.90 24.94 5.03
N LEU G 172 1.92 25.75 5.28
CA LEU G 172 1.77 27.01 5.99
C LEU G 172 2.15 28.16 5.07
N VAL G 173 1.29 29.17 5.00
CA VAL G 173 1.53 30.35 4.19
C VAL G 173 2.06 31.45 5.11
N ALA G 174 3.28 31.89 4.84
CA ALA G 174 3.93 32.85 5.72
C ALA G 174 3.29 34.24 5.59
N THR G 175 3.17 34.93 6.72
CA THR G 175 2.69 36.30 6.75
C THR G 175 3.52 37.23 7.64
N LYS G 176 4.39 36.68 8.50
CA LYS G 176 5.20 37.50 9.38
C LYS G 176 6.43 36.69 9.78
N LEU G 177 7.44 37.38 10.30
CA LEU G 177 8.67 36.73 10.75
C LEU G 177 9.30 37.61 11.82
N TYR G 178 9.20 37.18 13.08
CA TYR G 178 9.72 37.97 14.18
C TYR G 178 11.23 38.08 14.11
N GLU G 179 11.75 39.18 14.66
CA GLU G 179 13.18 39.45 14.65
C GLU G 179 13.82 38.98 15.95
N GLY G 180 15.09 38.61 15.86
CA GLY G 180 15.79 38.09 17.02
C GLY G 180 16.01 39.13 18.10
N VAL G 181 16.10 38.67 19.34
CA VAL G 181 16.30 39.50 20.51
C VAL G 181 17.73 39.29 21.01
N PRO G 182 18.61 40.28 20.89
CA PRO G 182 20.00 40.10 21.34
C PRO G 182 20.10 40.05 22.85
N LEU G 183 21.18 39.43 23.32
CA LEU G 183 21.42 39.31 24.74
C LEU G 183 21.80 40.67 25.33
N PRO G 184 21.50 40.90 26.61
CA PRO G 184 21.90 42.17 27.24
C PRO G 184 23.41 42.29 27.36
N PHE G 185 23.88 43.54 27.34
CA PHE G 185 25.31 43.81 27.42
C PHE G 185 25.83 43.57 28.83
N TYR G 186 27.15 43.49 28.94
CA TYR G 186 27.80 43.30 30.23
C TYR G 186 27.74 44.57 31.06
N GLN G 187 27.75 44.39 32.38
CA GLN G 187 27.71 45.52 33.31
C GLN G 187 29.09 45.74 33.91
N PRO G 188 29.76 46.86 33.62
CA PRO G 188 31.10 47.08 34.17
C PRO G 188 31.08 47.25 35.68
N THR G 189 32.19 46.90 36.31
CA THR G 189 32.38 47.05 37.75
C THR G 189 33.41 48.13 38.03
N GLU G 190 33.68 48.34 39.33
CA GLU G 190 34.62 49.39 39.73
C GLU G 190 36.03 49.09 39.24
N GLU G 191 36.47 47.83 39.35
CA GLU G 191 37.82 47.49 38.92
C GLU G 191 37.98 47.57 37.41
N ASP G 192 36.90 47.33 36.66
CA ASP G 192 36.98 47.39 35.21
C ASP G 192 37.30 48.80 34.72
N ALA G 193 36.66 49.81 35.33
CA ALA G 193 36.88 51.19 34.92
C ALA G 193 38.18 51.77 35.47
N ASP G 194 38.87 51.05 36.36
CA ASP G 194 40.11 51.56 36.92
C ASP G 194 41.22 51.67 35.89
N PHE G 195 41.25 50.77 34.89
CA PHE G 195 42.25 50.82 33.85
C PHE G 195 42.05 52.05 33.00
N GLU G 196 43.14 52.79 32.77
CA GLU G 196 43.04 54.04 32.02
C GLU G 196 43.02 53.80 30.51
N GLN G 197 44.07 53.20 29.97
CA GLN G 197 44.17 53.02 28.54
C GLN G 197 45.13 51.88 28.23
N SER G 198 44.79 51.10 27.21
CA SER G 198 45.64 50.02 26.72
C SER G 198 45.18 49.66 25.31
N MET G 199 46.09 49.09 24.53
CA MET G 199 45.80 48.72 23.15
C MET G 199 46.22 47.28 22.91
N VAL G 200 45.49 46.60 22.02
CA VAL G 200 45.62 45.16 21.81
C VAL G 200 45.86 44.89 20.33
N LEU G 201 46.81 44.02 20.04
CA LEU G 201 47.11 43.60 18.68
C LEU G 201 46.53 42.21 18.41
N VAL G 202 45.99 42.02 17.21
CA VAL G 202 45.33 40.77 16.84
C VAL G 202 45.84 40.35 15.46
N ALA G 203 46.20 39.08 15.32
CA ALA G 203 46.62 38.54 14.03
C ALA G 203 46.16 37.09 13.93
N CYS G 204 46.04 36.60 12.70
CA CYS G 204 45.58 35.25 12.44
C CYS G 204 46.49 34.56 11.43
N GLY G 205 46.59 33.24 11.55
CA GLY G 205 47.40 32.46 10.65
C GLY G 205 46.73 32.27 9.30
N PRO G 206 47.41 31.53 8.41
CA PRO G 206 48.72 30.88 8.56
C PRO G 206 49.87 31.87 8.56
N TYR G 207 51.05 31.46 9.04
CA TYR G 207 52.18 32.35 9.19
C TYR G 207 53.27 32.11 8.14
N THR G 208 53.01 31.27 7.15
CA THR G 208 53.98 30.99 6.09
C THR G 208 53.33 31.27 4.74
N THR G 209 54.09 31.02 3.68
CA THR G 209 53.57 31.06 2.33
C THR G 209 53.06 29.68 1.95
N SER G 210 52.71 29.48 0.68
CA SER G 210 52.25 28.19 0.19
C SER G 210 53.37 27.32 -0.36
N ASP G 211 54.62 27.79 -0.30
CA ASP G 211 55.72 27.04 -0.89
C ASP G 211 56.98 27.06 -0.02
N SER G 212 56.89 27.51 1.23
CA SER G 212 58.06 27.60 2.09
C SER G 212 57.66 27.36 3.53
N ILE G 213 58.65 26.98 4.34
CA ILE G 213 58.46 26.77 5.77
C ILE G 213 59.40 27.72 6.53
N THR G 214 59.74 28.84 5.91
CA THR G 214 60.65 29.79 6.52
C THR G 214 59.99 30.61 7.62
N TYR G 215 58.66 30.73 7.62
CA TYR G 215 57.92 31.50 8.61
C TYR G 215 58.40 32.95 8.67
N ASP G 216 58.74 33.51 7.51
CA ASP G 216 59.12 34.91 7.45
C ASP G 216 58.04 35.86 7.95
N PRO G 217 56.75 35.70 7.61
CA PRO G 217 55.73 36.58 8.20
C PRO G 217 55.70 36.52 9.72
N LEU G 218 56.00 35.36 10.31
CA LEU G 218 56.07 35.28 11.77
C LEU G 218 57.19 36.17 12.30
N LEU G 219 58.36 36.14 11.66
CA LEU G 219 59.46 37.00 12.08
C LEU G 219 59.10 38.48 11.91
N ASP G 220 58.44 38.81 10.80
CA ASP G 220 58.03 40.20 10.60
C ASP G 220 57.04 40.64 11.66
N LEU G 221 56.09 39.78 12.02
CA LEU G 221 55.12 40.11 13.07
C LEU G 221 55.82 40.26 14.42
N ILE G 222 56.79 39.40 14.71
CA ILE G 222 57.54 39.51 15.95
C ILE G 222 58.28 40.83 16.02
N ALA G 223 58.93 41.22 14.92
CA ALA G 223 59.62 42.50 14.88
C ALA G 223 58.65 43.67 15.05
N VAL G 224 57.48 43.57 14.42
CA VAL G 224 56.47 44.63 14.56
C VAL G 224 56.02 44.75 16.01
N ILE G 225 55.77 43.61 16.66
CA ILE G 225 55.37 43.62 18.06
C ILE G 225 56.45 44.23 18.93
N ASN G 226 57.72 43.85 18.67
CA ASN G 226 58.82 44.39 19.46
C ASN G 226 58.94 45.90 19.29
N HIS G 227 58.77 46.40 18.06
CA HIS G 227 58.88 47.83 17.81
C HIS G 227 57.72 48.58 18.45
N ASP G 228 56.49 48.08 18.28
CA ASP G 228 55.31 48.78 18.77
C ASP G 228 55.15 48.67 20.27
N ARG G 229 55.59 47.55 20.86
CA ARG G 229 55.45 47.28 22.29
C ARG G 229 53.98 47.38 22.71
N PRO G 230 53.14 46.45 22.29
CA PRO G 230 51.71 46.51 22.66
C PRO G 230 51.49 45.99 24.07
N ASP G 231 50.23 46.04 24.49
CA ASP G 231 49.86 45.54 25.81
C ASP G 231 49.57 44.05 25.79
N VAL G 232 48.62 43.63 24.94
CA VAL G 232 48.24 42.23 24.82
C VAL G 232 48.30 41.84 23.35
N CYS G 233 48.92 40.69 23.07
CA CYS G 233 48.99 40.13 21.73
C CYS G 233 48.17 38.85 21.68
N ILE G 234 47.27 38.76 20.71
CA ILE G 234 46.46 37.57 20.49
C ILE G 234 46.76 37.04 19.10
N LEU G 235 47.26 35.81 19.03
CA LEU G 235 47.62 35.18 17.77
C LEU G 235 46.75 33.94 17.57
N PHE G 236 46.18 33.81 16.39
CA PHE G 236 45.32 32.68 16.04
C PHE G 236 46.10 31.61 15.31
N GLY G 237 45.52 30.42 15.25
CA GLY G 237 46.08 29.33 14.50
C GLY G 237 45.69 29.40 13.04
N PRO G 238 46.09 28.39 12.26
CA PRO G 238 46.94 27.26 12.63
C PRO G 238 48.42 27.62 12.63
N PHE G 239 49.21 27.02 13.53
CA PHE G 239 50.64 27.25 13.54
C PHE G 239 51.39 26.27 12.63
N LEU G 240 50.84 25.07 12.45
CA LEU G 240 51.37 24.08 11.51
C LEU G 240 50.18 23.64 10.66
N ASP G 241 49.92 24.37 9.58
CA ASP G 241 48.73 24.14 8.77
C ASP G 241 48.76 22.75 8.14
N ALA G 242 47.64 22.04 8.23
CA ALA G 242 47.53 20.71 7.64
C ALA G 242 47.26 20.77 6.14
N LYS G 243 46.91 21.92 5.60
CA LYS G 243 46.71 22.08 4.16
C LYS G 243 47.99 22.47 3.44
N HIS G 244 49.10 22.63 4.16
CA HIS G 244 50.37 22.92 3.52
C HIS G 244 50.80 21.76 2.64
N GLU G 245 51.42 22.09 1.50
CA GLU G 245 51.79 21.05 0.54
C GLU G 245 52.80 20.07 1.12
N GLN G 246 53.79 20.59 1.85
CA GLN G 246 54.81 19.71 2.43
C GLN G 246 54.22 18.79 3.50
N VAL G 247 53.33 19.32 4.34
CA VAL G 247 52.77 18.52 5.42
C VAL G 247 51.88 17.41 4.88
N GLU G 248 51.13 17.69 3.81
CA GLU G 248 50.20 16.72 3.26
C GLU G 248 50.95 15.48 2.76
N ASN G 249 52.11 15.67 2.14
CA ASN G 249 52.89 14.56 1.59
C ASN G 249 53.81 13.92 2.61
N CYS G 250 53.78 14.38 3.87
CA CYS G 250 54.60 13.82 4.94
C CYS G 250 56.10 13.86 4.60
N LEU G 251 56.53 14.98 4.04
CA LEU G 251 57.93 15.16 3.68
C LEU G 251 58.77 15.76 4.80
N LEU G 252 58.15 16.16 5.91
CA LEU G 252 58.91 16.71 7.02
C LEU G 252 59.69 15.61 7.73
N THR G 253 60.89 15.95 8.17
CA THR G 253 61.79 14.99 8.82
C THR G 253 61.78 15.10 10.34
N SER G 254 60.85 15.86 10.90
CA SER G 254 60.77 16.03 12.34
C SER G 254 59.34 15.80 12.82
N PRO G 255 59.16 15.35 14.06
CA PRO G 255 57.81 15.17 14.59
C PRO G 255 57.05 16.49 14.65
N PHE G 256 55.74 16.40 14.47
CA PHE G 256 54.90 17.59 14.46
C PHE G 256 54.94 18.32 15.81
N GLU G 257 54.88 17.56 16.90
CA GLU G 257 54.89 18.18 18.23
C GLU G 257 56.17 18.95 18.48
N ASP G 258 57.31 18.37 18.09
CA ASP G 258 58.60 19.05 18.27
C ASP G 258 58.66 20.33 17.45
N ILE G 259 58.15 20.30 16.21
CA ILE G 259 58.13 21.51 15.38
C ILE G 259 57.26 22.58 16.01
N PHE G 260 56.08 22.20 16.52
CA PHE G 260 55.21 23.17 17.16
C PHE G 260 55.86 23.76 18.41
N LYS G 261 56.53 22.92 19.20
CA LYS G 261 57.22 23.40 20.39
C LYS G 261 58.34 24.37 20.02
N GLN G 262 59.08 24.06 18.96
CA GLN G 262 60.14 24.96 18.49
C GLN G 262 59.56 26.29 18.05
N CYS G 263 58.43 26.27 17.34
CA CYS G 263 57.79 27.51 16.91
C CYS G 263 57.32 28.33 18.11
N LEU G 264 56.74 27.67 19.12
CA LEU G 264 56.32 28.38 20.33
C LEU G 264 57.51 28.98 21.05
N ARG G 265 58.61 28.24 21.14
CA ARG G 265 59.82 28.77 21.77
C ARG G 265 60.34 29.98 21.02
N THR G 266 60.34 29.92 19.69
CA THR G 266 60.78 31.05 18.88
C THR G 266 59.92 32.27 19.16
N ILE G 267 58.60 32.10 19.15
CA ILE G 267 57.70 33.22 19.37
C ILE G 267 57.90 33.82 20.75
N ILE G 268 57.97 32.97 21.78
CA ILE G 268 58.08 33.45 23.15
C ILE G 268 59.40 34.18 23.36
N GLU G 269 60.50 33.60 22.86
CA GLU G 269 61.80 34.23 23.07
C GLU G 269 61.94 35.51 22.24
N GLY G 270 61.30 35.57 21.08
CA GLY G 270 61.31 36.81 20.32
C GLY G 270 60.51 37.92 20.99
N THR G 271 59.36 37.57 21.58
CA THR G 271 58.48 38.56 22.17
C THR G 271 58.77 38.83 23.64
N ARG G 272 59.73 38.13 24.25
CA ARG G 272 60.09 38.40 25.63
C ARG G 272 60.56 39.85 25.82
N SER G 273 61.26 40.39 24.82
CA SER G 273 61.80 41.74 24.96
C SER G 273 60.68 42.78 25.08
N SER G 274 59.61 42.62 24.31
CA SER G 274 58.51 43.57 24.37
C SER G 274 57.84 43.57 25.74
N GLY G 275 57.65 42.39 26.32
CA GLY G 275 57.04 42.30 27.63
C GLY G 275 55.53 42.33 27.65
N SER G 276 54.89 42.02 26.53
CA SER G 276 53.43 42.05 26.45
C SER G 276 52.85 40.70 26.87
N HIS G 277 51.53 40.59 26.78
CA HIS G 277 50.81 39.35 27.10
C HIS G 277 50.49 38.61 25.81
N LEU G 278 50.66 37.29 25.84
CA LEU G 278 50.43 36.44 24.69
C LEU G 278 49.29 35.49 24.95
N VAL G 279 48.40 35.34 23.97
CA VAL G 279 47.28 34.41 24.04
C VAL G 279 47.25 33.62 22.73
N PHE G 280 47.15 32.30 22.84
CA PHE G 280 47.13 31.41 21.69
C PHE G 280 45.78 30.71 21.61
N VAL G 281 45.12 30.84 20.46
CA VAL G 281 43.80 30.25 20.23
C VAL G 281 43.98 29.09 19.24
N PRO G 282 43.66 27.86 19.62
CA PRO G 282 43.81 26.74 18.69
C PRO G 282 42.82 26.83 17.54
N SER G 283 43.19 26.14 16.46
CA SER G 283 42.34 26.08 15.27
C SER G 283 42.28 24.63 14.77
N LEU G 284 41.24 24.32 14.01
CA LEU G 284 41.01 22.97 13.55
C LEU G 284 41.99 22.51 12.48
N ARG G 285 42.78 23.41 11.91
CA ARG G 285 43.73 23.05 10.87
C ARG G 285 45.09 22.66 11.41
N ASP G 286 45.29 22.69 12.72
CA ASP G 286 46.52 22.18 13.31
C ASP G 286 46.59 20.67 13.11
N VAL G 287 47.78 20.19 12.73
CA VAL G 287 47.95 18.79 12.40
C VAL G 287 48.30 17.93 13.60
N HIS G 288 48.64 18.54 14.74
CA HIS G 288 49.01 17.81 15.95
C HIS G 288 47.98 17.95 17.06
N HIS G 289 46.73 18.25 16.71
CA HIS G 289 45.69 18.49 17.71
C HIS G 289 44.42 17.75 17.31
N GLU G 290 43.56 17.52 18.28
CA GLU G 290 42.33 16.78 18.03
C GLU G 290 41.40 17.61 17.16
N PRO G 291 40.86 17.03 16.08
CA PRO G 291 39.97 17.77 15.17
C PRO G 291 38.49 17.69 15.58
N VAL G 292 38.19 18.24 16.75
CA VAL G 292 36.83 18.23 17.29
C VAL G 292 36.54 19.61 17.86
N TYR G 293 35.34 20.13 17.54
CA TYR G 293 34.88 21.42 18.03
C TYR G 293 33.86 21.23 19.14
N PRO G 294 34.02 21.86 20.30
CA PRO G 294 35.06 22.83 20.68
C PRO G 294 36.40 22.15 20.96
N GLN G 295 37.48 22.92 21.05
CA GLN G 295 38.82 22.39 21.12
C GLN G 295 39.46 22.70 22.46
N PRO G 296 40.04 21.71 23.14
CA PRO G 296 40.76 21.97 24.39
C PRO G 296 42.01 22.79 24.13
N PRO G 297 42.52 23.50 25.14
CA PRO G 297 43.65 24.41 24.91
C PRO G 297 44.92 23.67 24.53
N PHE G 298 45.91 24.45 24.15
CA PHE G 298 47.22 23.91 23.79
C PHE G 298 47.94 23.38 25.04
N SER G 299 48.96 22.57 24.79
CA SER G 299 49.78 22.01 25.86
C SER G 299 51.24 22.30 25.56
N TYR G 300 51.95 22.82 26.56
CA TYR G 300 53.37 23.13 26.41
C TYR G 300 53.98 23.17 27.81
N SER G 301 54.78 22.16 28.15
CA SER G 301 55.26 21.96 29.51
C SER G 301 56.71 22.43 29.71
N ASP G 302 57.28 23.14 28.74
CA ASP G 302 58.65 23.64 28.85
C ASP G 302 58.72 25.11 29.19
N LEU G 303 57.64 25.67 29.73
CA LEU G 303 57.60 27.10 30.04
C LEU G 303 58.51 27.44 31.21
N SER G 304 59.03 28.66 31.20
CA SER G 304 59.76 29.22 32.32
C SER G 304 58.81 29.87 33.30
N ARG G 305 59.31 30.13 34.51
CA ARG G 305 58.45 30.70 35.55
C ARG G 305 58.00 32.11 35.17
N GLU G 306 58.91 32.92 34.64
CA GLU G 306 58.55 34.28 34.22
C GLU G 306 57.54 34.25 33.07
N ASP G 307 57.74 33.33 32.12
CA ASP G 307 56.87 33.27 30.96
C ASP G 307 55.46 32.83 31.30
N LYS G 308 55.25 32.20 32.46
CA LYS G 308 53.91 31.79 32.85
C LYS G 308 52.98 33.00 33.02
N LYS G 309 53.49 34.07 33.62
CA LYS G 309 52.68 35.26 33.85
C LYS G 309 52.42 36.05 32.56
N GLN G 310 53.10 35.73 31.47
CA GLN G 310 52.94 36.46 30.22
C GLN G 310 52.42 35.60 29.07
N VAL G 311 52.45 34.27 29.19
CA VAL G 311 51.97 33.38 28.14
C VAL G 311 50.77 32.62 28.68
N GLN G 312 49.65 32.67 27.95
CA GLN G 312 48.42 32.01 28.34
C GLN G 312 47.83 31.28 27.15
N PHE G 313 47.18 30.15 27.44
CA PHE G 313 46.51 29.35 26.44
C PHE G 313 45.02 29.28 26.77
N VAL G 314 44.17 29.52 25.78
CA VAL G 314 42.73 29.54 25.97
C VAL G 314 42.09 28.52 25.02
N SER G 315 40.85 28.17 25.32
CA SER G 315 40.13 27.18 24.53
C SER G 315 39.57 27.82 23.26
N GLU G 316 38.98 26.98 22.42
CA GLU G 316 38.39 27.42 21.16
C GLU G 316 36.94 26.96 21.08
N PRO G 317 35.97 27.87 21.06
CA PRO G 317 36.09 29.33 21.17
C PRO G 317 36.20 29.77 22.63
N CYS G 318 36.63 30.99 22.89
CA CYS G 318 36.75 31.48 24.26
C CYS G 318 36.26 32.92 24.34
N SER G 319 35.55 33.23 25.43
CA SER G 319 35.11 34.59 25.73
C SER G 319 36.09 35.18 26.73
N LEU G 320 36.96 36.07 26.26
CA LEU G 320 38.04 36.61 27.07
C LEU G 320 37.68 38.01 27.55
N SER G 321 37.94 38.27 28.83
CA SER G 321 37.69 39.56 29.44
C SER G 321 39.00 40.31 29.59
N ILE G 322 39.07 41.50 29.02
CA ILE G 322 40.28 42.32 29.05
C ILE G 322 39.88 43.67 29.63
N ASN G 323 40.36 43.97 30.85
CA ASN G 323 40.12 45.24 31.53
C ASN G 323 38.63 45.56 31.60
N GLY G 324 37.81 44.53 31.80
CA GLY G 324 36.37 44.71 31.86
C GLY G 324 35.68 44.78 30.52
N VAL G 325 36.40 44.63 29.42
CA VAL G 325 35.82 44.65 28.08
C VAL G 325 35.78 43.21 27.58
N ILE G 326 34.58 42.73 27.25
CA ILE G 326 34.39 41.35 26.86
C ILE G 326 34.77 41.19 25.39
N PHE G 327 35.59 40.18 25.10
CA PHE G 327 36.02 39.88 23.75
C PHE G 327 35.42 38.55 23.30
N GLY G 328 35.10 38.47 22.02
CA GLY G 328 34.63 37.22 21.44
C GLY G 328 35.64 36.65 20.46
N LEU G 329 36.27 35.53 20.81
CA LEU G 329 37.35 34.96 20.03
C LEU G 329 36.90 33.65 19.41
N THR G 330 37.07 33.53 18.09
CA THR G 330 36.77 32.30 17.39
C THR G 330 37.57 32.28 16.09
N SER G 331 38.13 31.12 15.77
CA SER G 331 38.95 30.95 14.57
C SER G 331 38.20 30.32 13.41
N THR G 332 36.94 29.94 13.60
CA THR G 332 36.16 29.33 12.54
C THR G 332 35.71 30.39 11.53
N ASP G 333 35.68 30.00 10.25
CA ASP G 333 35.22 30.89 9.19
C ASP G 333 33.69 30.83 9.12
N LEU G 334 33.06 31.47 10.11
CA LEU G 334 31.61 31.50 10.18
C LEU G 334 31.01 32.27 9.02
N LEU G 335 31.60 33.42 8.68
CA LEU G 335 31.03 34.27 7.65
C LEU G 335 30.99 33.58 6.31
N PHE G 336 32.05 32.87 5.93
CA PHE G 336 32.08 32.17 4.65
C PHE G 336 30.99 31.12 4.58
N HIS G 337 30.86 30.30 5.63
CA HIS G 337 29.85 29.25 5.63
C HIS G 337 28.45 29.84 5.55
N LEU G 338 28.17 30.84 6.37
CA LEU G 338 26.83 31.43 6.39
C LEU G 338 26.51 32.09 5.06
N GLY G 339 27.46 32.82 4.47
CA GLY G 339 27.22 33.41 3.18
C GLY G 339 26.99 32.37 2.10
N ALA G 340 27.70 31.25 2.18
CA ALA G 340 27.48 30.17 1.22
C ALA G 340 26.14 29.49 1.42
N GLU G 341 25.57 29.53 2.63
CA GLU G 341 24.34 28.81 2.94
C GLU G 341 23.28 29.75 3.50
N GLU G 342 23.07 30.89 2.83
CA GLU G 342 22.04 31.85 3.25
C GLU G 342 21.21 32.28 2.05
N ILE G 343 19.90 32.44 2.28
CA ILE G 343 18.99 33.02 1.31
C ILE G 343 18.16 34.08 2.02
N SER G 344 17.72 35.08 1.25
CA SER G 344 16.94 36.18 1.79
C SER G 344 16.36 36.98 0.63
N SER G 345 15.42 37.86 0.97
CA SER G 345 14.84 38.79 0.00
C SER G 345 14.74 40.17 0.63
N SER G 346 15.15 41.19 -0.11
CA SER G 346 15.12 42.56 0.35
C SER G 346 14.46 43.45 -0.69
N SER G 347 13.72 44.45 -0.20
CA SER G 347 13.09 45.42 -1.09
C SER G 347 14.05 46.50 -1.55
N GLY G 348 15.27 46.53 -1.02
CA GLY G 348 16.25 47.51 -1.44
C GLY G 348 17.65 47.00 -1.15
N THR G 349 18.61 47.89 -1.34
CA THR G 349 20.01 47.54 -1.11
C THR G 349 20.26 47.32 0.37
N SER G 350 21.04 46.29 0.69
CA SER G 350 21.38 45.98 2.07
C SER G 350 22.73 45.28 2.10
N ASP G 351 23.37 45.31 3.26
CA ASP G 351 24.68 44.69 3.44
C ASP G 351 24.51 43.24 3.91
N ARG G 352 25.03 42.30 3.12
CA ARG G 352 24.94 40.90 3.50
C ARG G 352 25.74 40.61 4.76
N PHE G 353 26.92 41.23 4.89
CA PHE G 353 27.76 40.98 6.06
C PHE G 353 27.08 41.44 7.34
N SER G 354 26.40 42.58 7.30
CA SER G 354 25.66 43.05 8.47
C SER G 354 24.55 42.08 8.84
N ARG G 355 23.84 41.55 7.85
CA ARG G 355 22.79 40.58 8.12
C ARG G 355 23.36 39.32 8.75
N ILE G 356 24.49 38.82 8.24
CA ILE G 356 25.09 37.62 8.80
C ILE G 356 25.55 37.86 10.24
N LEU G 357 26.16 39.02 10.49
CA LEU G 357 26.60 39.33 11.85
C LEU G 357 25.42 39.46 12.79
N LYS G 358 24.34 40.08 12.34
CA LYS G 358 23.14 40.18 13.18
C LYS G 358 22.55 38.82 13.47
N HIS G 359 22.54 37.92 12.48
CA HIS G 359 22.06 36.57 12.71
C HIS G 359 22.92 35.84 13.72
N ILE G 360 24.25 36.02 13.64
CA ILE G 360 25.14 35.40 14.61
C ILE G 360 24.87 35.94 16.01
N LEU G 361 24.70 37.26 16.12
CA LEU G 361 24.46 37.88 17.42
C LEU G 361 23.15 37.44 18.03
N THR G 362 22.10 37.30 17.21
CA THR G 362 20.77 37.00 17.73
C THR G 362 20.53 35.51 17.97
N GLN G 363 21.43 34.64 17.52
CA GLN G 363 21.24 33.20 17.69
C GLN G 363 21.78 32.68 19.02
N ARG G 364 22.51 33.52 19.77
CA ARG G 364 23.02 33.14 21.09
C ARG G 364 23.85 31.87 21.04
N SER G 365 24.64 31.72 19.98
CA SER G 365 25.51 30.56 19.82
C SER G 365 26.66 30.92 18.89
N TYR G 366 27.81 30.30 19.15
CA TYR G 366 28.98 30.58 18.31
C TYR G 366 28.89 29.92 16.95
N TYR G 367 28.18 28.79 16.84
CA TYR G 367 27.98 28.11 15.56
C TYR G 367 26.50 27.81 15.40
N PRO G 368 25.71 28.81 14.98
CA PRO G 368 24.26 28.58 14.84
C PRO G 368 23.89 27.67 13.68
N LEU G 369 24.78 27.47 12.71
CA LEU G 369 24.42 26.69 11.54
C LEU G 369 24.28 25.21 11.88
N TYR G 370 23.28 24.57 11.28
CA TYR G 370 23.07 23.14 11.41
C TYR G 370 22.28 22.69 10.19
N PRO G 371 22.73 21.64 9.49
CA PRO G 371 23.93 20.83 9.74
C PRO G 371 25.21 21.59 9.44
N PRO G 372 26.30 21.27 10.12
CA PRO G 372 27.56 21.99 9.89
C PRO G 372 28.10 21.71 8.49
N GLN G 373 29.18 22.41 8.16
CA GLN G 373 29.81 22.23 6.86
C GLN G 373 30.39 20.82 6.76
N GLU G 374 30.59 20.38 5.51
CA GLU G 374 31.00 19.00 5.26
C GLU G 374 32.37 18.68 5.85
N ASP G 375 33.17 19.68 6.19
CA ASP G 375 34.51 19.49 6.72
C ASP G 375 34.65 19.97 8.16
N MET G 376 33.64 19.72 8.98
CA MET G 376 33.70 20.09 10.39
C MET G 376 33.18 18.95 11.25
N ALA G 377 33.75 18.83 12.45
CA ALA G 377 33.35 17.84 13.44
C ALA G 377 32.97 18.56 14.72
N ILE G 378 31.76 18.27 15.22
CA ILE G 378 31.24 18.92 16.41
C ILE G 378 30.81 17.86 17.41
N ASP G 379 31.26 17.99 18.66
CA ASP G 379 30.79 17.16 19.76
C ASP G 379 29.64 17.87 20.44
N TYR G 380 28.43 17.35 20.26
CA TYR G 380 27.24 18.14 20.56
C TYR G 380 27.02 18.35 22.06
N GLU G 381 27.42 17.39 22.90
CA GLU G 381 27.36 17.63 24.33
C GLU G 381 28.33 18.75 24.73
N SER G 382 29.59 18.63 24.32
CA SER G 382 30.56 19.68 24.60
C SER G 382 30.19 20.98 23.92
N PHE G 383 29.61 20.91 22.72
CA PHE G 383 29.18 22.13 22.05
C PHE G 383 28.06 22.83 22.82
N TYR G 384 27.10 22.06 23.35
CA TYR G 384 26.01 22.65 24.10
C TYR G 384 26.48 23.18 25.45
N VAL G 385 27.54 22.59 26.01
CA VAL G 385 27.99 23.03 27.32
C VAL G 385 28.93 24.24 27.21
N TYR G 386 29.95 24.14 26.38
CA TYR G 386 31.07 25.09 26.40
C TYR G 386 31.04 26.13 25.28
N ALA G 387 30.01 26.15 24.44
CA ALA G 387 29.98 27.02 23.27
C ALA G 387 28.71 27.87 23.24
N GLN G 388 28.41 28.50 24.36
CA GLN G 388 27.26 29.39 24.47
C GLN G 388 27.72 30.79 24.84
N LEU G 389 27.12 31.79 24.21
CA LEU G 389 27.45 33.18 24.49
C LEU G 389 26.92 33.58 25.86
N PRO G 390 27.76 34.02 26.79
CA PRO G 390 27.25 34.46 28.09
C PRO G 390 26.45 35.75 27.98
N VAL G 391 27.05 36.76 27.36
CA VAL G 391 26.41 38.06 27.11
C VAL G 391 26.85 38.53 25.74
N THR G 392 26.25 39.62 25.30
CA THR G 392 26.66 40.22 24.03
C THR G 392 28.04 40.84 24.20
N PRO G 393 29.05 40.39 23.45
CA PRO G 393 30.39 40.94 23.63
C PRO G 393 30.46 42.40 23.19
N ASP G 394 31.32 43.15 23.89
CA ASP G 394 31.56 44.54 23.48
C ASP G 394 32.35 44.60 22.18
N VAL G 395 33.37 43.76 22.05
CA VAL G 395 34.18 43.67 20.84
C VAL G 395 34.20 42.22 20.39
N LEU G 396 33.91 42.00 19.10
CA LEU G 396 33.88 40.67 18.51
C LEU G 396 34.97 40.56 17.46
N ILE G 397 35.74 39.48 17.52
CA ILE G 397 36.83 39.22 16.58
C ILE G 397 36.54 37.92 15.85
N ILE G 398 36.63 37.95 14.53
CA ILE G 398 36.38 36.76 13.72
C ILE G 398 37.21 36.84 12.44
N PRO G 399 38.35 36.17 12.37
CA PRO G 399 39.09 36.09 11.11
C PRO G 399 38.30 35.31 10.07
N SER G 400 38.49 35.69 8.81
CA SER G 400 37.77 35.06 7.71
C SER G 400 38.56 35.21 6.43
N GLU G 401 38.23 34.37 5.45
CA GLU G 401 38.88 34.41 4.15
C GLU G 401 38.33 35.51 3.24
N LEU G 402 37.28 36.21 3.66
CA LEU G 402 36.67 37.26 2.86
C LEU G 402 37.43 38.55 3.07
N ARG G 403 36.94 39.64 2.46
CA ARG G 403 37.59 40.93 2.56
C ARG G 403 37.53 41.46 3.99
N TYR G 404 38.63 42.04 4.45
CA TYR G 404 38.68 42.59 5.79
C TYR G 404 37.73 43.76 5.93
N PHE G 405 37.15 43.90 7.12
CA PHE G 405 36.21 44.97 7.39
C PHE G 405 36.13 45.21 8.88
N VAL G 406 35.69 46.42 9.23
CA VAL G 406 35.37 46.79 10.61
C VAL G 406 33.96 47.37 10.60
N LYS G 407 33.07 46.81 11.42
CA LYS G 407 31.67 47.20 11.40
C LYS G 407 31.13 47.23 12.81
N ASP G 408 30.06 48.01 12.98
CA ASP G 408 29.32 48.09 14.23
C ASP G 408 27.91 47.57 14.00
N VAL G 409 27.56 46.47 14.65
CA VAL G 409 26.26 45.84 14.50
C VAL G 409 25.63 45.68 15.87
N LEU G 410 24.49 46.34 16.09
CA LEU G 410 23.74 46.24 17.34
C LEU G 410 24.61 46.59 18.55
N GLY G 411 25.48 47.57 18.38
CA GLY G 411 26.34 48.01 19.46
C GLY G 411 27.56 47.15 19.71
N CYS G 412 27.77 46.10 18.94
CA CYS G 412 28.92 45.22 19.07
C CYS G 412 29.86 45.42 17.90
N VAL G 413 31.11 45.72 18.19
CA VAL G 413 32.11 45.97 17.16
C VAL G 413 32.57 44.62 16.60
N CYS G 414 32.52 44.49 15.28
CA CYS G 414 32.96 43.27 14.59
C CYS G 414 34.21 43.60 13.80
N VAL G 415 35.29 42.85 14.04
CA VAL G 415 36.57 43.07 13.39
C VAL G 415 37.00 41.78 12.71
N ASN G 416 37.38 41.89 11.44
CA ASN G 416 37.86 40.76 10.65
C ASN G 416 39.19 41.16 10.02
N PRO G 417 40.29 41.04 10.77
CA PRO G 417 41.59 41.44 10.22
C PRO G 417 42.02 40.65 9.00
N GLY G 418 41.53 39.41 8.86
CA GLY G 418 41.88 38.58 7.73
C GLY G 418 43.17 37.82 7.96
N ARG G 419 43.46 36.91 7.02
CA ARG G 419 44.64 36.09 7.11
C ARG G 419 45.91 36.93 6.99
N LEU G 420 46.96 36.51 7.69
CA LEU G 420 48.23 37.21 7.62
C LEU G 420 48.93 36.96 6.29
N THR G 421 48.66 35.83 5.65
CA THR G 421 49.21 35.51 4.34
C THR G 421 48.08 35.05 3.43
N LYS G 422 48.16 35.45 2.16
CA LYS G 422 47.19 35.07 1.14
C LYS G 422 47.97 34.48 -0.03
N GLY G 423 48.04 33.15 -0.07
CA GLY G 423 48.83 32.48 -1.09
C GLY G 423 50.32 32.70 -0.90
N GLN G 424 50.93 33.48 -1.77
CA GLN G 424 52.36 33.78 -1.69
C GLN G 424 52.62 35.26 -1.43
N VAL G 425 51.62 36.00 -0.96
CA VAL G 425 51.75 37.42 -0.69
C VAL G 425 51.30 37.70 0.74
N GLY G 426 51.74 38.84 1.26
CA GLY G 426 51.38 39.22 2.62
C GLY G 426 49.92 39.63 2.73
N GLY G 427 49.42 39.58 3.96
CA GLY G 427 48.05 39.95 4.23
C GLY G 427 47.93 41.18 5.11
N THR G 428 47.10 41.10 6.14
CA THR G 428 46.85 42.23 7.03
C THR G 428 46.62 41.74 8.44
N PHE G 429 46.83 42.65 9.40
CA PHE G 429 46.46 42.42 10.79
C PHE G 429 45.88 43.72 11.33
N ALA G 430 45.35 43.64 12.56
CA ALA G 430 44.60 44.75 13.13
C ALA G 430 45.16 45.15 14.48
N ARG G 431 44.93 46.40 14.85
CA ARG G 431 45.28 46.94 16.14
C ARG G 431 44.06 47.62 16.73
N LEU G 432 43.84 47.41 18.03
CA LEU G 432 42.66 47.91 18.73
C LEU G 432 43.08 48.89 19.82
N TYR G 433 42.22 49.87 20.07
CA TYR G 433 42.39 50.81 21.18
C TYR G 433 41.22 50.65 22.15
N LEU G 434 41.53 50.61 23.44
CA LEU G 434 40.52 50.39 24.48
C LEU G 434 40.61 51.51 25.50
N ARG G 435 39.62 52.38 25.51
CA ARG G 435 39.46 53.42 26.53
C ARG G 435 38.11 53.26 27.20
N ARG G 436 38.11 53.23 28.53
CA ARG G 436 36.87 53.13 29.26
C ARG G 436 36.13 54.45 29.20
N PRO G 437 34.90 54.49 28.71
CA PRO G 437 34.18 55.76 28.59
C PRO G 437 33.60 56.20 29.93
N ALA G 438 33.22 57.47 29.97
CA ALA G 438 32.62 58.04 31.18
C ALA G 438 31.26 57.41 31.45
N ALA G 439 30.95 57.25 32.74
CA ALA G 439 29.71 56.65 33.17
C ALA G 439 28.56 57.65 33.25
N ASP G 440 28.81 58.92 32.92
CA ASP G 440 27.79 59.96 32.98
C ASP G 440 26.93 60.03 31.72
N GLY G 441 27.23 59.21 30.72
CA GLY G 441 26.47 59.22 29.49
C GLY G 441 25.09 58.61 29.66
N ALA G 442 24.16 59.05 28.81
CA ALA G 442 22.79 58.53 28.86
C ALA G 442 22.75 57.05 28.50
N GLU G 443 23.49 56.66 27.47
CA GLU G 443 23.54 55.27 27.01
C GLU G 443 24.95 54.74 27.13
N ARG G 444 25.07 53.41 27.15
CA ARG G 444 26.37 52.77 27.24
C ARG G 444 27.21 53.11 26.01
N GLN G 445 28.38 53.68 26.23
CA GLN G 445 29.30 54.02 25.16
C GLN G 445 30.26 52.87 24.89
N SER G 446 30.56 52.65 23.62
CA SER G 446 31.43 51.55 23.23
C SER G 446 32.84 51.80 23.73
N PRO G 447 33.41 50.91 24.55
CA PRO G 447 34.80 51.11 25.01
C PRO G 447 35.80 51.15 23.88
N CYS G 448 35.58 50.38 22.80
CA CYS G 448 36.47 50.43 21.65
C CYS G 448 36.30 51.75 20.93
N ILE G 449 37.41 52.45 20.69
CA ILE G 449 37.40 53.78 20.12
C ILE G 449 38.07 53.84 18.75
N ALA G 450 39.24 53.21 18.61
CA ALA G 450 39.99 53.27 17.37
C ALA G 450 40.44 51.87 16.98
N VAL G 451 40.24 51.52 15.72
CA VAL G 451 40.69 50.25 15.17
C VAL G 451 41.31 50.52 13.80
N GLN G 452 42.51 49.99 13.58
CA GLN G 452 43.21 50.13 12.31
C GLN G 452 43.65 48.78 11.79
N VAL G 453 43.39 48.52 10.51
CA VAL G 453 43.85 47.32 9.84
C VAL G 453 45.14 47.68 9.11
N VAL G 454 46.27 47.20 9.63
CA VAL G 454 47.59 47.59 9.14
C VAL G 454 48.13 46.47 8.27
N ARG G 455 48.60 46.82 7.07
CA ARG G 455 49.22 45.84 6.20
C ARG G 455 50.54 45.35 6.78
N ILE G 456 50.88 44.11 6.45
CA ILE G 456 52.11 43.51 6.94
C ILE G 456 52.93 42.99 5.77
#